data_7QRI
#
_entry.id   7QRI
#
loop_
_entity.id
_entity.type
_entity.pdbx_description
1 polymer 'Tryptophan 5-hydroxylase 2'
2 non-polymer PHENYLALANINE
#
_entity_poly.entity_id   1
_entity_poly.type   'polypeptide(L)'
_entity_poly.pdbx_seq_one_letter_code
;GPGNKGSSKREAATESGKTAVVFSLKNEVGGLVKALRLFQEKRVNMVHIESRKSRRRSSEVEIFVDCECGKTEFNELIQL
LKFQTTIVTLNPPENIWTEE
;
_entity_poly.pdbx_strand_id   A,B
#
# COMPACT_ATOMS: atom_id res chain seq x y z
N GLY A 1 7.44 -28.96 -19.04
CA GLY A 1 6.53 -30.03 -19.55
C GLY A 1 5.25 -29.43 -20.06
N PRO A 2 5.30 -28.96 -21.29
CA PRO A 2 4.14 -28.36 -21.93
C PRO A 2 2.98 -29.30 -22.03
N GLY A 3 1.75 -28.79 -21.82
CA GLY A 3 0.58 -29.63 -21.89
C GLY A 3 0.09 -29.61 -23.30
N ASN A 4 -1.03 -30.32 -23.54
CA ASN A 4 -1.60 -30.38 -24.86
C ASN A 4 -2.52 -29.19 -25.03
N LYS A 5 -3.10 -29.05 -26.23
CA LYS A 5 -3.99 -27.94 -26.48
C LYS A 5 -5.33 -28.30 -25.91
N GLY A 6 -5.98 -27.32 -25.27
CA GLY A 6 -7.27 -27.56 -24.69
C GLY A 6 -7.72 -26.29 -24.05
N SER A 7 -8.87 -26.33 -23.35
CA SER A 7 -9.36 -25.16 -22.70
C SER A 7 -10.16 -25.64 -21.52
N SER A 8 -10.15 -24.86 -20.42
CA SER A 8 -10.90 -25.26 -19.25
C SER A 8 -12.22 -24.55 -19.31
N LYS A 9 -13.28 -25.30 -19.67
CA LYS A 9 -14.59 -24.72 -19.74
C LYS A 9 -15.32 -25.02 -18.46
N ARG A 10 -14.65 -25.77 -17.55
CA ARG A 10 -15.28 -26.12 -16.31
C ARG A 10 -14.78 -25.17 -15.27
N GLU A 11 -15.71 -24.48 -14.57
CA GLU A 11 -15.34 -23.55 -13.55
C GLU A 11 -16.29 -23.74 -12.42
N ALA A 12 -15.86 -23.41 -11.18
CA ALA A 12 -16.72 -23.56 -10.04
C ALA A 12 -16.43 -22.42 -9.12
N ALA A 13 -17.48 -21.93 -8.42
CA ALA A 13 -17.30 -20.83 -7.50
C ALA A 13 -17.70 -21.32 -6.14
N THR A 14 -17.63 -22.65 -5.94
CA THR A 14 -17.98 -23.23 -4.66
C THR A 14 -17.01 -22.76 -3.63
N GLU A 15 -15.71 -22.73 -3.98
CA GLU A 15 -14.71 -22.30 -3.05
C GLU A 15 -14.59 -20.80 -3.15
N SER A 16 -14.63 -20.12 -2.00
CA SER A 16 -14.52 -18.68 -1.99
C SER A 16 -13.97 -18.31 -0.66
N GLY A 17 -13.17 -17.23 -0.60
CA GLY A 17 -12.60 -16.82 0.65
C GLY A 17 -11.67 -15.69 0.37
N LYS A 18 -10.87 -15.31 1.40
CA LYS A 18 -9.94 -14.22 1.25
C LYS A 18 -8.61 -14.72 1.73
N THR A 19 -7.54 -14.01 1.35
CA THR A 19 -6.22 -14.39 1.75
C THR A 19 -5.52 -13.13 2.13
N ALA A 20 -4.51 -13.27 3.02
CA ALA A 20 -3.77 -12.12 3.45
C ALA A 20 -2.47 -12.62 3.98
N VAL A 21 -1.41 -11.79 3.86
CA VAL A 21 -0.12 -12.20 4.35
C VAL A 21 0.64 -10.96 4.72
N VAL A 22 1.52 -11.08 5.73
CA VAL A 22 2.31 -9.95 6.15
C VAL A 22 3.67 -10.18 5.58
N PHE A 23 4.15 -9.22 4.77
CA PHE A 23 5.43 -9.35 4.14
C PHE A 23 6.33 -8.31 4.72
N SER A 24 7.54 -8.74 5.14
CA SER A 24 8.49 -7.83 5.75
C SER A 24 9.58 -7.58 4.76
N LEU A 25 10.13 -6.35 4.78
CA LEU A 25 11.20 -6.02 3.87
C LEU A 25 12.01 -4.93 4.50
N LYS A 26 13.16 -4.60 3.86
CA LYS A 26 14.02 -3.56 4.37
C LYS A 26 13.37 -2.26 4.06
N ASN A 27 13.67 -1.22 4.88
CA ASN A 27 13.11 0.08 4.65
C ASN A 27 13.91 0.74 3.56
N GLU A 28 13.97 0.07 2.39
CA GLU A 28 14.68 0.60 1.26
C GLU A 28 13.66 1.16 0.31
N VAL A 29 14.09 2.02 -0.62
CA VAL A 29 13.17 2.62 -1.54
C VAL A 29 12.92 1.66 -2.67
N GLY A 30 11.63 1.35 -2.94
CA GLY A 30 11.30 0.46 -4.02
C GLY A 30 11.20 -0.95 -3.50
N GLY A 31 11.29 -1.15 -2.17
CA GLY A 31 11.18 -2.47 -1.62
C GLY A 31 9.78 -2.99 -1.82
N LEU A 32 8.79 -2.10 -1.65
CA LEU A 32 7.39 -2.47 -1.75
C LEU A 32 7.02 -2.89 -3.16
N VAL A 33 7.54 -2.18 -4.21
CA VAL A 33 7.16 -2.53 -5.57
C VAL A 33 7.63 -3.92 -5.92
N LYS A 34 8.78 -4.37 -5.37
CA LYS A 34 9.27 -5.70 -5.69
C LYS A 34 8.36 -6.71 -5.07
N ALA A 35 7.84 -6.38 -3.88
CA ALA A 35 6.95 -7.30 -3.19
C ALA A 35 5.65 -7.43 -3.95
N LEU A 36 5.09 -6.29 -4.40
CA LEU A 36 3.83 -6.30 -5.10
C LEU A 36 3.95 -6.83 -6.51
N ARG A 37 5.11 -6.68 -7.17
CA ARG A 37 5.24 -7.15 -8.55
C ARG A 37 5.03 -8.65 -8.60
N LEU A 38 5.34 -9.35 -7.49
CA LEU A 38 5.17 -10.80 -7.47
C LEU A 38 3.71 -11.13 -7.61
N PHE A 39 2.83 -10.27 -7.02
CA PHE A 39 1.40 -10.51 -7.11
C PHE A 39 0.98 -10.35 -8.54
N GLN A 40 1.61 -9.39 -9.26
CA GLN A 40 1.29 -9.13 -10.65
C GLN A 40 1.65 -10.34 -11.48
N GLU A 41 2.78 -11.00 -11.15
CA GLU A 41 3.22 -12.16 -11.91
C GLU A 41 2.19 -13.25 -11.85
N LYS A 42 1.57 -13.44 -10.67
CA LYS A 42 0.58 -14.48 -10.52
C LYS A 42 -0.77 -13.97 -10.94
N ARG A 43 -0.85 -12.70 -11.41
CA ARG A 43 -2.11 -12.13 -11.85
C ARG A 43 -3.05 -12.07 -10.68
N VAL A 44 -2.54 -11.66 -9.50
CA VAL A 44 -3.37 -11.58 -8.32
C VAL A 44 -3.49 -10.12 -7.99
N ASN A 45 -4.74 -9.61 -7.95
CA ASN A 45 -4.95 -8.22 -7.62
C ASN A 45 -5.17 -8.13 -6.14
N MET A 46 -4.72 -7.01 -5.53
CA MET A 46 -4.89 -6.83 -4.12
C MET A 46 -6.13 -6.00 -3.94
N VAL A 47 -6.81 -6.16 -2.78
CA VAL A 47 -8.01 -5.39 -2.53
C VAL A 47 -7.73 -4.39 -1.47
N HIS A 48 -6.65 -4.60 -0.68
CA HIS A 48 -6.32 -3.65 0.35
C HIS A 48 -4.85 -3.76 0.60
N ILE A 49 -4.22 -2.62 0.94
CA ILE A 49 -2.81 -2.60 1.19
C ILE A 49 -2.57 -1.59 2.28
N GLU A 50 -1.67 -1.91 3.23
CA GLU A 50 -1.37 -1.00 4.30
C GLU A 50 0.04 -1.27 4.72
N SER A 51 0.82 -0.19 4.95
CA SER A 51 2.19 -0.36 5.36
C SER A 51 2.34 0.27 6.71
N ARG A 52 3.21 -0.30 7.57
CA ARG A 52 3.41 0.23 8.88
C ARG A 52 4.88 0.52 9.04
N LYS A 53 5.20 1.75 9.51
CA LYS A 53 6.57 2.13 9.71
C LYS A 53 6.71 2.48 11.16
N SER A 54 7.76 1.92 11.82
CA SER A 54 7.96 2.21 13.23
C SER A 54 9.02 3.26 13.32
N ARG A 55 9.08 3.93 14.51
CA ARG A 55 10.07 4.96 14.72
C ARG A 55 11.04 4.44 15.75
N ARG A 56 11.18 3.09 15.81
CA ARG A 56 12.06 2.49 16.78
C ARG A 56 13.37 2.20 16.11
N ARG A 57 13.64 2.90 14.98
CA ARG A 57 14.88 2.72 14.24
C ARG A 57 14.95 1.30 13.75
N SER A 58 13.83 0.79 13.20
CA SER A 58 13.80 -0.56 12.70
C SER A 58 14.24 -0.50 11.26
N SER A 59 15.24 -1.33 10.90
CA SER A 59 15.74 -1.35 9.54
C SER A 59 14.71 -1.97 8.63
N GLU A 60 13.86 -2.85 9.20
CA GLU A 60 12.85 -3.51 8.41
C GLU A 60 11.51 -2.99 8.81
N VAL A 61 10.55 -3.06 7.87
CA VAL A 61 9.21 -2.60 8.13
C VAL A 61 8.28 -3.70 7.70
N GLU A 62 7.03 -3.68 8.21
CA GLU A 62 6.08 -4.71 7.87
C GLU A 62 5.02 -4.11 7.00
N ILE A 63 4.68 -4.81 5.90
CA ILE A 63 3.67 -4.32 4.99
C ILE A 63 2.61 -5.40 4.89
N PHE A 64 1.34 -4.99 5.07
CA PHE A 64 0.23 -5.92 5.04
C PHE A 64 -0.40 -5.86 3.68
N VAL A 65 -0.62 -7.05 3.07
CA VAL A 65 -1.23 -7.10 1.76
C VAL A 65 -2.41 -8.04 1.86
N ASP A 66 -3.59 -7.56 1.40
CA ASP A 66 -4.79 -8.36 1.44
C ASP A 66 -5.23 -8.55 0.01
N CYS A 67 -5.50 -9.81 -0.40
CA CYS A 67 -5.90 -10.06 -1.76
C CYS A 67 -6.83 -11.23 -1.79
N GLU A 68 -7.57 -11.38 -2.91
CA GLU A 68 -8.48 -12.48 -3.05
C GLU A 68 -7.98 -13.31 -4.20
N CYS A 69 -7.73 -14.60 -3.93
CA CYS A 69 -7.23 -15.48 -4.96
C CYS A 69 -7.40 -16.88 -4.46
N GLY A 70 -7.13 -17.88 -5.33
CA GLY A 70 -7.27 -19.27 -4.94
C GLY A 70 -6.25 -19.57 -3.88
N LYS A 71 -6.58 -20.51 -2.98
CA LYS A 71 -5.68 -20.86 -1.90
C LYS A 71 -4.43 -21.47 -2.47
N THR A 72 -4.56 -22.29 -3.53
CA THR A 72 -3.40 -22.92 -4.14
C THR A 72 -2.50 -21.87 -4.71
N GLU A 73 -3.10 -20.88 -5.43
CA GLU A 73 -2.34 -19.83 -6.05
C GLU A 73 -1.68 -19.01 -4.97
N PHE A 74 -2.45 -18.76 -3.90
CA PHE A 74 -1.97 -17.98 -2.79
C PHE A 74 -0.76 -18.66 -2.17
N ASN A 75 -0.87 -19.97 -1.91
CA ASN A 75 0.23 -20.69 -1.28
C ASN A 75 1.46 -20.60 -2.15
N GLU A 76 1.28 -20.76 -3.48
CA GLU A 76 2.41 -20.70 -4.38
C GLU A 76 3.02 -19.32 -4.33
N LEU A 77 2.18 -18.27 -4.25
CA LEU A 77 2.67 -16.91 -4.23
C LEU A 77 3.45 -16.68 -2.97
N ILE A 78 2.90 -17.18 -1.84
CA ILE A 78 3.54 -16.99 -0.56
C ILE A 78 4.89 -17.63 -0.57
N GLN A 79 5.00 -18.83 -1.18
CA GLN A 79 6.27 -19.52 -1.23
C GLN A 79 7.28 -18.68 -1.96
N LEU A 80 6.85 -17.94 -3.00
CA LEU A 80 7.77 -17.13 -3.76
C LEU A 80 8.15 -15.94 -2.93
N LEU A 81 7.18 -15.38 -2.19
CA LEU A 81 7.45 -14.23 -1.34
C LEU A 81 8.40 -14.65 -0.23
N LYS A 82 8.24 -15.89 0.29
CA LYS A 82 9.08 -16.37 1.37
C LYS A 82 10.51 -16.46 0.92
N PHE A 83 10.75 -16.58 -0.40
CA PHE A 83 12.11 -16.66 -0.90
C PHE A 83 12.81 -15.37 -0.57
N GLN A 84 12.15 -14.22 -0.84
CA GLN A 84 12.76 -12.93 -0.60
C GLN A 84 12.96 -12.69 0.88
N THR A 85 11.99 -13.08 1.73
CA THR A 85 12.14 -12.84 3.16
C THR A 85 11.41 -13.93 3.89
N THR A 86 11.84 -14.23 5.13
CA THR A 86 11.18 -15.25 5.89
C THR A 86 9.90 -14.65 6.41
N ILE A 87 8.77 -15.36 6.21
CA ILE A 87 7.51 -14.85 6.67
C ILE A 87 7.03 -15.82 7.71
N VAL A 88 6.84 -15.32 8.95
CA VAL A 88 6.39 -16.17 10.03
C VAL A 88 5.03 -15.70 10.48
N THR A 89 4.55 -14.58 9.90
CA THR A 89 3.26 -14.06 10.28
C THR A 89 2.39 -14.16 9.07
N LEU A 90 1.27 -14.92 9.17
CA LEU A 90 0.39 -15.08 8.05
C LEU A 90 -1.01 -14.80 8.50
N ASN A 91 -1.29 -13.51 8.82
CA ASN A 91 -2.61 -13.09 9.26
C ASN A 91 -3.09 -13.99 10.37
N PRO A 92 -2.51 -13.85 11.54
CA PRO A 92 -2.87 -14.67 12.68
C PRO A 92 -4.21 -14.30 13.26
N PRO A 93 -4.88 -15.23 13.89
CA PRO A 93 -6.17 -14.99 14.48
C PRO A 93 -6.08 -14.35 15.83
N GLU A 94 -5.72 -13.06 15.86
CA GLU A 94 -5.59 -12.33 17.10
C GLU A 94 -6.96 -12.07 17.67
N ASN A 95 -8.02 -12.38 16.90
CA ASN A 95 -9.38 -12.16 17.35
C ASN A 95 -9.65 -13.06 18.53
N ILE A 96 -9.10 -14.29 18.51
CA ILE A 96 -9.33 -15.21 19.60
C ILE A 96 -8.00 -15.58 20.20
N TRP A 97 -8.02 -16.08 21.44
CA TRP A 97 -6.80 -16.46 22.09
C TRP A 97 -7.10 -17.63 22.97
N THR A 98 -6.05 -18.43 23.28
CA THR A 98 -6.24 -19.59 24.13
C THR A 98 -5.12 -19.60 25.13
N GLU A 99 -5.34 -20.31 26.26
CA GLU A 99 -4.31 -20.38 27.26
C GLU A 99 -4.04 -21.85 27.48
N GLU A 100 -3.38 -22.49 26.50
CA GLU A 100 -3.08 -23.89 26.62
C GLU A 100 -1.75 -24.02 27.39
N GLY B 1 45.01 18.49 7.82
CA GLY B 1 43.65 19.03 7.51
C GLY B 1 42.60 17.98 7.79
N PRO B 2 42.45 17.07 6.85
CA PRO B 2 41.48 16.00 6.96
C PRO B 2 41.86 14.96 7.98
N GLY B 3 40.84 14.33 8.59
CA GLY B 3 41.11 13.31 9.59
C GLY B 3 41.14 13.96 10.94
N ASN B 4 41.10 15.31 10.97
CA ASN B 4 41.12 16.02 12.22
C ASN B 4 39.70 16.21 12.65
N LYS B 5 39.25 15.42 13.65
CA LYS B 5 37.89 15.52 14.14
C LYS B 5 36.97 15.00 13.06
N GLY B 6 35.78 15.64 12.91
CA GLY B 6 34.84 15.20 11.90
C GLY B 6 34.10 14.02 12.43
N SER B 7 34.13 13.82 13.76
CA SER B 7 33.44 12.71 14.37
C SER B 7 31.97 12.99 14.39
N SER B 8 31.57 14.25 14.13
CA SER B 8 30.16 14.59 14.14
C SER B 8 29.98 15.70 13.14
N LYS B 9 28.84 15.68 12.43
CA LYS B 9 28.57 16.69 11.45
C LYS B 9 27.08 16.90 11.44
N ARG B 10 26.66 18.18 11.46
CA ARG B 10 25.24 18.47 11.46
C ARG B 10 24.89 18.95 10.08
N GLU B 11 23.86 18.34 9.47
CA GLU B 11 23.46 18.73 8.14
C GLU B 11 22.29 19.67 8.28
N ALA B 12 22.28 20.74 7.45
CA ALA B 12 21.22 21.70 7.50
C ALA B 12 20.02 21.11 6.82
N ALA B 13 18.81 21.54 7.23
CA ALA B 13 17.60 21.04 6.63
C ALA B 13 16.67 22.19 6.49
N THR B 14 15.77 22.15 5.48
CA THR B 14 14.85 23.23 5.27
C THR B 14 13.59 22.91 6.03
N GLU B 15 13.68 23.00 7.37
CA GLU B 15 12.54 22.74 8.24
C GLU B 15 12.09 21.31 8.02
N SER B 16 10.76 21.10 7.95
CA SER B 16 10.24 19.78 7.76
C SER B 16 8.86 19.94 7.18
N GLY B 17 8.42 18.97 6.37
CA GLY B 17 7.11 19.07 5.78
C GLY B 17 6.75 17.73 5.24
N LYS B 18 5.52 17.61 4.70
CA LYS B 18 5.07 16.36 4.17
C LYS B 18 4.38 16.65 2.87
N THR B 19 4.23 15.60 2.04
CA THR B 19 3.58 15.75 0.77
C THR B 19 2.67 14.57 0.61
N ALA B 20 1.61 14.74 -0.19
CA ALA B 20 0.70 13.67 -0.40
C ALA B 20 -0.03 13.95 -1.68
N VAL B 21 -0.45 12.88 -2.38
CA VAL B 21 -1.16 13.07 -3.63
C VAL B 21 -2.03 11.87 -3.85
N VAL B 22 -3.18 12.09 -4.52
CA VAL B 22 -4.09 11.00 -4.79
C VAL B 22 -3.86 10.65 -6.23
N PHE B 23 -3.52 9.37 -6.49
CA PHE B 23 -3.25 8.96 -7.84
C PHE B 23 -4.32 7.97 -8.22
N SER B 24 -4.93 8.19 -9.41
CA SER B 24 -5.99 7.31 -9.87
C SER B 24 -5.45 6.47 -10.98
N LEU B 25 -5.95 5.22 -11.07
CA LEU B 25 -5.50 4.34 -12.11
C LEU B 25 -6.60 3.35 -12.38
N LYS B 26 -6.41 2.55 -13.44
CA LYS B 26 -7.40 1.55 -13.79
C LYS B 26 -7.28 0.42 -12.82
N ASN B 27 -8.40 -0.30 -12.59
CA ASN B 27 -8.37 -1.42 -11.68
C ASN B 27 -7.76 -2.59 -12.40
N GLU B 28 -6.51 -2.40 -12.88
CA GLU B 28 -5.81 -3.45 -13.58
C GLU B 28 -4.81 -4.00 -12.62
N VAL B 29 -4.30 -5.21 -12.90
CA VAL B 29 -3.34 -5.83 -12.01
C VAL B 29 -1.98 -5.27 -12.32
N GLY B 30 -1.30 -4.75 -11.27
CA GLY B 30 0.03 -4.21 -11.46
C GLY B 30 -0.04 -2.74 -11.74
N GLY B 31 -1.25 -2.14 -11.66
CA GLY B 31 -1.38 -0.72 -11.92
C GLY B 31 -0.67 0.04 -10.83
N LEU B 32 -0.79 -0.45 -9.59
CA LEU B 32 -0.21 0.22 -8.45
C LEU B 32 1.31 0.22 -8.50
N VAL B 33 1.94 -0.89 -8.93
CA VAL B 33 3.40 -0.94 -8.94
C VAL B 33 3.96 0.08 -9.92
N LYS B 34 3.24 0.37 -11.02
CA LYS B 34 3.77 1.32 -11.99
C LYS B 34 3.71 2.69 -11.38
N ALA B 35 2.69 2.93 -10.55
CA ALA B 35 2.55 4.22 -9.93
C ALA B 35 3.65 4.41 -8.90
N LEU B 36 3.91 3.37 -8.09
CA LEU B 36 4.91 3.48 -7.05
C LEU B 36 6.32 3.44 -7.59
N ARG B 37 6.56 2.77 -8.74
CA ARG B 37 7.92 2.69 -9.26
C ARG B 37 8.42 4.08 -9.59
N LEU B 38 7.50 5.01 -9.91
CA LEU B 38 7.91 6.37 -10.23
C LEU B 38 8.54 6.99 -9.01
N PHE B 39 8.02 6.67 -7.82
CA PHE B 39 8.56 7.23 -6.59
C PHE B 39 9.97 6.70 -6.42
N GLN B 40 10.18 5.42 -6.80
CA GLN B 40 11.50 4.81 -6.68
C GLN B 40 12.48 5.53 -7.57
N GLU B 41 12.04 5.93 -8.78
CA GLU B 41 12.92 6.60 -9.72
C GLU B 41 13.44 7.88 -9.12
N LYS B 42 12.58 8.61 -8.39
CA LYS B 42 13.01 9.87 -7.81
C LYS B 42 13.63 9.62 -6.46
N ARG B 43 13.75 8.34 -6.05
CA ARG B 43 14.35 7.99 -4.77
C ARG B 43 13.52 8.60 -3.67
N VAL B 44 12.19 8.49 -3.79
CA VAL B 44 11.31 9.03 -2.77
C VAL B 44 10.65 7.85 -2.11
N ASN B 45 10.82 7.74 -0.77
CA ASN B 45 10.21 6.66 -0.05
C ASN B 45 8.89 7.13 0.45
N MET B 46 7.90 6.21 0.53
CA MET B 46 6.60 6.58 1.01
C MET B 46 6.55 6.20 2.46
N VAL B 47 5.72 6.92 3.25
CA VAL B 47 5.63 6.63 4.66
C VAL B 47 4.29 6.01 4.93
N HIS B 48 3.33 6.18 4.00
CA HIS B 48 2.02 5.60 4.21
C HIS B 48 1.42 5.38 2.86
N ILE B 49 0.62 4.30 2.73
CA ILE B 49 -0.01 4.01 1.48
C ILE B 49 -1.35 3.40 1.79
N GLU B 50 -2.38 3.78 1.02
CA GLU B 50 -3.70 3.24 1.25
C GLU B 50 -4.42 3.26 -0.06
N SER B 51 -5.14 2.15 -0.37
CA SER B 51 -5.86 2.09 -1.62
C SER B 51 -7.31 1.94 -1.29
N ARG B 52 -8.19 2.52 -2.13
CA ARG B 52 -9.61 2.43 -1.90
C ARG B 52 -10.24 1.85 -3.12
N LYS B 53 -11.09 0.82 -2.92
CA LYS B 53 -11.75 0.18 -4.02
C LYS B 53 -13.23 0.32 -3.78
N SER B 54 -13.98 0.79 -4.80
CA SER B 54 -15.40 0.97 -4.65
C SER B 54 -16.08 -0.23 -5.26
N ARG B 55 -17.34 -0.47 -4.85
CA ARG B 55 -18.09 -1.59 -5.38
C ARG B 55 -19.17 -1.02 -6.26
N ARG B 56 -18.93 0.18 -6.83
CA ARG B 56 -19.92 0.82 -7.67
C ARG B 56 -19.58 0.50 -9.10
N ARG B 57 -18.80 -0.58 -9.32
CA ARG B 57 -18.42 -0.99 -10.66
C ARG B 57 -17.61 0.10 -11.30
N SER B 58 -16.66 0.68 -10.53
CA SER B 58 -15.83 1.73 -11.07
C SER B 58 -14.64 1.07 -11.71
N SER B 59 -14.36 1.43 -12.98
CA SER B 59 -13.24 0.85 -13.69
C SER B 59 -11.96 1.37 -13.12
N GLU B 60 -12.01 2.58 -12.53
CA GLU B 60 -10.82 3.17 -11.96
C GLU B 60 -10.95 3.20 -10.47
N VAL B 61 -9.79 3.18 -9.78
CA VAL B 61 -9.78 3.22 -8.34
C VAL B 61 -8.83 4.31 -7.93
N GLU B 62 -8.96 4.78 -6.67
CA GLU B 62 -8.11 5.85 -6.21
C GLU B 62 -7.16 5.27 -5.19
N ILE B 63 -5.86 5.63 -5.32
CA ILE B 63 -4.88 5.14 -4.39
C ILE B 63 -4.19 6.35 -3.81
N PHE B 64 -4.11 6.39 -2.46
CA PHE B 64 -3.51 7.52 -1.78
C PHE B 64 -2.10 7.15 -1.41
N VAL B 65 -1.15 8.08 -1.72
CA VAL B 65 0.23 7.85 -1.41
C VAL B 65 0.71 9.03 -0.61
N ASP B 66 1.35 8.76 0.57
CA ASP B 66 1.85 9.82 1.41
C ASP B 66 3.34 9.62 1.49
N CYS B 67 4.12 10.69 1.25
CA CYS B 67 5.56 10.55 1.28
C CYS B 67 6.16 11.85 1.74
N GLU B 68 7.44 11.79 2.17
CA GLU B 68 8.12 12.98 2.61
C GLU B 68 9.26 13.21 1.68
N CYS B 69 9.28 14.39 1.03
CA CYS B 69 10.33 14.71 0.11
C CYS B 69 10.29 16.18 -0.12
N GLY B 70 11.28 16.72 -0.87
CA GLY B 70 11.32 18.15 -1.13
C GLY B 70 10.14 18.51 -1.99
N LYS B 71 9.65 19.76 -1.83
CA LYS B 71 8.50 20.21 -2.58
C LYS B 71 8.84 20.23 -4.05
N THR B 72 10.07 20.65 -4.39
CA THR B 72 10.47 20.72 -5.80
C THR B 72 10.47 19.32 -6.36
N GLU B 73 11.04 18.35 -5.61
CA GLU B 73 11.11 16.98 -6.08
C GLU B 73 9.73 16.45 -6.21
N PHE B 74 8.89 16.78 -5.23
CA PHE B 74 7.52 16.32 -5.21
C PHE B 74 6.79 16.83 -6.43
N ASN B 75 6.92 18.14 -6.73
CA ASN B 75 6.22 18.71 -7.86
C ASN B 75 6.66 18.02 -9.13
N GLU B 76 7.97 17.75 -9.27
CA GLU B 76 8.47 17.09 -10.45
C GLU B 76 7.89 15.71 -10.55
N LEU B 77 7.78 15.01 -9.40
CA LEU B 77 7.26 13.66 -9.39
C LEU B 77 5.81 13.67 -9.78
N ILE B 78 5.06 14.66 -9.25
CA ILE B 78 3.65 14.76 -9.53
C ILE B 78 3.45 14.97 -11.01
N GLN B 79 4.29 15.82 -11.62
CA GLN B 79 4.17 16.09 -13.04
C GLN B 79 4.34 14.82 -13.82
N LEU B 80 5.22 13.91 -13.37
CA LEU B 80 5.46 12.67 -14.08
C LEU B 80 4.26 11.78 -13.89
N LEU B 81 3.70 11.78 -12.66
CA LEU B 81 2.54 10.98 -12.37
C LEU B 81 1.36 11.47 -13.19
N LYS B 82 1.26 12.81 -13.35
CA LYS B 82 0.16 13.39 -14.10
C LYS B 82 0.19 12.93 -15.54
N PHE B 83 1.37 12.55 -16.04
CA PHE B 83 1.47 12.08 -17.41
C PHE B 83 0.63 10.85 -17.57
N GLN B 84 0.75 9.89 -16.62
CA GLN B 84 0.02 8.65 -16.69
C GLN B 84 -1.47 8.88 -16.53
N THR B 85 -1.87 9.78 -15.60
CA THR B 85 -3.29 10.01 -15.41
C THR B 85 -3.46 11.43 -14.97
N THR B 86 -4.66 12.01 -15.23
CA THR B 86 -4.90 13.36 -14.84
C THR B 86 -5.19 13.34 -13.36
N ILE B 87 -4.49 14.19 -12.59
CA ILE B 87 -4.68 14.23 -11.17
C ILE B 87 -5.26 15.58 -10.86
N VAL B 88 -6.49 15.59 -10.28
CA VAL B 88 -7.13 16.84 -9.96
C VAL B 88 -7.29 16.94 -8.47
N THR B 89 -6.93 15.85 -7.76
CA THR B 89 -7.06 15.86 -6.31
C THR B 89 -5.69 15.76 -5.74
N LEU B 90 -5.28 16.77 -4.95
CA LEU B 90 -3.98 16.77 -4.35
C LEU B 90 -4.17 17.06 -2.90
N ASN B 91 -5.05 16.27 -2.27
CA ASN B 91 -5.33 16.45 -0.86
C ASN B 91 -5.48 15.08 -0.26
N PRO B 92 -5.14 14.98 1.01
CA PRO B 92 -5.26 13.73 1.73
C PRO B 92 -6.67 13.43 2.13
N PRO B 93 -7.02 12.16 2.28
CA PRO B 93 -8.37 11.77 2.65
C PRO B 93 -8.57 11.80 4.14
N GLU B 94 -8.56 13.02 4.72
CA GLU B 94 -8.74 13.16 6.14
C GLU B 94 -10.18 12.88 6.49
N ASN B 95 -11.06 12.82 5.47
CA ASN B 95 -12.46 12.55 5.71
C ASN B 95 -12.62 11.16 6.24
N ILE B 96 -11.81 10.20 5.73
CA ILE B 96 -11.91 8.84 6.18
C ILE B 96 -10.71 8.54 7.03
N TRP B 97 -10.97 8.06 8.28
CA TRP B 97 -9.89 7.75 9.17
C TRP B 97 -9.80 6.25 9.26
N THR B 98 -8.65 5.73 9.72
CA THR B 98 -8.48 4.31 9.83
C THR B 98 -8.01 4.02 11.23
N GLU B 99 -8.24 2.75 11.68
CA GLU B 99 -7.84 2.36 13.01
C GLU B 99 -6.34 2.39 13.10
N GLU B 100 -5.65 1.91 12.03
CA GLU B 100 -4.22 1.87 12.01
C GLU B 100 -3.71 1.15 13.28
N PHE C . 9.82 2.66 2.70
CA PHE C . 9.60 1.47 1.82
C PHE C . 9.30 1.73 0.34
O PHE C . 9.18 2.93 -0.05
CB PHE C . 8.43 0.63 2.40
CG PHE C . 7.13 1.35 2.53
CD1 PHE C . 6.20 1.33 1.50
CD2 PHE C . 6.83 2.06 3.67
CE1 PHE C . 5.01 2.00 1.63
CE2 PHE C . 5.65 2.73 3.79
CZ PHE C . 4.73 2.70 2.77
OXT PHE C . 9.19 0.73 -0.43
H1 PHE C . 10.21 2.35 3.62
H2 PHE C . 8.90 3.14 2.86
H3 PHE C . 10.47 3.32 2.24
HA PHE C . 10.51 0.91 1.88
HB2 PHE C . 8.71 0.26 3.42
HB3 PHE C . 8.25 -0.26 1.75
HD1 PHE C . 6.42 0.78 0.60
HD2 PHE C . 7.55 2.09 4.48
HE1 PHE C . 4.29 1.97 0.82
HE2 PHE C . 5.42 3.28 4.70
HZ PHE C . 3.79 3.22 2.87
N PHE D . -6.35 -3.57 -8.12
CA PHE D . -5.16 -2.74 -8.48
C PHE D . -3.77 -3.38 -8.39
O PHE D . -2.77 -2.71 -8.77
CB PHE D . -5.15 -1.46 -7.59
CG PHE D . -5.09 -1.74 -6.13
CD1 PHE D . -3.88 -1.82 -5.46
CD2 PHE D . -6.26 -1.91 -5.40
CE1 PHE D . -3.84 -2.07 -4.11
CE2 PHE D . -6.20 -2.16 -4.05
CZ PHE D . -5.00 -2.23 -3.41
OXT PHE D . -3.69 -4.57 -7.96
H1 PHE D . -7.22 -3.09 -8.41
H2 PHE D . -6.36 -3.71 -7.09
H3 PHE D . -6.27 -4.50 -8.59
HA PHE D . -5.32 -2.45 -9.52
HB2 PHE D . -6.06 -0.88 -7.79
HB3 PHE D . -4.27 -0.84 -7.85
HD1 PHE D . -2.96 -1.68 -6.01
HD2 PHE D . -7.20 -1.85 -5.91
HE1 PHE D . -2.88 -2.12 -3.60
HE2 PHE D . -7.13 -2.29 -3.50
HZ PHE D . -4.96 -2.42 -2.34
N GLY A 1 12.93 -35.97 -16.92
CA GLY A 1 11.86 -36.80 -17.52
C GLY A 1 11.52 -37.96 -16.64
N PRO A 2 12.37 -38.96 -16.68
CA PRO A 2 12.19 -40.16 -15.87
C PRO A 2 12.69 -39.99 -14.47
N GLY A 3 12.05 -39.09 -13.69
CA GLY A 3 12.46 -38.87 -12.32
C GLY A 3 12.25 -40.12 -11.54
N ASN A 4 11.12 -40.82 -11.80
CA ASN A 4 10.79 -42.06 -11.10
C ASN A 4 10.73 -41.77 -9.63
N LYS A 5 10.14 -40.61 -9.25
CA LYS A 5 10.02 -40.26 -7.86
C LYS A 5 8.59 -39.91 -7.62
N GLY A 6 8.08 -40.22 -6.40
CA GLY A 6 6.72 -39.91 -6.08
C GLY A 6 6.46 -40.46 -4.72
N SER A 7 6.70 -39.64 -3.68
CA SER A 7 6.47 -40.06 -2.32
C SER A 7 5.00 -40.26 -2.11
N SER A 8 4.18 -39.37 -2.73
CA SER A 8 2.74 -39.46 -2.62
C SER A 8 2.36 -39.21 -1.18
N LYS A 9 3.00 -38.19 -0.57
CA LYS A 9 2.70 -37.86 0.80
C LYS A 9 2.27 -36.43 0.84
N ARG A 10 1.23 -36.12 1.65
CA ARG A 10 0.75 -34.77 1.73
C ARG A 10 0.03 -34.65 3.05
N GLU A 11 -0.18 -33.40 3.50
CA GLU A 11 -0.87 -33.17 4.74
C GLU A 11 -1.88 -32.10 4.48
N ALA A 12 -3.02 -32.15 5.20
CA ALA A 12 -4.05 -31.18 5.00
C ALA A 12 -4.24 -30.46 6.31
N ALA A 13 -4.27 -29.11 6.25
CA ALA A 13 -4.44 -28.34 7.45
C ALA A 13 -4.98 -27.00 7.02
N THR A 14 -5.71 -26.32 7.93
CA THR A 14 -6.27 -25.01 7.63
C THR A 14 -7.29 -25.18 6.54
N GLU A 15 -8.45 -25.80 6.89
CA GLU A 15 -9.50 -26.01 5.91
C GLU A 15 -10.04 -24.67 5.48
N SER A 16 -10.17 -23.72 6.43
CA SER A 16 -10.69 -22.42 6.11
C SER A 16 -9.71 -21.40 6.59
N GLY A 17 -9.64 -20.26 5.89
CA GLY A 17 -8.71 -19.23 6.29
C GLY A 17 -8.92 -18.07 5.36
N LYS A 18 -8.03 -17.07 5.44
CA LYS A 18 -8.13 -15.91 4.60
C LYS A 18 -6.89 -15.85 3.77
N THR A 19 -6.98 -15.19 2.59
CA THR A 19 -5.83 -15.10 1.73
C THR A 19 -5.15 -13.80 2.00
N ALA A 20 -4.51 -13.69 3.17
CA ALA A 20 -3.81 -12.49 3.55
C ALA A 20 -2.48 -12.94 4.06
N VAL A 21 -1.44 -12.10 3.91
CA VAL A 21 -0.13 -12.49 4.38
C VAL A 21 0.52 -11.29 5.00
N VAL A 22 1.24 -11.54 6.12
CA VAL A 22 1.93 -10.49 6.80
C VAL A 22 3.39 -10.83 6.69
N PHE A 23 4.20 -9.87 6.21
CA PHE A 23 5.60 -10.13 6.03
C PHE A 23 6.35 -8.86 6.26
N SER A 24 7.68 -9.00 6.52
CA SER A 24 8.51 -7.86 6.79
C SER A 24 9.49 -7.74 5.67
N LEU A 25 9.91 -6.50 5.38
CA LEU A 25 10.86 -6.29 4.33
C LEU A 25 11.78 -5.18 4.78
N LYS A 26 12.89 -4.98 4.04
CA LYS A 26 13.84 -3.95 4.41
C LYS A 26 13.22 -2.62 4.16
N ASN A 27 13.59 -1.62 4.99
CA ASN A 27 13.06 -0.30 4.83
C ASN A 27 13.88 0.37 3.76
N GLU A 28 13.89 -0.25 2.56
CA GLU A 28 14.63 0.30 1.45
C GLU A 28 13.62 0.87 0.50
N VAL A 29 14.07 1.78 -0.38
CA VAL A 29 13.17 2.40 -1.31
C VAL A 29 12.94 1.45 -2.44
N GLY A 30 11.64 1.13 -2.71
CA GLY A 30 11.31 0.24 -3.79
C GLY A 30 11.19 -1.15 -3.28
N GLY A 31 11.32 -1.35 -1.94
CA GLY A 31 11.21 -2.68 -1.39
C GLY A 31 9.80 -3.17 -1.55
N LEU A 32 8.83 -2.24 -1.38
CA LEU A 32 7.43 -2.58 -1.45
C LEU A 32 7.02 -2.96 -2.86
N VAL A 33 7.53 -2.26 -3.89
CA VAL A 33 7.12 -2.56 -5.26
C VAL A 33 7.56 -3.95 -5.65
N LYS A 34 8.69 -4.45 -5.11
CA LYS A 34 9.17 -5.77 -5.48
C LYS A 34 8.22 -6.79 -4.91
N ALA A 35 7.65 -6.47 -3.75
CA ALA A 35 6.73 -7.40 -3.12
C ALA A 35 5.46 -7.46 -3.91
N LEU A 36 4.98 -6.29 -4.37
CA LEU A 36 3.72 -6.22 -5.09
C LEU A 36 3.84 -6.79 -6.49
N ARG A 37 5.01 -6.61 -7.16
CA ARG A 37 5.16 -7.08 -8.53
C ARG A 37 4.94 -8.56 -8.60
N LEU A 38 5.20 -9.29 -7.50
CA LEU A 38 5.02 -10.73 -7.50
C LEU A 38 3.58 -11.06 -7.72
N PHE A 39 2.67 -10.24 -7.16
CA PHE A 39 1.25 -10.48 -7.31
C PHE A 39 0.87 -10.19 -8.75
N GLN A 40 1.56 -9.21 -9.38
CA GLN A 40 1.26 -8.85 -10.75
C GLN A 40 1.57 -10.01 -11.66
N GLU A 41 2.64 -10.77 -11.36
CA GLU A 41 3.04 -11.87 -12.21
C GLU A 41 1.94 -12.90 -12.32
N LYS A 42 1.24 -13.18 -11.22
CA LYS A 42 0.19 -14.17 -11.25
C LYS A 42 -1.13 -13.54 -11.64
N ARG A 43 -1.10 -12.22 -11.96
CA ARG A 43 -2.29 -11.52 -12.38
C ARG A 43 -3.33 -11.54 -11.28
N VAL A 44 -2.89 -11.32 -10.02
CA VAL A 44 -3.82 -11.29 -8.91
C VAL A 44 -3.84 -9.88 -8.42
N ASN A 45 -5.07 -9.32 -8.26
CA ASN A 45 -5.19 -7.95 -7.81
C ASN A 45 -5.18 -7.94 -6.32
N MET A 46 -5.02 -6.72 -5.75
CA MET A 46 -4.99 -6.57 -4.32
C MET A 46 -6.28 -5.89 -3.95
N VAL A 47 -6.83 -6.23 -2.76
CA VAL A 47 -8.09 -5.64 -2.34
C VAL A 47 -7.80 -4.66 -1.24
N HIS A 48 -6.66 -4.81 -0.55
CA HIS A 48 -6.34 -3.90 0.52
C HIS A 48 -4.85 -3.94 0.72
N ILE A 49 -4.28 -2.78 1.08
CA ILE A 49 -2.85 -2.71 1.31
C ILE A 49 -2.64 -1.69 2.39
N GLU A 50 -1.73 -1.99 3.33
CA GLU A 50 -1.46 -1.06 4.39
C GLU A 50 -0.02 -1.25 4.79
N SER A 51 0.70 -0.14 5.00
CA SER A 51 2.09 -0.23 5.39
C SER A 51 2.23 0.41 6.73
N ARG A 52 3.20 -0.09 7.53
CA ARG A 52 3.40 0.44 8.86
C ARG A 52 4.85 0.77 8.98
N LYS A 53 5.19 1.65 9.95
CA LYS A 53 6.56 2.04 10.14
C LYS A 53 6.76 2.18 11.62
N SER A 54 8.04 2.23 12.06
CA SER A 54 8.33 2.35 13.46
C SER A 54 8.75 3.76 13.72
N ARG A 55 9.01 4.10 15.00
CA ARG A 55 9.42 5.43 15.35
C ARG A 55 10.85 5.61 14.94
N ARG A 56 11.19 6.84 14.49
CA ARG A 56 12.54 7.14 14.07
C ARG A 56 12.82 6.38 12.80
N ARG A 57 13.77 5.43 12.84
CA ARG A 57 14.10 4.66 11.66
C ARG A 57 14.22 3.22 12.10
N SER A 58 13.95 2.29 11.17
CA SER A 58 14.05 0.89 11.49
C SER A 58 14.64 0.20 10.30
N SER A 59 15.31 -0.94 10.53
CA SER A 59 15.94 -1.68 9.46
C SER A 59 14.87 -2.30 8.61
N GLU A 60 13.80 -2.81 9.25
CA GLU A 60 12.75 -3.46 8.51
C GLU A 60 11.43 -2.89 8.92
N VAL A 61 10.43 -3.00 8.02
CA VAL A 61 9.11 -2.50 8.30
C VAL A 61 8.15 -3.59 7.92
N GLU A 62 6.90 -3.52 8.46
CA GLU A 62 5.91 -4.53 8.17
C GLU A 62 4.91 -3.95 7.22
N ILE A 63 4.52 -4.73 6.19
CA ILE A 63 3.56 -4.28 5.24
C ILE A 63 2.50 -5.34 5.14
N PHE A 64 1.21 -4.93 5.25
CA PHE A 64 0.11 -5.86 5.21
C PHE A 64 -0.44 -5.87 3.80
N VAL A 65 -0.57 -7.08 3.22
CA VAL A 65 -1.08 -7.21 1.87
C VAL A 65 -2.24 -8.15 1.90
N ASP A 66 -3.39 -7.73 1.32
CA ASP A 66 -4.57 -8.57 1.29
C ASP A 66 -4.97 -8.69 -0.15
N CYS A 67 -5.29 -9.92 -0.60
CA CYS A 67 -5.66 -10.11 -1.98
C CYS A 67 -6.62 -11.26 -2.05
N GLU A 68 -7.35 -11.36 -3.18
CA GLU A 68 -8.29 -12.44 -3.37
C GLU A 68 -7.82 -13.23 -4.55
N CYS A 69 -7.53 -14.51 -4.33
CA CYS A 69 -7.06 -15.36 -5.40
C CYS A 69 -7.17 -16.77 -4.92
N GLY A 70 -6.89 -17.73 -5.82
CA GLY A 70 -6.96 -19.13 -5.46
C GLY A 70 -5.94 -19.38 -4.39
N LYS A 71 -6.24 -20.35 -3.50
CA LYS A 71 -5.35 -20.67 -2.41
C LYS A 71 -4.05 -21.20 -2.95
N THR A 72 -4.11 -22.01 -4.03
CA THR A 72 -2.91 -22.56 -4.60
C THR A 72 -2.04 -21.44 -5.12
N GLU A 73 -2.66 -20.46 -5.82
CA GLU A 73 -1.92 -19.35 -6.36
C GLU A 73 -1.34 -18.55 -5.24
N PHE A 74 -2.17 -18.37 -4.20
CA PHE A 74 -1.77 -17.61 -3.03
C PHE A 74 -0.56 -18.26 -2.39
N ASN A 75 -0.63 -19.60 -2.20
CA ASN A 75 0.46 -20.31 -1.57
C ASN A 75 1.72 -20.16 -2.40
N GLU A 76 1.59 -20.25 -3.74
CA GLU A 76 2.75 -20.14 -4.60
C GLU A 76 3.38 -18.77 -4.45
N LEU A 77 2.56 -17.70 -4.34
CA LEU A 77 3.11 -16.37 -4.21
C LEU A 77 3.85 -16.27 -2.93
N ILE A 78 3.27 -16.86 -1.88
CA ILE A 78 3.88 -16.80 -0.58
C ILE A 78 5.20 -17.52 -0.62
N GLN A 79 5.32 -18.59 -1.44
CA GLN A 79 6.57 -19.32 -1.52
C GLN A 79 7.60 -18.43 -2.14
N LEU A 80 7.16 -17.66 -3.15
CA LEU A 80 8.03 -16.77 -3.87
C LEU A 80 8.41 -15.61 -2.98
N LEU A 81 7.44 -15.15 -2.16
CA LEU A 81 7.67 -14.04 -1.26
C LEU A 81 8.70 -14.42 -0.23
N LYS A 82 8.85 -15.73 0.08
CA LYS A 82 9.81 -16.17 1.07
C LYS A 82 11.21 -15.81 0.63
N PHE A 83 11.44 -15.70 -0.69
CA PHE A 83 12.74 -15.35 -1.18
C PHE A 83 13.03 -13.91 -0.81
N GLN A 84 11.99 -13.05 -0.84
CA GLN A 84 12.16 -11.65 -0.52
C GLN A 84 12.44 -11.50 0.95
N THR A 85 11.74 -12.29 1.81
CA THR A 85 11.96 -12.18 3.23
C THR A 85 11.52 -13.49 3.84
N THR A 86 12.10 -13.83 5.02
CA THR A 86 11.72 -15.05 5.68
C THR A 86 10.46 -14.75 6.41
N ILE A 87 9.37 -15.47 6.07
CA ILE A 87 8.10 -15.22 6.72
C ILE A 87 7.90 -16.30 7.73
N VAL A 88 8.27 -15.99 9.01
CA VAL A 88 8.12 -16.94 10.08
C VAL A 88 6.66 -17.07 10.40
N THR A 89 5.95 -15.91 10.45
CA THR A 89 4.55 -15.93 10.78
C THR A 89 3.79 -15.48 9.58
N LEU A 90 2.90 -16.35 9.05
CA LEU A 90 2.12 -16.03 7.88
C LEU A 90 1.09 -14.99 8.25
N ASN A 91 0.40 -15.22 9.39
CA ASN A 91 -0.64 -14.31 9.84
C ASN A 91 -0.50 -14.19 11.34
N PRO A 92 -0.84 -13.03 11.86
CA PRO A 92 -0.75 -12.78 13.29
C PRO A 92 -1.83 -13.48 14.06
N PRO A 93 -1.59 -13.75 15.33
CA PRO A 93 -2.57 -14.42 16.18
C PRO A 93 -3.73 -13.53 16.55
N GLU A 94 -4.87 -14.16 16.92
CA GLU A 94 -6.05 -13.41 17.29
C GLU A 94 -5.76 -12.62 18.55
N ASN A 95 -4.96 -13.22 19.46
CA ASN A 95 -4.64 -12.55 20.70
C ASN A 95 -3.77 -11.35 20.41
N ILE A 96 -3.02 -11.40 19.27
CA ILE A 96 -2.14 -10.32 18.87
C ILE A 96 -0.89 -10.41 19.69
N TRP A 97 -1.01 -10.25 21.02
CA TRP A 97 0.15 -10.33 21.87
C TRP A 97 0.39 -11.77 22.17
N THR A 98 1.67 -12.21 22.07
CA THR A 98 2.01 -13.58 22.34
C THR A 98 1.95 -13.82 23.82
N GLU A 99 2.16 -12.74 24.60
CA GLU A 99 2.12 -12.81 26.04
C GLU A 99 3.19 -13.77 26.51
N GLU A 100 4.37 -13.74 25.83
CA GLU A 100 5.45 -14.62 26.21
C GLU A 100 6.72 -13.77 26.28
N GLY B 1 -17.01 29.00 23.39
CA GLY B 1 -15.75 28.63 22.68
C GLY B 1 -16.02 27.55 21.66
N PRO B 2 -14.98 27.22 20.94
CA PRO B 2 -15.04 26.19 19.92
C PRO B 2 -15.21 24.81 20.47
N GLY B 3 -14.83 24.61 21.75
CA GLY B 3 -14.96 23.31 22.37
C GLY B 3 -13.73 22.51 22.04
N ASN B 4 -12.77 23.13 21.33
CA ASN B 4 -11.56 22.43 20.97
C ASN B 4 -10.46 22.98 21.82
N LYS B 5 -9.56 22.08 22.30
CA LYS B 5 -8.48 22.51 23.13
C LYS B 5 -7.26 21.80 22.63
N GLY B 6 -6.14 22.54 22.48
CA GLY B 6 -4.92 21.95 22.00
C GLY B 6 -3.83 22.36 22.93
N SER B 7 -2.76 21.52 23.01
CA SER B 7 -1.65 21.81 23.88
C SER B 7 -0.97 23.06 23.41
N SER B 8 -0.85 23.22 22.08
CA SER B 8 -0.20 24.40 21.54
C SER B 8 -0.85 24.68 20.22
N LYS B 9 -1.01 25.98 19.90
CA LYS B 9 -1.61 26.37 18.65
C LYS B 9 -0.58 27.09 17.84
N ARG B 10 0.71 26.98 18.25
CA ARG B 10 1.77 27.65 17.54
C ARG B 10 2.31 26.72 16.48
N GLU B 11 1.78 25.48 16.43
CA GLU B 11 2.24 24.54 15.44
C GLU B 11 1.32 24.63 14.26
N ALA B 12 1.91 24.78 13.06
CA ALA B 12 1.11 24.89 11.87
C ALA B 12 1.94 24.39 10.72
N ALA B 13 2.53 23.19 10.89
CA ALA B 13 3.36 22.61 9.85
C ALA B 13 2.52 22.34 8.62
N THR B 14 1.27 21.87 8.83
CA THR B 14 0.40 21.54 7.72
C THR B 14 -0.05 22.79 7.02
N GLU B 15 0.13 23.98 7.65
CA GLU B 15 -0.30 25.21 7.02
C GLU B 15 0.53 25.43 5.79
N SER B 16 1.85 25.12 5.87
CA SER B 16 2.73 25.31 4.75
C SER B 16 2.28 24.42 3.62
N GLY B 17 1.88 23.17 3.94
CA GLY B 17 1.42 22.26 2.92
C GLY B 17 1.91 20.90 3.27
N LYS B 18 1.48 19.88 2.49
CA LYS B 18 1.90 18.54 2.73
C LYS B 18 2.28 17.96 1.41
N THR B 19 3.16 16.93 1.42
CA THR B 19 3.60 16.32 0.20
C THR B 19 2.80 15.05 0.02
N ALA B 20 1.49 15.21 -0.29
CA ALA B 20 0.64 14.07 -0.48
C ALA B 20 -0.08 14.29 -1.78
N VAL B 21 -0.38 13.20 -2.50
CA VAL B 21 -1.06 13.34 -3.76
C VAL B 21 -2.13 12.30 -3.84
N VAL B 22 -3.29 12.70 -4.39
CA VAL B 22 -4.40 11.79 -4.54
C VAL B 22 -4.61 11.67 -6.01
N PHE B 23 -4.65 10.42 -6.53
CA PHE B 23 -4.82 10.25 -7.94
C PHE B 23 -5.58 8.98 -8.16
N SER B 24 -6.15 8.85 -9.38
CA SER B 24 -6.93 7.68 -9.71
C SER B 24 -6.22 6.95 -10.79
N LEU B 25 -6.39 5.62 -10.81
CA LEU B 25 -5.76 4.82 -11.83
C LEU B 25 -6.73 3.74 -12.22
N LYS B 26 -6.43 3.02 -13.31
CA LYS B 26 -7.30 1.98 -13.77
C LYS B 26 -7.25 0.85 -12.79
N ASN B 27 -8.39 0.13 -12.64
CA ASN B 27 -8.44 -0.98 -11.74
C ASN B 27 -7.85 -2.16 -12.47
N GLU B 28 -6.59 -2.02 -12.90
CA GLU B 28 -5.92 -3.08 -13.59
C GLU B 28 -4.92 -3.65 -12.64
N VAL B 29 -4.46 -4.89 -12.91
CA VAL B 29 -3.52 -5.53 -12.03
C VAL B 29 -2.16 -4.98 -12.34
N GLY B 30 -1.47 -4.45 -11.31
CA GLY B 30 -0.13 -3.93 -11.49
C GLY B 30 -0.21 -2.45 -11.75
N GLY B 31 -1.42 -1.86 -11.71
CA GLY B 31 -1.55 -0.44 -11.97
C GLY B 31 -0.87 0.31 -10.85
N LEU B 32 -1.02 -0.21 -9.62
CA LEU B 32 -0.47 0.43 -8.44
C LEU B 32 1.04 0.40 -8.46
N VAL B 33 1.67 -0.72 -8.88
CA VAL B 33 3.13 -0.79 -8.85
C VAL B 33 3.74 0.21 -9.80
N LYS B 34 3.05 0.53 -10.92
CA LYS B 34 3.62 1.48 -11.87
C LYS B 34 3.63 2.83 -11.24
N ALA B 35 2.63 3.11 -10.38
CA ALA B 35 2.56 4.39 -9.75
C ALA B 35 3.67 4.52 -8.73
N LEU B 36 3.91 3.42 -7.97
CA LEU B 36 4.91 3.43 -6.93
C LEU B 36 6.31 3.43 -7.48
N ARG B 37 6.56 2.74 -8.61
CA ARG B 37 7.90 2.65 -9.17
C ARG B 37 8.42 4.02 -9.48
N LEU B 38 7.52 4.99 -9.76
CA LEU B 38 7.96 6.33 -10.08
C LEU B 38 8.67 6.93 -8.90
N PHE B 39 8.18 6.63 -7.68
CA PHE B 39 8.78 7.17 -6.48
C PHE B 39 10.14 6.52 -6.30
N GLN B 40 10.27 5.24 -6.73
CA GLN B 40 11.53 4.53 -6.58
C GLN B 40 12.59 5.19 -7.42
N GLU B 41 12.22 5.71 -8.62
CA GLU B 41 13.18 6.31 -9.52
C GLU B 41 13.86 7.48 -8.87
N LYS B 42 13.12 8.29 -8.10
CA LYS B 42 13.72 9.46 -7.47
C LYS B 42 14.27 9.10 -6.12
N ARG B 43 14.21 7.79 -5.76
CA ARG B 43 14.74 7.32 -4.50
C ARG B 43 14.02 8.00 -3.36
N VAL B 44 12.68 8.10 -3.44
CA VAL B 44 11.91 8.70 -2.38
C VAL B 44 11.09 7.60 -1.78
N ASN B 45 11.12 7.48 -0.44
CA ASN B 45 10.39 6.44 0.22
C ASN B 45 8.99 6.92 0.49
N MET B 46 8.11 5.98 0.86
CA MET B 46 6.74 6.32 1.16
C MET B 46 6.57 6.17 2.63
N VAL B 47 5.72 7.02 3.25
CA VAL B 47 5.53 6.95 4.67
C VAL B 47 4.18 6.37 4.95
N HIS B 48 3.26 6.44 3.96
CA HIS B 48 1.94 5.90 4.18
C HIS B 48 1.35 5.62 2.83
N ILE B 49 0.55 4.54 2.74
CA ILE B 49 -0.08 4.19 1.50
C ILE B 49 -1.41 3.58 1.84
N GLU B 50 -2.45 3.92 1.07
CA GLU B 50 -3.75 3.37 1.34
C GLU B 50 -4.47 3.30 0.02
N SER B 51 -5.17 2.17 -0.24
CA SER B 51 -5.89 2.03 -1.48
C SER B 51 -7.33 1.88 -1.15
N ARG B 52 -8.22 2.35 -2.05
CA ARG B 52 -9.63 2.26 -1.82
C ARG B 52 -10.24 1.62 -3.03
N LYS B 53 -11.46 1.08 -2.87
CA LYS B 53 -12.14 0.43 -3.96
C LYS B 53 -13.59 0.76 -3.84
N SER B 54 -14.37 0.52 -4.92
CA SER B 54 -15.78 0.82 -4.89
C SER B 54 -16.51 -0.49 -4.75
N ARG B 55 -17.85 -0.41 -4.65
CA ARG B 55 -18.65 -1.61 -4.51
C ARG B 55 -18.71 -2.28 -5.84
N ARG B 56 -18.71 -3.64 -5.83
CA ARG B 56 -18.79 -4.41 -7.05
C ARG B 56 -17.49 -4.23 -7.79
N ARG B 57 -17.55 -3.60 -8.99
CA ARG B 57 -16.35 -3.39 -9.76
C ARG B 57 -16.40 -1.99 -10.28
N SER B 58 -15.21 -1.38 -10.52
CA SER B 58 -15.17 -0.04 -11.02
C SER B 58 -14.04 0.02 -12.02
N SER B 59 -14.16 0.95 -12.98
CA SER B 59 -13.14 1.09 -14.00
C SER B 59 -11.89 1.65 -13.38
N GLU B 60 -12.04 2.61 -12.45
CA GLU B 60 -10.89 3.21 -11.83
C GLU B 60 -11.06 3.18 -10.34
N VAL B 61 -9.92 3.24 -9.63
CA VAL B 61 -9.94 3.23 -8.19
C VAL B 61 -9.03 4.34 -7.73
N GLU B 62 -9.20 4.78 -6.46
CA GLU B 62 -8.40 5.86 -5.95
C GLU B 62 -7.39 5.28 -4.99
N ILE B 63 -6.13 5.73 -5.09
CA ILE B 63 -5.09 5.25 -4.23
C ILE B 63 -4.42 6.46 -3.63
N PHE B 64 -4.26 6.45 -2.28
CA PHE B 64 -3.66 7.57 -1.59
C PHE B 64 -2.21 7.24 -1.35
N VAL B 65 -1.32 8.18 -1.74
CA VAL B 65 0.11 7.96 -1.55
C VAL B 65 0.65 9.14 -0.79
N ASP B 66 1.38 8.86 0.32
CA ASP B 66 1.96 9.92 1.11
C ASP B 66 3.44 9.64 1.18
N CYS B 67 4.26 10.69 0.97
CA CYS B 67 5.69 10.49 1.00
C CYS B 67 6.33 11.76 1.49
N GLU B 68 7.60 11.65 1.92
CA GLU B 68 8.32 12.81 2.39
C GLU B 68 9.50 12.99 1.48
N CYS B 69 9.55 14.15 0.82
CA CYS B 69 10.63 14.42 -0.10
C CYS B 69 10.61 15.89 -0.39
N GLY B 70 11.61 16.38 -1.14
CA GLY B 70 11.67 17.79 -1.47
C GLY B 70 10.46 18.11 -2.31
N LYS B 71 9.98 19.36 -2.19
CA LYS B 71 8.82 19.79 -2.93
C LYS B 71 9.09 19.74 -4.40
N THR B 72 10.32 20.12 -4.82
CA THR B 72 10.67 20.11 -6.22
C THR B 72 10.60 18.69 -6.73
N GLU B 73 11.15 17.73 -5.96
CA GLU B 73 11.16 16.33 -6.37
C GLU B 73 9.74 15.85 -6.42
N PHE B 74 8.96 16.26 -5.42
CA PHE B 74 7.57 15.87 -5.32
C PHE B 74 6.83 16.36 -6.53
N ASN B 75 7.02 17.64 -6.90
CA ASN B 75 6.33 18.21 -8.04
C ASN B 75 6.71 17.47 -9.28
N GLU B 76 8.00 17.12 -9.44
CA GLU B 76 8.45 16.43 -10.63
C GLU B 76 7.76 15.08 -10.72
N LEU B 77 7.62 14.37 -9.58
CA LEU B 77 6.98 13.06 -9.62
C LEU B 77 5.56 13.22 -10.04
N ILE B 78 4.92 14.25 -9.51
CA ILE B 78 3.54 14.48 -9.81
C ILE B 78 3.39 14.77 -11.29
N GLN B 79 4.40 15.43 -11.91
CA GLN B 79 4.32 15.74 -13.31
C GLN B 79 4.37 14.45 -14.08
N LEU B 80 5.21 13.52 -13.60
CA LEU B 80 5.39 12.24 -14.25
C LEU B 80 4.15 11.41 -14.04
N LEU B 81 3.55 11.53 -12.84
CA LEU B 81 2.36 10.77 -12.51
C LEU B 81 1.22 11.19 -13.40
N LYS B 82 1.24 12.45 -13.92
CA LYS B 82 0.17 12.93 -14.78
C LYS B 82 0.09 12.09 -16.02
N PHE B 83 1.22 11.47 -16.45
CA PHE B 83 1.21 10.65 -17.62
C PHE B 83 0.41 9.40 -17.33
N GLN B 84 0.50 8.89 -16.09
CA GLN B 84 -0.22 7.69 -15.72
C GLN B 84 -1.69 7.99 -15.66
N THR B 85 -2.08 9.16 -15.11
CA THR B 85 -3.48 9.50 -15.02
C THR B 85 -3.59 10.99 -14.94
N THR B 86 -4.73 11.54 -15.37
CA THR B 86 -4.91 12.97 -15.31
C THR B 86 -5.32 13.28 -13.90
N ILE B 87 -4.52 14.11 -13.21
CA ILE B 87 -4.82 14.44 -11.84
C ILE B 87 -5.42 15.81 -11.82
N VAL B 88 -6.77 15.88 -11.79
CA VAL B 88 -7.46 17.14 -11.76
C VAL B 88 -7.27 17.76 -10.40
N THR B 89 -7.42 16.94 -9.34
CA THR B 89 -7.29 17.45 -7.99
C THR B 89 -6.06 16.81 -7.40
N LEU B 90 -5.07 17.65 -7.01
CA LEU B 90 -3.84 17.14 -6.45
C LEU B 90 -4.15 16.50 -5.12
N ASN B 91 -4.94 17.18 -4.28
CA ASN B 91 -5.28 16.64 -2.98
C ASN B 91 -6.54 17.34 -2.54
N PRO B 92 -7.29 16.69 -1.67
CA PRO B 92 -8.52 17.27 -1.17
C PRO B 92 -8.28 18.41 -0.20
N PRO B 93 -9.17 19.37 -0.16
CA PRO B 93 -9.02 20.50 0.73
C PRO B 93 -9.52 20.23 2.11
N GLU B 94 -8.75 19.41 2.85
CA GLU B 94 -9.10 19.04 4.19
C GLU B 94 -8.92 20.22 5.11
N ASN B 95 -7.83 21.00 4.90
CA ASN B 95 -7.56 22.13 5.76
C ASN B 95 -7.74 23.40 4.98
N ILE B 96 -8.43 23.33 3.83
CA ILE B 96 -8.63 24.52 3.03
C ILE B 96 -10.12 24.71 2.91
N TRP B 97 -10.59 25.93 3.23
CA TRP B 97 -12.01 26.21 3.15
C TRP B 97 -12.15 27.65 2.77
N THR B 98 -13.34 28.02 2.27
CA THR B 98 -13.58 29.39 1.88
C THR B 98 -14.27 30.07 3.02
N GLU B 99 -13.99 31.38 3.20
CA GLU B 99 -14.61 32.11 4.26
C GLU B 99 -14.84 33.51 3.76
N GLU B 100 -15.90 33.68 2.94
CA GLU B 100 -16.21 34.98 2.42
C GLU B 100 -17.67 35.28 2.78
N PHE C . 9.82 2.64 2.94
CA PHE C . 9.54 1.55 1.96
C PHE C . 9.22 1.96 0.51
O PHE C . 8.87 3.16 0.29
CB PHE C . 8.34 0.70 2.48
CG PHE C . 7.06 1.46 2.60
CD1 PHE C . 6.17 1.50 1.56
CD2 PHE C . 6.75 2.12 3.78
CE1 PHE C . 4.99 2.19 1.67
CE2 PHE C . 5.56 2.82 3.89
CZ PHE C . 4.69 2.85 2.84
OXT PHE C . 9.34 1.09 -0.39
H1 PHE C . 10.17 2.22 3.83
H2 PHE C . 8.94 3.18 3.13
H3 PHE C . 10.53 3.28 2.55
HA PHE C . 10.44 0.94 1.94
HB2 PHE C . 8.59 0.30 3.48
HB3 PHE C . 8.16 -0.15 1.80
HD1 PHE C . 6.40 1.00 0.64
HD2 PHE C . 7.44 2.10 4.61
HE1 PHE C . 4.29 2.23 0.84
HE2 PHE C . 5.33 3.33 4.81
HZ PHE C . 3.75 3.39 2.93
N PHE D . -6.57 -3.46 -8.07
CA PHE D . -5.31 -2.73 -8.37
C PHE D . -3.99 -3.52 -8.20
O PHE D . -2.95 -3.07 -8.77
CB PHE D . -5.22 -1.48 -7.47
CG PHE D . -5.16 -1.78 -6.00
CD1 PHE D . -3.95 -1.94 -5.36
CD2 PHE D . -6.33 -1.89 -5.27
CE1 PHE D . -3.91 -2.20 -4.02
CE2 PHE D . -6.28 -2.15 -3.92
CZ PHE D . -5.07 -2.32 -3.29
OXT PHE D . -4.00 -4.58 -7.51
H1 PHE D . -6.66 -3.62 -7.05
H2 PHE D . -6.58 -4.37 -8.57
H3 PHE D . -7.39 -2.89 -8.40
HA PHE D . -5.38 -2.43 -9.41
HB2 PHE D . -6.11 -0.83 -7.65
HB3 PHE D . -4.31 -0.90 -7.72
HD1 PHE D . -3.04 -1.84 -5.92
HD2 PHE D . -7.28 -1.76 -5.75
HE1 PHE D . -2.95 -2.33 -3.52
HE2 PHE D . -7.20 -2.25 -3.35
HZ PHE D . -5.03 -2.53 -2.23
N GLY A 1 -42.06 -14.12 12.42
CA GLY A 1 -40.81 -14.64 11.80
C GLY A 1 -40.51 -13.88 10.53
N PRO A 2 -39.49 -14.34 9.86
CA PRO A 2 -39.07 -13.75 8.60
C PRO A 2 -40.02 -14.04 7.47
N GLY A 3 -40.11 -13.10 6.51
CA GLY A 3 -40.99 -13.30 5.39
C GLY A 3 -40.84 -12.11 4.51
N ASN A 4 -41.57 -12.12 3.37
CA ASN A 4 -41.50 -11.03 2.42
C ASN A 4 -40.08 -10.89 1.95
N LYS A 5 -39.42 -12.04 1.70
CA LYS A 5 -38.05 -12.01 1.25
C LYS A 5 -38.07 -12.17 -0.25
N GLY A 6 -37.50 -11.18 -0.96
CA GLY A 6 -37.49 -11.25 -2.40
C GLY A 6 -36.95 -9.94 -2.89
N SER A 7 -37.06 -9.72 -4.22
CA SER A 7 -36.57 -8.49 -4.82
C SER A 7 -35.07 -8.53 -4.83
N SER A 8 -34.44 -7.33 -4.90
CA SER A 8 -33.00 -7.27 -4.92
C SER A 8 -32.51 -7.54 -3.53
N LYS A 9 -31.42 -8.32 -3.41
CA LYS A 9 -30.89 -8.64 -2.11
C LYS A 9 -29.82 -7.63 -1.81
N ARG A 10 -30.18 -6.59 -1.02
CA ARG A 10 -29.24 -5.56 -0.68
C ARG A 10 -28.17 -6.15 0.21
N GLU A 11 -28.56 -7.07 1.11
CA GLU A 11 -27.60 -7.69 1.99
C GLU A 11 -27.54 -9.14 1.65
N ALA A 12 -26.32 -9.72 1.73
CA ALA A 12 -26.15 -11.11 1.43
C ALA A 12 -24.98 -11.58 2.24
N ALA A 13 -24.90 -12.90 2.49
CA ALA A 13 -23.83 -13.43 3.27
C ALA A 13 -22.69 -13.71 2.34
N THR A 14 -21.74 -12.74 2.24
CA THR A 14 -20.60 -12.89 1.37
C THR A 14 -19.37 -12.94 2.24
N GLU A 15 -19.56 -13.00 3.57
CA GLU A 15 -18.43 -13.05 4.47
C GLU A 15 -17.85 -14.43 4.42
N SER A 16 -16.52 -14.51 4.22
CA SER A 16 -15.87 -15.80 4.15
C SER A 16 -14.44 -15.57 4.51
N GLY A 17 -13.60 -16.61 4.33
CA GLY A 17 -12.20 -16.49 4.67
C GLY A 17 -11.53 -15.68 3.58
N LYS A 18 -10.38 -15.07 3.91
CA LYS A 18 -9.67 -14.27 2.95
C LYS A 18 -8.25 -14.76 2.93
N THR A 19 -7.44 -14.20 2.01
CA THR A 19 -6.06 -14.60 1.89
C THR A 19 -5.22 -13.38 2.12
N ALA A 20 -4.70 -13.24 3.35
CA ALA A 20 -3.89 -12.10 3.67
C ALA A 20 -2.58 -12.63 4.17
N VAL A 21 -1.48 -11.89 3.90
CA VAL A 21 -0.19 -12.34 4.35
C VAL A 21 0.60 -11.13 4.75
N VAL A 22 1.41 -11.30 5.82
CA VAL A 22 2.24 -10.22 6.29
C VAL A 22 3.58 -10.45 5.66
N PHE A 23 4.05 -9.45 4.89
CA PHE A 23 5.31 -9.58 4.20
C PHE A 23 6.23 -8.54 4.77
N SER A 24 7.47 -8.95 5.12
CA SER A 24 8.42 -8.04 5.69
C SER A 24 9.49 -7.76 4.68
N LEU A 25 10.01 -6.52 4.69
CA LEU A 25 11.05 -6.17 3.75
C LEU A 25 11.93 -5.15 4.41
N LYS A 26 13.04 -4.80 3.73
CA LYS A 26 13.98 -3.84 4.26
C LYS A 26 13.35 -2.49 4.20
N ASN A 27 13.79 -1.58 5.10
CA ASN A 27 13.25 -0.24 5.15
C ASN A 27 13.92 0.57 4.07
N GLU A 28 13.92 0.05 2.83
CA GLU A 28 14.54 0.75 1.73
C GLU A 28 13.43 1.05 0.76
N VAL A 29 13.58 2.14 0.00
CA VAL A 29 12.56 2.53 -0.95
C VAL A 29 12.62 1.60 -2.12
N GLY A 30 11.43 1.20 -2.63
CA GLY A 30 11.38 0.32 -3.78
C GLY A 30 11.20 -1.10 -3.31
N GLY A 31 11.28 -1.35 -1.99
CA GLY A 31 11.12 -2.70 -1.49
C GLY A 31 9.69 -3.14 -1.69
N LEU A 32 8.74 -2.21 -1.49
CA LEU A 32 7.34 -2.52 -1.59
C LEU A 32 6.94 -2.88 -3.01
N VAL A 33 7.49 -2.20 -4.04
CA VAL A 33 7.08 -2.49 -5.40
C VAL A 33 7.52 -3.88 -5.78
N LYS A 34 8.67 -4.37 -5.25
CA LYS A 34 9.12 -5.71 -5.61
C LYS A 34 8.19 -6.70 -4.99
N ALA A 35 7.71 -6.39 -3.78
CA ALA A 35 6.82 -7.29 -3.09
C ALA A 35 5.52 -7.41 -3.85
N LEU A 36 4.97 -6.26 -4.30
CA LEU A 36 3.70 -6.25 -4.99
C LEU A 36 3.82 -6.77 -6.41
N ARG A 37 4.98 -6.61 -7.07
CA ARG A 37 5.11 -7.07 -8.46
C ARG A 37 4.95 -8.56 -8.51
N LEU A 38 5.31 -9.27 -7.41
CA LEU A 38 5.19 -10.72 -7.40
C LEU A 38 3.73 -11.09 -7.49
N PHE A 39 2.84 -10.29 -6.86
CA PHE A 39 1.43 -10.57 -6.89
C PHE A 39 0.95 -10.40 -8.31
N GLN A 40 1.51 -9.40 -9.02
CA GLN A 40 1.12 -9.12 -10.38
C GLN A 40 1.49 -10.29 -11.27
N GLU A 41 2.64 -10.94 -11.01
CA GLU A 41 3.09 -12.05 -11.82
C GLU A 41 2.09 -13.17 -11.79
N LYS A 42 1.49 -13.43 -10.61
CA LYS A 42 0.52 -14.50 -10.50
C LYS A 42 -0.86 -13.96 -10.79
N ARG A 43 -0.95 -12.69 -11.22
CA ARG A 43 -2.23 -12.08 -11.54
C ARG A 43 -3.11 -12.08 -10.32
N VAL A 44 -2.52 -11.75 -9.15
CA VAL A 44 -3.30 -11.70 -7.93
C VAL A 44 -3.63 -10.26 -7.70
N ASN A 45 -4.94 -9.93 -7.72
CA ASN A 45 -5.38 -8.58 -7.53
C ASN A 45 -5.40 -8.28 -6.06
N MET A 46 -4.91 -7.09 -5.68
CA MET A 46 -4.90 -6.69 -4.30
C MET A 46 -6.19 -5.99 -4.02
N VAL A 47 -6.75 -6.21 -2.80
CA VAL A 47 -8.01 -5.58 -2.46
C VAL A 47 -7.78 -4.57 -1.37
N HIS A 48 -6.68 -4.73 -0.60
CA HIS A 48 -6.40 -3.79 0.46
C HIS A 48 -4.94 -3.86 0.74
N ILE A 49 -4.34 -2.71 1.08
CA ILE A 49 -2.91 -2.69 1.36
C ILE A 49 -2.68 -1.65 2.42
N GLU A 50 -1.82 -1.99 3.41
CA GLU A 50 -1.50 -1.05 4.45
C GLU A 50 -0.06 -1.21 4.78
N SER A 51 0.63 -0.07 4.99
CA SER A 51 2.04 -0.10 5.32
C SER A 51 2.21 0.67 6.59
N ARG A 52 3.21 0.28 7.40
CA ARG A 52 3.44 0.96 8.64
C ARG A 52 4.90 0.81 8.97
N LYS A 53 5.39 1.61 9.93
CA LYS A 53 6.78 1.53 10.33
C LYS A 53 6.79 1.31 11.81
N SER A 54 7.84 0.60 12.29
CA SER A 54 7.96 0.33 13.70
C SER A 54 8.52 1.55 14.36
N ARG A 55 7.98 1.90 15.56
CA ARG A 55 8.47 3.04 16.29
C ARG A 55 9.88 2.75 16.70
N ARG A 56 10.14 1.48 17.10
CA ARG A 56 11.47 1.09 17.49
C ARG A 56 12.28 0.99 16.24
N ARG A 57 13.56 1.41 16.30
CA ARG A 57 14.41 1.36 15.13
C ARG A 57 14.50 -0.06 14.65
N SER A 58 14.35 -0.24 13.32
CA SER A 58 14.40 -1.56 12.76
C SER A 58 14.84 -1.39 11.34
N SER A 59 15.57 -2.40 10.81
CA SER A 59 16.05 -2.34 9.46
C SER A 59 15.00 -2.91 8.55
N GLU A 60 13.94 -3.50 9.14
CA GLU A 60 12.88 -4.08 8.35
C GLU A 60 11.57 -3.57 8.85
N VAL A 61 10.59 -3.52 7.94
CA VAL A 61 9.26 -3.05 8.30
C VAL A 61 8.30 -4.09 7.82
N GLU A 62 7.07 -4.09 8.41
CA GLU A 62 6.07 -5.06 8.04
C GLU A 62 5.03 -4.37 7.23
N ILE A 63 4.64 -4.97 6.09
CA ILE A 63 3.63 -4.40 5.25
C ILE A 63 2.53 -5.43 5.12
N PHE A 64 1.28 -4.99 5.37
CA PHE A 64 0.15 -5.90 5.32
C PHE A 64 -0.44 -5.85 3.94
N VAL A 65 -0.61 -7.04 3.33
CA VAL A 65 -1.17 -7.12 2.00
C VAL A 65 -2.36 -8.05 2.06
N ASP A 66 -3.54 -7.57 1.57
CA ASP A 66 -4.73 -8.39 1.57
C ASP A 66 -5.12 -8.58 0.14
N CYS A 67 -5.20 -9.85 -0.29
CA CYS A 67 -5.56 -10.14 -1.67
C CYS A 67 -6.57 -11.23 -1.69
N GLU A 68 -7.28 -11.38 -2.83
CA GLU A 68 -8.26 -12.43 -2.96
C GLU A 68 -7.76 -13.34 -4.03
N CYS A 69 -7.59 -14.64 -3.69
CA CYS A 69 -7.10 -15.58 -4.67
C CYS A 69 -7.31 -16.95 -4.09
N GLY A 70 -7.05 -18.00 -4.92
CA GLY A 70 -7.23 -19.35 -4.46
C GLY A 70 -6.15 -19.64 -3.45
N LYS A 71 -6.43 -20.56 -2.51
CA LYS A 71 -5.48 -20.89 -1.47
C LYS A 71 -4.25 -21.51 -2.09
N THR A 72 -4.42 -22.38 -3.10
CA THR A 72 -3.28 -23.03 -3.72
C THR A 72 -2.42 -22.01 -4.40
N GLU A 73 -3.05 -21.08 -5.16
CA GLU A 73 -2.30 -20.08 -5.88
C GLU A 73 -1.61 -19.17 -4.90
N PHE A 74 -2.33 -18.86 -3.81
CA PHE A 74 -1.81 -17.97 -2.79
C PHE A 74 -0.61 -18.61 -2.15
N ASN A 75 -0.68 -19.92 -1.85
CA ASN A 75 0.42 -20.61 -1.23
C ASN A 75 1.61 -20.62 -2.15
N GLU A 76 1.38 -20.80 -3.48
CA GLU A 76 2.47 -20.81 -4.43
C GLU A 76 3.12 -19.46 -4.44
N LEU A 77 2.30 -18.39 -4.35
CA LEU A 77 2.83 -17.04 -4.36
C LEU A 77 3.70 -16.83 -3.14
N ILE A 78 3.23 -17.31 -1.98
CA ILE A 78 3.97 -17.14 -0.74
C ILE A 78 5.31 -17.81 -0.86
N GLN A 79 5.39 -18.91 -1.65
CA GLN A 79 6.65 -19.60 -1.80
C GLN A 79 7.66 -18.69 -2.46
N LEU A 80 7.20 -17.89 -3.46
CA LEU A 80 8.10 -16.99 -4.16
C LEU A 80 8.47 -15.87 -3.23
N LEU A 81 7.49 -15.42 -2.43
CA LEU A 81 7.72 -14.34 -1.50
C LEU A 81 8.71 -14.79 -0.44
N LYS A 82 8.68 -16.10 -0.10
CA LYS A 82 9.56 -16.65 0.92
C LYS A 82 10.99 -16.43 0.50
N PHE A 83 11.31 -16.56 -0.81
CA PHE A 83 12.65 -16.38 -1.26
C PHE A 83 13.07 -14.95 -1.03
N GLN A 84 12.14 -13.98 -1.24
CA GLN A 84 12.47 -12.58 -1.06
C GLN A 84 12.71 -12.29 0.40
N THR A 85 11.88 -12.88 1.30
CA THR A 85 12.06 -12.63 2.71
C THR A 85 11.49 -13.80 3.46
N THR A 86 11.99 -14.04 4.68
CA THR A 86 11.48 -15.15 5.45
C THR A 86 10.22 -14.68 6.11
N ILE A 87 9.10 -15.38 5.82
CA ILE A 87 7.84 -15.01 6.41
C ILE A 87 7.54 -16.08 7.43
N VAL A 88 7.46 -15.69 8.71
CA VAL A 88 7.21 -16.66 9.76
C VAL A 88 5.83 -16.46 10.30
N THR A 89 5.50 -15.21 10.72
CA THR A 89 4.19 -14.95 11.29
C THR A 89 3.13 -15.23 10.25
N LEU A 90 3.31 -14.67 9.02
CA LEU A 90 2.37 -14.88 7.93
C LEU A 90 1.06 -14.17 8.19
N ASN A 91 0.39 -14.49 9.31
CA ASN A 91 -0.89 -13.89 9.61
C ASN A 91 -0.69 -12.57 10.28
N PRO A 92 -1.67 -11.70 10.15
CA PRO A 92 -1.61 -10.39 10.78
C PRO A 92 -1.82 -10.45 12.27
N PRO A 93 -1.34 -9.49 13.01
CA PRO A 93 -1.51 -9.47 14.45
C PRO A 93 -2.90 -9.15 14.87
N GLU A 94 -3.29 -9.65 16.07
CA GLU A 94 -4.62 -9.42 16.58
C GLU A 94 -4.74 -7.97 17.01
N ASN A 95 -3.61 -7.25 17.05
CA ASN A 95 -3.63 -5.87 17.47
C ASN A 95 -4.41 -5.06 16.46
N ILE A 96 -4.31 -5.41 15.16
CA ILE A 96 -5.01 -4.66 14.14
C ILE A 96 -6.28 -5.39 13.78
N TRP A 97 -6.78 -6.27 14.69
CA TRP A 97 -7.99 -6.99 14.40
C TRP A 97 -9.13 -6.09 14.78
N THR A 98 -10.06 -5.89 13.83
CA THR A 98 -11.19 -5.03 14.07
C THR A 98 -12.12 -5.73 15.01
N GLU A 99 -12.56 -5.02 16.06
CA GLU A 99 -13.45 -5.61 17.04
C GLU A 99 -14.87 -5.35 16.63
N GLU A 100 -15.30 -6.00 15.52
CA GLU A 100 -16.66 -5.83 15.06
C GLU A 100 -17.17 -7.20 14.61
N GLY B 1 6.27 -3.98 29.29
CA GLY B 1 4.97 -4.64 29.62
C GLY B 1 3.93 -3.62 29.92
N PRO B 2 2.81 -4.10 30.41
CA PRO B 2 1.68 -3.27 30.77
C PRO B 2 2.01 -2.25 31.82
N GLY B 3 1.44 -1.04 31.69
CA GLY B 3 1.71 0.00 32.64
C GLY B 3 0.90 1.18 32.26
N ASN B 4 1.02 2.28 33.04
CA ASN B 4 0.28 3.47 32.75
C ASN B 4 1.12 4.32 31.83
N LYS B 5 0.56 5.48 31.40
CA LYS B 5 1.29 6.35 30.52
C LYS B 5 1.25 7.72 31.13
N GLY B 6 2.32 8.51 30.91
CA GLY B 6 2.38 9.84 31.47
C GLY B 6 2.08 10.80 30.36
N SER B 7 1.00 10.54 29.60
CA SER B 7 0.63 11.41 28.51
C SER B 7 0.28 12.76 29.06
N SER B 8 -0.43 12.77 30.22
CA SER B 8 -0.82 14.01 30.86
C SER B 8 -1.83 14.70 29.97
N LYS B 9 -1.40 15.80 29.31
CA LYS B 9 -2.30 16.53 28.44
C LYS B 9 -1.58 16.72 27.14
N ARG B 10 -2.34 16.73 26.03
CA ARG B 10 -1.74 16.90 24.73
C ARG B 10 -2.50 17.99 24.04
N GLU B 11 -1.79 18.80 23.22
CA GLU B 11 -2.44 19.87 22.52
C GLU B 11 -1.69 20.05 21.23
N ALA B 12 -2.43 20.22 20.11
CA ALA B 12 -1.79 20.40 18.83
C ALA B 12 -1.52 21.86 18.67
N ALA B 13 -0.40 22.33 19.28
CA ALA B 13 -0.05 23.73 19.19
C ALA B 13 0.90 23.91 18.05
N THR B 14 1.22 22.81 17.32
CA THR B 14 2.14 22.90 16.21
C THR B 14 1.45 22.35 15.00
N GLU B 15 1.90 22.78 13.81
CA GLU B 15 1.30 22.31 12.58
C GLU B 15 2.45 21.95 11.67
N SER B 16 2.20 21.01 10.73
CA SER B 16 3.24 20.61 9.82
C SER B 16 2.57 20.25 8.53
N GLY B 17 3.27 20.50 7.40
CA GLY B 17 2.71 20.19 6.10
C GLY B 17 3.40 18.96 5.60
N LYS B 18 2.69 18.17 4.78
CA LYS B 18 3.25 16.97 4.23
C LYS B 18 3.05 17.01 2.75
N THR B 19 3.57 15.98 2.05
CA THR B 19 3.43 15.92 0.61
C THR B 19 2.68 14.67 0.27
N ALA B 20 1.36 14.79 0.07
CA ALA B 20 0.57 13.64 -0.25
C ALA B 20 -0.15 13.96 -1.53
N VAL B 21 -0.38 12.94 -2.37
CA VAL B 21 -1.04 13.17 -3.62
C VAL B 21 -1.97 12.01 -3.87
N VAL B 22 -3.13 12.32 -4.48
CA VAL B 22 -4.10 11.31 -4.80
C VAL B 22 -3.84 10.95 -6.24
N PHE B 23 -3.52 9.67 -6.48
CA PHE B 23 -3.22 9.22 -7.81
C PHE B 23 -4.26 8.22 -8.21
N SER B 24 -4.82 8.38 -9.43
CA SER B 24 -5.86 7.48 -9.90
C SER B 24 -5.30 6.63 -10.98
N LEU B 25 -5.78 5.37 -11.05
CA LEU B 25 -5.31 4.48 -12.07
C LEU B 25 -6.43 3.54 -12.43
N LYS B 26 -6.21 2.70 -13.45
CA LYS B 26 -7.22 1.78 -13.90
C LYS B 26 -7.35 0.69 -12.87
N ASN B 27 -8.55 0.07 -12.81
CA ASN B 27 -8.79 -0.98 -11.85
C ASN B 27 -8.19 -2.27 -12.39
N GLU B 28 -6.92 -2.21 -12.80
CA GLU B 28 -6.25 -3.37 -13.31
C GLU B 28 -5.14 -3.68 -12.38
N VAL B 29 -4.77 -4.98 -12.29
CA VAL B 29 -3.72 -5.37 -11.39
C VAL B 29 -2.40 -4.94 -11.97
N GLY B 30 -1.49 -4.45 -11.08
CA GLY B 30 -0.18 -4.03 -11.53
C GLY B 30 -0.19 -2.55 -11.76
N GLY B 31 -1.36 -1.89 -11.69
CA GLY B 31 -1.41 -0.46 -11.91
C GLY B 31 -0.72 0.25 -10.78
N LEU B 32 -0.90 -0.28 -9.55
CA LEU B 32 -0.34 0.34 -8.36
C LEU B 32 1.18 0.30 -8.39
N VAL B 33 1.80 -0.82 -8.85
CA VAL B 33 3.25 -0.90 -8.81
C VAL B 33 3.86 0.11 -9.76
N LYS B 34 3.18 0.43 -10.88
CA LYS B 34 3.73 1.39 -11.82
C LYS B 34 3.68 2.75 -11.19
N ALA B 35 2.62 3.00 -10.43
CA ALA B 35 2.48 4.29 -9.78
C ALA B 35 3.58 4.46 -8.75
N LEU B 36 3.83 3.41 -7.94
CA LEU B 36 4.83 3.51 -6.90
C LEU B 36 6.24 3.46 -7.44
N ARG B 37 6.49 2.77 -8.57
CA ARG B 37 7.85 2.67 -9.10
C ARG B 37 8.34 4.06 -9.47
N LEU B 38 7.42 4.97 -9.83
CA LEU B 38 7.82 6.31 -10.21
C LEU B 38 8.41 7.00 -9.00
N PHE B 39 7.86 6.73 -7.80
CA PHE B 39 8.37 7.35 -6.59
C PHE B 39 9.77 6.84 -6.35
N GLN B 40 10.00 5.54 -6.66
CA GLN B 40 11.29 4.93 -6.46
C GLN B 40 12.32 5.59 -7.34
N GLU B 41 11.92 5.97 -8.58
CA GLU B 41 12.84 6.58 -9.52
C GLU B 41 13.39 7.86 -8.96
N LYS B 42 12.53 8.66 -8.28
CA LYS B 42 12.99 9.92 -7.73
C LYS B 42 13.50 9.69 -6.33
N ARG B 43 13.58 8.41 -5.89
CA ARG B 43 14.08 8.10 -4.57
C ARG B 43 13.19 8.74 -3.53
N VAL B 44 11.86 8.68 -3.74
CA VAL B 44 10.95 9.27 -2.80
C VAL B 44 10.43 8.13 -1.96
N ASN B 45 10.74 8.16 -0.65
CA ASN B 45 10.33 7.11 0.24
C ASN B 45 8.90 7.36 0.64
N MET B 46 8.10 6.27 0.67
CA MET B 46 6.71 6.38 1.02
C MET B 46 6.62 6.20 2.51
N VAL B 47 5.71 6.94 3.19
CA VAL B 47 5.59 6.81 4.62
C VAL B 47 4.25 6.21 4.94
N HIS B 48 3.27 6.33 4.01
CA HIS B 48 1.96 5.77 4.27
C HIS B 48 1.32 5.55 2.95
N ILE B 49 0.53 4.46 2.83
CA ILE B 49 -0.13 4.17 1.58
C ILE B 49 -1.46 3.54 1.91
N GLU B 50 -2.52 3.94 1.18
CA GLU B 50 -3.82 3.37 1.40
C GLU B 50 -4.49 3.25 0.07
N SER B 51 -5.17 2.11 -0.14
CA SER B 51 -5.86 1.89 -1.40
C SER B 51 -7.28 1.58 -1.07
N ARG B 52 -8.21 1.96 -1.98
CA ARG B 52 -9.60 1.69 -1.73
C ARG B 52 -10.27 1.57 -3.08
N LYS B 53 -11.50 1.03 -3.08
CA LYS B 53 -12.24 0.88 -4.31
C LYS B 53 -13.55 1.57 -4.14
N SER B 54 -14.10 2.10 -5.25
CA SER B 54 -15.36 2.79 -5.20
C SER B 54 -16.45 1.77 -5.19
N ARG B 55 -17.50 2.01 -4.35
CA ARG B 55 -18.61 1.10 -4.29
C ARG B 55 -19.31 1.12 -5.61
N ARG B 56 -19.42 2.33 -6.21
CA ARG B 56 -20.04 2.49 -7.50
C ARG B 56 -19.08 1.94 -8.51
N ARG B 57 -19.61 1.24 -9.55
CA ARG B 57 -18.76 0.66 -10.56
C ARG B 57 -17.96 1.76 -11.20
N SER B 58 -16.64 1.51 -11.37
CA SER B 58 -15.77 2.50 -11.96
C SER B 58 -14.64 1.75 -12.57
N SER B 59 -14.09 2.30 -13.68
CA SER B 59 -12.98 1.65 -14.35
C SER B 59 -11.70 2.13 -13.73
N GLU B 60 -11.80 3.14 -12.85
CA GLU B 60 -10.62 3.67 -12.21
C GLU B 60 -10.85 3.72 -10.73
N VAL B 61 -9.74 3.62 -9.98
CA VAL B 61 -9.83 3.68 -8.53
C VAL B 61 -8.85 4.70 -8.06
N GLU B 62 -9.05 5.22 -6.83
CA GLU B 62 -8.17 6.23 -6.30
C GLU B 62 -7.30 5.60 -5.25
N ILE B 63 -5.99 5.88 -5.31
CA ILE B 63 -5.07 5.33 -4.34
C ILE B 63 -4.37 6.50 -3.70
N PHE B 64 -4.38 6.54 -2.34
CA PHE B 64 -3.78 7.62 -1.62
C PHE B 64 -2.36 7.27 -1.30
N VAL B 65 -1.43 8.18 -1.65
CA VAL B 65 -0.03 7.94 -1.40
C VAL B 65 0.50 9.10 -0.61
N ASP B 66 1.15 8.82 0.55
CA ASP B 66 1.70 9.85 1.38
C ASP B 66 3.19 9.65 1.41
N CYS B 67 3.95 10.68 0.98
CA CYS B 67 5.40 10.56 0.96
C CYS B 67 5.98 11.80 1.54
N GLU B 68 7.27 11.73 1.93
CA GLU B 68 7.95 12.89 2.46
C GLU B 68 9.04 13.22 1.49
N CYS B 69 9.02 14.47 0.96
CA CYS B 69 10.03 14.86 0.01
C CYS B 69 9.93 16.35 -0.14
N GLY B 70 10.89 16.95 -0.88
CA GLY B 70 10.88 18.38 -1.10
C GLY B 70 9.73 18.70 -2.01
N LYS B 71 9.18 19.93 -1.88
CA LYS B 71 8.04 20.32 -2.69
C LYS B 71 8.43 20.34 -4.14
N THR B 72 9.65 20.83 -4.46
CA THR B 72 10.06 20.92 -5.84
C THR B 72 10.19 19.54 -6.42
N GLU B 73 10.81 18.60 -5.66
CA GLU B 73 11.00 17.26 -6.15
C GLU B 73 9.66 16.59 -6.29
N PHE B 74 8.79 16.86 -5.33
CA PHE B 74 7.47 16.28 -5.32
C PHE B 74 6.71 16.75 -6.54
N ASN B 75 6.80 18.06 -6.85
CA ASN B 75 6.10 18.61 -7.99
C ASN B 75 6.62 17.98 -9.26
N GLU B 76 7.95 17.76 -9.35
CA GLU B 76 8.53 17.18 -10.54
C GLU B 76 8.00 15.77 -10.69
N LEU B 77 7.86 15.04 -9.56
CA LEU B 77 7.36 13.69 -9.59
C LEU B 77 5.95 13.68 -10.10
N ILE B 78 5.12 14.63 -9.62
CA ILE B 78 3.74 14.71 -10.02
C ILE B 78 3.66 14.92 -11.52
N GLN B 79 4.65 15.63 -12.09
CA GLN B 79 4.62 15.87 -13.52
C GLN B 79 4.71 14.56 -14.26
N LEU B 80 5.55 13.62 -13.76
CA LEU B 80 5.70 12.34 -14.41
C LEU B 80 4.44 11.54 -14.21
N LEU B 81 3.84 11.66 -13.00
CA LEU B 81 2.64 10.95 -12.69
C LEU B 81 1.51 11.45 -13.55
N LYS B 82 1.55 12.76 -13.90
CA LYS B 82 0.52 13.36 -14.72
C LYS B 82 0.44 12.65 -16.05
N PHE B 83 1.60 12.24 -16.61
CA PHE B 83 1.59 11.57 -17.89
C PHE B 83 0.88 10.25 -17.75
N GLN B 84 1.07 9.55 -16.61
CA GLN B 84 0.45 8.26 -16.40
C GLN B 84 -1.05 8.44 -16.25
N THR B 85 -1.50 9.48 -15.52
CA THR B 85 -2.91 9.69 -15.35
C THR B 85 -3.13 11.15 -15.09
N THR B 86 -4.33 11.66 -15.40
CA THR B 86 -4.60 13.05 -15.17
C THR B 86 -4.99 13.18 -13.73
N ILE B 87 -4.24 14.02 -12.98
CA ILE B 87 -4.53 14.21 -11.58
C ILE B 87 -5.10 15.59 -11.48
N VAL B 88 -6.38 15.69 -11.04
CA VAL B 88 -7.02 16.98 -10.95
C VAL B 88 -7.18 17.35 -9.51
N THR B 89 -7.77 16.45 -8.70
CA THR B 89 -7.98 16.74 -7.29
C THR B 89 -6.65 16.96 -6.63
N LEU B 90 -5.70 16.01 -6.85
CA LEU B 90 -4.38 16.08 -6.28
C LEU B 90 -4.45 15.85 -4.79
N ASN B 91 -5.13 16.75 -4.06
CA ASN B 91 -5.23 16.61 -2.62
C ASN B 91 -6.41 17.47 -2.21
N PRO B 92 -7.24 16.95 -1.33
CA PRO B 92 -8.40 17.68 -0.86
C PRO B 92 -8.04 18.83 0.04
N PRO B 93 -8.88 19.83 0.13
CA PRO B 93 -8.62 20.98 0.97
C PRO B 93 -8.93 20.74 2.41
N GLU B 94 -8.10 19.90 3.06
CA GLU B 94 -8.27 19.58 4.45
C GLU B 94 -7.78 20.73 5.30
N ASN B 95 -7.20 21.76 4.66
CA ASN B 95 -6.66 22.89 5.39
C ASN B 95 -7.74 23.91 5.63
N ILE B 96 -8.95 23.45 6.00
CA ILE B 96 -10.03 24.37 6.26
C ILE B 96 -9.81 24.96 7.62
N TRP B 97 -9.73 26.30 7.68
CA TRP B 97 -9.52 26.97 8.94
C TRP B 97 -10.85 27.12 9.61
N THR B 98 -10.89 26.87 10.94
CA THR B 98 -12.13 26.99 11.66
C THR B 98 -11.89 27.88 12.84
N GLU B 99 -12.98 28.49 13.35
CA GLU B 99 -12.84 29.37 14.49
C GLU B 99 -13.44 28.64 15.67
N GLU B 100 -12.75 27.57 16.12
CA GLU B 100 -13.24 26.81 17.24
C GLU B 100 -12.77 27.52 18.53
N PHE C . 10.01 2.15 2.98
CA PHE C . 9.63 1.01 2.09
C PHE C . 9.32 1.32 0.62
O PHE C . 9.35 0.36 -0.20
CB PHE C . 8.39 0.31 2.69
CG PHE C . 7.19 1.19 2.83
CD1 PHE C . 6.27 1.29 1.81
CD2 PHE C . 6.97 1.91 3.99
CE1 PHE C . 5.17 2.10 1.94
CE2 PHE C . 5.88 2.71 4.12
CZ PHE C . 4.97 2.82 3.09
OXT PHE C . 9.06 2.50 0.30
H1 PHE C . 10.73 1.83 3.66
H2 PHE C . 9.17 2.48 3.50
H3 PHE C . 10.40 2.93 2.40
HA PHE C . 10.47 0.33 2.11
HB2 PHE C . 8.64 -0.08 3.70
HB3 PHE C . 8.10 -0.55 2.05
HD1 PHE C . 6.42 0.74 0.90
HD2 PHE C . 7.69 1.83 4.80
HE1 PHE C . 4.45 2.18 1.13
HE2 PHE C . 5.72 3.28 5.04
HZ PHE C . 4.11 3.45 3.20
N PHE D . -6.51 -3.05 -8.45
CA PHE D . -5.29 -2.22 -8.63
C PHE D . -3.92 -2.91 -8.51
O PHE D . -2.91 -2.32 -9.01
CB PHE D . -5.32 -1.05 -7.61
CG PHE D . -5.34 -1.48 -6.18
CD1 PHE D . -4.18 -1.68 -5.48
CD2 PHE D . -6.55 -1.69 -5.54
CE1 PHE D . -4.21 -2.08 -4.16
CE2 PHE D . -6.59 -2.09 -4.23
CZ PHE D . -5.41 -2.29 -3.54
OXT PHE D . -3.85 -4.01 -7.91
H1 PHE D . -7.27 -2.70 -9.06
H2 PHE D . -6.81 -3.00 -7.45
H3 PHE D . -6.29 -4.05 -8.68
HA PHE D . -5.36 -1.81 -9.64
HB2 PHE D . -6.21 -0.42 -7.79
HB3 PHE D . -4.41 -0.42 -7.74
HD1 PHE D . -3.23 -1.53 -5.96
HD2 PHE D . -7.48 -1.53 -6.08
HE1 PHE D . -3.29 -2.23 -3.62
HE2 PHE D . -7.54 -2.25 -3.74
HZ PHE D . -5.45 -2.59 -2.50
N GLY A 1 -20.58 11.27 11.07
CA GLY A 1 -21.62 11.99 10.28
C GLY A 1 -20.99 13.08 9.45
N PRO A 2 -20.57 14.12 10.12
CA PRO A 2 -19.94 15.26 9.46
C PRO A 2 -18.70 14.89 8.70
N GLY A 3 -18.51 15.53 7.52
CA GLY A 3 -17.34 15.25 6.71
C GLY A 3 -17.69 14.18 5.72
N ASN A 4 -18.86 13.55 5.87
CA ASN A 4 -19.27 12.51 4.94
C ASN A 4 -20.39 13.07 4.12
N LYS A 5 -20.38 12.78 2.80
CA LYS A 5 -21.41 13.26 1.94
C LYS A 5 -21.89 12.09 1.12
N GLY A 6 -23.23 11.88 1.12
CA GLY A 6 -23.77 10.78 0.36
C GLY A 6 -25.26 10.94 0.39
N SER A 7 -25.96 10.21 -0.49
CA SER A 7 -27.40 10.30 -0.53
C SER A 7 -27.97 9.21 0.34
N SER A 8 -27.15 8.18 0.65
CA SER A 8 -27.63 7.12 1.48
C SER A 8 -26.42 6.47 2.08
N LYS A 9 -26.55 5.94 3.31
CA LYS A 9 -25.44 5.29 3.96
C LYS A 9 -25.93 3.95 4.40
N ARG A 10 -25.09 2.91 4.26
CA ARG A 10 -25.48 1.58 4.65
C ARG A 10 -24.24 0.88 5.10
N GLU A 11 -24.34 0.16 6.24
CA GLU A 11 -23.20 -0.56 6.76
C GLU A 11 -23.71 -1.88 7.24
N ALA A 12 -23.06 -2.97 6.82
CA ALA A 12 -23.49 -4.28 7.22
C ALA A 12 -22.28 -5.17 7.17
N ALA A 13 -22.29 -6.25 7.99
CA ALA A 13 -21.19 -7.16 8.01
C ALA A 13 -21.26 -8.01 6.77
N THR A 14 -20.09 -8.36 6.21
CA THR A 14 -20.06 -9.17 5.02
C THR A 14 -18.78 -9.94 5.06
N GLU A 15 -18.72 -11.06 4.30
CA GLU A 15 -17.54 -11.87 4.29
C GLU A 15 -17.49 -12.57 2.97
N SER A 16 -16.28 -12.99 2.56
CA SER A 16 -16.13 -13.68 1.30
C SER A 16 -14.82 -14.40 1.37
N GLY A 17 -14.37 -14.95 0.21
CA GLY A 17 -13.12 -15.66 0.20
C GLY A 17 -12.04 -14.64 0.03
N LYS A 18 -11.00 -14.72 0.90
CA LYS A 18 -9.92 -13.79 0.83
C LYS A 18 -8.68 -14.49 1.26
N THR A 19 -7.52 -13.91 0.90
CA THR A 19 -6.26 -14.50 1.26
C THR A 19 -5.32 -13.36 1.53
N ALA A 20 -5.00 -13.13 2.83
CA ALA A 20 -4.13 -12.05 3.18
C ALA A 20 -2.87 -12.66 3.72
N VAL A 21 -1.73 -11.95 3.52
CA VAL A 21 -0.47 -12.45 4.01
C VAL A 21 0.29 -11.28 4.57
N VAL A 22 1.00 -11.54 5.68
CA VAL A 22 1.78 -10.51 6.31
C VAL A 22 3.22 -10.84 6.04
N PHE A 23 3.97 -9.83 5.54
CA PHE A 23 5.36 -10.05 5.23
C PHE A 23 6.08 -8.78 5.57
N SER A 24 7.43 -8.86 5.64
CA SER A 24 8.20 -7.71 6.00
C SER A 24 9.39 -7.61 5.08
N LEU A 25 10.02 -6.43 5.08
CA LEU A 25 11.17 -6.22 4.26
C LEU A 25 11.97 -5.13 4.92
N LYS A 26 13.23 -4.94 4.47
CA LYS A 26 14.06 -3.92 5.07
C LYS A 26 13.61 -2.59 4.54
N ASN A 27 14.01 -1.51 5.24
CA ASN A 27 13.63 -0.19 4.86
C ASN A 27 14.50 0.23 3.70
N GLU A 28 13.91 0.14 2.51
CA GLU A 28 14.61 0.52 1.30
C GLU A 28 13.57 1.10 0.39
N VAL A 29 14.02 1.90 -0.60
CA VAL A 29 13.07 2.51 -1.50
C VAL A 29 12.85 1.58 -2.65
N GLY A 30 11.55 1.33 -2.98
CA GLY A 30 11.22 0.47 -4.09
C GLY A 30 11.14 -0.96 -3.62
N GLY A 31 11.24 -1.21 -2.29
CA GLY A 31 11.16 -2.57 -1.80
C GLY A 31 9.75 -3.06 -1.97
N LEU A 32 8.78 -2.16 -1.76
CA LEU A 32 7.38 -2.50 -1.83
C LEU A 32 7.00 -2.91 -3.24
N VAL A 33 7.50 -2.20 -4.27
CA VAL A 33 7.11 -2.53 -5.63
C VAL A 33 7.60 -3.91 -5.99
N LYS A 34 8.74 -4.36 -5.45
CA LYS A 34 9.25 -5.67 -5.79
C LYS A 34 8.34 -6.69 -5.17
N ALA A 35 7.91 -6.43 -3.93
CA ALA A 35 7.04 -7.37 -3.24
C ALA A 35 5.72 -7.47 -3.97
N LEU A 36 5.17 -6.32 -4.40
CA LEU A 36 3.89 -6.32 -5.08
C LEU A 36 4.03 -6.86 -6.49
N ARG A 37 5.21 -6.73 -7.13
CA ARG A 37 5.37 -7.21 -8.49
C ARG A 37 5.20 -8.70 -8.50
N LEU A 38 5.50 -9.35 -7.36
CA LEU A 38 5.38 -10.78 -7.25
C LEU A 38 3.94 -11.16 -7.46
N PHE A 39 3.00 -10.33 -6.91
CA PHE A 39 1.59 -10.60 -7.06
C PHE A 39 1.21 -10.45 -8.50
N GLN A 40 1.84 -9.47 -9.20
CA GLN A 40 1.54 -9.24 -10.60
C GLN A 40 1.95 -10.43 -11.42
N GLU A 41 3.09 -11.07 -11.06
CA GLU A 41 3.58 -12.20 -11.83
C GLU A 41 2.58 -13.33 -11.80
N LYS A 42 1.94 -13.53 -10.63
CA LYS A 42 0.98 -14.61 -10.51
C LYS A 42 -0.39 -14.13 -10.92
N ARG A 43 -0.49 -12.87 -11.42
CA ARG A 43 -1.75 -12.31 -11.86
C ARG A 43 -2.71 -12.26 -10.71
N VAL A 44 -2.22 -11.79 -9.53
CA VAL A 44 -3.08 -11.70 -8.37
C VAL A 44 -3.29 -10.24 -8.13
N ASN A 45 -4.56 -9.80 -8.10
CA ASN A 45 -4.85 -8.41 -7.86
C ASN A 45 -4.87 -8.20 -6.37
N MET A 46 -4.85 -6.92 -5.95
CA MET A 46 -4.86 -6.59 -4.55
C MET A 46 -6.15 -5.86 -4.28
N VAL A 47 -6.74 -6.08 -3.09
CA VAL A 47 -7.97 -5.41 -2.76
C VAL A 47 -7.71 -4.43 -1.66
N HIS A 48 -6.61 -4.61 -0.90
CA HIS A 48 -6.32 -3.68 0.17
C HIS A 48 -4.84 -3.76 0.45
N ILE A 49 -4.25 -2.60 0.79
CA ILE A 49 -2.84 -2.57 1.08
C ILE A 49 -2.63 -1.56 2.19
N GLU A 50 -1.76 -1.88 3.16
CA GLU A 50 -1.51 -0.97 4.24
C GLU A 50 -0.09 -1.20 4.69
N SER A 51 0.64 -0.09 4.96
CA SER A 51 2.01 -0.21 5.42
C SER A 51 2.04 0.20 6.86
N ARG A 52 2.98 -0.38 7.64
CA ARG A 52 3.07 -0.04 9.04
C ARG A 52 4.53 -0.02 9.41
N LYS A 53 4.96 1.05 10.11
CA LYS A 53 6.33 1.15 10.52
C LYS A 53 6.35 1.96 11.77
N SER A 54 7.46 1.86 12.55
CA SER A 54 7.56 2.62 13.77
C SER A 54 8.62 3.64 13.58
N ARG A 55 8.22 4.94 13.61
CA ARG A 55 9.16 6.02 13.42
C ARG A 55 9.80 5.86 12.06
N ARG A 56 11.03 6.40 11.90
CA ARG A 56 11.73 6.28 10.65
C ARG A 56 13.07 5.67 10.92
N ARG A 57 13.23 5.04 12.11
CA ARG A 57 14.49 4.45 12.47
C ARG A 57 14.33 2.96 12.50
N SER A 58 13.24 2.45 11.88
CA SER A 58 13.02 1.02 11.87
C SER A 58 13.83 0.44 10.75
N SER A 59 14.60 -0.62 11.06
CA SER A 59 15.43 -1.26 10.06
C SER A 59 14.53 -1.98 9.10
N GLU A 60 13.45 -2.61 9.62
CA GLU A 60 12.53 -3.33 8.78
C GLU A 60 11.17 -2.78 9.02
N VAL A 61 10.30 -2.91 7.99
CA VAL A 61 8.94 -2.43 8.10
C VAL A 61 8.04 -3.56 7.73
N GLU A 62 6.77 -3.49 8.17
CA GLU A 62 5.84 -4.55 7.88
C GLU A 62 4.78 -3.99 6.96
N ILE A 63 4.46 -4.74 5.88
CA ILE A 63 3.47 -4.29 4.94
C ILE A 63 2.40 -5.34 4.89
N PHE A 64 1.12 -4.89 5.05
CA PHE A 64 0.01 -5.81 5.04
C PHE A 64 -0.62 -5.75 3.67
N VAL A 65 -0.80 -6.92 3.04
CA VAL A 65 -1.39 -6.96 1.72
C VAL A 65 -2.54 -7.93 1.75
N ASP A 66 -3.74 -7.48 1.30
CA ASP A 66 -4.91 -8.31 1.28
C ASP A 66 -5.27 -8.53 -0.16
N CYS A 67 -5.36 -9.80 -0.58
CA CYS A 67 -5.69 -10.09 -1.95
C CYS A 67 -6.73 -11.17 -1.97
N GLU A 68 -7.41 -11.33 -3.12
CA GLU A 68 -8.41 -12.36 -3.25
C GLU A 68 -7.90 -13.27 -4.34
N CYS A 69 -7.68 -14.56 -4.00
CA CYS A 69 -7.18 -15.48 -4.97
C CYS A 69 -7.33 -16.86 -4.39
N GLY A 70 -7.05 -17.90 -5.21
CA GLY A 70 -7.16 -19.27 -4.74
C GLY A 70 -6.07 -19.49 -3.73
N LYS A 71 -6.34 -20.34 -2.73
CA LYS A 71 -5.38 -20.60 -1.69
C LYS A 71 -4.16 -21.26 -2.27
N THR A 72 -4.34 -22.22 -3.20
CA THR A 72 -3.19 -22.91 -3.78
C THR A 72 -2.34 -21.93 -4.53
N GLU A 73 -2.98 -21.05 -5.33
CA GLU A 73 -2.26 -20.07 -6.12
C GLU A 73 -1.57 -19.12 -5.19
N PHE A 74 -2.28 -18.75 -4.12
CA PHE A 74 -1.77 -17.82 -3.14
C PHE A 74 -0.55 -18.41 -2.47
N ASN A 75 -0.61 -19.72 -2.13
CA ASN A 75 0.50 -20.38 -1.48
C ASN A 75 1.69 -20.37 -2.41
N GLU A 76 1.48 -20.58 -3.72
CA GLU A 76 2.57 -20.59 -4.67
C GLU A 76 3.20 -19.23 -4.67
N LEU A 77 2.38 -18.17 -4.57
CA LEU A 77 2.89 -16.81 -4.56
C LEU A 77 3.72 -16.60 -3.32
N ILE A 78 3.25 -17.11 -2.17
CA ILE A 78 3.96 -16.93 -0.92
C ILE A 78 5.34 -17.53 -1.03
N GLN A 79 5.49 -18.59 -1.86
CA GLN A 79 6.78 -19.22 -2.01
C GLN A 79 7.76 -18.22 -2.58
N LEU A 80 7.31 -17.37 -3.52
CA LEU A 80 8.19 -16.39 -4.13
C LEU A 80 8.49 -15.33 -3.12
N LEU A 81 7.47 -14.94 -2.33
CA LEU A 81 7.61 -13.92 -1.31
C LEU A 81 8.52 -14.43 -0.21
N LYS A 82 8.59 -15.77 -0.03
CA LYS A 82 9.42 -16.37 1.00
C LYS A 82 10.85 -15.96 0.80
N PHE A 83 11.30 -15.84 -0.47
CA PHE A 83 12.66 -15.46 -0.74
C PHE A 83 12.89 -14.06 -0.23
N GLN A 84 11.88 -13.17 -0.34
CA GLN A 84 12.04 -11.81 0.12
C GLN A 84 12.16 -11.78 1.62
N THR A 85 11.35 -12.60 2.33
CA THR A 85 11.43 -12.63 3.76
C THR A 85 10.86 -13.95 4.21
N THR A 86 11.35 -14.47 5.36
CA THR A 86 10.85 -15.73 5.86
C THR A 86 9.54 -15.44 6.55
N ILE A 87 8.47 -16.12 6.10
CA ILE A 87 7.17 -15.89 6.68
C ILE A 87 6.82 -17.10 7.49
N VAL A 88 6.70 -16.91 8.82
CA VAL A 88 6.33 -18.01 9.68
C VAL A 88 4.95 -17.71 10.19
N THR A 89 4.55 -16.42 10.09
CA THR A 89 3.24 -16.02 10.52
C THR A 89 2.61 -15.40 9.32
N LEU A 90 1.65 -16.09 8.70
CA LEU A 90 1.00 -15.57 7.53
C LEU A 90 0.06 -14.46 7.95
N ASN A 91 -0.64 -14.66 9.08
CA ASN A 91 -1.55 -13.66 9.55
C ASN A 91 -1.71 -13.90 11.03
N PRO A 92 -1.49 -12.87 11.83
CA PRO A 92 -1.63 -12.99 13.27
C PRO A 92 -3.07 -13.04 13.71
N PRO A 93 -3.37 -13.75 14.77
CA PRO A 93 -4.72 -13.86 15.28
C PRO A 93 -5.08 -12.75 16.20
N GLU A 94 -5.42 -11.58 15.62
CA GLU A 94 -5.76 -10.43 16.42
C GLU A 94 -7.19 -10.58 16.90
N ASN A 95 -7.90 -11.60 16.38
CA ASN A 95 -9.28 -11.80 16.77
C ASN A 95 -9.35 -12.78 17.91
N ILE A 96 -8.19 -13.22 18.41
CA ILE A 96 -8.18 -14.16 19.51
C ILE A 96 -7.77 -13.41 20.75
N TRP A 97 -8.18 -13.92 21.93
CA TRP A 97 -7.84 -13.28 23.16
C TRP A 97 -7.67 -14.36 24.18
N THR A 98 -6.98 -14.05 25.30
CA THR A 98 -6.76 -15.03 26.34
C THR A 98 -7.17 -14.39 27.63
N GLU A 99 -7.41 -15.23 28.67
CA GLU A 99 -7.80 -14.73 29.97
C GLU A 99 -6.68 -13.93 30.54
N GLU A 100 -5.42 -14.40 30.34
CA GLU A 100 -4.27 -13.70 30.86
C GLU A 100 -4.45 -13.48 32.37
N GLY B 1 -2.88 44.84 30.15
CA GLY B 1 -2.23 44.47 28.85
C GLY B 1 -2.13 42.97 28.75
N PRO B 2 -1.10 42.43 29.39
CA PRO B 2 -0.86 40.99 29.36
C PRO B 2 -1.91 40.22 30.10
N GLY B 3 -2.60 40.88 31.05
CA GLY B 3 -3.63 40.21 31.81
C GLY B 3 -4.87 40.12 30.97
N ASN B 4 -4.89 40.82 29.82
CA ASN B 4 -6.05 40.78 28.96
C ASN B 4 -5.79 39.74 27.90
N LYS B 5 -4.63 39.06 27.97
CA LYS B 5 -4.31 38.04 27.00
C LYS B 5 -4.19 36.74 27.73
N GLY B 6 -4.88 36.64 28.90
CA GLY B 6 -4.84 35.42 29.69
C GLY B 6 -5.43 34.30 28.88
N SER B 7 -6.52 34.60 28.14
CA SER B 7 -7.15 33.58 27.34
C SER B 7 -6.48 33.58 26.01
N SER B 8 -5.27 32.98 25.94
CA SER B 8 -4.52 32.92 24.70
C SER B 8 -5.30 32.08 23.72
N LYS B 9 -5.92 30.98 24.23
CA LYS B 9 -6.70 30.11 23.39
C LYS B 9 -5.75 29.29 22.55
N ARG B 10 -6.28 28.67 21.47
CA ARG B 10 -5.47 27.86 20.60
C ARG B 10 -5.85 28.20 19.20
N GLU B 11 -4.96 27.89 18.23
CA GLU B 11 -5.26 28.20 16.85
C GLU B 11 -4.73 27.07 16.03
N ALA B 12 -5.28 26.90 14.81
CA ALA B 12 -4.85 25.85 13.93
C ALA B 12 -3.54 26.25 13.31
N ALA B 13 -2.71 25.25 12.96
CA ALA B 13 -1.45 25.53 12.35
C ALA B 13 -1.15 24.39 11.42
N THR B 14 -0.34 24.67 10.37
CA THR B 14 0.00 23.64 9.41
C THR B 14 1.48 23.46 9.48
N GLU B 15 1.94 22.20 9.65
CA GLU B 15 3.36 21.94 9.73
C GLU B 15 3.76 21.24 8.47
N SER B 16 4.73 21.84 7.74
CA SER B 16 5.20 21.25 6.50
C SER B 16 6.19 20.19 6.85
N GLY B 17 6.56 19.34 5.86
CA GLY B 17 7.51 18.28 6.12
C GLY B 17 7.03 17.04 5.45
N LYS B 18 5.81 17.08 4.89
CA LYS B 18 5.28 15.93 4.22
C LYS B 18 4.71 16.38 2.92
N THR B 19 4.58 15.42 1.97
CA THR B 19 4.05 15.74 0.67
C THR B 19 3.25 14.55 0.23
N ALA B 20 1.91 14.69 0.23
CA ALA B 20 1.06 13.61 -0.16
C ALA B 20 0.39 13.99 -1.45
N VAL B 21 0.01 12.98 -2.25
CA VAL B 21 -0.65 13.25 -3.50
C VAL B 21 -1.69 12.20 -3.70
N VAL B 22 -2.86 12.63 -4.22
CA VAL B 22 -3.95 11.73 -4.47
C VAL B 22 -4.01 11.54 -5.95
N PHE B 23 -4.03 10.27 -6.40
CA PHE B 23 -4.07 9.99 -7.81
C PHE B 23 -4.92 8.76 -7.99
N SER B 24 -5.34 8.50 -9.25
CA SER B 24 -6.19 7.37 -9.50
C SER B 24 -5.69 6.66 -10.72
N LEU B 25 -6.17 5.42 -10.91
CA LEU B 25 -5.79 4.64 -12.05
C LEU B 25 -6.91 3.68 -12.29
N LYS B 26 -6.91 3.01 -13.47
CA LYS B 26 -7.95 2.07 -13.78
C LYS B 26 -7.70 0.81 -13.01
N ASN B 27 -8.74 -0.03 -12.90
CA ASN B 27 -8.62 -1.25 -12.16
C ASN B 27 -7.92 -2.25 -13.03
N GLU B 28 -6.61 -2.39 -12.77
CA GLU B 28 -5.80 -3.33 -13.50
C GLU B 28 -4.82 -3.87 -12.51
N VAL B 29 -4.26 -5.07 -12.80
CA VAL B 29 -3.33 -5.66 -11.87
C VAL B 29 -1.96 -5.14 -12.20
N GLY B 30 -1.23 -4.69 -11.15
CA GLY B 30 0.10 -4.18 -11.34
C GLY B 30 0.06 -2.73 -11.65
N GLY B 31 -1.14 -2.11 -11.61
CA GLY B 31 -1.24 -0.69 -11.91
C GLY B 31 -0.56 0.08 -10.81
N LEU B 32 -0.72 -0.41 -9.57
CA LEU B 32 -0.17 0.25 -8.41
C LEU B 32 1.34 0.25 -8.45
N VAL B 33 1.98 -0.88 -8.86
CA VAL B 33 3.42 -0.93 -8.85
C VAL B 33 3.99 0.05 -9.85
N LYS B 34 3.29 0.34 -10.96
CA LYS B 34 3.82 1.26 -11.94
C LYS B 34 3.79 2.64 -11.35
N ALA B 35 2.71 2.95 -10.64
CA ALA B 35 2.58 4.26 -10.03
C ALA B 35 3.64 4.43 -8.97
N LEU B 36 3.87 3.39 -8.17
CA LEU B 36 4.85 3.47 -7.10
C LEU B 36 6.26 3.46 -7.64
N ARG B 37 6.50 2.81 -8.80
CA ARG B 37 7.84 2.74 -9.35
C ARG B 37 8.29 4.12 -9.70
N LEU B 38 7.33 5.02 -9.99
CA LEU B 38 7.64 6.38 -10.34
C LEU B 38 8.33 7.03 -9.18
N PHE B 39 7.87 6.71 -7.95
CA PHE B 39 8.46 7.28 -6.76
C PHE B 39 9.87 6.77 -6.61
N GLN B 40 10.08 5.47 -6.99
CA GLN B 40 11.39 4.87 -6.88
C GLN B 40 12.35 5.56 -7.82
N GLU B 41 11.88 5.96 -9.02
CA GLU B 41 12.75 6.60 -10.01
C GLU B 41 13.28 7.88 -9.45
N LYS B 42 12.45 8.64 -8.72
CA LYS B 42 12.88 9.90 -8.17
C LYS B 42 13.52 9.69 -6.82
N ARG B 43 13.66 8.41 -6.40
CA ARG B 43 14.28 8.10 -5.12
C ARG B 43 13.46 8.70 -4.01
N VAL B 44 12.12 8.54 -4.08
CA VAL B 44 11.26 9.07 -3.05
C VAL B 44 10.71 7.90 -2.30
N ASN B 45 10.94 7.87 -0.97
CA ASN B 45 10.45 6.79 -0.16
C ASN B 45 9.02 7.10 0.20
N MET B 46 8.32 6.08 0.74
CA MET B 46 6.94 6.25 1.11
C MET B 46 6.85 6.06 2.59
N VAL B 47 5.94 6.82 3.26
CA VAL B 47 5.79 6.69 4.68
C VAL B 47 4.43 6.10 4.97
N HIS B 48 3.49 6.20 4.01
CA HIS B 48 2.18 5.65 4.23
C HIS B 48 1.54 5.43 2.90
N ILE B 49 0.76 4.33 2.78
CA ILE B 49 0.09 4.03 1.54
C ILE B 49 -1.25 3.43 1.90
N GLU B 50 -2.30 3.82 1.15
CA GLU B 50 -3.61 3.29 1.43
C GLU B 50 -4.37 3.27 0.13
N SER B 51 -5.12 2.17 -0.12
CA SER B 51 -5.88 2.08 -1.34
C SER B 51 -7.34 2.17 -0.97
N ARG B 52 -8.17 2.72 -1.88
CA ARG B 52 -9.58 2.85 -1.61
C ARG B 52 -10.33 2.57 -2.87
N LYS B 53 -11.38 1.72 -2.78
CA LYS B 53 -12.17 1.40 -3.94
C LYS B 53 -13.55 1.10 -3.45
N SER B 54 -14.55 1.17 -4.37
CA SER B 54 -15.91 0.87 -3.98
C SER B 54 -16.29 -0.41 -4.66
N ARG B 55 -16.56 -1.45 -3.83
CA ARG B 55 -16.94 -2.75 -4.37
C ARG B 55 -15.82 -3.23 -5.26
N ARG B 56 -16.17 -4.09 -6.25
CA ARG B 56 -15.17 -4.60 -7.16
C ARG B 56 -15.65 -4.32 -8.56
N ARG B 57 -16.62 -3.39 -8.69
CA ARG B 57 -17.15 -3.07 -9.99
C ARG B 57 -16.72 -1.67 -10.34
N SER B 58 -15.72 -1.13 -9.63
CA SER B 58 -15.27 0.21 -9.92
C SER B 58 -14.30 0.14 -11.07
N SER B 59 -14.52 0.99 -12.10
CA SER B 59 -13.65 1.00 -13.25
C SER B 59 -12.32 1.57 -12.83
N GLU B 60 -12.34 2.60 -11.97
CA GLU B 60 -11.12 3.22 -11.51
C GLU B 60 -11.11 3.18 -10.02
N VAL B 61 -9.89 3.17 -9.45
CA VAL B 61 -9.75 3.13 -8.01
C VAL B 61 -8.84 4.26 -7.64
N GLU B 62 -8.90 4.69 -6.36
CA GLU B 62 -8.10 5.78 -5.90
C GLU B 62 -7.10 5.24 -4.91
N ILE B 63 -5.82 5.63 -5.08
CA ILE B 63 -4.80 5.15 -4.17
C ILE B 63 -4.15 6.37 -3.56
N PHE B 64 -4.07 6.38 -2.21
CA PHE B 64 -3.50 7.50 -1.51
C PHE B 64 -2.08 7.15 -1.15
N VAL B 65 -1.13 8.05 -1.49
CA VAL B 65 0.26 7.81 -1.18
C VAL B 65 0.79 9.00 -0.45
N ASP B 66 1.43 8.75 0.72
CA ASP B 66 1.98 9.82 1.52
C ASP B 66 3.47 9.62 1.54
N CYS B 67 4.24 10.66 1.10
CA CYS B 67 5.67 10.54 1.07
C CYS B 67 6.26 11.79 1.66
N GLU B 68 7.56 11.71 2.05
CA GLU B 68 8.23 12.86 2.58
C GLU B 68 9.33 13.18 1.62
N CYS B 69 9.29 14.39 1.03
CA CYS B 69 10.30 14.76 0.06
C CYS B 69 10.16 16.24 -0.17
N GLY B 70 11.11 16.83 -0.93
CA GLY B 70 11.08 18.24 -1.21
C GLY B 70 9.90 18.49 -2.11
N LYS B 71 9.27 19.68 -1.97
CA LYS B 71 8.11 20.00 -2.76
C LYS B 71 8.49 20.08 -4.22
N THR B 72 9.65 20.68 -4.55
CA THR B 72 10.05 20.80 -5.93
C THR B 72 10.25 19.43 -6.53
N GLU B 73 10.94 18.54 -5.78
CA GLU B 73 11.20 17.20 -6.26
C GLU B 73 9.89 16.46 -6.40
N PHE B 74 9.01 16.69 -5.42
CA PHE B 74 7.71 16.05 -5.40
C PHE B 74 6.91 16.48 -6.60
N ASN B 75 6.96 17.80 -6.94
CA ASN B 75 6.23 18.30 -8.07
C ASN B 75 6.74 17.67 -9.34
N GLU B 76 8.07 17.48 -9.44
CA GLU B 76 8.64 16.87 -10.62
C GLU B 76 8.10 15.46 -10.75
N LEU B 77 7.97 14.77 -9.61
CA LEU B 77 7.46 13.41 -9.61
C LEU B 77 6.03 13.41 -10.08
N ILE B 78 5.23 14.38 -9.62
CA ILE B 78 3.83 14.47 -9.98
C ILE B 78 3.71 14.61 -11.48
N GLN B 79 4.70 15.24 -12.12
CA GLN B 79 4.64 15.41 -13.56
C GLN B 79 4.63 14.05 -14.23
N LEU B 80 5.41 13.08 -13.69
CA LEU B 80 5.46 11.76 -14.28
C LEU B 80 4.16 11.07 -14.00
N LEU B 81 3.61 11.26 -12.80
CA LEU B 81 2.36 10.65 -12.41
C LEU B 81 1.24 11.23 -13.21
N LYS B 82 1.41 12.48 -13.70
CA LYS B 82 0.38 13.15 -14.47
C LYS B 82 0.06 12.34 -15.69
N PHE B 83 1.07 11.69 -16.30
CA PHE B 83 0.84 10.88 -17.47
C PHE B 83 -0.07 9.73 -17.12
N GLN B 84 0.08 9.16 -15.90
CA GLN B 84 -0.74 8.03 -15.51
C GLN B 84 -2.17 8.50 -15.35
N THR B 85 -2.38 9.69 -14.74
CA THR B 85 -3.73 10.19 -14.56
C THR B 85 -3.63 11.68 -14.40
N THR B 86 -4.69 12.41 -14.80
CA THR B 86 -4.67 13.84 -14.68
C THR B 86 -4.99 14.15 -13.25
N ILE B 87 -4.11 14.92 -12.57
CA ILE B 87 -4.33 15.24 -11.19
C ILE B 87 -4.61 16.72 -11.12
N VAL B 88 -5.81 17.09 -10.64
CA VAL B 88 -6.17 18.48 -10.52
C VAL B 88 -6.48 18.77 -9.09
N THR B 89 -6.66 17.72 -8.26
CA THR B 89 -6.98 17.93 -6.87
C THR B 89 -5.70 17.89 -6.07
N LEU B 90 -4.89 16.83 -6.27
CA LEU B 90 -3.64 16.67 -5.55
C LEU B 90 -3.96 16.24 -4.13
N ASN B 91 -4.61 17.12 -3.36
CA ASN B 91 -4.96 16.79 -1.99
C ASN B 91 -6.34 17.34 -1.75
N PRO B 92 -7.08 16.72 -0.85
CA PRO B 92 -8.43 17.16 -0.53
C PRO B 92 -8.46 18.58 -0.01
N PRO B 93 -9.43 19.37 -0.41
CA PRO B 93 -9.53 20.76 0.05
C PRO B 93 -9.71 20.87 1.53
N GLU B 94 -9.05 21.89 2.14
CA GLU B 94 -9.17 22.08 3.57
C GLU B 94 -10.49 22.72 3.85
N ASN B 95 -11.16 23.23 2.79
CA ASN B 95 -12.44 23.88 2.96
C ASN B 95 -13.51 22.93 2.50
N ILE B 96 -13.19 21.63 2.44
CA ILE B 96 -14.16 20.63 2.01
C ILE B 96 -15.28 20.59 3.02
N TRP B 97 -14.98 20.95 4.29
CA TRP B 97 -16.01 20.94 5.30
C TRP B 97 -15.80 22.18 6.11
N THR B 98 -16.89 22.89 6.43
CA THR B 98 -16.79 24.11 7.18
C THR B 98 -17.01 23.78 8.63
N GLU B 99 -16.27 24.48 9.53
CA GLU B 99 -16.40 24.25 10.94
C GLU B 99 -17.77 24.69 11.38
N GLU B 100 -18.22 25.85 10.84
CA GLU B 100 -19.52 26.36 11.20
C GLU B 100 -20.29 26.63 9.90
N PHE C . 8.93 1.34 0.43
CA PHE C . 9.14 0.75 1.79
C PHE C . 10.20 -0.35 1.88
O PHE C . 11.03 -0.29 2.83
CB PHE C . 7.82 0.13 2.28
CG PHE C . 6.69 1.11 2.40
CD1 PHE C . 5.75 1.19 1.40
CD2 PHE C . 6.57 1.92 3.50
CE1 PHE C . 4.71 2.09 1.50
CE2 PHE C . 5.54 2.81 3.60
CZ PHE C . 4.61 2.90 2.60
OXT PHE C . 10.19 -1.27 1.02
H1 PHE C . 8.12 1.99 0.46
H2 PHE C . 8.74 0.58 -0.25
H3 PHE C . 9.78 1.86 0.14
HA PHE C . 9.43 1.57 2.43
HB2 PHE C . 7.98 -0.31 3.29
HB3 PHE C . 7.49 -0.66 1.59
HD1 PHE C . 5.82 0.56 0.53
HD2 PHE C . 7.31 1.86 4.29
HE1 PHE C . 3.97 2.15 0.71
HE2 PHE C . 5.46 3.46 4.47
HZ PHE C . 3.79 3.60 2.67
N PHE D . -6.71 -3.28 -7.99
CA PHE D . -5.39 -2.73 -8.43
C PHE D . -4.17 -3.67 -8.35
O PHE D . -4.36 -4.86 -7.96
CB PHE D . -5.06 -1.47 -7.57
CG PHE D . -4.90 -1.75 -6.10
CD1 PHE D . -3.65 -1.99 -5.58
CD2 PHE D . -5.99 -1.76 -5.27
CE1 PHE D . -3.49 -2.25 -4.23
CE2 PHE D . -5.83 -2.01 -3.92
CZ PHE D . -4.58 -2.25 -3.41
OXT PHE D . -3.05 -3.21 -8.69
H1 PHE D . -7.39 -3.19 -8.78
H2 PHE D . -7.05 -2.74 -7.17
H3 PHE D . -6.60 -4.28 -7.73
HA PHE D . -5.52 -2.43 -9.46
HB2 PHE D . -5.89 -0.73 -7.67
HB3 PHE D . -4.12 -1.01 -7.92
HD1 PHE D . -2.79 -1.99 -6.22
HD2 PHE D . -6.98 -1.57 -5.67
HE1 PHE D . -2.51 -2.43 -3.82
HE2 PHE D . -6.69 -2.01 -3.28
HZ PHE D . -4.47 -2.44 -2.35
N GLY A 1 -30.19 -0.23 38.38
CA GLY A 1 -30.92 -1.36 38.99
C GLY A 1 -30.03 -2.58 39.08
N PRO A 2 -29.94 -3.28 37.98
CA PRO A 2 -29.10 -4.48 37.91
C PRO A 2 -27.63 -4.17 37.91
N GLY A 3 -27.27 -2.92 37.56
CA GLY A 3 -25.88 -2.54 37.54
C GLY A 3 -25.36 -2.82 36.17
N ASN A 4 -25.33 -4.11 35.79
CA ASN A 4 -24.84 -4.48 34.49
C ASN A 4 -26.04 -4.52 33.60
N LYS A 5 -26.15 -3.53 32.67
CA LYS A 5 -27.28 -3.48 31.77
C LYS A 5 -27.23 -4.64 30.83
N GLY A 6 -26.03 -5.21 30.60
CA GLY A 6 -25.90 -6.33 29.70
C GLY A 6 -24.70 -6.09 28.85
N SER A 7 -23.53 -6.60 29.32
CA SER A 7 -22.31 -6.43 28.57
C SER A 7 -22.41 -7.21 27.29
N SER A 8 -23.03 -8.41 27.34
CA SER A 8 -23.14 -9.24 26.16
C SER A 8 -24.36 -8.83 25.37
N LYS A 9 -24.39 -7.56 24.90
CA LYS A 9 -25.50 -7.10 24.10
C LYS A 9 -24.97 -6.72 22.76
N ARG A 10 -23.67 -7.03 22.50
CA ARG A 10 -23.08 -6.70 21.23
C ARG A 10 -22.76 -8.00 20.56
N GLU A 11 -23.21 -8.15 19.30
CA GLU A 11 -22.95 -9.37 18.58
C GLU A 11 -21.69 -9.16 17.78
N ALA A 12 -20.90 -10.24 17.64
CA ALA A 12 -19.67 -10.14 16.90
C ALA A 12 -19.44 -11.47 16.25
N ALA A 13 -18.69 -11.48 15.14
CA ALA A 13 -18.42 -12.70 14.44
C ALA A 13 -17.10 -12.53 13.77
N THR A 14 -16.46 -13.67 13.39
CA THR A 14 -15.17 -13.62 12.74
C THR A 14 -15.30 -14.38 11.46
N GLU A 15 -14.35 -14.13 10.52
CA GLU A 15 -14.37 -14.80 9.25
C GLU A 15 -13.02 -15.42 9.07
N SER A 16 -12.97 -16.54 8.32
CA SER A 16 -11.72 -17.21 8.10
C SER A 16 -11.74 -17.74 6.70
N GLY A 17 -10.66 -18.41 6.28
CA GLY A 17 -10.59 -18.94 4.94
C GLY A 17 -10.19 -17.83 4.02
N LYS A 18 -9.63 -16.74 4.59
CA LYS A 18 -9.22 -15.63 3.79
C LYS A 18 -7.78 -15.84 3.42
N THR A 19 -7.34 -15.19 2.34
CA THR A 19 -5.98 -15.34 1.90
C THR A 19 -5.29 -14.03 2.09
N ALA A 20 -4.44 -13.95 3.13
CA ALA A 20 -3.74 -12.73 3.41
C ALA A 20 -2.39 -13.14 3.93
N VAL A 21 -1.38 -12.27 3.72
CA VAL A 21 -0.06 -12.59 4.18
C VAL A 21 0.60 -11.32 4.60
N VAL A 22 1.46 -11.41 5.65
CA VAL A 22 2.17 -10.26 6.12
C VAL A 22 3.56 -10.42 5.57
N PHE A 23 3.99 -9.44 4.75
CA PHE A 23 5.28 -9.54 4.13
C PHE A 23 6.16 -8.48 4.75
N SER A 24 7.37 -8.90 5.20
CA SER A 24 8.28 -7.99 5.84
C SER A 24 9.39 -7.70 4.88
N LEU A 25 9.92 -6.47 4.92
CA LEU A 25 10.99 -6.13 4.03
C LEU A 25 11.80 -5.06 4.69
N LYS A 26 13.00 -4.79 4.11
CA LYS A 26 13.87 -3.78 4.61
C LYS A 26 13.23 -2.45 4.31
N ASN A 27 13.38 -1.48 5.23
CA ASN A 27 12.79 -0.18 5.03
C ASN A 27 13.64 0.55 4.02
N GLU A 28 13.37 0.29 2.72
CA GLU A 28 14.09 0.92 1.67
C GLU A 28 13.11 1.13 0.55
N VAL A 29 13.41 2.07 -0.35
CA VAL A 29 12.51 2.35 -1.44
C VAL A 29 12.67 1.28 -2.47
N GLY A 30 11.52 0.70 -2.93
CA GLY A 30 11.56 -0.34 -3.92
C GLY A 30 11.25 -1.65 -3.29
N GLY A 31 11.25 -1.72 -1.95
CA GLY A 31 10.94 -2.96 -1.28
C GLY A 31 9.50 -3.31 -1.51
N LEU A 32 8.63 -2.28 -1.48
CA LEU A 32 7.21 -2.50 -1.63
C LEU A 32 6.87 -2.89 -3.07
N VAL A 33 7.48 -2.22 -4.08
CA VAL A 33 7.12 -2.51 -5.46
C VAL A 33 7.60 -3.88 -5.87
N LYS A 34 8.78 -4.34 -5.39
CA LYS A 34 9.27 -5.63 -5.79
C LYS A 34 8.43 -6.71 -5.17
N ALA A 35 7.85 -6.44 -3.98
CA ALA A 35 7.01 -7.43 -3.35
C ALA A 35 5.70 -7.55 -4.09
N LEU A 36 5.12 -6.39 -4.46
CA LEU A 36 3.84 -6.37 -5.13
C LEU A 36 3.93 -6.82 -6.56
N ARG A 37 5.09 -6.62 -7.24
CA ARG A 37 5.20 -7.01 -8.63
C ARG A 37 5.02 -8.51 -8.75
N LEU A 38 5.36 -9.25 -7.67
CA LEU A 38 5.22 -10.70 -7.71
C LEU A 38 3.76 -11.05 -7.83
N PHE A 39 2.88 -10.23 -7.21
CA PHE A 39 1.45 -10.48 -7.28
C PHE A 39 1.01 -10.32 -8.70
N GLN A 40 1.60 -9.33 -9.42
CA GLN A 40 1.25 -9.08 -10.80
C GLN A 40 1.66 -10.25 -11.64
N GLU A 41 2.82 -10.85 -11.34
CA GLU A 41 3.33 -11.96 -12.12
C GLU A 41 2.37 -13.11 -12.06
N LYS A 42 1.77 -13.37 -10.88
CA LYS A 42 0.86 -14.48 -10.76
C LYS A 42 -0.55 -14.03 -11.03
N ARG A 43 -0.73 -12.74 -11.43
CA ARG A 43 -2.05 -12.22 -11.75
C ARG A 43 -2.94 -12.29 -10.54
N VAL A 44 -2.43 -11.84 -9.37
CA VAL A 44 -3.21 -11.86 -8.17
C VAL A 44 -3.68 -10.45 -7.94
N ASN A 45 -5.02 -10.27 -7.83
CA ASN A 45 -5.56 -8.95 -7.63
C ASN A 45 -5.70 -8.70 -6.16
N MET A 46 -4.89 -7.74 -5.63
CA MET A 46 -4.96 -7.42 -4.23
C MET A 46 -6.13 -6.48 -4.07
N VAL A 47 -6.83 -6.59 -2.91
CA VAL A 47 -7.99 -5.75 -2.68
C VAL A 47 -7.71 -4.78 -1.58
N HIS A 48 -6.65 -5.01 -0.77
CA HIS A 48 -6.36 -4.10 0.29
C HIS A 48 -4.89 -4.15 0.55
N ILE A 49 -4.30 -2.99 0.88
CA ILE A 49 -2.89 -2.93 1.15
C ILE A 49 -2.69 -1.90 2.23
N GLU A 50 -1.81 -2.20 3.20
CA GLU A 50 -1.55 -1.27 4.26
C GLU A 50 -0.14 -1.46 4.71
N SER A 51 0.60 -0.36 4.92
CA SER A 51 1.96 -0.45 5.37
C SER A 51 2.01 0.03 6.78
N ARG A 52 2.93 -0.53 7.58
CA ARG A 52 3.04 -0.14 8.96
C ARG A 52 4.46 0.27 9.21
N LYS A 53 4.67 1.12 10.23
CA LYS A 53 5.98 1.60 10.54
C LYS A 53 6.05 1.74 12.03
N SER A 54 7.28 1.93 12.57
CA SER A 54 7.44 2.07 13.99
C SER A 54 7.92 3.46 14.26
N ARG A 55 8.10 3.80 15.56
CA ARG A 55 8.57 5.11 15.92
C ARG A 55 10.03 5.21 15.60
N ARG A 56 10.51 6.46 15.41
CA ARG A 56 11.91 6.71 15.10
C ARG A 56 12.20 6.13 13.74
N ARG A 57 13.10 5.13 13.68
CA ARG A 57 13.44 4.53 12.42
C ARG A 57 13.56 3.05 12.66
N SER A 58 12.99 2.24 11.74
CA SER A 58 13.05 0.81 11.88
C SER A 58 13.76 0.29 10.66
N SER A 59 14.63 -0.72 10.86
CA SER A 59 15.37 -1.29 9.75
C SER A 59 14.42 -2.04 8.87
N GLU A 60 13.44 -2.75 9.47
CA GLU A 60 12.50 -3.51 8.68
C GLU A 60 11.11 -3.05 9.02
N VAL A 61 10.20 -3.14 8.03
CA VAL A 61 8.83 -2.75 8.25
C VAL A 61 7.96 -3.87 7.77
N GLU A 62 6.71 -3.91 8.26
CA GLU A 62 5.80 -4.95 7.87
C GLU A 62 4.75 -4.34 6.99
N ILE A 63 4.45 -5.01 5.87
CA ILE A 63 3.44 -4.52 4.96
C ILE A 63 2.40 -5.59 4.84
N PHE A 64 1.12 -5.22 5.07
CA PHE A 64 0.04 -6.18 5.05
C PHE A 64 -0.59 -6.13 3.68
N VAL A 65 -0.75 -7.31 3.04
CA VAL A 65 -1.35 -7.37 1.74
C VAL A 65 -2.50 -8.33 1.80
N ASP A 66 -3.70 -7.87 1.35
CA ASP A 66 -4.87 -8.72 1.36
C ASP A 66 -5.26 -8.92 -0.07
N CYS A 67 -5.46 -10.18 -0.49
CA CYS A 67 -5.81 -10.44 -1.86
C CYS A 67 -6.71 -11.64 -1.92
N GLU A 68 -7.40 -11.80 -3.06
CA GLU A 68 -8.28 -12.93 -3.22
C GLU A 68 -7.71 -13.76 -4.33
N CYS A 69 -7.53 -15.07 -4.08
CA CYS A 69 -6.99 -15.94 -5.08
C CYS A 69 -7.18 -17.33 -4.59
N GLY A 70 -6.88 -18.33 -5.46
CA GLY A 70 -7.02 -19.71 -5.05
C GLY A 70 -5.97 -20.00 -4.03
N LYS A 71 -6.24 -20.97 -3.13
CA LYS A 71 -5.29 -21.29 -2.09
C LYS A 71 -4.03 -21.84 -2.69
N THR A 72 -4.17 -22.68 -3.75
CA THR A 72 -3.00 -23.26 -4.37
C THR A 72 -2.14 -22.17 -4.98
N GLU A 73 -2.79 -21.23 -5.70
CA GLU A 73 -2.05 -20.15 -6.35
C GLU A 73 -1.46 -19.27 -5.29
N PHE A 74 -2.24 -19.03 -4.24
CA PHE A 74 -1.80 -18.19 -3.15
C PHE A 74 -0.59 -18.80 -2.50
N ASN A 75 -0.62 -20.12 -2.21
CA ASN A 75 0.49 -20.79 -1.57
C ASN A 75 1.72 -20.66 -2.42
N GLU A 76 1.57 -20.84 -3.75
CA GLU A 76 2.70 -20.75 -4.64
C GLU A 76 3.27 -19.34 -4.60
N LEU A 77 2.39 -18.33 -4.53
CA LEU A 77 2.84 -16.96 -4.51
C LEU A 77 3.60 -16.71 -3.23
N ILE A 78 3.06 -17.23 -2.12
CA ILE A 78 3.68 -17.04 -0.83
C ILE A 78 5.05 -17.65 -0.84
N GLN A 79 5.19 -18.85 -1.45
CA GLN A 79 6.48 -19.52 -1.48
C GLN A 79 7.47 -18.66 -2.20
N LEU A 80 7.04 -17.93 -3.26
CA LEU A 80 7.96 -17.09 -4.01
C LEU A 80 8.30 -15.89 -3.17
N LEU A 81 7.31 -15.36 -2.44
CA LEU A 81 7.54 -14.21 -1.60
C LEU A 81 8.49 -14.59 -0.48
N LYS A 82 8.38 -15.85 0.03
CA LYS A 82 9.22 -16.30 1.11
C LYS A 82 10.67 -16.31 0.67
N PHE A 83 10.92 -16.40 -0.65
CA PHE A 83 12.28 -16.40 -1.14
C PHE A 83 12.92 -15.07 -0.78
N GLN A 84 12.19 -13.95 -1.01
CA GLN A 84 12.72 -12.64 -0.73
C GLN A 84 12.91 -12.44 0.76
N THR A 85 11.96 -12.91 1.60
CA THR A 85 12.12 -12.71 3.02
C THR A 85 11.47 -13.86 3.72
N THR A 86 11.93 -14.17 4.96
CA THR A 86 11.35 -15.25 5.69
C THR A 86 10.08 -14.75 6.30
N ILE A 87 8.96 -15.40 5.97
CA ILE A 87 7.68 -14.98 6.49
C ILE A 87 7.28 -16.00 7.52
N VAL A 88 7.14 -15.56 8.80
CA VAL A 88 6.78 -16.48 9.85
C VAL A 88 5.41 -16.12 10.34
N THR A 89 4.88 -14.96 9.89
CA THR A 89 3.57 -14.55 10.32
C THR A 89 2.70 -14.52 9.11
N LEU A 90 1.62 -15.32 9.11
CA LEU A 90 0.74 -15.36 7.98
C LEU A 90 -0.61 -14.93 8.47
N ASN A 91 -0.83 -13.58 8.50
CA ASN A 91 -2.09 -13.03 8.95
C ASN A 91 -2.15 -13.14 10.47
N PRO A 92 -2.59 -12.09 11.12
CA PRO A 92 -2.70 -12.10 12.58
C PRO A 92 -3.82 -12.98 13.05
N PRO A 93 -3.77 -13.40 14.30
CA PRO A 93 -4.80 -14.27 14.86
C PRO A 93 -6.12 -13.59 15.03
N GLU A 94 -7.20 -14.41 15.04
CA GLU A 94 -8.55 -13.89 15.17
C GLU A 94 -8.81 -13.54 16.61
N ASN A 95 -7.80 -13.74 17.49
CA ASN A 95 -7.98 -13.46 18.89
C ASN A 95 -7.72 -11.98 19.12
N ILE A 96 -7.35 -11.24 18.04
CA ILE A 96 -7.09 -9.84 18.19
C ILE A 96 -8.23 -9.10 17.55
N TRP A 97 -8.90 -8.23 18.34
CA TRP A 97 -10.02 -7.47 17.82
C TRP A 97 -9.55 -6.05 17.69
N THR A 98 -9.95 -5.38 16.60
CA THR A 98 -9.56 -4.00 16.38
C THR A 98 -10.80 -3.22 16.09
N GLU A 99 -10.78 -1.92 16.42
CA GLU A 99 -11.93 -1.08 16.17
C GLU A 99 -11.45 0.04 15.30
N GLU A 100 -11.22 -0.26 14.01
CA GLU A 100 -10.77 0.76 13.09
C GLU A 100 -11.52 0.55 11.77
N GLY B 1 -10.78 44.74 -8.25
CA GLY B 1 -10.32 43.36 -7.94
C GLY B 1 -11.40 42.37 -8.26
N PRO B 2 -11.11 41.13 -7.94
CA PRO B 2 -12.04 40.03 -8.18
C PRO B 2 -13.35 40.20 -7.45
N GLY B 3 -14.45 39.78 -8.11
CA GLY B 3 -15.75 39.90 -7.50
C GLY B 3 -16.01 38.66 -6.73
N ASN B 4 -15.31 38.51 -5.58
CA ASN B 4 -15.49 37.33 -4.76
C ASN B 4 -16.71 37.55 -3.92
N LYS B 5 -17.50 36.48 -3.71
CA LYS B 5 -18.70 36.59 -2.91
C LYS B 5 -18.50 35.69 -1.73
N GLY B 6 -18.82 36.21 -0.52
CA GLY B 6 -18.67 35.42 0.66
C GLY B 6 -18.72 36.36 1.82
N SER B 7 -18.38 35.87 3.03
CA SER B 7 -18.39 36.70 4.20
C SER B 7 -17.18 37.60 4.16
N SER B 8 -16.19 37.27 3.30
CA SER B 8 -15.01 38.08 3.20
C SER B 8 -14.50 37.92 1.79
N LYS B 9 -13.94 39.02 1.23
CA LYS B 9 -13.42 38.97 -0.12
C LYS B 9 -12.16 38.14 -0.11
N ARG B 10 -11.53 37.99 1.07
CA ARG B 10 -10.31 37.22 1.16
C ARG B 10 -10.70 35.82 1.54
N GLU B 11 -10.48 34.86 0.62
CA GLU B 11 -10.83 33.48 0.88
C GLU B 11 -9.93 32.94 1.95
N ALA B 12 -8.63 33.32 1.91
CA ALA B 12 -7.68 32.84 2.89
C ALA B 12 -7.48 31.37 2.68
N ALA B 13 -7.27 30.97 1.41
CA ALA B 13 -7.08 29.58 1.10
C ALA B 13 -5.65 29.40 0.68
N THR B 14 -5.02 28.29 1.12
CA THR B 14 -3.66 28.03 0.77
C THR B 14 -3.49 26.53 0.78
N GLU B 15 -2.47 26.03 0.06
CA GLU B 15 -2.25 24.60 0.02
C GLU B 15 -0.77 24.37 -0.04
N SER B 16 -0.12 24.30 1.14
CA SER B 16 1.30 24.08 1.18
C SER B 16 1.61 23.55 2.54
N GLY B 17 2.61 22.65 2.64
CA GLY B 17 2.97 22.12 3.93
C GLY B 17 3.42 20.71 3.73
N LYS B 18 2.46 19.77 3.67
CA LYS B 18 2.81 18.38 3.49
C LYS B 18 2.80 18.09 2.03
N THR B 19 3.51 17.00 1.64
CA THR B 19 3.59 16.62 0.25
C THR B 19 2.87 15.32 0.11
N ALA B 20 1.65 15.36 -0.47
CA ALA B 20 0.89 14.17 -0.66
C ALA B 20 0.13 14.35 -1.94
N VAL B 21 -0.18 13.24 -2.63
CA VAL B 21 -0.88 13.33 -3.87
C VAL B 21 -1.80 12.15 -3.97
N VAL B 22 -2.97 12.36 -4.61
CA VAL B 22 -3.91 11.29 -4.79
C VAL B 22 -3.75 10.89 -6.22
N PHE B 23 -3.38 9.62 -6.45
CA PHE B 23 -3.15 9.16 -7.79
C PHE B 23 -4.24 8.19 -8.13
N SER B 24 -4.90 8.42 -9.30
CA SER B 24 -5.98 7.57 -9.72
C SER B 24 -5.49 6.71 -10.83
N LEU B 25 -6.00 5.46 -10.91
CA LEU B 25 -5.58 4.58 -11.94
C LEU B 25 -6.69 3.61 -12.21
N LYS B 26 -6.55 2.85 -13.31
CA LYS B 26 -7.52 1.88 -13.69
C LYS B 26 -7.39 0.75 -12.71
N ASN B 27 -8.55 0.15 -12.35
CA ASN B 27 -8.54 -0.95 -11.40
C ASN B 27 -8.04 -2.17 -12.12
N GLU B 28 -6.70 -2.32 -12.16
CA GLU B 28 -6.10 -3.43 -12.82
C GLU B 28 -4.84 -3.74 -12.07
N VAL B 29 -4.37 -5.00 -12.17
CA VAL B 29 -3.17 -5.38 -11.45
C VAL B 29 -1.99 -4.80 -12.16
N GLY B 30 -1.09 -4.13 -11.39
CA GLY B 30 0.09 -3.54 -11.97
C GLY B 30 -0.06 -2.05 -12.00
N GLY B 31 -1.29 -1.53 -11.80
CA GLY B 31 -1.50 -0.10 -11.82
C GLY B 31 -0.79 0.51 -10.64
N LEU B 32 -0.85 -0.16 -9.48
CA LEU B 32 -0.24 0.35 -8.28
C LEU B 32 1.28 0.30 -8.35
N VAL B 33 1.86 -0.80 -8.87
CA VAL B 33 3.31 -0.90 -8.89
C VAL B 33 3.93 0.05 -9.87
N LYS B 34 3.27 0.32 -11.03
CA LYS B 34 3.85 1.21 -11.99
C LYS B 34 3.81 2.63 -11.45
N ALA B 35 2.80 2.94 -10.61
CA ALA B 35 2.72 4.28 -10.07
C ALA B 35 3.80 4.46 -9.02
N LEU B 36 3.99 3.44 -8.16
CA LEU B 36 4.95 3.52 -7.08
C LEU B 36 6.37 3.41 -7.58
N ARG B 37 6.62 2.70 -8.70
CA ARG B 37 7.98 2.55 -9.19
C ARG B 37 8.53 3.90 -9.56
N LEU B 38 7.64 4.86 -9.92
CA LEU B 38 8.10 6.18 -10.29
C LEU B 38 8.70 6.85 -9.09
N PHE B 39 8.18 6.54 -7.89
CA PHE B 39 8.70 7.13 -6.67
C PHE B 39 10.10 6.62 -6.47
N GLN B 40 10.33 5.33 -6.80
CA GLN B 40 11.63 4.72 -6.65
C GLN B 40 12.62 5.39 -7.59
N GLU B 41 12.17 5.74 -8.81
CA GLU B 41 13.04 6.34 -9.79
C GLU B 41 13.56 7.65 -9.28
N LYS B 42 12.71 8.44 -8.60
CA LYS B 42 13.14 9.73 -8.10
C LYS B 42 13.68 9.59 -6.70
N ARG B 43 13.74 8.33 -6.17
CA ARG B 43 14.27 8.09 -4.84
C ARG B 43 13.42 8.81 -3.82
N VAL B 44 12.08 8.66 -3.92
CA VAL B 44 11.20 9.29 -2.97
C VAL B 44 10.75 8.22 -2.03
N ASN B 45 10.96 8.42 -0.72
CA ASN B 45 10.58 7.44 0.26
C ASN B 45 9.21 7.76 0.74
N MET B 46 8.23 6.87 0.41
CA MET B 46 6.88 7.08 0.86
C MET B 46 6.80 6.59 2.26
N VAL B 47 5.96 7.25 3.10
CA VAL B 47 5.86 6.87 4.49
C VAL B 47 4.50 6.29 4.76
N HIS B 48 3.52 6.51 3.85
CA HIS B 48 2.21 5.98 4.10
C HIS B 48 1.58 5.75 2.76
N ILE B 49 0.80 4.65 2.67
CA ILE B 49 0.13 4.32 1.44
C ILE B 49 -1.19 3.71 1.80
N GLU B 50 -2.25 4.07 1.05
CA GLU B 50 -3.56 3.52 1.34
C GLU B 50 -4.31 3.47 0.04
N SER B 51 -5.01 2.35 -0.22
CA SER B 51 -5.77 2.23 -1.43
C SER B 51 -7.22 2.27 -1.05
N ARG B 52 -8.07 2.81 -1.94
CA ARG B 52 -9.47 2.90 -1.66
C ARG B 52 -10.21 2.24 -2.78
N LYS B 53 -11.43 1.76 -2.49
CA LYS B 53 -12.22 1.09 -3.49
C LYS B 53 -13.65 1.46 -3.23
N SER B 54 -14.54 1.16 -4.21
CA SER B 54 -15.93 1.47 -4.04
C SER B 54 -16.69 0.18 -3.99
N ARG B 55 -18.02 0.26 -3.80
CA ARG B 55 -18.83 -0.92 -3.71
C ARG B 55 -18.97 -1.50 -5.09
N ARG B 56 -19.27 -2.83 -5.15
CA ARG B 56 -19.44 -3.52 -6.41
C ARG B 56 -18.11 -3.53 -7.13
N ARG B 57 -18.04 -2.88 -8.30
CA ARG B 57 -16.82 -2.85 -9.05
C ARG B 57 -16.68 -1.47 -9.61
N SER B 58 -15.45 -0.90 -9.53
CA SER B 58 -15.23 0.42 -10.04
C SER B 58 -14.16 0.30 -11.09
N SER B 59 -14.32 1.05 -12.21
CA SER B 59 -13.36 0.99 -13.29
C SER B 59 -12.07 1.62 -12.83
N GLU B 60 -12.16 2.71 -12.03
CA GLU B 60 -10.96 3.37 -11.57
C GLU B 60 -11.01 3.44 -10.08
N VAL B 61 -9.82 3.44 -9.45
CA VAL B 61 -9.74 3.52 -8.01
C VAL B 61 -8.76 4.60 -7.67
N GLU B 62 -8.84 5.12 -6.43
CA GLU B 62 -7.95 6.18 -6.01
C GLU B 62 -7.01 5.61 -5.00
N ILE B 63 -5.71 5.90 -5.16
CA ILE B 63 -4.72 5.42 -4.24
C ILE B 63 -4.04 6.62 -3.65
N PHE B 64 -3.99 6.69 -2.30
CA PHE B 64 -3.41 7.82 -1.62
C PHE B 64 -1.99 7.47 -1.28
N VAL B 65 -1.04 8.38 -1.65
CA VAL B 65 0.34 8.13 -1.36
C VAL B 65 0.87 9.32 -0.61
N ASP B 66 1.49 9.06 0.57
CA ASP B 66 2.04 10.14 1.37
C ASP B 66 3.52 9.93 1.39
N CYS B 67 4.30 10.99 1.07
CA CYS B 67 5.74 10.84 1.05
C CYS B 67 6.35 12.14 1.48
N GLU B 68 7.64 12.08 1.86
CA GLU B 68 8.35 13.27 2.27
C GLU B 68 9.43 13.50 1.25
N CYS B 69 9.49 14.72 0.69
CA CYS B 69 10.50 15.01 -0.29
C CYS B 69 10.46 16.50 -0.50
N GLY B 70 11.45 17.03 -1.26
CA GLY B 70 11.49 18.45 -1.53
C GLY B 70 10.33 18.78 -2.41
N LYS B 71 9.82 20.03 -2.31
CA LYS B 71 8.67 20.43 -3.10
C LYS B 71 9.03 20.39 -4.56
N THR B 72 10.26 20.81 -4.92
CA THR B 72 10.66 20.82 -6.31
C THR B 72 10.70 19.41 -6.84
N GLU B 73 11.30 18.49 -6.06
CA GLU B 73 11.40 17.11 -6.50
C GLU B 73 10.02 16.51 -6.56
N PHE B 74 9.21 16.86 -5.55
CA PHE B 74 7.85 16.36 -5.48
C PHE B 74 7.08 16.80 -6.69
N ASN B 75 7.17 18.10 -7.05
CA ASN B 75 6.45 18.64 -8.17
C ASN B 75 6.86 17.90 -9.43
N GLU B 76 8.17 17.67 -9.59
CA GLU B 76 8.65 16.98 -10.78
C GLU B 76 8.09 15.58 -10.82
N LEU B 77 7.99 14.91 -9.65
CA LEU B 77 7.47 13.56 -9.61
C LEU B 77 6.03 13.57 -9.98
N ILE B 78 5.29 14.57 -9.46
CA ILE B 78 3.87 14.67 -9.74
C ILE B 78 3.66 14.86 -11.22
N GLN B 79 4.50 15.70 -11.85
CA GLN B 79 4.35 15.96 -13.27
C GLN B 79 4.51 14.67 -14.03
N LEU B 80 5.40 13.77 -13.58
CA LEU B 80 5.62 12.53 -14.29
C LEU B 80 4.44 11.63 -14.06
N LEU B 81 3.90 11.65 -12.82
CA LEU B 81 2.75 10.84 -12.49
C LEU B 81 1.57 11.32 -13.30
N LYS B 82 1.46 12.66 -13.51
CA LYS B 82 0.34 13.21 -14.26
C LYS B 82 0.35 12.70 -15.67
N PHE B 83 1.51 12.26 -16.18
CA PHE B 83 1.58 11.73 -17.52
C PHE B 83 0.71 10.50 -17.60
N GLN B 84 0.83 9.60 -16.59
CA GLN B 84 0.08 8.36 -16.59
C GLN B 84 -1.40 8.63 -16.42
N THR B 85 -1.79 9.60 -15.55
CA THR B 85 -3.20 9.87 -15.36
C THR B 85 -3.35 11.32 -15.04
N THR B 86 -4.53 11.89 -15.32
CA THR B 86 -4.75 13.28 -15.02
C THR B 86 -5.09 13.36 -13.57
N ILE B 87 -4.31 14.14 -12.81
CA ILE B 87 -4.54 14.27 -11.39
C ILE B 87 -5.09 15.65 -11.19
N VAL B 88 -6.34 15.73 -10.68
CA VAL B 88 -6.97 17.02 -10.45
C VAL B 88 -7.16 17.20 -8.98
N THR B 89 -6.86 16.16 -8.18
CA THR B 89 -7.02 16.24 -6.75
C THR B 89 -5.66 16.06 -6.15
N LEU B 90 -5.21 17.04 -5.35
CA LEU B 90 -3.91 16.95 -4.74
C LEU B 90 -4.07 17.14 -3.26
N ASN B 91 -4.26 16.02 -2.52
CA ASN B 91 -4.41 16.07 -1.08
C ASN B 91 -5.51 17.04 -0.70
N PRO B 92 -6.74 16.59 -0.83
CA PRO B 92 -7.89 17.42 -0.52
C PRO B 92 -8.12 17.56 0.96
N PRO B 93 -8.71 18.64 1.40
CA PRO B 93 -8.97 18.85 2.81
C PRO B 93 -10.23 18.17 3.27
N GLU B 94 -10.24 16.84 3.15
CA GLU B 94 -11.39 16.06 3.53
C GLU B 94 -11.46 15.99 5.03
N ASN B 95 -10.37 16.39 5.73
CA ASN B 95 -10.36 16.37 7.17
C ASN B 95 -11.37 17.35 7.69
N ILE B 96 -11.46 18.54 7.02
CA ILE B 96 -12.40 19.57 7.44
C ILE B 96 -12.04 20.00 8.85
N TRP B 97 -11.07 20.92 8.96
CA TRP B 97 -10.66 21.38 10.27
C TRP B 97 -11.60 22.46 10.69
N THR B 98 -12.12 22.36 11.93
CA THR B 98 -13.04 23.36 12.43
C THR B 98 -12.28 24.60 12.75
N GLU B 99 -10.97 24.43 13.05
CA GLU B 99 -10.11 25.55 13.39
C GLU B 99 -10.63 26.19 14.65
N GLU B 100 -11.15 25.35 15.58
CA GLU B 100 -11.68 25.84 16.84
C GLU B 100 -12.71 26.95 16.56
N PHE C . 9.60 2.57 2.84
CA PHE C . 9.37 1.39 1.96
C PHE C . 9.14 1.64 0.46
O PHE C . 9.03 2.84 0.06
CB PHE C . 8.15 0.59 2.50
CG PHE C . 6.89 1.39 2.59
CD1 PHE C . 6.02 1.46 1.53
CD2 PHE C . 6.58 2.08 3.76
CE1 PHE C . 4.85 2.19 1.62
CE2 PHE C . 5.41 2.81 3.84
CZ PHE C . 4.56 2.87 2.78
OXT PHE C . 9.05 0.64 -0.30
H1 PHE C . 10.26 3.24 2.38
H2 PHE C . 10.00 2.26 3.75
H3 PHE C . 8.69 3.06 3.01
HA PHE C . 10.26 0.78 2.05
HB2 PHE C . 8.38 0.21 3.52
HB3 PHE C . 7.94 -0.27 1.84
HD1 PHE C . 6.25 0.93 0.61
HD2 PHE C . 7.25 2.04 4.59
HE1 PHE C . 4.18 2.23 0.78
HE2 PHE C . 5.19 3.34 4.75
HZ PHE C . 3.65 3.44 2.85
N PHE D . -5.18 -1.06 -9.60
CA PHE D . -4.77 -1.69 -8.32
C PHE D . -5.28 -3.12 -8.08
O PHE D . -4.41 -4.04 -7.93
CB PHE D . -5.26 -0.79 -7.16
CG PHE D . -5.18 -1.41 -5.80
CD1 PHE D . -3.96 -1.54 -5.16
CD2 PHE D . -6.32 -1.84 -5.16
CE1 PHE D . -3.90 -2.10 -3.91
CE2 PHE D . -6.25 -2.40 -3.92
CZ PHE D . -5.04 -2.53 -3.28
OXT PHE D . -6.52 -3.32 -8.05
H1 PHE D . -6.21 -1.03 -9.65
H2 PHE D . -4.81 -1.62 -10.40
H3 PHE D . -4.80 -0.09 -9.65
HA PHE D . -3.69 -1.72 -8.34
HB2 PHE D . -6.32 -0.52 -7.33
HB3 PHE D . -4.65 0.13 -7.13
HD1 PHE D . -3.06 -1.21 -5.65
HD2 PHE D . -7.28 -1.74 -5.66
HE1 PHE D . -2.94 -2.20 -3.41
HE2 PHE D . -7.16 -2.73 -3.43
HZ PHE D . -4.99 -2.96 -2.30
N GLY A 1 5.48 -22.95 -37.93
CA GLY A 1 5.42 -24.12 -38.86
C GLY A 1 4.75 -25.29 -38.18
N PRO A 2 5.44 -25.85 -37.20
CA PRO A 2 4.92 -26.98 -36.46
C PRO A 2 3.62 -26.68 -35.76
N GLY A 3 2.69 -27.65 -35.77
CA GLY A 3 1.41 -27.45 -35.13
C GLY A 3 1.49 -28.01 -33.75
N ASN A 4 2.31 -27.38 -32.88
CA ASN A 4 2.45 -27.84 -31.52
C ASN A 4 1.12 -27.70 -30.82
N LYS A 5 0.42 -26.58 -31.10
CA LYS A 5 -0.87 -26.32 -30.49
C LYS A 5 -0.68 -26.21 -28.99
N GLY A 6 -1.34 -27.10 -28.22
CA GLY A 6 -1.22 -27.06 -26.78
C GLY A 6 -2.25 -26.11 -26.26
N SER A 7 -2.24 -25.86 -24.94
CA SER A 7 -3.19 -24.96 -24.35
C SER A 7 -2.59 -24.45 -23.07
N SER A 8 -3.14 -23.34 -22.56
CA SER A 8 -2.63 -22.76 -21.33
C SER A 8 -3.71 -22.89 -20.29
N LYS A 9 -4.63 -23.87 -20.47
CA LYS A 9 -5.70 -24.04 -19.52
C LYS A 9 -5.20 -24.94 -18.42
N ARG A 10 -4.23 -24.44 -17.63
CA ARG A 10 -3.68 -25.22 -16.54
C ARG A 10 -4.76 -25.44 -15.52
N GLU A 11 -5.55 -24.39 -15.24
CA GLU A 11 -6.60 -24.49 -14.27
C GLU A 11 -7.67 -23.52 -14.66
N ALA A 12 -8.88 -23.68 -14.09
CA ALA A 12 -9.97 -22.80 -14.40
C ALA A 12 -10.82 -22.71 -13.18
N ALA A 13 -11.62 -21.61 -13.09
CA ALA A 13 -12.49 -21.38 -11.97
C ALA A 13 -11.68 -20.72 -10.88
N THR A 14 -12.38 -20.06 -9.94
CA THR A 14 -11.71 -19.39 -8.86
C THR A 14 -12.38 -19.78 -7.58
N GLU A 15 -11.68 -19.57 -6.45
CA GLU A 15 -12.24 -19.90 -5.16
C GLU A 15 -12.63 -18.61 -4.50
N SER A 16 -13.74 -18.63 -3.75
CA SER A 16 -14.19 -17.43 -3.08
C SER A 16 -13.68 -17.49 -1.68
N GLY A 17 -12.97 -16.43 -1.25
CA GLY A 17 -12.44 -16.39 0.08
C GLY A 17 -11.47 -15.26 0.14
N LYS A 18 -10.73 -15.14 1.26
CA LYS A 18 -9.78 -14.08 1.40
C LYS A 18 -8.49 -14.72 1.83
N THR A 19 -7.36 -14.08 1.46
CA THR A 19 -6.08 -14.59 1.82
C THR A 19 -5.28 -13.40 2.22
N ALA A 20 -4.37 -13.59 3.18
CA ALA A 20 -3.56 -12.48 3.63
C ALA A 20 -2.26 -13.05 4.08
N VAL A 21 -1.18 -12.25 3.97
CA VAL A 21 0.11 -12.72 4.38
C VAL A 21 0.84 -11.54 4.94
N VAL A 22 1.62 -11.79 6.02
CA VAL A 22 2.38 -10.75 6.65
C VAL A 22 3.82 -11.09 6.39
N PHE A 23 4.59 -10.10 5.90
CA PHE A 23 5.96 -10.35 5.59
C PHE A 23 6.75 -9.11 5.88
N SER A 24 8.07 -9.25 6.02
CA SER A 24 8.92 -8.13 6.35
C SER A 24 9.83 -7.86 5.20
N LEU A 25 10.23 -6.58 5.06
CA LEU A 25 11.13 -6.21 3.99
C LEU A 25 11.98 -5.10 4.52
N LYS A 26 13.04 -4.74 3.77
CA LYS A 26 13.95 -3.70 4.19
C LYS A 26 13.24 -2.39 4.10
N ASN A 27 13.59 -1.45 5.02
CA ASN A 27 12.98 -0.15 5.01
C ASN A 27 13.70 0.67 3.97
N GLU A 28 13.67 0.20 2.71
CA GLU A 28 14.30 0.92 1.64
C GLU A 28 13.24 1.13 0.60
N VAL A 29 13.42 2.14 -0.26
CA VAL A 29 12.45 2.42 -1.27
C VAL A 29 12.54 1.38 -2.34
N GLY A 30 11.37 1.00 -2.89
CA GLY A 30 11.35 0.01 -3.94
C GLY A 30 11.19 -1.36 -3.35
N GLY A 31 11.25 -1.49 -2.01
CA GLY A 31 11.11 -2.80 -1.40
C GLY A 31 9.68 -3.26 -1.55
N LEU A 32 8.73 -2.31 -1.39
CA LEU A 32 7.33 -2.64 -1.44
C LEU A 32 6.90 -3.01 -2.85
N VAL A 33 7.43 -2.33 -3.90
CA VAL A 33 6.99 -2.62 -5.25
C VAL A 33 7.38 -4.03 -5.65
N LYS A 34 8.51 -4.55 -5.13
CA LYS A 34 8.92 -5.89 -5.50
C LYS A 34 7.96 -6.87 -4.91
N ALA A 35 7.41 -6.53 -3.75
CA ALA A 35 6.48 -7.42 -3.11
C ALA A 35 5.19 -7.44 -3.90
N LEU A 36 4.76 -6.26 -4.37
CA LEU A 36 3.53 -6.15 -5.12
C LEU A 36 3.67 -6.74 -6.50
N ARG A 37 4.84 -6.57 -7.15
CA ARG A 37 5.02 -7.08 -8.50
C ARG A 37 4.85 -8.59 -8.48
N LEU A 38 5.13 -9.22 -7.31
CA LEU A 38 4.99 -10.66 -7.21
C LEU A 38 3.54 -11.02 -7.46
N PHE A 39 2.61 -10.20 -6.91
CA PHE A 39 1.20 -10.46 -7.07
C PHE A 39 0.82 -10.22 -8.50
N GLN A 40 1.46 -9.22 -9.14
CA GLN A 40 1.16 -8.90 -10.53
C GLN A 40 1.51 -10.06 -11.42
N GLU A 41 2.65 -10.73 -11.14
CA GLU A 41 3.11 -11.84 -11.96
C GLU A 41 2.10 -12.95 -11.94
N LYS A 42 1.50 -13.22 -10.75
CA LYS A 42 0.55 -14.30 -10.65
C LYS A 42 -0.84 -13.80 -11.00
N ARG A 43 -0.97 -12.48 -11.30
CA ARG A 43 -2.25 -11.93 -11.68
C ARG A 43 -3.18 -12.00 -10.49
N VAL A 44 -2.72 -11.46 -9.33
CA VAL A 44 -3.53 -11.47 -8.14
C VAL A 44 -3.93 -10.05 -7.85
N ASN A 45 -5.25 -9.81 -7.71
CA ASN A 45 -5.72 -8.47 -7.44
C ASN A 45 -5.62 -8.23 -5.96
N MET A 46 -5.20 -7.00 -5.58
CA MET A 46 -5.09 -6.65 -4.19
C MET A 46 -6.37 -5.95 -3.83
N VAL A 47 -6.92 -6.23 -2.61
CA VAL A 47 -8.16 -5.60 -2.21
C VAL A 47 -7.87 -4.61 -1.12
N HIS A 48 -6.74 -4.76 -0.41
CA HIS A 48 -6.43 -3.82 0.64
C HIS A 48 -4.94 -3.83 0.82
N ILE A 49 -4.36 -2.65 1.09
CA ILE A 49 -2.95 -2.55 1.27
C ILE A 49 -2.69 -1.48 2.29
N GLU A 50 -1.73 -1.72 3.20
CA GLU A 50 -1.42 -0.73 4.20
C GLU A 50 -0.03 -1.03 4.69
N SER A 51 0.68 0.01 5.13
CA SER A 51 2.03 -0.17 5.63
C SER A 51 2.12 0.55 6.94
N ARG A 52 2.79 -0.08 7.92
CA ARG A 52 2.94 0.52 9.22
C ARG A 52 4.33 0.18 9.69
N LYS A 53 5.06 1.19 10.21
CA LYS A 53 6.41 0.94 10.68
C LYS A 53 6.32 0.25 12.00
N SER A 54 7.19 -0.76 12.19
CA SER A 54 7.20 -1.51 13.44
C SER A 54 7.72 -0.63 14.52
N ARG A 55 8.76 0.17 14.21
CA ARG A 55 9.35 1.03 15.19
C ARG A 55 10.03 2.15 14.44
N ARG A 56 10.12 3.34 15.07
CA ARG A 56 10.74 4.47 14.43
C ARG A 56 12.20 4.15 14.30
N ARG A 57 12.75 4.33 13.07
CA ARG A 57 14.16 4.05 12.82
C ARG A 57 14.36 2.56 12.92
N SER A 58 13.84 1.82 11.92
CA SER A 58 13.97 0.38 11.93
C SER A 58 14.53 -0.01 10.59
N SER A 59 15.41 -1.04 10.60
CA SER A 59 16.03 -1.50 9.37
C SER A 59 14.99 -2.17 8.52
N GLU A 60 14.06 -2.93 9.15
CA GLU A 60 13.04 -3.62 8.40
C GLU A 60 11.70 -3.18 8.89
N VAL A 61 10.69 -3.26 8.01
CA VAL A 61 9.34 -2.87 8.37
C VAL A 61 8.42 -3.97 7.92
N GLU A 62 7.21 -4.01 8.50
CA GLU A 62 6.25 -5.03 8.14
C GLU A 62 5.17 -4.37 7.34
N ILE A 63 4.76 -5.03 6.22
CA ILE A 63 3.74 -4.49 5.38
C ILE A 63 2.67 -5.55 5.26
N PHE A 64 1.40 -5.15 5.48
CA PHE A 64 0.31 -6.09 5.42
C PHE A 64 -0.31 -6.02 4.05
N VAL A 65 -0.57 -7.20 3.45
CA VAL A 65 -1.16 -7.24 2.13
C VAL A 65 -2.35 -8.16 2.20
N ASP A 66 -3.53 -7.68 1.71
CA ASP A 66 -4.73 -8.49 1.73
C ASP A 66 -5.15 -8.65 0.29
N CYS A 67 -5.20 -9.90 -0.20
CA CYS A 67 -5.57 -10.15 -1.57
C CYS A 67 -6.55 -11.27 -1.62
N GLU A 68 -7.29 -11.38 -2.75
CA GLU A 68 -8.25 -12.44 -2.91
C GLU A 68 -7.74 -13.29 -4.05
N CYS A 69 -7.59 -14.59 -3.81
CA CYS A 69 -7.09 -15.48 -4.84
C CYS A 69 -7.29 -16.88 -4.34
N GLY A 70 -7.01 -17.88 -5.20
CA GLY A 70 -7.16 -19.25 -4.79
C GLY A 70 -6.11 -19.52 -3.75
N LYS A 71 -6.45 -20.36 -2.76
CA LYS A 71 -5.52 -20.66 -1.69
C LYS A 71 -4.30 -21.35 -2.24
N THR A 72 -4.50 -22.30 -3.18
CA THR A 72 -3.38 -23.03 -3.75
C THR A 72 -2.49 -22.06 -4.49
N GLU A 73 -3.09 -21.16 -5.29
CA GLU A 73 -2.32 -20.21 -6.07
C GLU A 73 -1.62 -19.28 -5.14
N PHE A 74 -2.34 -18.87 -4.08
CA PHE A 74 -1.80 -17.95 -3.10
C PHE A 74 -0.62 -18.59 -2.42
N ASN A 75 -0.73 -19.88 -2.03
CA ASN A 75 0.35 -20.55 -1.34
C ASN A 75 1.57 -20.56 -2.21
N GLU A 76 1.40 -20.81 -3.52
CA GLU A 76 2.53 -20.83 -4.43
C GLU A 76 3.13 -19.45 -4.50
N LEU A 77 2.29 -18.40 -4.45
CA LEU A 77 2.76 -17.04 -4.52
C LEU A 77 3.61 -16.76 -3.30
N ILE A 78 3.13 -17.24 -2.13
CA ILE A 78 3.84 -17.04 -0.90
C ILE A 78 5.20 -17.67 -0.98
N GLN A 79 5.28 -18.85 -1.64
CA GLN A 79 6.54 -19.54 -1.76
C GLN A 79 7.52 -18.65 -2.50
N LEU A 80 7.03 -17.89 -3.50
CA LEU A 80 7.91 -17.02 -4.27
C LEU A 80 8.30 -15.85 -3.41
N LEU A 81 7.33 -15.35 -2.61
CA LEU A 81 7.58 -14.22 -1.73
C LEU A 81 8.58 -14.62 -0.67
N LYS A 82 8.62 -15.93 -0.33
CA LYS A 82 9.54 -16.43 0.68
C LYS A 82 10.96 -16.13 0.26
N PHE A 83 11.22 -16.19 -1.06
CA PHE A 83 12.55 -15.92 -1.57
C PHE A 83 12.91 -14.49 -1.20
N GLN A 84 11.96 -13.54 -1.38
CA GLN A 84 12.23 -12.15 -1.09
C GLN A 84 12.51 -11.97 0.38
N THR A 85 11.74 -12.64 1.27
CA THR A 85 11.98 -12.49 2.68
C THR A 85 11.53 -13.74 3.37
N THR A 86 12.18 -14.08 4.50
CA THR A 86 11.83 -15.28 5.22
C THR A 86 10.54 -15.00 5.95
N ILE A 87 9.55 -15.91 5.76
CA ILE A 87 8.27 -15.74 6.40
C ILE A 87 8.10 -16.92 7.32
N VAL A 88 7.86 -16.66 8.62
CA VAL A 88 7.70 -17.73 9.57
C VAL A 88 6.23 -17.87 9.89
N THR A 89 5.42 -16.83 9.60
CA THR A 89 4.03 -16.90 9.88
C THR A 89 3.35 -15.96 8.93
N LEU A 90 2.07 -16.23 8.59
CA LEU A 90 1.37 -15.38 7.66
C LEU A 90 0.01 -15.11 8.21
N ASN A 91 -0.06 -14.11 9.11
CA ASN A 91 -1.32 -13.71 9.72
C ASN A 91 -1.88 -14.86 10.51
N PRO A 92 -1.29 -15.12 11.66
CA PRO A 92 -1.73 -16.19 12.52
C PRO A 92 -3.03 -15.87 13.22
N PRO A 93 -3.81 -16.86 13.56
CA PRO A 93 -5.08 -16.65 14.24
C PRO A 93 -4.91 -16.16 15.65
N GLU A 94 -5.76 -15.18 16.04
CA GLU A 94 -5.69 -14.62 17.36
C GLU A 94 -6.17 -15.62 18.38
N ASN A 95 -7.20 -16.42 18.03
CA ASN A 95 -7.74 -17.38 18.98
C ASN A 95 -6.99 -18.68 18.87
N ILE A 96 -5.96 -18.73 17.98
CA ILE A 96 -5.18 -19.94 17.81
C ILE A 96 -6.10 -21.03 17.30
N TRP A 97 -6.58 -20.88 16.05
CA TRP A 97 -7.46 -21.86 15.47
C TRP A 97 -6.61 -22.95 14.91
N THR A 98 -7.04 -24.22 15.08
CA THR A 98 -6.28 -25.34 14.57
C THR A 98 -7.23 -26.19 13.78
N GLU A 99 -6.68 -27.02 12.87
CA GLU A 99 -7.50 -27.88 12.06
C GLU A 99 -8.18 -28.89 12.94
N GLU A 100 -7.45 -29.41 13.96
CA GLU A 100 -8.01 -30.39 14.86
C GLU A 100 -8.57 -31.57 14.02
N GLY B 1 22.31 30.87 18.68
CA GLY B 1 21.25 31.86 18.33
C GLY B 1 21.70 33.24 18.66
N PRO B 2 22.53 33.79 17.79
CA PRO B 2 23.06 35.14 17.96
C PRO B 2 22.03 36.20 17.71
N GLY B 3 22.21 37.37 18.34
CA GLY B 3 21.28 38.46 18.16
C GLY B 3 20.40 38.51 19.36
N ASN B 4 19.75 39.67 19.60
CA ASN B 4 18.88 39.81 20.74
C ASN B 4 17.49 39.49 20.29
N LYS B 5 16.96 38.32 20.71
CA LYS B 5 15.62 37.93 20.33
C LYS B 5 14.66 38.91 20.95
N GLY B 6 14.94 39.34 22.21
CA GLY B 6 14.07 40.27 22.88
C GLY B 6 13.05 39.50 23.63
N SER B 7 12.22 38.72 22.91
CA SER B 7 11.20 37.93 23.56
C SER B 7 11.32 36.54 23.04
N SER B 8 10.97 35.54 23.87
CA SER B 8 11.07 34.16 23.45
C SER B 8 9.65 33.70 23.20
N LYS B 9 9.39 33.22 21.97
CA LYS B 9 8.09 32.75 21.62
C LYS B 9 8.26 31.42 20.96
N ARG B 10 7.24 30.55 21.08
CA ARG B 10 7.32 29.23 20.48
C ARG B 10 7.17 29.39 18.99
N GLU B 11 7.80 28.47 18.23
CA GLU B 11 7.71 28.54 16.80
C GLU B 11 7.73 27.11 16.31
N ALA B 12 6.90 26.82 15.29
CA ALA B 12 6.83 25.48 14.75
C ALA B 12 8.12 25.23 14.00
N ALA B 13 8.67 24.01 14.15
CA ALA B 13 9.90 23.65 13.48
C ALA B 13 9.67 23.65 11.99
N THR B 14 8.50 23.14 11.56
CA THR B 14 8.20 23.12 10.14
C THR B 14 6.72 23.20 10.00
N GLU B 15 6.26 23.72 8.85
CA GLU B 15 4.84 23.86 8.60
C GLU B 15 4.24 22.48 8.50
N SER B 16 4.93 21.55 7.81
CA SER B 16 4.42 20.21 7.68
C SER B 16 5.56 19.33 7.27
N GLY B 17 6.15 19.56 6.08
CA GLY B 17 7.24 18.75 5.62
C GLY B 17 6.70 17.49 5.06
N LYS B 18 5.40 17.50 4.68
CA LYS B 18 4.78 16.32 4.14
C LYS B 18 4.20 16.70 2.81
N THR B 19 4.08 15.70 1.91
CA THR B 19 3.53 15.94 0.61
C THR B 19 2.63 14.78 0.34
N ALA B 20 1.56 15.02 -0.41
CA ALA B 20 0.64 13.96 -0.70
C ALA B 20 0.00 14.29 -2.01
N VAL B 21 -0.42 13.25 -2.76
CA VAL B 21 -1.04 13.48 -4.04
C VAL B 21 -2.09 12.43 -4.22
N VAL B 22 -3.24 12.85 -4.78
CA VAL B 22 -4.34 11.95 -5.02
C VAL B 22 -4.40 11.78 -6.51
N PHE B 23 -4.44 10.52 -6.98
CA PHE B 23 -4.48 10.27 -8.39
C PHE B 23 -5.30 9.04 -8.64
N SER B 24 -5.75 8.86 -9.90
CA SER B 24 -6.58 7.74 -10.25
C SER B 24 -5.85 6.86 -11.21
N LEU B 25 -6.19 5.56 -11.19
CA LEU B 25 -5.56 4.63 -12.10
C LEU B 25 -6.58 3.58 -12.42
N LYS B 26 -6.27 2.71 -13.41
CA LYS B 26 -7.18 1.68 -13.82
C LYS B 26 -7.26 0.65 -12.74
N ASN B 27 -8.44 0.02 -12.59
CA ASN B 27 -8.61 -1.00 -11.59
C ASN B 27 -8.09 -2.28 -12.17
N GLU B 28 -6.79 -2.28 -12.52
CA GLU B 28 -6.16 -3.46 -13.06
C GLU B 28 -4.97 -3.72 -12.20
N VAL B 29 -4.50 -4.99 -12.19
CA VAL B 29 -3.37 -5.34 -11.38
C VAL B 29 -2.13 -4.78 -12.00
N GLY B 30 -1.20 -4.31 -11.15
CA GLY B 30 0.05 -3.77 -11.65
C GLY B 30 -0.09 -2.29 -11.86
N GLY B 31 -1.31 -1.73 -11.72
CA GLY B 31 -1.49 -0.32 -11.92
C GLY B 31 -0.84 0.43 -10.78
N LEU B 32 -0.98 -0.12 -9.56
CA LEU B 32 -0.45 0.52 -8.38
C LEU B 32 1.06 0.49 -8.37
N VAL B 33 1.70 -0.61 -8.82
CA VAL B 33 3.16 -0.70 -8.76
C VAL B 33 3.78 0.33 -9.67
N LYS B 34 3.13 0.69 -10.80
CA LYS B 34 3.72 1.66 -11.70
C LYS B 34 3.71 3.00 -11.02
N ALA B 35 2.70 3.24 -10.18
CA ALA B 35 2.61 4.51 -9.50
C ALA B 35 3.71 4.58 -8.48
N LEU B 36 3.94 3.45 -7.77
CA LEU B 36 4.95 3.43 -6.73
C LEU B 36 6.34 3.44 -7.30
N ARG B 37 6.56 2.76 -8.45
CA ARG B 37 7.90 2.71 -9.03
C ARG B 37 8.33 4.11 -9.38
N LEU B 38 7.36 5.01 -9.64
CA LEU B 38 7.68 6.39 -9.97
C LEU B 38 8.41 7.00 -8.80
N PHE B 39 7.95 6.70 -7.57
CA PHE B 39 8.55 7.25 -6.38
C PHE B 39 9.92 6.63 -6.21
N GLN B 40 10.06 5.34 -6.59
CA GLN B 40 11.33 4.65 -6.46
C GLN B 40 12.37 5.30 -7.34
N GLU B 41 11.96 5.72 -8.56
CA GLU B 41 12.90 6.31 -9.50
C GLU B 41 13.45 7.59 -8.94
N LYS B 42 12.61 8.39 -8.27
CA LYS B 42 13.07 9.65 -7.73
C LYS B 42 13.65 9.44 -6.35
N ARG B 43 13.61 8.19 -5.84
CA ARG B 43 14.17 7.89 -4.53
C ARG B 43 13.34 8.61 -3.48
N VAL B 44 12.02 8.40 -3.51
CA VAL B 44 11.15 9.03 -2.54
C VAL B 44 10.61 7.95 -1.65
N ASN B 45 10.77 8.12 -0.32
CA ASN B 45 10.30 7.14 0.62
C ASN B 45 8.86 7.39 0.88
N MET B 46 8.06 6.31 0.97
CA MET B 46 6.65 6.44 1.25
C MET B 46 6.49 6.27 2.72
N VAL B 47 5.59 7.06 3.35
CA VAL B 47 5.41 6.94 4.78
C VAL B 47 4.06 6.35 5.06
N HIS B 48 3.12 6.43 4.09
CA HIS B 48 1.81 5.87 4.30
C HIS B 48 1.23 5.56 2.95
N ILE B 49 0.50 4.43 2.88
CA ILE B 49 -0.08 4.04 1.63
C ILE B 49 -1.38 3.35 1.95
N GLU B 50 -2.43 3.62 1.14
CA GLU B 50 -3.70 2.99 1.38
C GLU B 50 -4.46 3.06 0.09
N SER B 51 -5.36 2.08 -0.15
CA SER B 51 -6.13 2.06 -1.36
C SER B 51 -7.56 1.84 -0.97
N ARG B 52 -8.48 2.58 -1.63
CA ARG B 52 -9.88 2.44 -1.33
C ARG B 52 -10.62 2.54 -2.63
N LYS B 53 -11.58 1.62 -2.87
CA LYS B 53 -12.31 1.66 -4.12
C LYS B 53 -13.32 2.76 -4.03
N SER B 54 -13.47 3.52 -5.14
CA SER B 54 -14.42 4.61 -5.16
C SER B 54 -15.81 4.04 -5.16
N ARG B 55 -16.02 2.96 -5.92
CA ARG B 55 -17.32 2.36 -5.99
C ARG B 55 -17.11 0.92 -6.36
N ARG B 56 -18.05 0.03 -5.93
CA ARG B 56 -17.92 -1.37 -6.25
C ARG B 56 -18.14 -1.51 -7.74
N ARG B 57 -17.20 -2.23 -8.41
CA ARG B 57 -17.28 -2.44 -9.84
C ARG B 57 -17.04 -1.10 -10.51
N SER B 58 -15.77 -0.64 -10.46
CA SER B 58 -15.43 0.63 -11.06
C SER B 58 -14.25 0.38 -11.95
N SER B 59 -14.23 1.07 -13.11
CA SER B 59 -13.15 0.91 -14.06
C SER B 59 -11.89 1.50 -13.48
N GLU B 60 -12.01 2.63 -12.75
CA GLU B 60 -10.84 3.27 -12.19
C GLU B 60 -11.05 3.40 -10.71
N VAL B 61 -9.92 3.42 -9.98
CA VAL B 61 -9.98 3.55 -8.54
C VAL B 61 -9.02 4.62 -8.13
N GLU B 62 -9.20 5.16 -6.91
CA GLU B 62 -8.33 6.22 -6.43
C GLU B 62 -7.46 5.63 -5.36
N ILE B 63 -6.15 5.95 -5.41
CA ILE B 63 -5.22 5.44 -4.43
C ILE B 63 -4.53 6.64 -3.84
N PHE B 64 -4.48 6.69 -2.48
CA PHE B 64 -3.87 7.81 -1.81
C PHE B 64 -2.45 7.43 -1.46
N VAL B 65 -1.51 8.37 -1.72
CA VAL B 65 -0.12 8.11 -1.43
C VAL B 65 0.40 9.27 -0.63
N ASP B 66 1.04 8.98 0.53
CA ASP B 66 1.58 10.02 1.37
C ASP B 66 3.07 9.78 1.45
N CYS B 67 3.87 10.76 0.98
CA CYS B 67 5.31 10.60 0.99
C CYS B 67 5.93 11.86 1.52
N GLU B 68 7.20 11.76 1.95
CA GLU B 68 7.92 12.92 2.45
C GLU B 68 9.04 13.16 1.50
N CYS B 69 9.12 14.39 0.95
CA CYS B 69 10.17 14.70 0.01
C CYS B 69 10.14 16.18 -0.19
N GLY B 70 11.13 16.73 -0.93
CA GLY B 70 11.15 18.15 -1.18
C GLY B 70 9.97 18.47 -2.05
N LYS B 71 9.37 19.65 -1.85
CA LYS B 71 8.21 20.04 -2.61
C LYS B 71 8.56 20.16 -4.06
N THR B 72 9.74 20.75 -4.37
CA THR B 72 10.15 20.92 -5.75
C THR B 72 10.32 19.56 -6.39
N GLU B 73 10.99 18.63 -5.69
CA GLU B 73 11.23 17.30 -6.21
C GLU B 73 9.92 16.60 -6.38
N PHE B 74 9.05 16.78 -5.38
CA PHE B 74 7.75 16.15 -5.38
C PHE B 74 6.95 16.65 -6.57
N ASN B 75 6.98 17.97 -6.83
CA ASN B 75 6.21 18.53 -7.92
C ASN B 75 6.68 17.92 -9.22
N GLU B 76 8.01 17.75 -9.38
CA GLU B 76 8.54 17.16 -10.60
C GLU B 76 8.06 15.74 -10.72
N LEU B 77 7.97 15.02 -9.57
CA LEU B 77 7.53 13.66 -9.57
C LEU B 77 6.10 13.60 -10.02
N ILE B 78 5.29 14.55 -9.54
CA ILE B 78 3.89 14.61 -9.90
C ILE B 78 3.76 14.80 -11.38
N GLN B 79 4.66 15.61 -11.97
CA GLN B 79 4.61 15.86 -13.39
C GLN B 79 4.78 14.56 -14.13
N LEU B 80 5.63 13.66 -13.61
CA LEU B 80 5.86 12.38 -14.27
C LEU B 80 4.64 11.52 -14.07
N LEU B 81 4.04 11.59 -12.87
CA LEU B 81 2.86 10.81 -12.57
C LEU B 81 1.71 11.27 -13.42
N LYS B 82 1.73 12.56 -13.85
CA LYS B 82 0.68 13.11 -14.67
C LYS B 82 0.60 12.33 -15.96
N PHE B 83 1.76 11.86 -16.46
CA PHE B 83 1.77 11.09 -17.69
C PHE B 83 0.96 9.84 -17.48
N GLN B 84 1.13 9.17 -16.32
CA GLN B 84 0.42 7.94 -16.04
C GLN B 84 -1.06 8.20 -15.96
N THR B 85 -1.49 9.31 -15.32
CA THR B 85 -2.90 9.59 -15.23
C THR B 85 -3.07 11.08 -15.13
N THR B 86 -4.21 11.59 -15.65
CA THR B 86 -4.45 13.02 -15.60
C THR B 86 -4.84 13.36 -14.19
N ILE B 87 -4.15 14.36 -13.61
CA ILE B 87 -4.44 14.77 -12.25
C ILE B 87 -4.92 16.19 -12.33
N VAL B 88 -6.15 16.44 -11.84
CA VAL B 88 -6.69 17.79 -11.87
C VAL B 88 -6.48 18.41 -10.51
N THR B 89 -6.33 17.57 -9.48
CA THR B 89 -6.12 18.07 -8.14
C THR B 89 -5.35 17.02 -7.42
N LEU B 90 -4.49 17.43 -6.48
CA LEU B 90 -3.70 16.46 -5.76
C LEU B 90 -4.10 16.50 -4.31
N ASN B 91 -4.92 17.50 -3.93
CA ASN B 91 -5.34 17.58 -2.55
C ASN B 91 -6.49 18.56 -2.52
N PRO B 92 -7.57 18.18 -1.87
CA PRO B 92 -8.74 19.04 -1.78
C PRO B 92 -8.53 20.21 -0.86
N PRO B 93 -9.18 21.32 -1.10
CA PRO B 93 -9.04 22.50 -0.28
C PRO B 93 -9.91 22.46 0.93
N GLU B 94 -9.41 21.82 2.00
CA GLU B 94 -10.16 21.70 3.23
C GLU B 94 -10.08 23.02 3.96
N ASN B 95 -9.20 23.93 3.50
CA ASN B 95 -9.06 25.21 4.14
C ASN B 95 -9.95 26.21 3.47
N ILE B 96 -10.79 25.74 2.54
CA ILE B 96 -11.69 26.62 1.85
C ILE B 96 -12.76 27.08 2.82
N TRP B 97 -13.15 28.37 2.71
CA TRP B 97 -14.16 28.90 3.59
C TRP B 97 -15.04 29.76 2.74
N THR B 98 -16.37 29.53 2.83
CA THR B 98 -17.31 30.30 2.05
C THR B 98 -18.42 30.67 2.97
N GLU B 99 -18.92 31.91 2.86
CA GLU B 99 -20.00 32.37 3.72
C GLU B 99 -21.22 31.56 3.43
N GLU B 100 -21.46 31.23 2.16
CA GLU B 100 -22.63 30.44 1.80
C GLU B 100 -22.26 28.95 1.94
N PHE C . 9.93 2.51 3.32
CA PHE C . 9.63 1.45 2.32
C PHE C . 9.34 1.91 0.89
O PHE C . 9.05 1.03 0.02
CB PHE C . 8.41 0.62 2.81
CG PHE C . 7.14 1.41 2.94
CD1 PHE C . 6.25 1.48 1.88
CD2 PHE C . 6.85 2.07 4.11
CE1 PHE C . 5.09 2.21 2.00
CE2 PHE C . 5.69 2.80 4.23
CZ PHE C . 4.81 2.87 3.17
OXT PHE C . 9.40 3.14 0.62
H1 PHE C . 9.07 3.07 3.51
H2 PHE C . 10.68 3.14 2.96
H3 PHE C . 10.24 2.06 4.21
HA PHE C . 10.51 0.81 2.29
HB2 PHE C . 8.63 0.19 3.80
HB3 PHE C . 8.21 -0.21 2.10
HD1 PHE C . 6.46 0.97 0.96
HD2 PHE C . 7.54 2.03 4.94
HE1 PHE C . 4.39 2.26 1.18
HE2 PHE C . 5.48 3.32 5.15
HZ PHE C . 3.90 3.44 3.27
N PHE D . -6.84 -3.12 -8.22
CA PHE D . -5.56 -2.39 -8.46
C PHE D . -4.26 -3.21 -8.33
O PHE D . -3.17 -2.61 -8.52
CB PHE D . -5.47 -1.20 -7.48
CG PHE D . -5.47 -1.58 -6.04
CD1 PHE D . -4.29 -1.79 -5.36
CD2 PHE D . -6.66 -1.72 -5.36
CE1 PHE D . -4.29 -2.13 -4.03
CE2 PHE D . -6.67 -2.08 -4.02
CZ PHE D . -5.48 -2.28 -3.37
OXT PHE D . -4.35 -4.43 -8.02
H1 PHE D . -7.65 -2.51 -8.51
H2 PHE D . -6.92 -3.36 -7.21
H3 PHE D . -6.86 -3.99 -8.78
HA PHE D . -5.61 -2.03 -9.47
HB2 PHE D . -6.34 -0.52 -7.65
HB3 PHE D . -4.55 -0.63 -7.67
HD1 PHE D . -3.34 -1.67 -5.88
HD2 PHE D . -7.60 -1.57 -5.87
HE1 PHE D . -3.36 -2.29 -3.52
HE2 PHE D . -7.60 -2.18 -3.50
HZ PHE D . -5.48 -2.56 -2.32
N GLY A 1 -49.45 -33.50 25.81
CA GLY A 1 -48.90 -32.39 26.63
C GLY A 1 -47.78 -31.70 25.89
N PRO A 2 -47.21 -30.73 26.56
CA PRO A 2 -46.12 -29.95 26.03
C PRO A 2 -44.83 -30.72 25.99
N GLY A 3 -43.93 -30.34 25.06
CA GLY A 3 -42.66 -31.01 24.95
C GLY A 3 -41.89 -30.32 23.88
N ASN A 4 -40.65 -30.80 23.63
CA ASN A 4 -39.82 -30.20 22.62
C ASN A 4 -38.99 -31.29 22.03
N LYS A 5 -39.06 -31.47 20.70
CA LYS A 5 -38.29 -32.49 20.05
C LYS A 5 -37.70 -31.87 18.81
N GLY A 6 -36.35 -31.98 18.68
CA GLY A 6 -35.70 -31.42 17.52
C GLY A 6 -34.24 -31.64 17.70
N SER A 7 -33.43 -31.20 16.71
CA SER A 7 -32.01 -31.38 16.79
C SER A 7 -31.39 -30.30 15.93
N SER A 8 -30.24 -29.76 16.37
CA SER A 8 -29.59 -28.74 15.60
C SER A 8 -28.14 -28.80 15.96
N LYS A 9 -27.26 -28.57 14.95
CA LYS A 9 -25.84 -28.62 15.20
C LYS A 9 -25.30 -27.25 14.89
N ARG A 10 -25.27 -26.37 15.91
CA ARG A 10 -24.76 -25.03 15.70
C ARG A 10 -23.31 -25.01 16.11
N GLU A 11 -22.80 -26.17 16.58
CA GLU A 11 -21.43 -26.26 17.01
C GLU A 11 -20.53 -26.07 15.81
N ALA A 12 -20.93 -26.63 14.66
CA ALA A 12 -20.13 -26.50 13.47
C ALA A 12 -20.55 -25.24 12.76
N ALA A 13 -19.58 -24.36 12.47
CA ALA A 13 -19.88 -23.12 11.80
C ALA A 13 -18.65 -22.68 11.10
N THR A 14 -18.80 -21.89 10.02
CA THR A 14 -17.66 -21.41 9.28
C THR A 14 -17.67 -19.92 9.39
N GLU A 15 -16.54 -19.33 9.82
CA GLU A 15 -16.47 -17.89 9.97
C GLU A 15 -15.07 -17.47 9.61
N SER A 16 -14.44 -18.20 8.67
CA SER A 16 -13.09 -17.86 8.26
C SER A 16 -12.94 -18.32 6.84
N GLY A 17 -12.17 -17.57 6.04
CA GLY A 17 -11.97 -17.93 4.67
C GLY A 17 -11.49 -16.72 3.94
N LYS A 18 -10.21 -16.37 4.13
CA LYS A 18 -9.66 -15.22 3.49
C LYS A 18 -8.22 -15.49 3.20
N THR A 19 -7.60 -14.63 2.37
CA THR A 19 -6.21 -14.79 2.03
C THR A 19 -5.53 -13.49 2.31
N ALA A 20 -4.69 -13.47 3.36
CA ALA A 20 -3.99 -12.26 3.70
C ALA A 20 -2.65 -12.68 4.21
N VAL A 21 -1.61 -11.85 3.99
CA VAL A 21 -0.30 -12.19 4.44
C VAL A 21 0.44 -10.92 4.76
N VAL A 22 1.26 -10.97 5.82
CA VAL A 22 2.04 -9.83 6.23
C VAL A 22 3.41 -10.06 5.69
N PHE A 23 3.96 -9.06 4.97
CA PHE A 23 5.28 -9.24 4.39
C PHE A 23 6.24 -8.39 5.16
N SER A 24 7.49 -8.88 5.24
CA SER A 24 8.53 -8.16 5.92
C SER A 24 9.58 -7.88 4.91
N LEU A 25 10.21 -6.69 5.01
CA LEU A 25 11.24 -6.36 4.08
C LEU A 25 12.03 -5.23 4.69
N LYS A 26 13.14 -4.85 4.03
CA LYS A 26 13.98 -3.78 4.53
C LYS A 26 13.26 -2.49 4.30
N ASN A 27 13.52 -1.50 5.18
CA ASN A 27 12.89 -0.22 5.04
C ASN A 27 13.67 0.55 4.00
N GLU A 28 13.75 -0.02 2.79
CA GLU A 28 14.45 0.62 1.71
C GLU A 28 13.42 0.96 0.67
N VAL A 29 13.68 2.02 -0.11
CA VAL A 29 12.74 2.44 -1.11
C VAL A 29 12.80 1.46 -2.26
N GLY A 30 11.60 1.08 -2.76
CA GLY A 30 11.54 0.17 -3.89
C GLY A 30 11.37 -1.23 -3.40
N GLY A 31 11.46 -1.48 -2.08
CA GLY A 31 11.31 -2.83 -1.58
C GLY A 31 9.88 -3.26 -1.73
N LEU A 32 8.96 -2.32 -1.48
CA LEU A 32 7.53 -2.58 -1.52
C LEU A 32 7.07 -2.93 -2.92
N VAL A 33 7.54 -2.19 -3.95
CA VAL A 33 7.07 -2.44 -5.30
C VAL A 33 7.46 -3.82 -5.78
N LYS A 34 8.62 -4.36 -5.35
CA LYS A 34 9.03 -5.66 -5.82
C LYS A 34 8.14 -6.70 -5.22
N ALA A 35 7.70 -6.47 -3.98
CA ALA A 35 6.85 -7.44 -3.32
C ALA A 35 5.53 -7.51 -4.03
N LEU A 36 4.99 -6.35 -4.43
CA LEU A 36 3.69 -6.30 -5.06
C LEU A 36 3.76 -6.83 -6.47
N ARG A 37 4.93 -6.70 -7.14
CA ARG A 37 5.05 -7.13 -8.53
C ARG A 37 4.81 -8.61 -8.64
N LEU A 38 5.08 -9.37 -7.56
CA LEU A 38 4.90 -10.82 -7.61
C LEU A 38 3.44 -11.13 -7.80
N PHE A 39 2.54 -10.31 -7.22
CA PHE A 39 1.12 -10.55 -7.35
C PHE A 39 0.73 -10.33 -8.79
N GLN A 40 1.36 -9.34 -9.45
CA GLN A 40 1.05 -9.03 -10.82
C GLN A 40 1.41 -10.20 -11.72
N GLU A 41 2.52 -10.89 -11.40
CA GLU A 41 2.97 -12.00 -12.22
C GLU A 41 1.92 -13.09 -12.25
N LYS A 42 1.27 -13.36 -11.11
CA LYS A 42 0.27 -14.40 -11.08
C LYS A 42 -1.07 -13.84 -11.45
N ARG A 43 -1.14 -12.53 -11.77
CA ARG A 43 -2.38 -11.91 -12.15
C ARG A 43 -3.32 -11.88 -10.98
N VAL A 44 -2.79 -11.51 -9.79
CA VAL A 44 -3.61 -11.45 -8.61
C VAL A 44 -3.70 -10.00 -8.22
N ASN A 45 -4.93 -9.46 -8.16
CA ASN A 45 -5.11 -8.09 -7.80
C ASN A 45 -5.14 -7.99 -6.30
N MET A 46 -5.05 -6.74 -5.80
CA MET A 46 -5.07 -6.51 -4.38
C MET A 46 -6.34 -5.78 -4.06
N VAL A 47 -6.89 -6.01 -2.85
CA VAL A 47 -8.13 -5.35 -2.48
C VAL A 47 -7.84 -4.35 -1.38
N HIS A 48 -6.73 -4.55 -0.65
CA HIS A 48 -6.40 -3.63 0.41
C HIS A 48 -4.93 -3.74 0.66
N ILE A 49 -4.29 -2.60 0.99
CA ILE A 49 -2.88 -2.59 1.26
C ILE A 49 -2.65 -1.55 2.32
N GLU A 50 -1.77 -1.86 3.29
CA GLU A 50 -1.47 -0.91 4.33
C GLU A 50 -0.05 -1.14 4.73
N SER A 51 0.71 -0.05 4.91
CA SER A 51 2.09 -0.16 5.30
C SER A 51 2.26 0.62 6.57
N ARG A 52 3.18 0.16 7.44
CA ARG A 52 3.40 0.83 8.68
C ARG A 52 4.79 0.49 9.13
N LYS A 53 5.28 1.17 10.20
CA LYS A 53 6.60 0.91 10.69
C LYS A 53 6.45 0.41 12.10
N SER A 54 7.47 -0.33 12.58
CA SER A 54 7.42 -0.87 13.92
C SER A 54 7.65 0.27 14.89
N ARG A 55 7.05 0.15 16.10
CA ARG A 55 7.20 1.16 17.11
C ARG A 55 8.66 1.21 17.50
N ARG A 56 9.28 0.02 17.67
CA ARG A 56 10.67 -0.03 18.02
C ARG A 56 11.47 0.20 16.76
N ARG A 57 12.68 0.76 16.92
CA ARG A 57 13.52 1.03 15.77
C ARG A 57 13.91 -0.29 15.16
N SER A 58 13.67 -0.44 13.85
CA SER A 58 14.01 -1.67 13.18
C SER A 58 14.32 -1.33 11.76
N SER A 59 15.32 -2.04 11.18
CA SER A 59 15.71 -1.79 9.82
C SER A 59 14.65 -2.35 8.90
N GLU A 60 13.91 -3.35 9.40
CA GLU A 60 12.87 -3.97 8.61
C GLU A 60 11.54 -3.45 9.04
N VAL A 61 10.58 -3.45 8.09
CA VAL A 61 9.24 -2.98 8.36
C VAL A 61 8.29 -4.04 7.90
N GLU A 62 7.02 -3.97 8.38
CA GLU A 62 6.04 -4.95 8.00
C GLU A 62 5.00 -4.27 7.16
N ILE A 63 4.60 -4.93 6.06
CA ILE A 63 3.61 -4.37 5.17
C ILE A 63 2.51 -5.38 5.04
N PHE A 64 1.24 -4.92 5.24
CA PHE A 64 0.11 -5.80 5.19
C PHE A 64 -0.50 -5.72 3.81
N VAL A 65 -0.70 -6.90 3.18
CA VAL A 65 -1.28 -6.93 1.85
C VAL A 65 -2.46 -7.88 1.91
N ASP A 66 -3.63 -7.41 1.42
CA ASP A 66 -4.81 -8.23 1.42
C ASP A 66 -5.20 -8.42 -0.02
N CYS A 67 -5.49 -9.66 -0.43
CA CYS A 67 -5.84 -9.92 -1.80
C CYS A 67 -6.77 -11.09 -1.83
N GLU A 68 -7.49 -11.26 -2.96
CA GLU A 68 -8.40 -12.36 -3.10
C GLU A 68 -7.84 -13.25 -4.16
N CYS A 69 -7.58 -14.52 -3.79
CA CYS A 69 -7.03 -15.44 -4.75
C CYS A 69 -7.23 -16.82 -4.20
N GLY A 70 -6.94 -17.85 -5.04
CA GLY A 70 -7.12 -19.22 -4.59
C GLY A 70 -6.03 -19.54 -3.60
N LYS A 71 -6.28 -20.57 -2.76
CA LYS A 71 -5.31 -20.95 -1.75
C LYS A 71 -4.05 -21.44 -2.42
N THR A 72 -4.19 -22.18 -3.54
CA THR A 72 -3.03 -22.70 -4.23
C THR A 72 -2.22 -21.55 -4.76
N GLU A 73 -2.90 -20.56 -5.37
CA GLU A 73 -2.23 -19.41 -5.94
C GLU A 73 -1.56 -18.64 -4.84
N PHE A 74 -2.28 -18.51 -3.72
CA PHE A 74 -1.79 -17.80 -2.57
C PHE A 74 -0.53 -18.45 -2.07
N ASN A 75 -0.55 -19.78 -1.90
CA ASN A 75 0.60 -20.50 -1.40
C ASN A 75 1.77 -20.33 -2.34
N GLU A 76 1.49 -20.38 -3.66
CA GLU A 76 2.56 -20.25 -4.64
C GLU A 76 3.22 -18.90 -4.50
N LEU A 77 2.44 -17.83 -4.27
CA LEU A 77 3.02 -16.51 -4.16
C LEU A 77 3.83 -16.43 -2.92
N ILE A 78 3.29 -16.97 -1.84
CA ILE A 78 3.96 -16.91 -0.56
C ILE A 78 5.27 -17.63 -0.64
N GLN A 79 5.28 -18.82 -1.27
CA GLN A 79 6.50 -19.59 -1.38
C GLN A 79 7.54 -18.82 -2.15
N LEU A 80 7.11 -18.11 -3.22
CA LEU A 80 8.05 -17.37 -4.04
C LEU A 80 8.49 -16.14 -3.30
N LEU A 81 7.54 -15.48 -2.59
CA LEU A 81 7.83 -14.29 -1.84
C LEU A 81 8.74 -14.62 -0.69
N LYS A 82 8.67 -15.89 -0.20
CA LYS A 82 9.49 -16.33 0.91
C LYS A 82 10.94 -16.22 0.53
N PHE A 83 11.28 -16.52 -0.75
CA PHE A 83 12.65 -16.46 -1.19
C PHE A 83 13.13 -15.03 -1.12
N GLN A 84 12.25 -14.06 -1.44
CA GLN A 84 12.64 -12.67 -1.42
C GLN A 84 12.95 -12.27 0.01
N THR A 85 12.11 -12.72 0.97
CA THR A 85 12.34 -12.39 2.35
C THR A 85 11.73 -13.46 3.19
N THR A 86 12.47 -13.93 4.22
CA THR A 86 11.93 -14.93 5.10
C THR A 86 10.89 -14.22 5.91
N ILE A 87 9.63 -14.67 5.80
CA ILE A 87 8.55 -14.03 6.51
C ILE A 87 8.36 -14.78 7.79
N VAL A 88 8.67 -14.14 8.93
CA VAL A 88 8.53 -14.78 10.22
C VAL A 88 7.08 -14.93 10.55
N THR A 89 6.29 -13.83 10.36
CA THR A 89 4.88 -13.90 10.69
C THR A 89 4.11 -13.72 9.41
N LEU A 90 3.54 -14.83 8.90
CA LEU A 90 2.76 -14.76 7.70
C LEU A 90 1.47 -14.06 8.00
N ASN A 91 0.90 -14.34 9.19
CA ASN A 91 -0.35 -13.73 9.56
C ASN A 91 -0.39 -13.69 11.06
N PRO A 92 -1.15 -12.76 11.60
CA PRO A 92 -1.28 -12.61 13.04
C PRO A 92 -2.08 -13.72 13.67
N PRO A 93 -1.83 -14.01 14.91
CA PRO A 93 -2.54 -15.07 15.61
C PRO A 93 -3.86 -14.63 16.15
N GLU A 94 -4.87 -14.64 15.24
CA GLU A 94 -6.20 -14.24 15.60
C GLU A 94 -6.79 -15.25 16.55
N ASN A 95 -6.52 -16.55 16.29
CA ASN A 95 -7.05 -17.60 17.13
C ASN A 95 -5.94 -18.13 17.99
N ILE A 96 -4.67 -17.88 17.56
CA ILE A 96 -3.49 -18.33 18.29
C ILE A 96 -3.31 -19.81 18.09
N TRP A 97 -4.28 -20.62 18.56
CA TRP A 97 -4.17 -22.05 18.42
C TRP A 97 -5.32 -22.53 17.59
N THR A 98 -5.08 -23.57 16.78
CA THR A 98 -6.12 -24.11 15.93
C THR A 98 -6.20 -25.58 16.20
N GLU A 99 -7.39 -26.17 15.96
CA GLU A 99 -7.55 -27.59 16.18
C GLU A 99 -8.16 -28.14 14.93
N GLU A 100 -7.34 -28.26 13.87
CA GLU A 100 -7.83 -28.80 12.61
C GLU A 100 -7.65 -30.32 12.65
N GLY B 1 37.68 7.34 5.23
CA GLY B 1 36.90 6.13 4.82
C GLY B 1 36.28 6.35 3.46
N PRO B 2 37.10 6.20 2.44
CA PRO B 2 36.64 6.39 1.06
C PRO B 2 35.77 5.27 0.58
N GLY B 3 35.87 4.09 1.22
CA GLY B 3 35.07 2.96 0.81
C GLY B 3 33.81 2.96 1.62
N ASN B 4 33.00 4.02 1.46
CA ASN B 4 31.77 4.10 2.20
C ASN B 4 30.90 5.10 1.48
N LYS B 5 31.15 6.41 1.74
CA LYS B 5 30.39 7.47 1.09
C LYS B 5 28.92 7.28 1.35
N GLY B 6 28.55 7.03 2.64
CA GLY B 6 27.16 6.84 2.96
C GLY B 6 26.94 7.44 4.31
N SER B 7 25.66 7.71 4.65
CA SER B 7 25.34 8.29 5.92
C SER B 7 23.98 7.80 6.29
N SER B 8 23.79 7.45 7.58
CA SER B 8 22.51 6.97 8.04
C SER B 8 21.88 8.06 8.86
N LYS B 9 22.51 9.25 8.88
CA LYS B 9 21.98 10.34 9.67
C LYS B 9 21.84 11.52 8.75
N ARG B 10 20.83 12.37 9.03
CA ARG B 10 20.59 13.53 8.23
C ARG B 10 19.91 14.53 9.12
N GLU B 11 19.95 15.82 8.72
CA GLU B 11 19.31 16.84 9.52
C GLU B 11 18.21 17.42 8.70
N ALA B 12 16.96 17.31 9.20
CA ALA B 12 15.84 17.85 8.48
C ALA B 12 14.73 18.02 9.47
N ALA B 13 13.85 19.00 9.24
CA ALA B 13 12.76 19.23 10.14
C ALA B 13 11.69 19.94 9.37
N THR B 14 10.41 19.70 9.73
CA THR B 14 9.32 20.33 9.05
C THR B 14 8.47 20.97 10.11
N GLU B 15 8.20 22.28 9.98
CA GLU B 15 7.39 22.96 10.97
C GLU B 15 5.95 22.81 10.57
N SER B 16 5.66 22.94 9.26
CA SER B 16 4.31 22.81 8.80
C SER B 16 4.37 22.52 7.33
N GLY B 17 3.36 21.78 6.81
CA GLY B 17 3.35 21.45 5.41
C GLY B 17 3.55 19.98 5.27
N LYS B 18 2.98 19.39 4.20
CA LYS B 18 3.11 17.98 3.99
C LYS B 18 3.03 17.76 2.50
N THR B 19 3.35 16.53 2.07
CA THR B 19 3.30 16.19 0.67
C THR B 19 2.49 14.95 0.54
N ALA B 20 1.30 15.08 -0.08
CA ALA B 20 0.44 13.95 -0.27
C ALA B 20 -0.25 14.14 -1.58
N VAL B 21 -0.60 13.02 -2.25
CA VAL B 21 -1.26 13.12 -3.52
C VAL B 21 -2.07 11.88 -3.69
N VAL B 22 -3.27 12.03 -4.31
CA VAL B 22 -4.13 10.91 -4.54
C VAL B 22 -3.96 10.58 -6.00
N PHE B 23 -3.67 9.30 -6.30
CA PHE B 23 -3.46 8.93 -7.67
C PHE B 23 -4.65 8.17 -8.14
N SER B 24 -4.97 8.34 -9.44
CA SER B 24 -6.07 7.64 -10.03
C SER B 24 -5.51 6.77 -11.08
N LEU B 25 -6.10 5.57 -11.24
CA LEU B 25 -5.61 4.65 -12.24
C LEU B 25 -6.69 3.65 -12.47
N LYS B 26 -6.51 2.79 -13.49
CA LYS B 26 -7.48 1.78 -13.81
C LYS B 26 -7.42 0.72 -12.75
N ASN B 27 -8.56 0.06 -12.49
CA ASN B 27 -8.59 -0.99 -11.51
C ASN B 27 -8.06 -2.23 -12.15
N GLU B 28 -6.80 -2.15 -12.65
CA GLU B 28 -6.18 -3.27 -13.27
C GLU B 28 -5.02 -3.66 -12.40
N VAL B 29 -4.66 -4.95 -12.41
CA VAL B 29 -3.57 -5.42 -11.59
C VAL B 29 -2.28 -4.94 -12.16
N GLY B 30 -1.37 -4.45 -11.28
CA GLY B 30 -0.08 -4.00 -11.72
C GLY B 30 -0.12 -2.51 -11.98
N GLY B 31 -1.30 -1.87 -11.90
CA GLY B 31 -1.36 -0.44 -12.14
C GLY B 31 -0.71 0.27 -10.98
N LEU B 32 -0.93 -0.25 -9.77
CA LEU B 32 -0.43 0.37 -8.55
C LEU B 32 1.08 0.33 -8.50
N VAL B 33 1.72 -0.81 -8.86
CA VAL B 33 3.17 -0.91 -8.75
C VAL B 33 3.86 0.06 -9.66
N LYS B 34 3.27 0.38 -10.84
CA LYS B 34 3.95 1.28 -11.76
C LYS B 34 3.92 2.66 -11.18
N ALA B 35 2.85 3.01 -10.47
CA ALA B 35 2.73 4.33 -9.89
C ALA B 35 3.78 4.50 -8.82
N LEU B 36 3.97 3.45 -8.00
CA LEU B 36 4.91 3.53 -6.91
C LEU B 36 6.33 3.49 -7.41
N ARG B 37 6.59 2.85 -8.56
CA ARG B 37 7.95 2.73 -9.06
C ARG B 37 8.51 4.09 -9.36
N LEU B 38 7.64 5.08 -9.67
CA LEU B 38 8.12 6.41 -10.00
C LEU B 38 8.79 7.02 -8.80
N PHE B 39 8.29 6.71 -7.59
CA PHE B 39 8.87 7.27 -6.39
C PHE B 39 10.25 6.68 -6.20
N GLN B 40 10.42 5.39 -6.59
CA GLN B 40 11.70 4.73 -6.44
C GLN B 40 12.73 5.39 -7.33
N GLU B 41 12.31 5.84 -8.53
CA GLU B 41 13.22 6.44 -9.47
C GLU B 41 13.83 7.68 -8.89
N LYS B 42 13.04 8.49 -8.16
CA LYS B 42 13.57 9.71 -7.58
C LYS B 42 14.14 9.43 -6.22
N ARG B 43 14.11 8.16 -5.78
CA ARG B 43 14.65 7.79 -4.48
C ARG B 43 13.81 8.41 -3.39
N VAL B 44 12.47 8.34 -3.54
CA VAL B 44 11.59 8.89 -2.54
C VAL B 44 10.89 7.74 -1.90
N ASN B 45 11.03 7.62 -0.56
CA ASN B 45 10.38 6.54 0.13
C ASN B 45 8.98 6.96 0.47
N MET B 46 8.15 5.98 0.89
CA MET B 46 6.78 6.26 1.23
C MET B 46 6.66 6.04 2.71
N VAL B 47 5.75 6.79 3.37
CA VAL B 47 5.59 6.65 4.79
C VAL B 47 4.23 6.05 5.06
N HIS B 48 3.29 6.18 4.11
CA HIS B 48 1.98 5.63 4.32
C HIS B 48 1.37 5.42 2.97
N ILE B 49 0.58 4.34 2.84
CA ILE B 49 -0.06 4.05 1.57
C ILE B 49 -1.38 3.40 1.90
N GLU B 50 -2.44 3.78 1.16
CA GLU B 50 -3.73 3.20 1.40
C GLU B 50 -4.45 3.16 0.09
N SER B 51 -5.10 2.03 -0.21
CA SER B 51 -5.82 1.91 -1.46
C SER B 51 -7.25 1.59 -1.12
N ARG B 52 -8.19 2.06 -1.97
CA ARG B 52 -9.58 1.82 -1.72
C ARG B 52 -10.30 1.91 -3.03
N LYS B 53 -11.59 1.53 -3.05
CA LYS B 53 -12.35 1.59 -4.27
C LYS B 53 -13.47 2.56 -4.05
N SER B 54 -14.01 3.12 -5.15
CA SER B 54 -15.09 4.07 -5.05
C SER B 54 -16.34 3.31 -4.70
N ARG B 55 -17.25 3.99 -3.96
CA ARG B 55 -18.50 3.37 -3.58
C ARG B 55 -19.28 3.08 -4.83
N ARG B 56 -19.29 4.04 -5.78
CA ARG B 56 -19.99 3.85 -7.02
C ARG B 56 -19.12 3.01 -7.90
N ARG B 57 -19.75 2.23 -8.81
CA ARG B 57 -19.00 1.38 -9.70
C ARG B 57 -18.20 2.27 -10.61
N SER B 58 -16.88 2.01 -10.70
CA SER B 58 -16.03 2.81 -11.53
C SER B 58 -14.90 1.93 -11.96
N SER B 59 -14.46 2.11 -13.23
CA SER B 59 -13.37 1.33 -13.76
C SER B 59 -12.08 1.79 -13.14
N GLU B 60 -12.07 3.07 -12.70
CA GLU B 60 -10.89 3.63 -12.10
C GLU B 60 -11.04 3.65 -10.61
N VAL B 61 -9.90 3.59 -9.90
CA VAL B 61 -9.90 3.60 -8.45
C VAL B 61 -8.93 4.65 -8.02
N GLU B 62 -9.03 5.08 -6.74
CA GLU B 62 -8.16 6.11 -6.23
C GLU B 62 -7.27 5.48 -5.20
N ILE B 63 -5.96 5.80 -5.26
CA ILE B 63 -5.01 5.25 -4.31
C ILE B 63 -4.32 6.42 -3.65
N PHE B 64 -4.29 6.41 -2.29
CA PHE B 64 -3.69 7.49 -1.55
C PHE B 64 -2.28 7.11 -1.21
N VAL B 65 -1.31 8.00 -1.54
CA VAL B 65 0.07 7.73 -1.25
C VAL B 65 0.60 8.92 -0.48
N ASP B 66 1.24 8.65 0.68
CA ASP B 66 1.80 9.71 1.48
C ASP B 66 3.28 9.49 1.51
N CYS B 67 4.06 10.57 1.28
CA CYS B 67 5.49 10.43 1.27
C CYS B 67 6.09 11.72 1.73
N GLU B 68 7.38 11.67 2.12
CA GLU B 68 8.06 12.85 2.58
C GLU B 68 9.13 13.15 1.56
N CYS B 69 9.06 14.35 0.96
CA CYS B 69 10.02 14.72 -0.03
C CYS B 69 9.96 16.20 -0.22
N GLY B 70 10.91 16.78 -0.98
CA GLY B 70 10.92 18.20 -1.20
C GLY B 70 9.80 18.53 -2.12
N LYS B 71 9.35 19.81 -2.09
CA LYS B 71 8.25 20.25 -2.93
C LYS B 71 8.65 20.13 -4.37
N THR B 72 9.92 20.47 -4.71
CA THR B 72 10.37 20.39 -6.08
C THR B 72 10.33 18.96 -6.54
N GLU B 73 10.82 18.03 -5.68
CA GLU B 73 10.85 16.62 -6.02
C GLU B 73 9.44 16.14 -6.17
N PHE B 74 8.58 16.59 -5.27
CA PHE B 74 7.19 16.20 -5.26
C PHE B 74 6.55 16.62 -6.56
N ASN B 75 6.75 17.90 -6.96
CA ASN B 75 6.15 18.40 -8.18
C ASN B 75 6.65 17.62 -9.36
N GLU B 76 7.96 17.30 -9.37
CA GLU B 76 8.53 16.56 -10.49
C GLU B 76 7.87 15.21 -10.62
N LEU B 77 7.59 14.54 -9.49
CA LEU B 77 6.97 13.23 -9.56
C LEU B 77 5.58 13.35 -10.06
N ILE B 78 4.88 14.36 -9.54
CA ILE B 78 3.50 14.57 -9.91
C ILE B 78 3.40 14.85 -11.39
N GLN B 79 4.29 15.69 -11.91
CA GLN B 79 4.25 16.04 -13.31
C GLN B 79 4.48 14.80 -14.15
N LEU B 80 5.40 13.92 -13.71
CA LEU B 80 5.69 12.72 -14.47
C LEU B 80 4.55 11.74 -14.32
N LEU B 81 4.00 11.64 -13.11
CA LEU B 81 2.90 10.74 -12.84
C LEU B 81 1.67 11.19 -13.58
N LYS B 82 1.58 12.52 -13.84
CA LYS B 82 0.45 13.07 -14.55
C LYS B 82 0.37 12.47 -15.93
N PHE B 83 1.54 12.22 -16.57
CA PHE B 83 1.54 11.66 -17.90
C PHE B 83 0.96 10.27 -17.85
N GLN B 84 1.24 9.51 -16.77
CA GLN B 84 0.74 8.16 -16.66
C GLN B 84 -0.76 8.21 -16.55
N THR B 85 -1.30 9.16 -15.75
CA THR B 85 -2.73 9.26 -15.61
C THR B 85 -3.05 10.68 -15.26
N THR B 86 -4.10 11.25 -15.90
CA THR B 86 -4.49 12.60 -15.56
C THR B 86 -5.12 12.51 -14.21
N ILE B 87 -4.54 13.23 -13.23
CA ILE B 87 -5.04 13.17 -11.89
C ILE B 87 -5.95 14.35 -11.70
N VAL B 88 -7.26 14.07 -11.49
CA VAL B 88 -8.23 15.13 -11.31
C VAL B 88 -8.04 15.74 -9.94
N THR B 89 -7.87 14.90 -8.90
CA THR B 89 -7.71 15.41 -7.55
C THR B 89 -6.33 15.07 -7.11
N LEU B 90 -5.52 16.10 -6.79
CA LEU B 90 -4.15 15.89 -6.37
C LEU B 90 -4.07 15.93 -4.88
N ASN B 91 -5.24 16.07 -4.21
CA ASN B 91 -5.29 16.13 -2.76
C ASN B 91 -4.90 17.51 -2.32
N PRO B 92 -5.78 18.45 -2.56
CA PRO B 92 -5.55 19.85 -2.19
C PRO B 92 -5.73 20.09 -0.72
N PRO B 93 -5.19 21.17 -0.21
CA PRO B 93 -5.32 21.50 1.21
C PRO B 93 -6.75 21.65 1.65
N GLU B 94 -7.04 21.23 2.89
CA GLU B 94 -8.40 21.33 3.41
C GLU B 94 -8.66 22.76 3.78
N ASN B 95 -7.60 23.60 3.84
CA ASN B 95 -7.77 24.98 4.21
C ASN B 95 -7.70 25.81 2.95
N ILE B 96 -7.97 25.18 1.79
CA ILE B 96 -7.93 25.90 0.54
C ILE B 96 -9.20 26.71 0.44
N TRP B 97 -9.10 27.91 -0.16
CA TRP B 97 -10.25 28.76 -0.31
C TRP B 97 -10.11 29.46 -1.63
N THR B 98 -11.24 29.62 -2.35
CA THR B 98 -11.20 30.28 -3.63
C THR B 98 -11.16 31.77 -3.41
N GLU B 99 -10.79 32.52 -4.45
CA GLU B 99 -10.73 33.97 -4.33
C GLU B 99 -12.11 34.52 -4.56
N GLU B 100 -13.06 33.66 -5.01
CA GLU B 100 -14.41 34.11 -5.25
C GLU B 100 -14.39 35.31 -6.21
N PHE C . 10.01 2.58 3.03
CA PHE C . 9.69 1.51 2.04
C PHE C . 9.28 1.98 0.63
O PHE C . 9.28 1.12 -0.30
CB PHE C . 8.52 0.65 2.60
CG PHE C . 7.25 1.41 2.81
CD1 PHE C . 6.31 1.49 1.82
CD2 PHE C . 7.01 2.03 4.02
CE1 PHE C . 5.14 2.20 2.02
CE2 PHE C . 5.84 2.73 4.23
CZ PHE C . 4.91 2.82 3.21
OXT PHE C . 8.96 3.19 0.47
H1 PHE C . 10.85 3.10 2.71
H2 PHE C . 10.23 2.14 3.96
H3 PHE C . 9.21 3.23 3.14
HA PHE C . 10.57 0.90 1.95
HB2 PHE C . 8.82 0.22 3.58
HB3 PHE C . 8.29 -0.18 1.90
HD1 PHE C . 6.48 1.01 0.87
HD2 PHE C . 7.74 1.97 4.81
HE1 PHE C . 4.41 2.26 1.23
HE2 PHE C . 5.66 3.22 5.17
HZ PHE C . 3.99 3.36 3.38
N PHE D . -6.67 -3.44 -8.26
CA PHE D . -5.38 -2.72 -8.49
C PHE D . -4.09 -3.51 -8.22
O PHE D . -4.17 -4.58 -7.55
CB PHE D . -5.35 -1.45 -7.61
CG PHE D . -5.40 -1.72 -6.14
CD1 PHE D . -4.23 -1.90 -5.42
CD2 PHE D . -6.61 -1.81 -5.48
CE1 PHE D . -4.27 -2.15 -4.07
CE2 PHE D . -6.65 -2.07 -4.13
CZ PHE D . -5.48 -2.24 -3.42
OXT PHE D . -3.01 -3.05 -8.69
H1 PHE D . -6.74 -4.24 -8.92
H2 PHE D . -7.47 -2.78 -8.43
H3 PHE D . -6.71 -3.79 -7.29
HA PHE D . -5.38 -2.43 -9.53
HB2 PHE D . -6.22 -0.80 -7.85
HB3 PHE D . -4.42 -0.88 -7.81
HD1 PHE D . -3.28 -1.82 -5.92
HD2 PHE D . -7.53 -1.68 -6.03
HE1 PHE D . -3.36 -2.28 -3.51
HE2 PHE D . -7.60 -2.14 -3.63
HZ PHE D . -5.52 -2.44 -2.37
N GLY A 1 26.42 11.77 19.61
CA GLY A 1 25.91 12.82 18.69
C GLY A 1 24.44 13.00 18.88
N PRO A 2 23.89 13.86 18.06
CA PRO A 2 22.47 14.16 18.08
C PRO A 2 21.64 13.04 17.55
N GLY A 3 20.38 12.93 18.04
CA GLY A 3 19.53 11.86 17.58
C GLY A 3 18.24 11.98 18.33
N ASN A 4 17.54 10.84 18.46
CA ASN A 4 16.28 10.83 19.17
C ASN A 4 16.21 9.53 19.90
N LYS A 5 15.32 9.45 20.92
CA LYS A 5 15.19 8.24 21.70
C LYS A 5 14.71 7.14 20.79
N GLY A 6 13.75 7.46 19.89
CA GLY A 6 13.25 6.47 18.96
C GLY A 6 12.43 5.47 19.71
N SER A 7 11.85 5.88 20.86
CA SER A 7 11.06 4.96 21.64
C SER A 7 9.64 5.09 21.19
N SER A 8 9.14 4.07 20.48
CA SER A 8 7.78 4.08 20.01
C SER A 8 7.40 2.66 19.76
N LYS A 9 6.12 2.31 20.02
CA LYS A 9 5.69 0.96 19.80
C LYS A 9 4.27 1.03 19.32
N ARG A 10 3.99 0.33 18.19
CA ARG A 10 2.66 0.33 17.64
C ARG A 10 2.30 -1.10 17.41
N GLU A 11 1.01 -1.45 17.64
CA GLU A 11 0.58 -2.80 17.44
C GLU A 11 -0.74 -2.74 16.71
N ALA A 12 -1.02 -3.76 15.89
CA ALA A 12 -2.26 -3.79 15.16
C ALA A 12 -2.61 -5.22 14.93
N ALA A 13 -3.92 -5.52 14.86
CA ALA A 13 -4.34 -6.88 14.65
C ALA A 13 -5.71 -6.82 14.03
N THR A 14 -6.08 -7.87 13.28
CA THR A 14 -7.37 -7.90 12.66
C THR A 14 -7.74 -9.35 12.47
N GLU A 15 -9.05 -9.64 12.36
CA GLU A 15 -9.50 -10.99 12.17
C GLU A 15 -10.21 -11.04 10.87
N SER A 16 -9.79 -11.96 9.98
CA SER A 16 -10.44 -12.06 8.69
C SER A 16 -10.11 -13.42 8.15
N GLY A 17 -11.07 -14.01 7.38
CA GLY A 17 -10.85 -15.31 6.80
C GLY A 17 -10.66 -15.12 5.34
N LYS A 18 -9.51 -14.55 4.95
CA LYS A 18 -9.22 -14.32 3.56
C LYS A 18 -7.78 -14.67 3.34
N THR A 19 -7.27 -14.41 2.13
CA THR A 19 -5.91 -14.74 1.82
C THR A 19 -5.10 -13.48 1.96
N ALA A 20 -4.51 -13.29 3.15
CA ALA A 20 -3.72 -12.12 3.40
C ALA A 20 -2.46 -12.59 4.05
N VAL A 21 -1.34 -11.86 3.81
CA VAL A 21 -0.08 -12.25 4.38
C VAL A 21 0.68 -11.01 4.70
N VAL A 22 1.53 -11.08 5.75
CA VAL A 22 2.31 -9.94 6.14
C VAL A 22 3.65 -10.14 5.52
N PHE A 23 4.09 -9.15 4.70
CA PHE A 23 5.36 -9.26 4.04
C PHE A 23 6.26 -8.23 4.65
N SER A 24 7.49 -8.66 5.04
CA SER A 24 8.42 -7.76 5.68
C SER A 24 9.52 -7.45 4.72
N LEU A 25 10.07 -6.23 4.82
CA LEU A 25 11.15 -5.84 3.94
C LEU A 25 11.95 -4.79 4.65
N LYS A 26 13.12 -4.45 4.08
CA LYS A 26 13.98 -3.45 4.67
C LYS A 26 13.40 -2.11 4.35
N ASN A 27 13.82 -1.08 5.12
CA ASN A 27 13.34 0.26 4.89
C ASN A 27 14.07 0.85 3.71
N GLU A 28 14.11 0.07 2.60
CA GLU A 28 14.77 0.52 1.41
C GLU A 28 13.70 0.91 0.44
N VAL A 29 14.04 1.78 -0.53
CA VAL A 29 13.07 2.23 -1.48
C VAL A 29 12.96 1.16 -2.55
N GLY A 30 11.71 0.73 -2.85
CA GLY A 30 11.51 -0.27 -3.87
C GLY A 30 11.24 -1.59 -3.21
N GLY A 31 11.36 -1.66 -1.87
CA GLY A 31 11.12 -2.90 -1.17
C GLY A 31 9.66 -3.25 -1.30
N LEU A 32 8.79 -2.23 -1.23
CA LEU A 32 7.37 -2.45 -1.30
C LEU A 32 6.95 -2.83 -2.71
N VAL A 33 7.47 -2.14 -3.75
CA VAL A 33 7.03 -2.43 -5.11
C VAL A 33 7.51 -3.80 -5.54
N LYS A 34 8.70 -4.25 -5.10
CA LYS A 34 9.18 -5.54 -5.52
C LYS A 34 8.30 -6.61 -4.94
N ALA A 35 7.70 -6.35 -3.77
CA ALA A 35 6.84 -7.33 -3.16
C ALA A 35 5.55 -7.42 -3.94
N LEU A 36 5.00 -6.24 -4.33
CA LEU A 36 3.75 -6.20 -5.02
C LEU A 36 3.87 -6.67 -6.45
N ARG A 37 5.06 -6.50 -7.07
CA ARG A 37 5.23 -6.90 -8.46
C ARG A 37 5.03 -8.39 -8.59
N LEU A 38 5.28 -9.15 -7.51
CA LEU A 38 5.13 -10.59 -7.56
C LEU A 38 3.67 -10.91 -7.77
N PHE A 39 2.77 -10.08 -7.21
CA PHE A 39 1.36 -10.31 -7.36
C PHE A 39 0.98 -10.08 -8.80
N GLN A 40 1.66 -9.12 -9.46
CA GLN A 40 1.39 -8.82 -10.85
C GLN A 40 1.77 -10.01 -11.69
N GLU A 41 2.89 -10.69 -11.33
CA GLU A 41 3.38 -11.81 -12.11
C GLU A 41 2.37 -12.93 -12.06
N LYS A 42 1.73 -13.11 -10.88
CA LYS A 42 0.78 -14.18 -10.72
C LYS A 42 -0.57 -13.74 -11.23
N ARG A 43 -0.68 -12.48 -11.73
CA ARG A 43 -1.93 -11.98 -12.28
C ARG A 43 -2.99 -12.00 -11.20
N VAL A 44 -2.62 -11.55 -9.98
CA VAL A 44 -3.58 -11.52 -8.90
C VAL A 44 -3.67 -10.09 -8.44
N ASN A 45 -4.91 -9.58 -8.30
CA ASN A 45 -5.10 -8.21 -7.90
C ASN A 45 -5.12 -8.15 -6.39
N MET A 46 -5.04 -6.92 -5.85
CA MET A 46 -5.06 -6.71 -4.44
C MET A 46 -6.33 -5.97 -4.13
N VAL A 47 -6.89 -6.18 -2.92
CA VAL A 47 -8.12 -5.52 -2.57
C VAL A 47 -7.83 -4.49 -1.52
N HIS A 48 -6.71 -4.63 -0.78
CA HIS A 48 -6.40 -3.66 0.23
C HIS A 48 -4.93 -3.75 0.51
N ILE A 49 -4.32 -2.60 0.88
CA ILE A 49 -2.91 -2.57 1.18
C ILE A 49 -2.73 -1.62 2.32
N GLU A 50 -1.84 -1.98 3.28
CA GLU A 50 -1.61 -1.12 4.40
C GLU A 50 -0.18 -1.30 4.81
N SER A 51 0.52 -0.19 5.10
CA SER A 51 1.91 -0.28 5.51
C SER A 51 2.02 0.39 6.85
N ARG A 52 2.98 -0.09 7.68
CA ARG A 52 3.17 0.49 8.98
C ARG A 52 4.65 0.65 9.15
N LYS A 53 5.08 1.76 9.79
CA LYS A 53 6.48 1.99 10.01
C LYS A 53 6.74 1.85 11.47
N SER A 54 7.76 1.03 11.81
CA SER A 54 8.10 0.82 13.20
C SER A 54 9.55 0.45 13.21
N ARG A 55 10.29 0.92 14.24
CA ARG A 55 11.69 0.60 14.33
C ARG A 55 12.00 0.43 15.78
N ARG A 56 12.70 -0.68 16.12
CA ARG A 56 13.05 -0.92 17.50
C ARG A 56 14.17 -1.92 17.51
N ARG A 57 13.84 -3.22 17.35
CA ARG A 57 14.86 -4.25 17.35
C ARG A 57 15.20 -4.57 15.92
N SER A 58 14.52 -3.93 14.97
CA SER A 58 14.79 -4.19 13.58
C SER A 58 14.47 -2.94 12.83
N SER A 59 15.21 -2.70 11.72
CA SER A 59 14.99 -1.53 10.91
C SER A 59 14.04 -1.89 9.80
N GLU A 60 13.58 -3.15 9.79
CA GLU A 60 12.68 -3.60 8.77
C GLU A 60 11.29 -3.15 9.13
N VAL A 61 10.43 -3.04 8.10
CA VAL A 61 9.07 -2.61 8.34
C VAL A 61 8.17 -3.70 7.84
N GLU A 62 6.92 -3.72 8.34
CA GLU A 62 5.98 -4.75 7.95
C GLU A 62 4.92 -4.10 7.10
N ILE A 63 4.61 -4.75 5.96
CA ILE A 63 3.60 -4.23 5.08
C ILE A 63 2.57 -5.32 4.92
N PHE A 64 1.28 -4.97 5.11
CA PHE A 64 0.22 -5.94 5.02
C PHE A 64 -0.32 -5.93 3.63
N VAL A 65 -0.55 -7.14 3.06
CA VAL A 65 -1.08 -7.24 1.72
C VAL A 65 -2.32 -8.07 1.81
N ASP A 66 -3.45 -7.54 1.27
CA ASP A 66 -4.70 -8.26 1.29
C ASP A 66 -5.11 -8.47 -0.14
N CYS A 67 -5.39 -9.74 -0.50
CA CYS A 67 -5.76 -10.04 -1.86
C CYS A 67 -6.72 -11.19 -1.84
N GLU A 68 -7.44 -11.39 -2.97
CA GLU A 68 -8.38 -12.48 -3.06
C GLU A 68 -7.91 -13.36 -4.17
N CYS A 69 -7.60 -14.63 -3.84
CA CYS A 69 -7.11 -15.54 -4.84
C CYS A 69 -7.29 -16.93 -4.31
N GLY A 70 -7.03 -17.95 -5.16
CA GLY A 70 -7.16 -19.32 -4.73
C GLY A 70 -6.06 -19.62 -3.75
N LYS A 71 -6.25 -20.68 -2.94
CA LYS A 71 -5.26 -21.06 -1.96
C LYS A 71 -3.99 -21.47 -2.64
N THR A 72 -4.12 -22.18 -3.79
CA THR A 72 -2.94 -22.64 -4.51
C THR A 72 -2.15 -21.44 -4.97
N GLU A 73 -2.85 -20.42 -5.51
CA GLU A 73 -2.18 -19.24 -6.02
C GLU A 73 -1.52 -18.54 -4.88
N PHE A 74 -2.24 -18.47 -3.75
CA PHE A 74 -1.75 -17.82 -2.56
C PHE A 74 -0.48 -18.51 -2.10
N ASN A 75 -0.51 -19.85 -2.00
CA ASN A 75 0.64 -20.60 -1.54
C ASN A 75 1.80 -20.36 -2.46
N GLU A 76 1.54 -20.34 -3.79
CA GLU A 76 2.61 -20.13 -4.74
C GLU A 76 3.24 -18.78 -4.52
N LEU A 77 2.44 -17.75 -4.19
CA LEU A 77 2.97 -16.43 -3.98
C LEU A 77 3.78 -16.41 -2.74
N ILE A 78 3.25 -17.03 -1.68
CA ILE A 78 3.93 -17.05 -0.41
C ILE A 78 5.26 -17.73 -0.56
N GLN A 79 5.30 -18.85 -1.30
CA GLN A 79 6.53 -19.58 -1.47
C GLN A 79 7.53 -18.73 -2.20
N LEU A 80 7.07 -17.93 -3.18
CA LEU A 80 7.98 -17.09 -3.94
C LEU A 80 8.37 -15.90 -3.11
N LEU A 81 7.42 -15.34 -2.34
CA LEU A 81 7.69 -14.19 -1.50
C LEU A 81 8.64 -14.60 -0.41
N LYS A 82 8.63 -15.90 -0.03
CA LYS A 82 9.49 -16.42 1.01
C LYS A 82 10.94 -16.21 0.62
N PHE A 83 11.26 -16.37 -0.68
CA PHE A 83 12.62 -16.19 -1.10
C PHE A 83 13.02 -14.75 -0.93
N GLN A 84 12.08 -13.81 -1.19
CA GLN A 84 12.39 -12.40 -1.06
C GLN A 84 12.63 -12.06 0.39
N THR A 85 11.80 -12.62 1.32
CA THR A 85 11.99 -12.32 2.71
C THR A 85 11.39 -13.45 3.49
N THR A 86 11.88 -13.67 4.72
CA THR A 86 11.35 -14.73 5.54
C THR A 86 10.06 -14.24 6.12
N ILE A 87 8.97 -15.01 5.94
CA ILE A 87 7.69 -14.61 6.46
C ILE A 87 7.34 -15.62 7.52
N VAL A 88 7.16 -15.15 8.77
CA VAL A 88 6.84 -16.05 9.86
C VAL A 88 5.45 -15.72 10.35
N THR A 89 4.82 -14.68 9.76
CA THR A 89 3.49 -14.31 10.19
C THR A 89 2.59 -14.49 9.01
N LEU A 90 1.58 -15.39 9.14
CA LEU A 90 0.68 -15.63 8.05
C LEU A 90 -0.72 -15.45 8.56
N ASN A 91 -1.00 -14.23 9.06
CA ASN A 91 -2.33 -13.89 9.59
C ASN A 91 -2.80 -14.99 10.52
N PRO A 92 -2.13 -15.15 11.64
CA PRO A 92 -2.49 -16.17 12.59
C PRO A 92 -3.69 -15.81 13.42
N PRO A 93 -4.67 -16.70 13.53
CA PRO A 93 -5.87 -16.43 14.33
C PRO A 93 -5.56 -16.23 15.79
N GLU A 94 -6.28 -15.28 16.44
CA GLU A 94 -6.07 -15.04 17.84
C GLU A 94 -6.79 -16.10 18.63
N ASN A 95 -7.59 -16.94 17.94
CA ASN A 95 -8.34 -17.97 18.61
C ASN A 95 -7.58 -19.26 18.54
N ILE A 96 -6.26 -19.18 18.66
CA ILE A 96 -5.44 -20.37 18.62
C ILE A 96 -5.20 -20.81 20.03
N TRP A 97 -4.96 -22.13 20.22
CA TRP A 97 -4.74 -22.65 21.54
C TRP A 97 -3.26 -22.59 21.80
N THR A 98 -2.88 -22.14 23.02
CA THR A 98 -1.48 -22.06 23.37
C THR A 98 -0.94 -23.44 23.59
N GLU A 99 -1.85 -24.37 23.97
CA GLU A 99 -1.46 -25.74 24.22
C GLU A 99 -0.48 -25.78 25.35
N GLU A 100 -0.68 -24.91 26.37
CA GLU A 100 0.21 -24.88 27.50
C GLU A 100 -0.22 -25.97 28.50
N GLY B 1 -10.21 -14.13 25.24
CA GLY B 1 -9.63 -14.38 26.58
C GLY B 1 -9.42 -13.08 27.31
N PRO B 2 -8.28 -12.47 27.07
CA PRO B 2 -7.94 -11.20 27.71
C PRO B 2 -8.75 -10.05 27.20
N GLY B 3 -9.31 -10.20 25.97
CA GLY B 3 -10.10 -9.15 25.40
C GLY B 3 -9.19 -8.28 24.59
N ASN B 4 -9.77 -7.28 23.89
CA ASN B 4 -8.97 -6.40 23.08
C ASN B 4 -8.63 -5.21 23.94
N LYS B 5 -7.36 -5.14 24.41
CA LYS B 5 -6.94 -4.04 25.23
C LYS B 5 -5.71 -3.47 24.59
N GLY B 6 -5.55 -2.13 24.70
CA GLY B 6 -4.39 -1.50 24.11
C GLY B 6 -4.50 -0.04 24.40
N SER B 7 -3.49 0.74 23.95
CA SER B 7 -3.49 2.17 24.17
C SER B 7 -4.49 2.78 23.22
N SER B 8 -4.94 4.01 23.55
CA SER B 8 -5.88 4.69 22.70
C SER B 8 -5.32 6.04 22.42
N LYS B 9 -5.54 6.55 21.19
CA LYS B 9 -5.02 7.84 20.83
C LYS B 9 -5.94 8.40 19.78
N ARG B 10 -6.24 9.71 19.87
CA ARG B 10 -7.11 10.33 18.90
C ARG B 10 -6.60 11.72 18.69
N GLU B 11 -6.74 12.23 17.46
CA GLU B 11 -6.29 13.56 17.15
C GLU B 11 -7.22 14.11 16.12
N ALA B 12 -7.37 15.44 16.08
CA ALA B 12 -8.24 16.05 15.11
C ALA B 12 -7.74 17.43 14.85
N ALA B 13 -8.00 17.94 13.61
CA ALA B 13 -7.56 19.27 13.24
C ALA B 13 -6.05 19.31 13.22
N THR B 14 -5.42 18.23 12.72
CA THR B 14 -3.98 18.18 12.67
C THR B 14 -3.53 18.64 11.32
N GLU B 15 -4.48 18.73 10.35
CA GLU B 15 -4.15 19.15 9.00
C GLU B 15 -3.21 18.14 8.42
N SER B 16 -2.09 18.61 7.83
CA SER B 16 -1.13 17.68 7.25
C SER B 16 0.14 18.45 7.03
N GLY B 17 0.17 19.28 5.96
CA GLY B 17 1.36 20.06 5.68
C GLY B 17 2.44 19.14 5.16
N LYS B 18 2.03 18.05 4.47
CA LYS B 18 2.99 17.11 3.95
C LYS B 18 2.78 17.00 2.48
N THR B 19 3.60 16.16 1.82
CA THR B 19 3.52 16.01 0.40
C THR B 19 2.84 14.71 0.11
N ALA B 20 1.55 14.78 -0.23
CA ALA B 20 0.80 13.60 -0.53
C ALA B 20 -0.04 13.90 -1.72
N VAL B 21 -0.35 12.87 -2.53
CA VAL B 21 -1.15 13.10 -3.71
C VAL B 21 -2.00 11.88 -3.93
N VAL B 22 -3.18 12.08 -4.55
CA VAL B 22 -4.08 10.99 -4.81
C VAL B 22 -3.81 10.60 -6.24
N PHE B 23 -3.45 9.32 -6.46
CA PHE B 23 -3.16 8.85 -7.78
C PHE B 23 -4.26 7.90 -8.16
N SER B 24 -4.85 8.10 -9.36
CA SER B 24 -5.93 7.26 -9.81
C SER B 24 -5.43 6.38 -10.90
N LEU B 25 -6.00 5.15 -10.97
CA LEU B 25 -5.59 4.23 -11.99
C LEU B 25 -6.75 3.32 -12.26
N LYS B 26 -6.63 2.50 -13.33
CA LYS B 26 -7.68 1.58 -13.68
C LYS B 26 -7.58 0.40 -12.75
N ASN B 27 -8.68 -0.38 -12.65
CA ASN B 27 -8.71 -1.53 -11.79
C ASN B 27 -7.97 -2.65 -12.49
N GLU B 28 -6.76 -2.35 -12.98
CA GLU B 28 -5.96 -3.33 -13.66
C GLU B 28 -4.87 -3.73 -12.72
N VAL B 29 -4.31 -4.94 -12.92
CA VAL B 29 -3.26 -5.40 -12.04
C VAL B 29 -1.98 -4.79 -12.49
N GLY B 30 -1.24 -4.15 -11.54
CA GLY B 30 0.02 -3.54 -11.87
C GLY B 30 -0.16 -2.06 -11.95
N GLY B 31 -1.42 -1.57 -11.86
CA GLY B 31 -1.66 -0.15 -11.92
C GLY B 31 -1.05 0.51 -10.72
N LEU B 32 -1.16 -0.16 -9.55
CA LEU B 32 -0.63 0.39 -8.33
C LEU B 32 0.89 0.37 -8.32
N VAL B 33 1.52 -0.75 -8.77
CA VAL B 33 2.98 -0.83 -8.70
C VAL B 33 3.62 0.12 -9.68
N LYS B 34 2.99 0.36 -10.86
CA LYS B 34 3.60 1.27 -11.82
C LYS B 34 3.60 2.66 -11.25
N ALA B 35 2.62 2.99 -10.39
CA ALA B 35 2.57 4.30 -9.83
C ALA B 35 3.67 4.44 -8.80
N LEU B 36 3.85 3.39 -7.97
CA LEU B 36 4.84 3.44 -6.91
C LEU B 36 6.24 3.33 -7.45
N ARG B 37 6.44 2.66 -8.60
CA ARG B 37 7.77 2.49 -9.14
C ARG B 37 8.35 3.84 -9.49
N LEU B 38 7.48 4.83 -9.78
CA LEU B 38 7.95 6.15 -10.14
C LEU B 38 8.64 6.76 -8.95
N PHE B 39 8.17 6.43 -7.73
CA PHE B 39 8.76 6.98 -6.54
C PHE B 39 10.14 6.38 -6.39
N GLN B 40 10.30 5.11 -6.80
CA GLN B 40 11.58 4.45 -6.70
C GLN B 40 12.57 5.13 -7.62
N GLU B 41 12.10 5.57 -8.81
CA GLU B 41 12.97 6.19 -9.78
C GLU B 41 13.50 7.48 -9.21
N LYS B 42 12.65 8.22 -8.48
CA LYS B 42 13.05 9.48 -7.92
C LYS B 42 13.78 9.26 -6.61
N ARG B 43 13.93 7.99 -6.18
CA ARG B 43 14.64 7.68 -4.95
C ARG B 43 13.93 8.34 -3.79
N VAL B 44 12.59 8.27 -3.75
CA VAL B 44 11.85 8.86 -2.66
C VAL B 44 11.09 7.73 -2.01
N ASN B 45 11.17 7.67 -0.66
CA ASN B 45 10.50 6.62 0.06
C ASN B 45 9.10 7.07 0.37
N MET B 46 8.26 6.11 0.81
CA MET B 46 6.90 6.41 1.15
C MET B 46 6.77 6.17 2.62
N VAL B 47 5.87 6.93 3.29
CA VAL B 47 5.70 6.77 4.72
C VAL B 47 4.38 6.11 4.99
N HIS B 48 3.43 6.19 4.04
CA HIS B 48 2.15 5.59 4.26
C HIS B 48 1.50 5.38 2.92
N ILE B 49 0.69 4.31 2.82
CA ILE B 49 0.01 4.02 1.58
C ILE B 49 -1.35 3.50 1.95
N GLU B 50 -2.38 3.92 1.18
CA GLU B 50 -3.71 3.45 1.46
C GLU B 50 -4.44 3.39 0.15
N SER B 51 -5.20 2.30 -0.08
CA SER B 51 -5.93 2.16 -1.31
C SER B 51 -7.38 1.98 -0.95
N ARG B 52 -8.29 2.44 -1.84
CA ARG B 52 -9.70 2.30 -1.59
C ARG B 52 -10.32 1.84 -2.87
N LYS B 53 -11.32 0.95 -2.77
CA LYS B 53 -11.98 0.43 -3.94
C LYS B 53 -13.36 1.00 -3.97
N SER B 54 -13.75 1.58 -5.12
CA SER B 54 -15.06 2.16 -5.26
C SER B 54 -15.38 2.11 -6.72
N ARG B 55 -16.67 1.86 -7.05
CA ARG B 55 -17.05 1.80 -8.44
C ARG B 55 -18.43 2.37 -8.52
N ARG B 56 -18.64 3.31 -9.48
CA ARG B 56 -19.94 3.91 -9.63
C ARG B 56 -20.00 4.52 -11.00
N ARG B 57 -19.41 5.73 -11.16
CA ARG B 57 -19.42 6.39 -12.44
C ARG B 57 -18.12 6.11 -13.13
N SER B 58 -17.21 5.38 -12.45
CA SER B 58 -15.94 5.07 -13.05
C SER B 58 -15.49 3.77 -12.47
N SER B 59 -14.73 2.98 -13.28
CA SER B 59 -14.23 1.70 -12.82
C SER B 59 -12.86 1.91 -12.27
N GLU B 60 -12.38 3.16 -12.28
CA GLU B 60 -11.06 3.46 -11.78
C GLU B 60 -11.13 3.53 -10.28
N VAL B 61 -9.98 3.31 -9.63
CA VAL B 61 -9.93 3.35 -8.20
C VAL B 61 -8.93 4.41 -7.81
N GLU B 62 -9.04 4.92 -6.57
CA GLU B 62 -8.15 5.96 -6.13
C GLU B 62 -7.23 5.37 -5.09
N ILE B 63 -5.93 5.64 -5.22
CA ILE B 63 -4.96 5.13 -4.28
C ILE B 63 -4.23 6.33 -3.73
N PHE B 64 -4.14 6.42 -2.39
CA PHE B 64 -3.50 7.56 -1.76
C PHE B 64 -2.07 7.21 -1.50
N VAL B 65 -1.17 8.16 -1.79
CA VAL B 65 0.24 7.93 -1.57
C VAL B 65 0.74 9.05 -0.69
N ASP B 66 1.40 8.68 0.43
CA ASP B 66 1.92 9.66 1.34
C ASP B 66 3.42 9.48 1.39
N CYS B 67 4.17 10.58 1.16
CA CYS B 67 5.61 10.47 1.16
C CYS B 67 6.18 11.76 1.65
N GLU B 68 7.46 11.75 2.05
CA GLU B 68 8.10 12.95 2.52
C GLU B 68 9.23 13.24 1.59
N CYS B 69 9.18 14.42 0.94
CA CYS B 69 10.21 14.78 0.01
C CYS B 69 10.13 16.26 -0.20
N GLY B 70 11.12 16.81 -0.94
CA GLY B 70 11.12 18.24 -1.20
C GLY B 70 10.00 18.55 -2.15
N LYS B 71 9.58 19.83 -2.18
CA LYS B 71 8.49 20.26 -3.03
C LYS B 71 8.88 20.06 -4.48
N THR B 72 10.16 20.35 -4.81
CA THR B 72 10.62 20.21 -6.18
C THR B 72 10.52 18.76 -6.59
N GLU B 73 10.94 17.83 -5.70
CA GLU B 73 10.90 16.42 -6.01
C GLU B 73 9.47 16.00 -6.18
N PHE B 74 8.62 16.52 -5.29
CA PHE B 74 7.21 16.21 -5.30
C PHE B 74 6.61 16.65 -6.62
N ASN B 75 6.89 17.91 -7.03
CA ASN B 75 6.35 18.44 -8.26
C ASN B 75 6.81 17.60 -9.42
N GLU B 76 8.10 17.20 -9.42
CA GLU B 76 8.62 16.41 -10.50
C GLU B 76 7.88 15.11 -10.59
N LEU B 77 7.54 14.50 -9.43
CA LEU B 77 6.85 13.24 -9.44
C LEU B 77 5.47 13.43 -9.96
N ILE B 78 4.80 14.49 -9.48
CA ILE B 78 3.45 14.76 -9.88
C ILE B 78 3.39 14.98 -11.36
N GLN B 79 4.35 15.73 -11.92
CA GLN B 79 4.36 16.00 -13.34
C GLN B 79 4.52 14.71 -14.10
N LEU B 80 5.35 13.78 -13.58
CA LEU B 80 5.57 12.53 -14.28
C LEU B 80 4.37 11.64 -14.10
N LEU B 81 3.78 11.64 -12.89
CA LEU B 81 2.62 10.82 -12.60
C LEU B 81 1.46 11.31 -13.43
N LYS B 82 1.46 12.62 -13.78
CA LYS B 82 0.39 13.21 -14.55
C LYS B 82 0.29 12.52 -15.89
N PHE B 83 1.44 12.14 -16.49
CA PHE B 83 1.41 11.48 -17.76
C PHE B 83 0.76 10.13 -17.61
N GLN B 84 1.00 9.44 -16.46
CA GLN B 84 0.42 8.13 -16.26
C GLN B 84 -1.08 8.26 -16.10
N THR B 85 -1.55 9.28 -15.35
CA THR B 85 -2.97 9.44 -15.16
C THR B 85 -3.22 10.88 -14.86
N THR B 86 -4.43 11.38 -15.16
CA THR B 86 -4.74 12.76 -14.88
C THR B 86 -5.06 12.84 -13.42
N ILE B 87 -4.37 13.76 -12.71
CA ILE B 87 -4.61 13.92 -11.29
C ILE B 87 -5.21 15.27 -11.11
N VAL B 88 -6.45 15.32 -10.56
CA VAL B 88 -7.11 16.59 -10.36
C VAL B 88 -7.27 16.83 -8.89
N THR B 89 -6.84 15.85 -8.06
CA THR B 89 -6.98 16.02 -6.63
C THR B 89 -5.60 16.01 -6.05
N LEU B 90 -5.22 17.11 -5.38
CA LEU B 90 -3.92 17.19 -4.77
C LEU B 90 -4.14 17.61 -3.36
N ASN B 91 -4.41 16.63 -2.47
CA ASN B 91 -4.65 16.96 -1.09
C ASN B 91 -4.44 15.69 -0.29
N PRO B 92 -3.71 15.80 0.81
CA PRO B 92 -3.47 14.65 1.68
C PRO B 92 -4.73 14.11 2.30
N PRO B 93 -4.78 12.83 2.61
CA PRO B 93 -5.96 12.23 3.21
C PRO B 93 -6.06 12.48 4.68
N GLU B 94 -6.26 13.75 5.04
CA GLU B 94 -6.39 14.14 6.43
C GLU B 94 -7.76 13.77 6.93
N ASN B 95 -8.63 13.26 6.03
CA ASN B 95 -9.98 12.92 6.42
C ASN B 95 -10.06 11.44 6.63
N ILE B 96 -8.97 10.82 7.11
CA ILE B 96 -8.97 9.39 7.35
C ILE B 96 -9.71 9.15 8.64
N TRP B 97 -11.03 8.87 8.52
CA TRP B 97 -11.83 8.63 9.70
C TRP B 97 -12.32 7.22 9.61
N THR B 98 -12.34 6.52 10.77
CA THR B 98 -12.80 5.15 10.80
C THR B 98 -13.74 5.04 11.95
N GLU B 99 -14.56 3.96 11.95
CA GLU B 99 -15.52 3.76 13.03
C GLU B 99 -14.86 2.99 14.12
N GLU B 100 -13.60 2.55 13.91
CA GLU B 100 -12.91 1.78 14.92
C GLU B 100 -11.83 2.69 15.52
N PHE C . 10.04 2.69 3.14
CA PHE C . 9.81 1.68 2.07
C PHE C . 9.52 2.22 0.64
O PHE C . 9.21 3.43 0.51
CB PHE C . 8.62 0.78 2.47
CG PHE C . 7.30 1.50 2.58
CD1 PHE C . 6.47 1.61 1.48
CD2 PHE C . 6.91 2.07 3.78
CE1 PHE C . 5.26 2.26 1.59
CE2 PHE C . 5.71 2.72 3.88
CZ PHE C . 4.88 2.82 2.78
OXT PHE C . 9.61 1.40 -0.32
H1 PHE C . 10.95 3.16 2.98
H2 PHE C . 10.06 2.21 4.06
H3 PHE C . 9.27 3.39 3.14
HA PHE C . 10.71 1.09 2.01
HB2 PHE C . 8.81 0.32 3.46
HB3 PHE C . 8.48 -0.03 1.73
HD1 PHE C . 6.76 1.17 0.54
HD2 PHE C . 7.56 1.99 4.64
HE1 PHE C . 4.61 2.33 0.73
HE2 PHE C . 5.41 3.16 4.82
HZ PHE C . 3.94 3.34 2.87
N PHE D . -6.79 -3.54 -8.21
CA PHE D . -5.48 -2.92 -8.53
C PHE D . -4.22 -3.79 -8.36
O PHE D . -3.15 -3.39 -8.90
CB PHE D . -5.29 -1.64 -7.67
CG PHE D . -5.21 -1.90 -6.20
CD1 PHE D . -3.98 -2.12 -5.60
CD2 PHE D . -6.35 -1.92 -5.42
CE1 PHE D . -3.90 -2.36 -4.25
CE2 PHE D . -6.27 -2.16 -4.07
CZ PHE D . -5.04 -2.37 -3.49
OXT PHE D . -4.31 -4.84 -7.68
H1 PHE D . -6.75 -3.96 -7.25
H2 PHE D . -7.02 -4.27 -8.91
H3 PHE D . -7.54 -2.81 -8.22
HA PHE D . -5.54 -2.63 -9.58
HB2 PHE D . -6.15 -0.96 -7.83
HB3 PHE D . -4.36 -1.12 -7.97
HD1 PHE D . -3.08 -2.12 -6.19
HD2 PHE D . -7.31 -1.75 -5.87
HE1 PHE D . -2.94 -2.53 -3.78
HE2 PHE D . -7.17 -2.16 -3.47
HZ PHE D . -4.98 -2.56 -2.42
N GLY A 1 -26.39 -38.22 11.90
CA GLY A 1 -26.57 -39.09 13.10
C GLY A 1 -26.55 -38.26 14.35
N PRO A 2 -25.34 -37.91 14.76
CA PRO A 2 -25.15 -37.11 15.96
C PRO A 2 -25.34 -35.64 15.72
N GLY A 3 -26.59 -35.23 15.39
CA GLY A 3 -26.86 -33.84 15.15
C GLY A 3 -26.60 -33.55 13.70
N ASN A 4 -25.47 -32.84 13.44
CA ASN A 4 -25.11 -32.48 12.08
C ASN A 4 -26.17 -31.56 11.54
N LYS A 5 -26.86 -31.98 10.46
CA LYS A 5 -27.89 -31.16 9.85
C LYS A 5 -29.07 -31.07 10.80
N GLY A 6 -29.13 -31.98 11.80
CA GLY A 6 -30.24 -31.96 12.73
C GLY A 6 -29.91 -31.02 13.86
N SER A 7 -28.72 -30.37 13.82
CA SER A 7 -28.35 -29.47 14.87
C SER A 7 -28.45 -28.08 14.30
N SER A 8 -29.31 -27.24 14.91
CA SER A 8 -29.47 -25.89 14.45
C SER A 8 -28.32 -25.07 14.97
N LYS A 9 -28.06 -23.92 14.34
CA LYS A 9 -26.99 -23.06 14.77
C LYS A 9 -27.54 -21.67 14.82
N ARG A 10 -27.05 -20.86 15.78
CA ARG A 10 -27.52 -19.50 15.89
C ARG A 10 -26.70 -18.66 14.96
N GLU A 11 -27.36 -17.71 14.26
CA GLU A 11 -26.65 -16.86 13.34
C GLU A 11 -26.35 -15.58 14.06
N ALA A 12 -25.17 -15.50 14.70
CA ALA A 12 -24.79 -14.31 15.42
C ALA A 12 -23.30 -14.32 15.53
N ALA A 13 -22.62 -14.71 14.43
CA ALA A 13 -21.18 -14.76 14.44
C ALA A 13 -20.73 -14.63 13.03
N THR A 14 -19.44 -14.26 12.83
CA THR A 14 -18.92 -14.11 11.50
C THR A 14 -17.82 -15.11 11.34
N GLU A 15 -17.55 -15.54 10.09
CA GLU A 15 -16.52 -16.51 9.85
C GLU A 15 -15.40 -15.77 9.18
N SER A 16 -14.17 -15.91 9.74
CA SER A 16 -13.03 -15.25 9.16
C SER A 16 -12.34 -16.24 8.28
N GLY A 17 -12.07 -15.85 7.02
CA GLY A 17 -11.41 -16.73 6.10
C GLY A 17 -10.95 -15.91 4.95
N LYS A 18 -9.82 -15.20 5.13
CA LYS A 18 -9.31 -14.37 4.08
C LYS A 18 -7.86 -14.76 3.89
N THR A 19 -7.33 -14.51 2.69
CA THR A 19 -5.96 -14.86 2.40
C THR A 19 -5.15 -13.60 2.48
N ALA A 20 -4.60 -13.33 3.68
CA ALA A 20 -3.79 -12.16 3.86
C ALA A 20 -2.57 -12.57 4.60
N VAL A 21 -1.39 -12.03 4.20
CA VAL A 21 -0.16 -12.39 4.86
C VAL A 21 0.60 -11.14 5.14
N VAL A 22 1.61 -11.27 6.02
CA VAL A 22 2.43 -10.14 6.38
C VAL A 22 3.73 -10.33 5.66
N PHE A 23 4.13 -9.31 4.86
CA PHE A 23 5.35 -9.42 4.11
C PHE A 23 6.33 -8.43 4.67
N SER A 24 7.57 -8.89 4.94
CA SER A 24 8.58 -8.03 5.52
C SER A 24 9.62 -7.76 4.49
N LEU A 25 10.22 -6.55 4.54
CA LEU A 25 11.23 -6.21 3.59
C LEU A 25 12.13 -5.19 4.24
N LYS A 26 13.24 -4.86 3.55
CA LYS A 26 14.19 -3.90 4.06
C LYS A 26 13.57 -2.54 3.99
N ASN A 27 14.02 -1.63 4.88
CA ASN A 27 13.49 -0.29 4.89
C ASN A 27 14.20 0.47 3.80
N GLU A 28 14.05 -0.02 2.54
CA GLU A 28 14.65 0.64 1.41
C GLU A 28 13.53 0.93 0.46
N VAL A 29 13.71 1.97 -0.37
CA VAL A 29 12.67 2.34 -1.30
C VAL A 29 12.76 1.43 -2.48
N GLY A 30 11.62 0.81 -2.87
CA GLY A 30 11.60 -0.07 -4.01
C GLY A 30 11.37 -1.48 -3.55
N GLY A 31 11.43 -1.73 -2.23
CA GLY A 31 11.21 -3.07 -1.73
C GLY A 31 9.77 -3.45 -1.93
N LEU A 32 8.87 -2.48 -1.71
CA LEU A 32 7.44 -2.73 -1.80
C LEU A 32 7.02 -3.06 -3.22
N VAL A 33 7.59 -2.37 -4.25
CA VAL A 33 7.17 -2.64 -5.61
C VAL A 33 7.52 -4.05 -6.02
N LYS A 34 8.65 -4.61 -5.50
CA LYS A 34 9.03 -5.95 -5.87
C LYS A 34 8.04 -6.91 -5.27
N ALA A 35 7.61 -6.61 -4.04
CA ALA A 35 6.67 -7.47 -3.37
C ALA A 35 5.35 -7.48 -4.10
N LEU A 36 4.89 -6.31 -4.54
CA LEU A 36 3.60 -6.21 -5.21
C LEU A 36 3.67 -6.76 -6.62
N ARG A 37 4.84 -6.70 -7.29
CA ARG A 37 4.92 -7.18 -8.66
C ARG A 37 4.70 -8.66 -8.66
N LEU A 38 5.04 -9.33 -7.54
CA LEU A 38 4.88 -10.76 -7.44
C LEU A 38 3.41 -11.08 -7.56
N PHE A 39 2.55 -10.25 -6.95
CA PHE A 39 1.12 -10.47 -7.00
C PHE A 39 0.66 -10.28 -8.42
N GLN A 40 1.27 -9.30 -9.13
CA GLN A 40 0.89 -9.03 -10.50
C GLN A 40 1.23 -10.21 -11.38
N GLU A 41 2.39 -10.86 -11.13
CA GLU A 41 2.81 -11.97 -11.96
C GLU A 41 1.81 -13.09 -11.87
N LYS A 42 1.26 -13.34 -10.67
CA LYS A 42 0.31 -14.42 -10.51
C LYS A 42 -1.08 -13.93 -10.81
N ARG A 43 -1.23 -12.62 -11.15
CA ARG A 43 -2.53 -12.09 -11.47
C ARG A 43 -3.40 -12.10 -10.23
N VAL A 44 -2.86 -11.60 -9.11
CA VAL A 44 -3.60 -11.55 -7.88
C VAL A 44 -3.93 -10.12 -7.62
N ASN A 45 -5.23 -9.83 -7.41
CA ASN A 45 -5.65 -8.47 -7.17
C ASN A 45 -5.41 -8.14 -5.73
N MET A 46 -5.52 -6.84 -5.40
CA MET A 46 -5.32 -6.40 -4.04
C MET A 46 -6.59 -5.71 -3.62
N VAL A 47 -7.07 -5.98 -2.39
CA VAL A 47 -8.29 -5.36 -1.93
C VAL A 47 -7.94 -4.35 -0.87
N HIS A 48 -6.77 -4.51 -0.23
CA HIS A 48 -6.37 -3.56 0.79
C HIS A 48 -4.88 -3.66 0.93
N ILE A 49 -4.23 -2.52 1.20
CA ILE A 49 -2.81 -2.50 1.35
C ILE A 49 -2.48 -1.43 2.36
N GLU A 50 -1.51 -1.72 3.26
CA GLU A 50 -1.13 -0.74 4.24
C GLU A 50 0.23 -1.11 4.74
N SER A 51 1.02 -0.10 5.14
CA SER A 51 2.36 -0.35 5.63
C SER A 51 2.43 0.18 7.03
N ARG A 52 3.10 -0.57 7.93
CA ARG A 52 3.23 -0.14 9.30
C ARG A 52 4.70 -0.13 9.63
N LYS A 53 5.21 1.03 10.04
CA LYS A 53 6.61 1.14 10.38
C LYS A 53 6.71 1.38 11.85
N SER A 54 7.79 0.87 12.47
CA SER A 54 7.98 1.05 13.88
C SER A 54 8.55 2.42 14.10
N ARG A 55 8.18 3.06 15.22
CA ARG A 55 8.69 4.38 15.52
C ARG A 55 10.15 4.25 15.89
N ARG A 56 10.56 3.04 16.31
CA ARG A 56 11.94 2.81 16.67
C ARG A 56 12.70 2.55 15.41
N ARG A 57 14.03 2.76 15.44
CA ARG A 57 14.84 2.54 14.27
C ARG A 57 14.81 1.06 13.96
N SER A 58 14.65 0.74 12.66
CA SER A 58 14.60 -0.65 12.26
C SER A 58 15.09 -0.71 10.85
N SER A 59 15.78 -1.81 10.48
CA SER A 59 16.30 -1.95 9.15
C SER A 59 15.25 -2.59 8.29
N GLU A 60 14.18 -3.12 8.91
CA GLU A 60 13.14 -3.76 8.15
C GLU A 60 11.82 -3.25 8.64
N VAL A 61 10.81 -3.30 7.74
CA VAL A 61 9.48 -2.84 8.09
C VAL A 61 8.52 -3.93 7.67
N GLU A 62 7.31 -3.91 8.25
CA GLU A 62 6.32 -4.93 7.92
C GLU A 62 5.23 -4.28 7.12
N ILE A 63 4.85 -4.93 6.01
CA ILE A 63 3.81 -4.40 5.16
C ILE A 63 2.74 -5.46 5.09
N PHE A 64 1.48 -5.05 5.35
CA PHE A 64 0.39 -6.00 5.35
C PHE A 64 -0.24 -5.96 3.98
N VAL A 65 -0.52 -7.17 3.43
CA VAL A 65 -1.12 -7.24 2.11
C VAL A 65 -2.37 -8.08 2.25
N ASP A 66 -3.51 -7.52 1.78
CA ASP A 66 -4.77 -8.24 1.85
C ASP A 66 -5.23 -8.44 0.44
N CYS A 67 -5.34 -9.71 0.01
CA CYS A 67 -5.76 -9.99 -1.34
C CYS A 67 -6.78 -11.10 -1.30
N GLU A 68 -7.55 -11.23 -2.40
CA GLU A 68 -8.54 -12.27 -2.48
C GLU A 68 -8.10 -13.17 -3.60
N CYS A 69 -7.89 -14.46 -3.29
CA CYS A 69 -7.44 -15.37 -4.31
C CYS A 69 -7.61 -16.77 -3.77
N GLY A 70 -7.41 -17.78 -4.64
CA GLY A 70 -7.55 -19.16 -4.22
C GLY A 70 -6.41 -19.46 -3.29
N LYS A 71 -6.64 -20.37 -2.33
CA LYS A 71 -5.62 -20.71 -1.36
C LYS A 71 -4.43 -21.34 -2.05
N THR A 72 -4.67 -22.22 -3.04
CA THR A 72 -3.56 -22.87 -3.72
C THR A 72 -2.74 -21.84 -4.44
N GLU A 73 -3.40 -20.91 -5.16
CA GLU A 73 -2.70 -19.89 -5.92
C GLU A 73 -1.97 -18.99 -4.96
N PHE A 74 -2.65 -18.68 -3.84
CA PHE A 74 -2.10 -17.82 -2.83
C PHE A 74 -0.84 -18.43 -2.27
N ASN A 75 -0.87 -19.74 -1.94
CA ASN A 75 0.29 -20.40 -1.40
C ASN A 75 1.41 -20.40 -2.41
N GLU A 76 1.09 -20.58 -3.71
CA GLU A 76 2.12 -20.59 -4.72
C GLU A 76 2.77 -19.22 -4.76
N LEU A 77 1.96 -18.16 -4.60
CA LEU A 77 2.48 -16.82 -4.62
C LEU A 77 3.40 -16.61 -3.45
N ILE A 78 3.00 -17.12 -2.27
CA ILE A 78 3.79 -16.95 -1.07
C ILE A 78 5.15 -17.57 -1.27
N GLN A 79 5.24 -18.63 -2.10
CA GLN A 79 6.50 -19.28 -2.33
C GLN A 79 7.46 -18.30 -2.98
N LEU A 80 6.95 -17.45 -3.90
CA LEU A 80 7.80 -16.49 -4.58
C LEU A 80 8.19 -15.43 -3.59
N LEU A 81 7.23 -15.03 -2.73
CA LEU A 81 7.48 -14.02 -1.73
C LEU A 81 8.52 -14.51 -0.76
N LYS A 82 8.48 -15.82 -0.40
CA LYS A 82 9.43 -16.38 0.54
C LYS A 82 10.83 -16.26 -0.02
N PHE A 83 10.97 -16.38 -1.34
CA PHE A 83 12.28 -16.28 -1.96
C PHE A 83 12.82 -14.90 -1.69
N GLN A 84 11.97 -13.86 -1.86
CA GLN A 84 12.42 -12.48 -1.65
C GLN A 84 12.76 -12.26 -0.20
N THR A 85 11.96 -12.79 0.75
CA THR A 85 12.26 -12.55 2.16
C THR A 85 11.73 -13.72 2.94
N THR A 86 12.33 -13.97 4.12
CA THR A 86 11.86 -15.05 4.95
C THR A 86 10.68 -14.50 5.69
N ILE A 87 9.50 -15.11 5.46
CA ILE A 87 8.30 -14.62 6.10
C ILE A 87 8.06 -15.47 7.31
N VAL A 88 8.63 -15.04 8.47
CA VAL A 88 8.45 -15.78 9.69
C VAL A 88 7.03 -15.60 10.14
N THR A 89 6.53 -14.34 10.06
CA THR A 89 5.17 -14.06 10.47
C THR A 89 4.34 -14.13 9.23
N LEU A 90 3.73 -15.32 8.98
CA LEU A 90 2.91 -15.50 7.81
C LEU A 90 1.65 -14.69 7.97
N ASN A 91 1.05 -14.70 9.18
CA ASN A 91 -0.19 -13.98 9.39
C ASN A 91 0.00 -13.11 10.59
N PRO A 92 -0.78 -12.05 10.66
CA PRO A 92 -0.70 -11.11 11.78
C PRO A 92 -0.95 -11.75 13.12
N PRO A 93 -0.26 -11.32 14.16
CA PRO A 93 -0.44 -11.89 15.49
C PRO A 93 -1.84 -11.72 16.01
N GLU A 94 -2.31 -12.70 16.80
CA GLU A 94 -3.64 -12.65 17.35
C GLU A 94 -3.63 -11.71 18.54
N ASN A 95 -2.44 -11.22 18.92
CA ASN A 95 -2.32 -10.33 20.07
C ASN A 95 -2.52 -8.92 19.62
N ILE A 96 -3.48 -8.70 18.71
CA ILE A 96 -3.77 -7.36 18.22
C ILE A 96 -4.22 -6.52 19.38
N TRP A 97 -5.12 -7.07 20.21
CA TRP A 97 -5.62 -6.34 21.36
C TRP A 97 -5.58 -7.27 22.52
N THR A 98 -5.02 -6.79 23.66
CA THR A 98 -4.94 -7.60 24.84
C THR A 98 -5.48 -6.78 25.98
N GLU A 99 -5.86 -7.46 27.08
CA GLU A 99 -6.39 -6.75 28.23
C GLU A 99 -5.28 -5.99 28.91
N GLU A 100 -4.01 -6.33 28.60
CA GLU A 100 -2.89 -5.65 29.22
C GLU A 100 -2.72 -4.31 28.50
N GLY B 1 -14.94 25.81 1.64
CA GLY B 1 -13.68 26.16 2.36
C GLY B 1 -13.76 25.72 3.79
N PRO B 2 -14.56 26.42 4.56
CA PRO B 2 -14.76 26.12 5.98
C PRO B 2 -15.29 24.74 6.21
N GLY B 3 -14.81 24.09 7.29
CA GLY B 3 -15.27 22.74 7.60
C GLY B 3 -15.97 22.82 8.90
N ASN B 4 -17.10 22.09 9.02
CA ASN B 4 -17.85 22.09 10.25
C ASN B 4 -18.20 20.67 10.54
N LYS B 5 -17.65 20.13 11.67
CA LYS B 5 -17.91 18.77 12.08
C LYS B 5 -17.30 17.86 11.06
N GLY B 6 -15.95 17.82 11.01
CA GLY B 6 -15.26 16.97 10.08
C GLY B 6 -15.06 15.63 10.72
N SER B 7 -16.18 14.97 11.08
CA SER B 7 -16.08 13.67 11.71
C SER B 7 -15.60 12.67 10.70
N SER B 8 -16.07 12.77 9.44
CA SER B 8 -15.67 11.83 8.42
C SER B 8 -14.52 12.38 7.64
N LYS B 9 -14.24 13.70 7.73
CA LYS B 9 -13.14 14.26 6.98
C LYS B 9 -12.27 15.00 7.92
N ARG B 10 -11.01 14.55 8.07
CA ARG B 10 -10.09 15.20 8.95
C ARG B 10 -8.72 14.85 8.49
N GLU B 11 -7.70 15.63 8.93
CA GLU B 11 -6.35 15.34 8.54
C GLU B 11 -5.46 15.69 9.71
N ALA B 12 -5.39 16.99 10.06
CA ALA B 12 -4.57 17.40 11.15
C ALA B 12 -4.84 18.85 11.39
N ALA B 13 -4.89 19.64 10.30
CA ALA B 13 -5.14 21.05 10.42
C ALA B 13 -5.78 21.48 9.14
N THR B 14 -6.33 22.71 9.12
CA THR B 14 -6.97 23.22 7.93
C THR B 14 -5.90 23.48 6.90
N GLU B 15 -4.67 23.78 7.35
CA GLU B 15 -3.60 24.03 6.43
C GLU B 15 -2.81 22.76 6.33
N SER B 16 -2.70 22.20 5.11
CA SER B 16 -1.97 20.97 4.92
C SER B 16 -0.52 21.31 4.83
N GLY B 17 0.32 20.55 5.58
CA GLY B 17 1.74 20.79 5.57
C GLY B 17 2.42 19.51 5.18
N LYS B 18 1.69 18.65 4.44
CA LYS B 18 2.25 17.39 4.03
C LYS B 18 2.11 17.31 2.55
N THR B 19 2.97 16.51 1.91
CA THR B 19 2.94 16.37 0.47
C THR B 19 2.29 15.05 0.16
N ALA B 20 0.96 15.08 -0.07
CA ALA B 20 0.24 13.87 -0.38
C ALA B 20 -0.65 14.17 -1.54
N VAL B 21 -0.75 13.20 -2.49
CA VAL B 21 -1.58 13.40 -3.64
C VAL B 21 -2.39 12.16 -3.86
N VAL B 22 -3.45 12.30 -4.67
CA VAL B 22 -4.30 11.19 -4.98
C VAL B 22 -3.94 10.77 -6.38
N PHE B 23 -3.59 9.47 -6.54
CA PHE B 23 -3.20 8.99 -7.84
C PHE B 23 -4.25 8.03 -8.30
N SER B 24 -4.74 8.21 -9.54
CA SER B 24 -5.78 7.35 -10.07
C SER B 24 -5.19 6.49 -11.13
N LEU B 25 -5.71 5.26 -11.26
CA LEU B 25 -5.22 4.36 -12.26
C LEU B 25 -6.32 3.43 -12.63
N LYS B 26 -6.09 2.61 -13.68
CA LYS B 26 -7.08 1.67 -14.15
C LYS B 26 -7.21 0.59 -13.15
N ASN B 27 -8.39 -0.05 -13.10
CA ASN B 27 -8.61 -1.13 -12.19
C ASN B 27 -7.99 -2.36 -12.79
N GLU B 28 -6.65 -2.32 -12.95
CA GLU B 28 -5.93 -3.43 -13.50
C GLU B 28 -4.79 -3.71 -12.57
N VAL B 29 -4.37 -4.98 -12.48
CA VAL B 29 -3.32 -5.35 -11.57
C VAL B 29 -2.00 -4.96 -12.20
N GLY B 30 -1.16 -4.21 -11.44
CA GLY B 30 0.12 -3.82 -11.94
C GLY B 30 0.16 -2.33 -12.11
N GLY B 31 -1.00 -1.65 -12.01
CA GLY B 31 -1.03 -0.22 -12.17
C GLY B 31 -0.36 0.43 -11.00
N LEU B 32 -0.57 -0.14 -9.80
CA LEU B 32 -0.04 0.42 -8.57
C LEU B 32 1.47 0.35 -8.55
N VAL B 33 2.08 -0.75 -9.04
CA VAL B 33 3.53 -0.85 -8.98
C VAL B 33 4.18 0.19 -9.86
N LYS B 34 3.53 0.57 -10.99
CA LYS B 34 4.12 1.56 -11.87
C LYS B 34 4.08 2.88 -11.17
N ALA B 35 2.98 3.13 -10.45
CA ALA B 35 2.84 4.39 -9.74
C ALA B 35 3.89 4.50 -8.66
N LEU B 36 4.11 3.40 -7.90
CA LEU B 36 5.06 3.42 -6.82
C LEU B 36 6.50 3.42 -7.31
N ARG B 37 6.77 2.83 -8.50
CA ARG B 37 8.14 2.78 -8.98
C ARG B 37 8.59 4.18 -9.29
N LEU B 38 7.64 5.06 -9.62
CA LEU B 38 7.97 6.43 -9.93
C LEU B 38 8.57 7.09 -8.71
N PHE B 39 8.02 6.75 -7.52
CA PHE B 39 8.52 7.31 -6.29
C PHE B 39 9.92 6.78 -6.06
N GLN B 40 10.14 5.50 -6.42
CA GLN B 40 11.44 4.88 -6.24
C GLN B 40 12.47 5.56 -7.11
N GLU B 41 12.08 5.93 -8.35
CA GLU B 41 13.03 6.55 -9.27
C GLU B 41 13.53 7.85 -8.71
N LYS B 42 12.63 8.62 -8.08
CA LYS B 42 13.03 9.91 -7.54
C LYS B 42 13.57 9.75 -6.14
N ARG B 43 13.58 8.49 -5.62
CA ARG B 43 14.11 8.24 -4.29
C ARG B 43 13.21 8.91 -3.28
N VAL B 44 11.89 8.71 -3.41
CA VAL B 44 10.95 9.29 -2.48
C VAL B 44 10.42 8.16 -1.65
N ASN B 45 10.53 8.31 -0.31
CA ASN B 45 10.06 7.28 0.57
C ASN B 45 8.58 7.41 0.73
N MET B 46 7.95 6.38 1.33
CA MET B 46 6.53 6.40 1.56
C MET B 46 6.33 6.25 3.02
N VAL B 47 5.38 7.02 3.60
CA VAL B 47 5.13 6.94 5.03
C VAL B 47 3.80 6.28 5.23
N HIS B 48 2.91 6.33 4.22
CA HIS B 48 1.62 5.70 4.36
C HIS B 48 1.10 5.45 2.98
N ILE B 49 0.36 4.33 2.82
CA ILE B 49 -0.18 3.99 1.54
C ILE B 49 -1.48 3.29 1.79
N GLU B 50 -2.51 3.60 0.97
CA GLU B 50 -3.79 2.95 1.12
C GLU B 50 -4.53 3.11 -0.16
N SER B 51 -5.40 2.14 -0.48
CA SER B 51 -6.17 2.19 -1.70
C SER B 51 -7.62 2.15 -1.33
N ARG B 52 -8.45 2.94 -2.05
CA ARG B 52 -9.86 2.97 -1.77
C ARG B 52 -10.56 2.69 -3.07
N LYS B 53 -11.38 1.61 -3.08
CA LYS B 53 -12.10 1.26 -4.27
C LYS B 53 -13.56 1.51 -4.01
N SER B 54 -14.29 1.89 -5.07
CA SER B 54 -15.71 2.15 -4.92
C SER B 54 -16.42 0.83 -4.96
N ARG B 55 -17.53 0.72 -4.19
CA ARG B 55 -18.29 -0.50 -4.15
C ARG B 55 -19.00 -0.65 -5.48
N ARG B 56 -19.20 0.48 -6.20
CA ARG B 56 -19.85 0.43 -7.47
C ARG B 56 -18.83 0.04 -8.49
N ARG B 57 -19.28 -0.49 -9.65
CA ARG B 57 -18.37 -0.90 -10.68
C ARG B 57 -17.68 0.33 -11.21
N SER B 58 -16.35 0.24 -11.41
CA SER B 58 -15.61 1.36 -11.90
C SER B 58 -14.43 0.81 -12.64
N SER B 59 -14.00 1.52 -13.71
CA SER B 59 -12.88 1.07 -14.49
C SER B 59 -11.62 1.62 -13.89
N GLU B 60 -11.75 2.57 -12.94
CA GLU B 60 -10.59 3.16 -12.33
C GLU B 60 -10.78 3.18 -10.84
N VAL B 61 -9.66 3.18 -10.10
CA VAL B 61 -9.70 3.22 -8.66
C VAL B 61 -8.80 4.34 -8.22
N GLU B 62 -8.99 4.84 -6.98
CA GLU B 62 -8.17 5.92 -6.50
C GLU B 62 -7.29 5.37 -5.41
N ILE B 63 -5.98 5.69 -5.50
CA ILE B 63 -5.04 5.23 -4.50
C ILE B 63 -4.41 6.44 -3.90
N PHE B 64 -4.40 6.51 -2.55
CA PHE B 64 -3.84 7.65 -1.87
C PHE B 64 -2.42 7.34 -1.53
N VAL B 65 -1.52 8.30 -1.77
CA VAL B 65 -0.12 8.10 -1.48
C VAL B 65 0.33 9.22 -0.59
N ASP B 66 0.93 8.88 0.56
CA ASP B 66 1.40 9.88 1.49
C ASP B 66 2.89 9.71 1.61
N CYS B 67 3.65 10.75 1.18
CA CYS B 67 5.09 10.66 1.24
C CYS B 67 5.62 11.93 1.82
N GLU B 68 6.89 11.89 2.29
CA GLU B 68 7.51 13.07 2.84
C GLU B 68 8.66 13.37 1.92
N CYS B 69 8.66 14.59 1.34
CA CYS B 69 9.71 14.95 0.43
C CYS B 69 9.63 16.43 0.23
N GLY B 70 10.64 17.00 -0.48
CA GLY B 70 10.65 18.42 -0.74
C GLY B 70 9.56 18.71 -1.72
N LYS B 71 8.97 19.92 -1.65
CA LYS B 71 7.88 20.27 -2.53
C LYS B 71 8.35 20.30 -3.96
N THR B 72 9.58 20.81 -4.22
CA THR B 72 10.06 20.89 -5.59
C THR B 72 10.23 19.49 -6.13
N GLU B 73 10.83 18.58 -5.33
CA GLU B 73 11.06 17.23 -5.77
C GLU B 73 9.74 16.55 -5.95
N PHE B 74 8.82 16.82 -5.03
CA PHE B 74 7.50 16.22 -5.06
C PHE B 74 6.79 16.63 -6.33
N ASN B 75 6.85 17.94 -6.68
CA ASN B 75 6.19 18.42 -7.89
C ASN B 75 6.81 17.77 -9.10
N GLU B 76 8.14 17.58 -9.10
CA GLU B 76 8.80 16.97 -10.24
C GLU B 76 8.29 15.56 -10.38
N LEU B 77 8.10 14.86 -9.24
CA LEU B 77 7.62 13.50 -9.27
C LEU B 77 6.23 13.46 -9.83
N ILE B 78 5.38 14.43 -9.42
CA ILE B 78 4.01 14.48 -9.88
C ILE B 78 3.98 14.60 -11.38
N GLN B 79 4.99 15.27 -11.97
CA GLN B 79 5.03 15.43 -13.41
C GLN B 79 5.10 14.08 -14.07
N LEU B 80 5.88 13.13 -13.48
CA LEU B 80 6.01 11.81 -14.07
C LEU B 80 4.71 11.08 -13.88
N LEU B 81 4.08 11.27 -12.71
CA LEU B 81 2.83 10.62 -12.41
C LEU B 81 1.76 11.12 -13.36
N LYS B 82 1.78 12.43 -13.70
CA LYS B 82 0.79 13.00 -14.59
C LYS B 82 0.88 12.34 -15.94
N PHE B 83 2.11 11.96 -16.36
CA PHE B 83 2.28 11.32 -17.64
C PHE B 83 1.52 10.01 -17.63
N GLN B 84 1.64 9.24 -16.52
CA GLN B 84 0.96 7.95 -16.42
C GLN B 84 -0.54 8.13 -16.40
N THR B 85 -1.05 9.15 -15.67
CA THR B 85 -2.49 9.33 -15.61
C THR B 85 -2.76 10.78 -15.38
N THR B 86 -3.95 11.25 -15.81
CA THR B 86 -4.31 12.64 -15.59
C THR B 86 -4.80 12.71 -14.18
N ILE B 87 -4.10 13.49 -13.33
CA ILE B 87 -4.49 13.58 -11.95
C ILE B 87 -5.31 14.82 -11.80
N VAL B 88 -6.64 14.67 -11.96
CA VAL B 88 -7.55 15.79 -11.83
C VAL B 88 -7.59 16.19 -10.38
N THR B 89 -7.70 15.18 -9.49
CA THR B 89 -7.75 15.46 -8.08
C THR B 89 -6.36 15.31 -7.56
N LEU B 90 -5.64 16.45 -7.44
CA LEU B 90 -4.28 16.42 -6.96
C LEU B 90 -4.31 16.06 -5.51
N ASN B 91 -5.27 16.63 -4.76
CA ASN B 91 -5.35 16.35 -3.34
C ASN B 91 -6.70 16.83 -2.84
N PRO B 92 -7.02 18.12 -2.99
CA PRO B 92 -8.31 18.61 -2.53
C PRO B 92 -9.44 18.18 -3.41
N PRO B 93 -10.64 18.10 -2.87
CA PRO B 93 -11.82 17.70 -3.63
C PRO B 93 -12.31 18.77 -4.55
N GLU B 94 -13.10 18.38 -5.58
CA GLU B 94 -13.61 19.33 -6.53
C GLU B 94 -14.74 20.10 -5.89
N ASN B 95 -15.18 19.64 -4.70
CA ASN B 95 -16.26 20.29 -4.00
C ASN B 95 -15.81 21.67 -3.60
N ILE B 96 -14.52 21.80 -3.20
CA ILE B 96 -14.01 23.08 -2.80
C ILE B 96 -13.17 23.60 -3.93
N TRP B 97 -13.56 24.78 -4.47
CA TRP B 97 -12.84 25.35 -5.56
C TRP B 97 -12.91 26.83 -5.40
N THR B 98 -11.85 27.55 -5.83
CA THR B 98 -11.83 28.99 -5.69
C THR B 98 -12.65 29.57 -6.80
N GLU B 99 -13.00 30.87 -6.68
CA GLU B 99 -13.81 31.53 -7.68
C GLU B 99 -12.98 31.73 -8.92
N GLU B 100 -11.64 31.62 -8.81
CA GLU B 100 -10.79 31.80 -9.95
C GLU B 100 -10.80 30.50 -10.77
N PHE C . 9.97 2.21 2.65
CA PHE C . 9.64 1.04 1.79
C PHE C . 9.32 1.32 0.31
O PHE C . 9.02 2.49 -0.03
CB PHE C . 8.43 0.29 2.40
CG PHE C . 7.19 1.12 2.55
CD1 PHE C . 6.24 1.16 1.55
CD2 PHE C . 6.97 1.86 3.68
CE1 PHE C . 5.10 1.92 1.68
CE2 PHE C . 5.84 2.62 3.83
CZ PHE C . 4.91 2.65 2.83
OXT PHE C . 9.38 0.35 -0.50
H1 PHE C . 10.46 1.88 3.51
H2 PHE C . 9.09 2.71 2.92
H3 PHE C . 10.59 2.86 2.13
HA PHE C . 10.51 0.40 1.83
HB2 PHE C . 8.70 -0.09 3.41
HB3 PHE C . 8.16 -0.58 1.77
HD1 PHE C . 6.40 0.59 0.64
HD2 PHE C . 7.71 1.84 4.48
HE1 PHE C . 4.37 1.94 0.89
HE2 PHE C . 5.68 3.20 4.73
HZ PHE C . 4.01 3.24 2.94
N PHE D . -5.93 -1.38 -10.25
CA PHE D . -5.17 -1.11 -9.02
C PHE D . -3.67 -0.83 -9.20
O PHE D . -2.91 -1.78 -9.54
CB PHE D . -5.29 -2.35 -8.11
CG PHE D . -5.04 -2.10 -6.65
CD1 PHE D . -6.09 -1.96 -5.78
CD2 PHE D . -3.74 -2.04 -6.16
CE1 PHE D . -5.87 -1.75 -4.44
CE2 PHE D . -3.52 -1.83 -4.82
CZ PHE D . -4.59 -1.69 -3.96
OXT PHE D . -3.27 0.34 -9.01
H1 PHE D . -6.06 -0.49 -10.78
H2 PHE D . -6.87 -1.78 -10.01
H3 PHE D . -5.41 -2.06 -10.84
HA PHE D . -5.63 -0.26 -8.55
HB2 PHE D . -4.57 -3.12 -8.45
HB3 PHE D . -6.31 -2.76 -8.19
HD1 PHE D . -7.10 -2.01 -6.16
HD2 PHE D . -2.89 -2.14 -6.82
HE1 PHE D . -6.71 -1.65 -3.77
HE2 PHE D . -2.52 -1.77 -4.44
HZ PHE D . -4.42 -1.53 -2.91
N GLY A 1 -11.10 -55.14 0.22
CA GLY A 1 -10.50 -55.12 1.59
C GLY A 1 -11.06 -53.98 2.39
N PRO A 2 -12.23 -54.21 2.96
CA PRO A 2 -12.90 -53.21 3.79
C PRO A 2 -12.08 -52.77 4.97
N GLY A 3 -12.15 -51.46 5.29
CA GLY A 3 -11.40 -50.94 6.40
C GLY A 3 -12.35 -50.19 7.27
N ASN A 4 -12.14 -50.28 8.61
CA ASN A 4 -13.00 -49.60 9.54
C ASN A 4 -12.35 -48.29 9.87
N LYS A 5 -12.92 -47.18 9.35
CA LYS A 5 -12.36 -45.88 9.62
C LYS A 5 -12.93 -45.40 10.93
N GLY A 6 -13.98 -46.10 11.43
CA GLY A 6 -14.58 -45.72 12.70
C GLY A 6 -15.71 -44.78 12.42
N SER A 7 -15.82 -44.28 11.17
CA SER A 7 -16.88 -43.38 10.83
C SER A 7 -17.02 -43.43 9.34
N SER A 8 -18.27 -43.25 8.84
CA SER A 8 -18.49 -43.28 7.42
C SER A 8 -19.49 -42.21 7.13
N LYS A 9 -19.00 -41.03 6.70
CA LYS A 9 -19.88 -39.93 6.38
C LYS A 9 -19.35 -39.30 5.14
N ARG A 10 -20.25 -38.72 4.31
CA ARG A 10 -19.81 -38.08 3.10
C ARG A 10 -20.33 -36.67 3.14
N GLU A 11 -19.41 -35.69 3.05
CA GLU A 11 -19.80 -34.31 3.07
C GLU A 11 -18.66 -33.51 2.54
N ALA A 12 -18.94 -32.29 2.05
CA ALA A 12 -17.89 -31.46 1.53
C ALA A 12 -18.37 -30.04 1.62
N ALA A 13 -17.43 -29.10 1.81
CA ALA A 13 -17.80 -27.71 1.90
C ALA A 13 -16.58 -26.92 1.55
N THR A 14 -16.79 -25.72 0.95
CA THR A 14 -15.68 -24.88 0.59
C THR A 14 -15.37 -23.98 1.75
N GLU A 15 -16.34 -23.83 2.69
CA GLU A 15 -16.14 -23.00 3.86
C GLU A 15 -15.96 -21.57 3.39
N SER A 16 -15.10 -20.81 4.09
CA SER A 16 -14.87 -19.44 3.72
C SER A 16 -13.54 -19.06 4.30
N GLY A 17 -12.79 -18.19 3.60
CA GLY A 17 -11.51 -17.77 4.10
C GLY A 17 -11.00 -16.69 3.21
N LYS A 18 -9.88 -16.07 3.60
CA LYS A 18 -9.30 -15.01 2.83
C LYS A 18 -7.86 -15.35 2.63
N THR A 19 -7.23 -14.76 1.60
CA THR A 19 -5.84 -15.02 1.32
C THR A 19 -5.08 -13.77 1.62
N ALA A 20 -4.44 -13.73 2.80
CA ALA A 20 -3.67 -12.57 3.19
C ALA A 20 -2.40 -13.08 3.78
N VAL A 21 -1.33 -12.26 3.68
CA VAL A 21 -0.07 -12.67 4.24
C VAL A 21 0.63 -11.45 4.74
N VAL A 22 1.27 -11.59 5.92
CA VAL A 22 1.98 -10.50 6.52
C VAL A 22 3.44 -10.80 6.36
N PHE A 23 4.21 -9.84 5.85
CA PHE A 23 5.61 -10.06 5.64
C PHE A 23 6.32 -8.76 5.90
N SER A 24 7.66 -8.85 6.14
CA SER A 24 8.44 -7.68 6.44
C SER A 24 9.47 -7.51 5.37
N LEU A 25 9.88 -6.26 5.13
CA LEU A 25 10.88 -5.99 4.13
C LEU A 25 11.73 -4.88 4.67
N LYS A 26 12.86 -4.60 3.96
CA LYS A 26 13.76 -3.56 4.39
C LYS A 26 13.11 -2.23 4.14
N ASN A 27 13.49 -1.21 4.95
CA ASN A 27 12.93 0.11 4.80
C ASN A 27 13.65 0.82 3.69
N GLU A 28 13.76 0.16 2.53
CA GLU A 28 14.41 0.74 1.39
C GLU A 28 13.37 0.93 0.34
N VAL A 29 13.61 1.85 -0.60
CA VAL A 29 12.66 2.10 -1.64
C VAL A 29 12.76 1.01 -2.66
N GLY A 30 11.60 0.63 -3.23
CA GLY A 30 11.58 -0.39 -4.25
C GLY A 30 11.33 -1.73 -3.61
N GLY A 31 11.36 -1.82 -2.27
CA GLY A 31 11.12 -3.10 -1.64
C GLY A 31 9.67 -3.47 -1.81
N LEU A 32 8.79 -2.46 -1.70
CA LEU A 32 7.37 -2.68 -1.79
C LEU A 32 6.95 -3.04 -3.20
N VAL A 33 7.51 -2.37 -4.23
CA VAL A 33 7.07 -2.65 -5.60
C VAL A 33 7.47 -4.05 -6.01
N LYS A 34 8.62 -4.56 -5.51
CA LYS A 34 9.04 -5.91 -5.87
C LYS A 34 8.05 -6.87 -5.32
N ALA A 35 7.68 -6.63 -4.05
CA ALA A 35 6.74 -7.50 -3.38
C ALA A 35 5.41 -7.48 -4.08
N LEU A 36 4.95 -6.28 -4.50
CA LEU A 36 3.66 -6.17 -5.16
C LEU A 36 3.71 -6.73 -6.57
N ARG A 37 4.88 -6.68 -7.24
CA ARG A 37 4.97 -7.17 -8.61
C ARG A 37 4.73 -8.66 -8.62
N LEU A 38 5.02 -9.31 -7.48
CA LEU A 38 4.83 -10.74 -7.38
C LEU A 38 3.37 -11.05 -7.56
N PHE A 39 2.49 -10.20 -7.01
CA PHE A 39 1.07 -10.42 -7.13
C PHE A 39 0.67 -10.21 -8.57
N GLN A 40 1.32 -9.24 -9.25
CA GLN A 40 1.03 -8.97 -10.64
C GLN A 40 1.38 -10.15 -11.50
N GLU A 41 2.51 -10.83 -11.18
CA GLU A 41 2.96 -11.96 -11.97
C GLU A 41 1.93 -13.06 -11.94
N LYS A 42 1.30 -13.28 -10.77
CA LYS A 42 0.32 -14.35 -10.65
C LYS A 42 -1.05 -13.84 -11.01
N ARG A 43 -1.16 -12.56 -11.44
CA ARG A 43 -2.45 -12.00 -11.82
C ARG A 43 -3.37 -12.01 -10.62
N VAL A 44 -2.86 -11.53 -9.48
CA VAL A 44 -3.68 -11.48 -8.28
C VAL A 44 -3.93 -10.04 -7.98
N ASN A 45 -5.23 -9.66 -7.89
CA ASN A 45 -5.57 -8.30 -7.62
C ASN A 45 -5.59 -8.11 -6.12
N MET A 46 -5.17 -6.91 -5.67
CA MET A 46 -5.14 -6.62 -4.28
C MET A 46 -6.42 -5.91 -3.94
N VAL A 47 -6.96 -6.16 -2.72
CA VAL A 47 -8.20 -5.52 -2.33
C VAL A 47 -7.90 -4.51 -1.25
N HIS A 48 -6.77 -4.69 -0.54
CA HIS A 48 -6.43 -3.75 0.51
C HIS A 48 -4.94 -3.82 0.72
N ILE A 49 -4.34 -2.65 1.02
CA ILE A 49 -2.92 -2.61 1.24
C ILE A 49 -2.64 -1.50 2.22
N GLU A 50 -1.70 -1.74 3.16
CA GLU A 50 -1.38 -0.72 4.13
C GLU A 50 -0.01 -1.03 4.66
N SER A 51 0.74 0.02 5.05
CA SER A 51 2.08 -0.16 5.56
C SER A 51 2.08 0.30 6.99
N ARG A 52 2.87 -0.40 7.85
CA ARG A 52 2.94 -0.04 9.24
C ARG A 52 4.40 0.12 9.59
N LYS A 53 4.74 1.22 10.30
CA LYS A 53 6.10 1.46 10.69
C LYS A 53 6.11 1.68 12.17
N SER A 54 7.32 1.75 12.77
CA SER A 54 7.42 1.95 14.20
C SER A 54 8.10 3.27 14.43
N ARG A 55 7.81 3.89 15.60
CA ARG A 55 8.40 5.16 15.93
C ARG A 55 9.88 4.97 16.11
N ARG A 56 10.27 3.82 16.72
CA ARG A 56 11.67 3.53 16.93
C ARG A 56 12.28 3.20 15.60
N ARG A 57 13.60 3.47 15.47
CA ARG A 57 14.28 3.20 14.22
C ARG A 57 14.27 1.71 13.99
N SER A 58 14.05 1.31 12.73
CA SER A 58 14.02 -0.09 12.41
C SER A 58 14.51 -0.22 10.99
N SER A 59 15.22 -1.32 10.69
CA SER A 59 15.73 -1.52 9.36
C SER A 59 14.69 -2.20 8.53
N GLU A 60 13.61 -2.69 9.18
CA GLU A 60 12.56 -3.36 8.46
C GLU A 60 11.24 -2.82 8.89
N VAL A 61 10.26 -2.89 7.97
CA VAL A 61 8.93 -2.41 8.25
C VAL A 61 7.98 -3.50 7.85
N GLU A 62 6.73 -3.44 8.39
CA GLU A 62 5.75 -4.46 8.09
C GLU A 62 4.75 -3.88 7.14
N ILE A 63 4.45 -4.62 6.05
CA ILE A 63 3.48 -4.16 5.09
C ILE A 63 2.47 -5.26 4.96
N PHE A 64 1.17 -4.90 5.09
CA PHE A 64 0.11 -5.88 5.05
C PHE A 64 -0.49 -5.85 3.67
N VAL A 65 -0.72 -7.05 3.09
CA VAL A 65 -1.30 -7.13 1.77
C VAL A 65 -2.49 -8.05 1.87
N ASP A 66 -3.66 -7.56 1.40
CA ASP A 66 -4.86 -8.36 1.42
C ASP A 66 -5.26 -8.55 -0.01
N CYS A 67 -5.55 -9.81 -0.41
CA CYS A 67 -5.91 -10.05 -1.78
C CYS A 67 -6.80 -11.25 -1.84
N GLU A 68 -7.50 -11.42 -2.98
CA GLU A 68 -8.37 -12.56 -3.15
C GLU A 68 -7.78 -13.39 -4.24
N CYS A 69 -7.47 -14.67 -3.93
CA CYS A 69 -6.89 -15.53 -4.93
C CYS A 69 -7.08 -16.96 -4.48
N GLY A 70 -6.76 -17.92 -5.36
CA GLY A 70 -6.91 -19.32 -5.03
C GLY A 70 -5.84 -19.69 -4.05
N LYS A 71 -6.07 -20.78 -3.29
CA LYS A 71 -5.11 -21.24 -2.31
C LYS A 71 -3.84 -21.67 -2.99
N THR A 72 -3.96 -22.33 -4.16
CA THR A 72 -2.78 -22.79 -4.87
C THR A 72 -1.98 -21.59 -5.31
N GLU A 73 -2.68 -20.56 -5.85
CA GLU A 73 -2.00 -19.38 -6.32
C GLU A 73 -1.36 -18.69 -5.16
N PHE A 74 -2.08 -18.66 -4.04
CA PHE A 74 -1.61 -18.03 -2.83
C PHE A 74 -0.34 -18.71 -2.37
N ASN A 75 -0.33 -20.05 -2.33
CA ASN A 75 0.83 -20.78 -1.88
C ASN A 75 2.00 -20.46 -2.76
N GLU A 76 1.78 -20.43 -4.09
CA GLU A 76 2.84 -20.14 -5.02
C GLU A 76 3.34 -18.74 -4.79
N LEU A 77 2.44 -17.80 -4.47
CA LEU A 77 2.83 -16.42 -4.26
C LEU A 77 3.68 -16.33 -3.04
N ILE A 78 3.26 -17.05 -1.99
CA ILE A 78 4.00 -17.03 -0.74
C ILE A 78 5.38 -17.55 -0.97
N GLN A 79 5.52 -18.62 -1.78
CA GLN A 79 6.82 -19.19 -2.05
C GLN A 79 7.69 -18.15 -2.72
N LEU A 80 7.10 -17.34 -3.62
CA LEU A 80 7.88 -16.33 -4.31
C LEU A 80 8.22 -15.22 -3.36
N LEU A 81 7.26 -14.87 -2.48
CA LEU A 81 7.46 -13.83 -1.50
C LEU A 81 8.50 -14.25 -0.49
N LYS A 82 8.67 -15.58 -0.27
CA LYS A 82 9.63 -16.07 0.70
C LYS A 82 11.02 -15.66 0.29
N PHE A 83 11.27 -15.47 -1.02
CA PHE A 83 12.58 -15.07 -1.47
C PHE A 83 12.83 -13.65 -1.02
N GLN A 84 11.77 -12.81 -1.00
CA GLN A 84 11.94 -11.42 -0.61
C GLN A 84 12.23 -11.35 0.87
N THR A 85 11.56 -12.19 1.69
CA THR A 85 11.79 -12.15 3.11
C THR A 85 11.34 -13.47 3.68
N THR A 86 11.87 -13.82 4.88
CA THR A 86 11.50 -15.06 5.50
C THR A 86 10.19 -14.84 6.20
N ILE A 87 9.19 -15.69 5.88
CA ILE A 87 7.89 -15.56 6.48
C ILE A 87 7.68 -16.78 7.31
N VAL A 88 7.41 -16.59 8.63
CA VAL A 88 7.20 -17.72 9.51
C VAL A 88 5.83 -17.63 10.12
N THR A 89 5.47 -16.43 10.66
CA THR A 89 4.18 -16.28 11.30
C THR A 89 3.09 -16.27 10.26
N LEU A 90 3.37 -15.69 9.06
CA LEU A 90 2.40 -15.64 7.99
C LEU A 90 1.32 -14.64 8.33
N ASN A 91 0.44 -14.96 9.31
CA ASN A 91 -0.62 -14.07 9.69
C ASN A 91 -0.66 -14.00 11.19
N PRO A 92 0.04 -13.06 11.77
CA PRO A 92 0.08 -12.89 13.21
C PRO A 92 -1.19 -12.29 13.75
N PRO A 93 -1.51 -12.54 15.00
CA PRO A 93 -2.72 -12.00 15.60
C PRO A 93 -2.64 -10.52 15.83
N GLU A 94 -3.73 -9.80 15.47
CA GLU A 94 -3.77 -8.36 15.64
C GLU A 94 -3.86 -8.03 17.10
N ASN A 95 -4.61 -8.84 17.88
CA ASN A 95 -4.77 -8.55 19.29
C ASN A 95 -3.60 -9.10 20.07
N ILE A 96 -2.66 -9.76 19.36
CA ILE A 96 -1.48 -10.31 20.00
C ILE A 96 -1.93 -11.37 20.97
N TRP A 97 -2.32 -12.55 20.44
CA TRP A 97 -2.77 -13.63 21.29
C TRP A 97 -1.55 -14.35 21.78
N THR A 98 -1.47 -14.52 23.12
CA THR A 98 -0.34 -15.21 23.71
C THR A 98 -0.91 -16.19 24.69
N GLU A 99 -0.07 -17.16 25.12
CA GLU A 99 -0.53 -18.15 26.06
C GLU A 99 -0.31 -17.63 27.46
N GLU A 100 0.28 -16.42 27.58
CA GLU A 100 0.52 -15.86 28.89
C GLU A 100 -0.75 -15.11 29.33
N GLY B 1 -0.17 37.22 17.41
CA GLY B 1 -0.83 36.47 18.51
C GLY B 1 -0.57 35.00 18.36
N PRO B 2 -1.10 34.25 19.30
CA PRO B 2 -0.95 32.81 19.31
C PRO B 2 -1.76 32.14 18.26
N GLY B 3 -1.27 31.00 17.74
CA GLY B 3 -1.99 30.29 16.72
C GLY B 3 -1.06 29.26 16.16
N ASN B 4 -1.46 28.65 15.02
CA ASN B 4 -0.65 27.64 14.38
C ASN B 4 -0.52 26.46 15.31
N LYS B 5 0.72 26.14 15.72
CA LYS B 5 0.92 25.02 16.60
C LYS B 5 2.18 25.28 17.36
N GLY B 6 2.38 24.54 18.47
CA GLY B 6 3.57 24.74 19.26
C GLY B 6 3.55 23.71 20.33
N SER B 7 4.53 23.80 21.27
CA SER B 7 4.62 22.85 22.36
C SER B 7 4.84 21.48 21.80
N SER B 8 5.71 21.37 20.78
CA SER B 8 5.99 20.10 20.18
C SER B 8 7.37 20.19 19.61
N LYS B 9 8.11 19.06 19.60
CA LYS B 9 9.45 19.06 19.08
C LYS B 9 9.52 17.99 18.04
N ARG B 10 10.28 18.25 16.96
CA ARG B 10 10.41 17.29 15.90
C ARG B 10 11.68 17.62 15.17
N GLU B 11 12.19 16.68 14.36
CA GLU B 11 13.40 16.91 13.63
C GLU B 11 13.08 16.80 12.17
N ALA B 12 13.39 17.86 11.40
CA ALA B 12 13.14 17.84 9.98
C ALA B 12 14.17 18.73 9.36
N ALA B 13 14.63 18.36 8.14
CA ALA B 13 15.63 19.16 7.46
C ALA B 13 15.04 20.50 7.12
N THR B 14 13.79 20.51 6.63
CA THR B 14 13.15 21.75 6.26
C THR B 14 11.74 21.70 6.74
N GLU B 15 11.10 22.88 6.87
CA GLU B 15 9.73 22.95 7.29
C GLU B 15 8.96 23.62 6.20
N SER B 16 7.82 23.03 5.79
CA SER B 16 7.04 23.62 4.75
C SER B 16 5.67 22.99 4.80
N GLY B 17 5.59 21.68 4.52
CA GLY B 17 4.33 20.99 4.54
C GLY B 17 4.59 19.58 4.16
N LYS B 18 3.51 18.79 4.01
CA LYS B 18 3.66 17.41 3.65
C LYS B 18 3.50 17.31 2.16
N THR B 19 4.05 16.23 1.57
CA THR B 19 3.96 16.05 0.14
C THR B 19 3.15 14.81 -0.10
N ALA B 20 1.85 15.00 -0.43
CA ALA B 20 0.99 13.88 -0.67
C ALA B 20 0.19 14.21 -1.89
N VAL B 21 -0.16 13.18 -2.69
CA VAL B 21 -0.92 13.41 -3.88
C VAL B 21 -1.91 12.30 -4.01
N VAL B 22 -3.13 12.67 -4.45
CA VAL B 22 -4.19 11.71 -4.63
C VAL B 22 -4.37 11.55 -6.11
N PHE B 23 -4.36 10.29 -6.58
CA PHE B 23 -4.51 10.06 -7.99
C PHE B 23 -5.28 8.78 -8.16
N SER B 24 -5.85 8.59 -9.37
CA SER B 24 -6.65 7.42 -9.64
C SER B 24 -6.00 6.64 -10.74
N LEU B 25 -6.21 5.31 -10.73
CA LEU B 25 -5.65 4.47 -11.75
C LEU B 25 -6.67 3.42 -12.07
N LYS B 26 -6.42 2.64 -13.15
CA LYS B 26 -7.34 1.61 -13.54
C LYS B 26 -7.27 0.49 -12.55
N ASN B 27 -8.39 -0.26 -12.42
CA ASN B 27 -8.45 -1.36 -11.48
C ASN B 27 -7.81 -2.56 -12.11
N GLU B 28 -6.59 -2.38 -12.65
CA GLU B 28 -5.88 -3.46 -13.27
C GLU B 28 -4.66 -3.71 -12.44
N VAL B 29 -4.12 -4.93 -12.51
CA VAL B 29 -2.96 -5.27 -11.72
C VAL B 29 -1.76 -4.65 -12.37
N GLY B 30 -0.81 -4.18 -11.52
CA GLY B 30 0.41 -3.59 -12.03
C GLY B 30 0.24 -2.11 -12.12
N GLY B 31 -0.98 -1.58 -11.94
CA GLY B 31 -1.16 -0.15 -12.04
C GLY B 31 -0.50 0.51 -10.86
N LEU B 32 -0.62 -0.12 -9.68
CA LEU B 32 -0.08 0.43 -8.47
C LEU B 32 1.44 0.38 -8.46
N VAL B 33 2.06 -0.72 -8.95
CA VAL B 33 3.52 -0.81 -8.89
C VAL B 33 4.14 0.22 -9.81
N LYS B 34 3.50 0.54 -10.95
CA LYS B 34 4.06 1.53 -11.85
C LYS B 34 4.09 2.84 -11.16
N ALA B 35 2.96 3.15 -10.51
CA ALA B 35 2.84 4.41 -9.81
C ALA B 35 3.86 4.50 -8.70
N LEU B 36 4.05 3.40 -7.94
CA LEU B 36 5.00 3.42 -6.84
C LEU B 36 6.42 3.41 -7.33
N ARG B 37 6.70 2.83 -8.53
CA ARG B 37 8.06 2.77 -9.03
C ARG B 37 8.53 4.17 -9.31
N LEU B 38 7.58 5.08 -9.59
CA LEU B 38 7.91 6.45 -9.88
C LEU B 38 8.59 7.05 -8.68
N PHE B 39 8.09 6.71 -7.48
CA PHE B 39 8.66 7.23 -6.26
C PHE B 39 10.05 6.66 -6.09
N GLN B 40 10.23 5.38 -6.49
CA GLN B 40 11.53 4.73 -6.38
C GLN B 40 12.53 5.43 -7.27
N GLU B 41 12.10 5.85 -8.47
CA GLU B 41 13.01 6.49 -9.42
C GLU B 41 13.56 7.76 -8.83
N LYS B 42 12.71 8.51 -8.12
CA LYS B 42 13.16 9.77 -7.54
C LYS B 42 13.73 9.53 -6.16
N ARG B 43 13.81 8.24 -5.74
CA ARG B 43 14.35 7.90 -4.44
C ARG B 43 13.53 8.56 -3.36
N VAL B 44 12.18 8.45 -3.47
CA VAL B 44 11.32 9.04 -2.48
C VAL B 44 10.72 7.91 -1.71
N ASN B 45 10.89 7.92 -0.36
CA ASN B 45 10.35 6.87 0.46
C ASN B 45 8.94 7.23 0.81
N MET B 46 8.07 6.20 0.90
CA MET B 46 6.69 6.42 1.24
C MET B 46 6.57 6.21 2.71
N VAL B 47 5.69 7.02 3.38
CA VAL B 47 5.53 6.88 4.81
C VAL B 47 4.18 6.26 5.09
N HIS B 48 3.25 6.36 4.12
CA HIS B 48 1.94 5.79 4.33
C HIS B 48 1.35 5.52 2.98
N ILE B 49 0.60 4.41 2.86
CA ILE B 49 -0.02 4.07 1.61
C ILE B 49 -1.28 3.33 1.92
N GLU B 50 -2.35 3.61 1.16
CA GLU B 50 -3.59 2.92 1.37
C GLU B 50 -4.40 3.06 0.10
N SER B 51 -5.25 2.05 -0.18
CA SER B 51 -6.05 2.08 -1.37
C SER B 51 -7.49 2.20 -0.95
N ARG B 52 -8.34 2.74 -1.85
CA ARG B 52 -9.74 2.89 -1.54
C ARG B 52 -10.51 2.47 -2.76
N LYS B 53 -11.58 1.67 -2.56
CA LYS B 53 -12.38 1.21 -3.66
C LYS B 53 -13.81 1.51 -3.31
N SER B 54 -14.72 1.33 -4.29
CA SER B 54 -16.12 1.61 -4.06
C SER B 54 -16.86 0.32 -4.20
N ARG B 55 -18.02 0.23 -3.50
CA ARG B 55 -18.83 -0.97 -3.56
C ARG B 55 -19.36 -1.12 -4.96
N ARG B 56 -19.72 0.02 -5.59
CA ARG B 56 -20.23 -0.01 -6.95
C ARG B 56 -19.08 -0.32 -7.86
N ARG B 57 -19.39 -0.94 -9.02
CA ARG B 57 -18.35 -1.30 -9.96
C ARG B 57 -17.75 -0.04 -10.49
N SER B 58 -16.41 -0.04 -10.65
CA SER B 58 -15.73 1.12 -11.16
C SER B 58 -14.54 0.62 -11.91
N SER B 59 -14.16 1.34 -12.99
CA SER B 59 -13.03 0.92 -13.78
C SER B 59 -11.78 1.54 -13.19
N GLU B 60 -11.96 2.47 -12.24
CA GLU B 60 -10.81 3.12 -11.64
C GLU B 60 -10.98 3.11 -10.16
N VAL B 61 -9.83 3.12 -9.44
CA VAL B 61 -9.85 3.12 -8.00
C VAL B 61 -8.93 4.22 -7.55
N GLU B 62 -9.09 4.68 -6.30
CA GLU B 62 -8.27 5.75 -5.79
C GLU B 62 -7.27 5.16 -4.85
N ILE B 63 -5.99 5.56 -5.01
CA ILE B 63 -4.95 5.07 -4.14
C ILE B 63 -4.26 6.29 -3.59
N PHE B 64 -4.11 6.34 -2.25
CA PHE B 64 -3.50 7.50 -1.62
C PHE B 64 -2.08 7.17 -1.31
N VAL B 65 -1.16 8.12 -1.60
CA VAL B 65 0.23 7.90 -1.32
C VAL B 65 0.73 9.07 -0.52
N ASP B 66 1.35 8.79 0.65
CA ASP B 66 1.88 9.84 1.48
C ASP B 66 3.36 9.63 1.53
N CYS B 67 4.15 10.71 1.30
CA CYS B 67 5.57 10.56 1.29
C CYS B 67 6.18 11.86 1.71
N GLU B 68 7.48 11.82 2.08
CA GLU B 68 8.18 13.01 2.47
C GLU B 68 9.24 13.24 1.45
N CYS B 69 9.22 14.42 0.80
CA CYS B 69 10.20 14.71 -0.22
C CYS B 69 10.22 16.19 -0.43
N GLY B 70 11.20 16.68 -1.22
CA GLY B 70 11.30 18.09 -1.49
C GLY B 70 10.20 18.48 -2.43
N LYS B 71 9.85 19.79 -2.44
CA LYS B 71 8.78 20.28 -3.30
C LYS B 71 9.18 20.09 -4.74
N THR B 72 10.46 20.34 -5.07
CA THR B 72 10.91 20.20 -6.45
C THR B 72 10.79 18.76 -6.85
N GLU B 73 11.21 17.83 -5.98
CA GLU B 73 11.14 16.41 -6.27
C GLU B 73 9.71 16.02 -6.42
N PHE B 74 8.86 16.57 -5.54
CA PHE B 74 7.44 16.28 -5.55
C PHE B 74 6.85 16.71 -6.86
N ASN B 75 7.17 17.94 -7.31
CA ASN B 75 6.61 18.45 -8.55
C ASN B 75 7.01 17.55 -9.69
N GLU B 76 8.30 17.13 -9.71
CA GLU B 76 8.79 16.28 -10.77
C GLU B 76 8.06 14.95 -10.72
N LEU B 77 7.76 14.45 -9.50
CA LEU B 77 7.10 13.17 -9.37
C LEU B 77 5.71 13.28 -9.90
N ILE B 78 5.04 14.39 -9.57
CA ILE B 78 3.69 14.61 -10.01
C ILE B 78 3.65 14.64 -11.50
N GLN B 79 4.64 15.29 -12.14
CA GLN B 79 4.67 15.38 -13.59
C GLN B 79 4.78 13.99 -14.16
N LEU B 80 5.56 13.10 -13.51
CA LEU B 80 5.72 11.76 -14.02
C LEU B 80 4.44 10.99 -13.78
N LEU B 81 3.81 11.22 -12.61
CA LEU B 81 2.57 10.55 -12.27
C LEU B 81 1.46 11.00 -13.19
N LYS B 82 1.56 12.23 -13.74
CA LYS B 82 0.53 12.75 -14.62
C LYS B 82 0.41 11.88 -15.85
N PHE B 83 1.50 11.19 -16.25
CA PHE B 83 1.44 10.34 -17.40
C PHE B 83 0.59 9.15 -17.09
N GLN B 84 0.63 8.66 -15.82
CA GLN B 84 -0.14 7.51 -15.43
C GLN B 84 -1.60 7.86 -15.42
N THR B 85 -1.95 9.07 -14.91
CA THR B 85 -3.34 9.46 -14.86
C THR B 85 -3.40 10.95 -14.79
N THR B 86 -4.55 11.53 -15.17
CA THR B 86 -4.70 12.98 -15.14
C THR B 86 -5.03 13.35 -13.72
N ILE B 87 -4.23 14.27 -13.14
CA ILE B 87 -4.46 14.69 -11.78
C ILE B 87 -4.85 16.13 -11.83
N VAL B 88 -6.05 16.46 -11.27
CA VAL B 88 -6.51 17.83 -11.28
C VAL B 88 -6.70 18.30 -9.86
N THR B 89 -7.38 17.48 -9.02
CA THR B 89 -7.63 17.89 -7.65
C THR B 89 -6.33 17.87 -6.88
N LEU B 90 -5.44 16.89 -7.18
CA LEU B 90 -4.16 16.78 -6.51
C LEU B 90 -4.34 16.29 -5.10
N ASN B 91 -4.95 17.12 -4.23
CA ASN B 91 -5.12 16.73 -2.85
C ASN B 91 -6.40 17.37 -2.36
N PRO B 92 -7.48 16.62 -2.36
CA PRO B 92 -8.76 17.14 -1.90
C PRO B 92 -8.82 17.29 -0.40
N PRO B 93 -9.59 18.21 0.09
CA PRO B 93 -9.71 18.44 1.53
C PRO B 93 -10.65 17.50 2.20
N GLU B 94 -10.19 16.26 2.41
CA GLU B 94 -11.00 15.24 3.04
C GLU B 94 -11.00 15.48 4.52
N ASN B 95 -10.13 16.40 5.01
CA ASN B 95 -10.06 16.68 6.42
C ASN B 95 -10.87 17.92 6.71
N ILE B 96 -11.71 18.35 5.74
CA ILE B 96 -12.52 19.53 5.94
C ILE B 96 -13.54 19.24 7.00
N TRP B 97 -13.91 17.95 7.18
CA TRP B 97 -14.87 17.61 8.19
C TRP B 97 -14.41 16.32 8.81
N THR B 98 -14.45 16.26 10.16
CA THR B 98 -14.02 15.07 10.85
C THR B 98 -15.12 14.68 11.78
N GLU B 99 -15.19 13.37 12.12
CA GLU B 99 -16.22 12.86 13.00
C GLU B 99 -16.03 13.44 14.37
N GLU B 100 -14.77 13.51 14.85
CA GLU B 100 -14.52 14.04 16.17
C GLU B 100 -14.22 15.54 16.02
N PHE C . 9.89 2.47 3.16
CA PHE C . 9.56 1.56 2.02
C PHE C . 9.23 2.20 0.67
O PHE C . 9.12 1.44 -0.33
CB PHE C . 8.34 0.69 2.44
CG PHE C . 7.04 1.43 2.50
CD1 PHE C . 6.17 1.39 1.42
CD2 PHE C . 6.69 2.15 3.61
CE1 PHE C . 4.97 2.06 1.47
CE2 PHE C . 5.50 2.84 3.65
CZ PHE C . 4.64 2.79 2.59
OXT PHE C . 9.10 3.45 0.62
H1 PHE C . 9.24 3.30 3.15
H2 PHE C . 10.87 2.81 3.06
H3 PHE C . 9.79 1.97 4.06
HA PHE C . 10.43 0.93 1.90
HB2 PHE C . 8.52 0.26 3.45
HB3 PHE C . 8.21 -0.14 1.72
HD1 PHE C . 6.43 0.83 0.54
HD2 PHE C . 7.36 2.19 4.46
HE1 PHE C . 4.30 2.04 0.62
HE2 PHE C . 5.23 3.40 4.54
HZ PHE C . 3.70 3.32 2.62
N PHE D . -6.54 -3.45 -8.20
CA PHE D . -5.20 -2.86 -8.43
C PHE D . -3.98 -3.76 -8.13
O PHE D . -2.85 -3.39 -8.56
CB PHE D . -5.05 -1.59 -7.56
CG PHE D . -4.94 -1.84 -6.10
CD1 PHE D . -3.70 -1.91 -5.49
CD2 PHE D . -6.07 -2.01 -5.32
CE1 PHE D . -3.59 -2.16 -4.14
CE2 PHE D . -5.96 -2.25 -3.98
CZ PHE D . -4.72 -2.31 -3.38
OXT PHE D . -4.15 -4.82 -7.48
H1 PHE D . -6.56 -3.96 -7.29
H2 PHE D . -6.77 -4.11 -8.98
H3 PHE D . -7.26 -2.69 -8.18
HA PHE D . -5.15 -2.59 -9.48
HB2 PHE D . -5.94 -0.93 -7.72
HB3 PHE D . -4.16 -1.02 -7.87
HD1 PHE D . -2.80 -1.78 -6.08
HD2 PHE D . -7.05 -1.96 -5.78
HE1 PHE D . -2.62 -2.20 -3.67
HE2 PHE D . -6.85 -2.39 -3.37
HZ PHE D . -4.64 -2.51 -2.32
N GLY A 1 -11.09 8.54 22.22
CA GLY A 1 -10.25 8.12 23.37
C GLY A 1 -8.90 7.67 22.90
N PRO A 2 -8.16 7.11 23.82
CA PRO A 2 -6.81 6.60 23.56
C PRO A 2 -6.77 5.58 22.45
N GLY A 3 -7.81 4.72 22.38
CA GLY A 3 -7.85 3.73 21.35
C GLY A 3 -9.13 2.97 21.52
N ASN A 4 -9.37 1.99 20.64
CA ASN A 4 -10.58 1.22 20.73
C ASN A 4 -10.30 -0.10 20.09
N LYS A 5 -10.80 -1.19 20.70
CA LYS A 5 -10.58 -2.50 20.16
C LYS A 5 -11.73 -3.36 20.59
N GLY A 6 -11.97 -4.46 19.85
CA GLY A 6 -13.06 -5.34 20.21
C GLY A 6 -13.25 -6.26 19.05
N SER A 7 -14.35 -7.03 19.07
CA SER A 7 -14.62 -7.94 18.00
C SER A 7 -16.11 -8.00 17.84
N SER A 8 -16.59 -7.96 16.58
CA SER A 8 -18.00 -8.01 16.31
C SER A 8 -18.30 -9.34 15.69
N LYS A 9 -17.30 -10.25 15.66
CA LYS A 9 -17.51 -11.55 15.07
C LYS A 9 -18.53 -12.30 15.87
N ARG A 10 -18.45 -12.17 17.23
CA ARG A 10 -19.38 -12.83 18.12
C ARG A 10 -19.04 -14.30 18.19
N GLU A 11 -19.11 -14.99 17.05
CA GLU A 11 -18.81 -16.40 17.02
C GLU A 11 -18.02 -16.64 15.76
N ALA A 12 -16.95 -17.44 15.85
CA ALA A 12 -16.13 -17.73 14.70
C ALA A 12 -16.78 -18.85 13.94
N ALA A 13 -17.86 -18.52 13.20
CA ALA A 13 -18.56 -19.52 12.42
C ALA A 13 -17.64 -20.04 11.36
N THR A 14 -16.84 -19.13 10.75
CA THR A 14 -15.93 -19.53 9.72
C THR A 14 -14.63 -19.91 10.38
N GLU A 15 -14.21 -21.18 10.22
CA GLU A 15 -12.99 -21.65 10.84
C GLU A 15 -11.81 -20.95 10.20
N SER A 16 -11.82 -20.82 8.86
CA SER A 16 -10.72 -20.16 8.20
C SER A 16 -11.21 -19.67 6.88
N GLY A 17 -10.50 -18.69 6.30
CA GLY A 17 -10.91 -18.14 5.02
C GLY A 17 -10.02 -16.99 4.74
N LYS A 18 -10.42 -16.13 3.77
CA LYS A 18 -9.66 -14.98 3.39
C LYS A 18 -8.32 -15.43 2.84
N THR A 19 -7.50 -14.46 2.39
CA THR A 19 -6.20 -14.78 1.86
C THR A 19 -5.35 -13.57 2.08
N ALA A 20 -4.56 -13.58 3.17
CA ALA A 20 -3.72 -12.45 3.47
C ALA A 20 -2.43 -13.00 3.98
N VAL A 21 -1.34 -12.23 3.81
CA VAL A 21 -0.07 -12.67 4.29
C VAL A 21 0.64 -11.50 4.88
N VAL A 22 1.38 -11.75 5.97
CA VAL A 22 2.11 -10.73 6.64
C VAL A 22 3.55 -11.02 6.39
N PHE A 23 4.31 -10.02 5.90
CA PHE A 23 5.70 -10.24 5.61
C PHE A 23 6.43 -8.96 5.89
N SER A 24 7.77 -9.07 6.05
CA SER A 24 8.58 -7.92 6.37
C SER A 24 9.64 -7.79 5.34
N LEU A 25 10.16 -6.55 5.17
CA LEU A 25 11.22 -6.32 4.23
C LEU A 25 12.04 -5.19 4.76
N LYS A 26 13.22 -4.99 4.14
CA LYS A 26 14.12 -3.95 4.55
C LYS A 26 13.49 -2.63 4.21
N ASN A 27 13.69 -1.62 5.09
CA ASN A 27 13.11 -0.32 4.86
C ASN A 27 13.95 0.37 3.82
N GLU A 28 13.67 0.07 2.55
CA GLU A 28 14.39 0.67 1.47
C GLU A 28 13.40 0.87 0.35
N VAL A 29 13.75 1.74 -0.62
CA VAL A 29 12.86 2.00 -1.71
C VAL A 29 12.91 0.83 -2.66
N GLY A 30 11.73 0.47 -3.21
CA GLY A 30 11.67 -0.62 -4.17
C GLY A 30 11.35 -1.90 -3.46
N GLY A 31 11.42 -1.90 -2.10
CA GLY A 31 11.14 -3.11 -1.37
C GLY A 31 9.66 -3.41 -1.48
N LEU A 32 8.84 -2.34 -1.40
CA LEU A 32 7.41 -2.51 -1.44
C LEU A 32 6.96 -2.90 -2.83
N VAL A 33 7.48 -2.24 -3.89
CA VAL A 33 7.02 -2.54 -5.24
C VAL A 33 7.46 -3.91 -5.67
N LYS A 34 8.65 -4.39 -5.23
CA LYS A 34 9.11 -5.70 -5.66
C LYS A 34 8.22 -6.76 -5.03
N ALA A 35 7.67 -6.47 -3.83
CA ALA A 35 6.82 -7.44 -3.20
C ALA A 35 5.51 -7.50 -3.94
N LEU A 36 4.99 -6.33 -4.33
CA LEU A 36 3.71 -6.25 -5.00
C LEU A 36 3.78 -6.78 -6.41
N ARG A 37 4.92 -6.57 -7.11
CA ARG A 37 5.03 -7.01 -8.50
C ARG A 37 4.87 -8.51 -8.55
N LEU A 38 5.19 -9.22 -7.45
CA LEU A 38 5.06 -10.66 -7.43
C LEU A 38 3.61 -11.03 -7.64
N PHE A 39 2.69 -10.22 -7.09
CA PHE A 39 1.28 -10.51 -7.22
C PHE A 39 0.89 -10.31 -8.66
N GLN A 40 1.50 -9.31 -9.33
CA GLN A 40 1.20 -9.04 -10.72
C GLN A 40 1.63 -10.21 -11.57
N GLU A 41 2.77 -10.84 -11.21
CA GLU A 41 3.29 -11.96 -11.98
C GLU A 41 2.30 -13.09 -12.00
N LYS A 42 1.64 -13.33 -10.85
CA LYS A 42 0.69 -14.43 -10.78
C LYS A 42 -0.67 -13.96 -11.21
N ARG A 43 -0.80 -12.65 -11.58
CA ARG A 43 -2.07 -12.11 -12.02
C ARG A 43 -3.02 -12.11 -10.85
N VAL A 44 -2.55 -11.65 -9.68
CA VAL A 44 -3.38 -11.58 -8.51
C VAL A 44 -3.58 -10.14 -8.19
N ASN A 45 -4.86 -9.71 -8.09
CA ASN A 45 -5.15 -8.33 -7.80
C ASN A 45 -5.14 -8.14 -6.31
N MET A 46 -4.97 -6.87 -5.88
CA MET A 46 -4.95 -6.56 -4.49
C MET A 46 -6.26 -5.89 -4.18
N VAL A 47 -6.82 -6.16 -2.98
CA VAL A 47 -8.08 -5.56 -2.62
C VAL A 47 -7.85 -4.66 -1.43
N HIS A 48 -6.74 -4.86 -0.69
CA HIS A 48 -6.47 -4.02 0.45
C HIS A 48 -4.99 -4.03 0.65
N ILE A 49 -4.41 -2.85 0.93
CA ILE A 49 -2.97 -2.77 1.12
C ILE A 49 -2.72 -1.69 2.13
N GLU A 50 -1.74 -1.94 3.03
CA GLU A 50 -1.39 -0.94 4.02
C GLU A 50 0.01 -1.25 4.45
N SER A 51 0.75 -0.21 4.88
CA SER A 51 2.12 -0.40 5.29
C SER A 51 2.29 0.27 6.62
N ARG A 52 3.04 -0.39 7.53
CA ARG A 52 3.27 0.16 8.84
C ARG A 52 4.73 0.50 8.91
N LYS A 53 5.04 1.79 9.11
CA LYS A 53 6.42 2.22 9.18
C LYS A 53 6.74 2.47 10.62
N SER A 54 7.87 1.88 11.09
CA SER A 54 8.29 2.07 12.46
C SER A 54 8.81 3.47 12.58
N ARG A 55 8.56 4.12 13.74
CA ARG A 55 9.01 5.47 13.94
C ARG A 55 10.52 5.50 13.89
N ARG A 56 11.19 4.50 14.50
CA ARG A 56 12.62 4.48 14.49
C ARG A 56 13.06 3.19 15.14
N ARG A 57 14.41 3.00 15.23
CA ARG A 57 14.99 1.83 15.85
C ARG A 57 14.56 0.59 15.12
N SER A 58 14.48 0.64 13.77
CA SER A 58 14.10 -0.52 13.03
C SER A 58 14.63 -0.34 11.63
N SER A 59 15.18 -1.42 11.05
CA SER A 59 15.71 -1.35 9.71
C SER A 59 14.75 -2.04 8.79
N GLU A 60 13.68 -2.63 9.36
CA GLU A 60 12.70 -3.33 8.56
C GLU A 60 11.35 -2.78 8.88
N VAL A 61 10.41 -2.97 7.93
CA VAL A 61 9.05 -2.50 8.13
C VAL A 61 8.12 -3.63 7.80
N GLU A 62 6.87 -3.54 8.31
CA GLU A 62 5.91 -4.60 8.07
C GLU A 62 4.89 -4.07 7.11
N ILE A 63 4.61 -4.87 6.06
CA ILE A 63 3.64 -4.48 5.07
C ILE A 63 2.61 -5.57 5.01
N PHE A 64 1.32 -5.20 5.09
CA PHE A 64 0.25 -6.18 5.09
C PHE A 64 -0.40 -6.14 3.74
N VAL A 65 -0.65 -7.32 3.15
CA VAL A 65 -1.27 -7.36 1.84
C VAL A 65 -2.42 -8.33 1.89
N ASP A 66 -3.60 -7.89 1.40
CA ASP A 66 -4.78 -8.73 1.39
C ASP A 66 -5.22 -8.84 -0.05
N CYS A 67 -5.29 -10.08 -0.57
CA CYS A 67 -5.68 -10.28 -1.95
C CYS A 67 -6.70 -11.37 -2.00
N GLU A 68 -7.46 -11.45 -3.11
CA GLU A 68 -8.45 -12.48 -3.26
C GLU A 68 -8.01 -13.33 -4.41
N CYS A 69 -7.70 -14.61 -4.13
CA CYS A 69 -7.25 -15.50 -5.15
C CYS A 69 -7.35 -16.90 -4.61
N GLY A 70 -7.09 -17.92 -5.46
CA GLY A 70 -7.19 -19.29 -5.01
C GLY A 70 -6.12 -19.52 -3.98
N LYS A 71 -6.43 -20.38 -2.97
CA LYS A 71 -5.49 -20.65 -1.91
C LYS A 71 -4.26 -21.33 -2.46
N THR A 72 -4.44 -22.24 -3.44
CA THR A 72 -3.30 -22.94 -4.02
C THR A 72 -2.41 -21.94 -4.70
N GLU A 73 -3.01 -21.02 -5.47
CA GLU A 73 -2.25 -20.01 -6.18
C GLU A 73 -1.57 -19.13 -5.18
N PHE A 74 -2.31 -18.79 -4.13
CA PHE A 74 -1.81 -17.93 -3.08
C PHE A 74 -0.62 -18.57 -2.42
N ASN A 75 -0.71 -19.87 -2.07
CA ASN A 75 0.37 -20.55 -1.40
C ASN A 75 1.61 -20.53 -2.27
N GLU A 76 1.44 -20.76 -3.58
CA GLU A 76 2.58 -20.77 -4.48
C GLU A 76 3.19 -19.39 -4.52
N LEU A 77 2.34 -18.34 -4.49
CA LEU A 77 2.82 -16.98 -4.55
C LEU A 77 3.63 -16.69 -3.31
N ILE A 78 3.14 -17.17 -2.16
CA ILE A 78 3.81 -16.95 -0.90
C ILE A 78 5.17 -17.60 -0.95
N GLN A 79 5.27 -18.78 -1.59
CA GLN A 79 6.52 -19.48 -1.67
C GLN A 79 7.53 -18.60 -2.38
N LEU A 80 7.09 -17.86 -3.40
CA LEU A 80 7.99 -16.99 -4.14
C LEU A 80 8.37 -15.82 -3.28
N LEU A 81 7.40 -15.29 -2.50
CA LEU A 81 7.65 -14.14 -1.64
C LEU A 81 8.57 -14.56 -0.51
N LYS A 82 8.55 -15.86 -0.16
CA LYS A 82 9.37 -16.37 0.92
C LYS A 82 10.82 -16.13 0.62
N PHE A 83 11.21 -16.18 -0.68
CA PHE A 83 12.58 -15.97 -1.05
C PHE A 83 12.97 -14.55 -0.73
N GLN A 84 12.03 -13.59 -0.92
CA GLN A 84 12.34 -12.20 -0.65
C GLN A 84 12.55 -11.98 0.82
N THR A 85 11.73 -12.63 1.68
CA THR A 85 11.89 -12.43 3.11
C THR A 85 11.41 -13.67 3.80
N THR A 86 12.01 -13.98 4.97
CA THR A 86 11.60 -15.14 5.71
C THR A 86 10.33 -14.77 6.42
N ILE A 87 9.36 -15.68 6.45
CA ILE A 87 8.10 -15.38 7.10
C ILE A 87 7.93 -16.37 8.21
N VAL A 88 7.85 -15.85 9.46
CA VAL A 88 7.69 -16.71 10.62
C VAL A 88 6.23 -17.02 10.79
N THR A 89 5.34 -16.08 10.40
CA THR A 89 3.93 -16.33 10.54
C THR A 89 3.26 -15.70 9.35
N LEU A 90 2.24 -16.40 8.82
CA LEU A 90 1.52 -15.93 7.66
C LEU A 90 0.48 -14.93 8.09
N ASN A 91 -0.12 -15.17 9.28
CA ASN A 91 -1.18 -14.30 9.76
C ASN A 91 -0.59 -13.28 10.67
N PRO A 92 -1.27 -12.15 10.79
CA PRO A 92 -0.83 -11.05 11.65
C PRO A 92 -1.01 -11.36 13.11
N PRO A 93 -0.26 -10.70 13.96
CA PRO A 93 -0.35 -10.89 15.40
C PRO A 93 -1.72 -10.58 15.95
N GLU A 94 -2.15 -11.36 16.95
CA GLU A 94 -3.45 -11.15 17.56
C GLU A 94 -3.36 -9.97 18.50
N ASN A 95 -2.17 -9.35 18.61
CA ASN A 95 -1.99 -8.24 19.52
C ASN A 95 -2.15 -6.94 18.77
N ILE A 96 -2.57 -7.00 17.49
CA ILE A 96 -2.76 -5.78 16.75
C ILE A 96 -4.07 -5.89 16.03
N TRP A 97 -4.84 -4.78 16.01
CA TRP A 97 -6.12 -4.79 15.35
C TRP A 97 -6.27 -3.46 14.67
N THR A 98 -6.51 -3.51 13.33
CA THR A 98 -6.67 -2.30 12.54
C THR A 98 -5.36 -1.52 12.61
N GLU A 99 -5.39 -0.26 12.17
CA GLU A 99 -4.19 0.56 12.21
C GLU A 99 -4.52 1.74 13.07
N GLU A 100 -4.49 1.55 14.39
CA GLU A 100 -4.77 2.64 15.30
C GLU A 100 -3.43 3.19 15.81
N GLY B 1 -2.89 39.85 22.20
CA GLY B 1 -2.41 41.15 22.74
C GLY B 1 -2.15 41.05 24.21
N PRO B 2 -1.58 42.10 24.74
CA PRO B 2 -1.25 42.18 26.15
C PRO B 2 -2.45 42.43 27.00
N GLY B 3 -2.45 41.84 28.22
CA GLY B 3 -3.57 42.02 29.12
C GLY B 3 -4.58 40.94 28.87
N ASN B 4 -4.36 40.13 27.81
CA ASN B 4 -5.27 39.06 27.51
C ASN B 4 -4.60 37.77 27.87
N LYS B 5 -5.36 36.86 28.51
CA LYS B 5 -4.80 35.59 28.91
C LYS B 5 -4.88 34.66 27.73
N GLY B 6 -3.88 33.77 27.60
CA GLY B 6 -3.87 32.85 26.49
C GLY B 6 -2.69 31.95 26.69
N SER B 7 -2.43 31.06 25.71
CA SER B 7 -1.31 30.16 25.83
C SER B 7 -0.11 30.84 25.25
N SER B 8 0.96 30.97 26.07
CA SER B 8 2.17 31.62 25.61
C SER B 8 2.77 30.80 24.51
N LYS B 9 2.78 29.46 24.67
CA LYS B 9 3.35 28.59 23.68
C LYS B 9 2.23 27.84 23.04
N ARG B 10 2.23 27.79 21.69
CA ARG B 10 1.20 27.08 20.98
C ARG B 10 1.90 26.08 20.10
N GLU B 11 1.26 24.91 19.90
CA GLU B 11 1.87 23.89 19.08
C GLU B 11 1.38 24.09 17.68
N ALA B 12 2.22 24.72 16.83
CA ALA B 12 1.87 24.94 15.45
C ALA B 12 1.76 23.61 14.75
N ALA B 13 2.71 22.70 15.07
CA ALA B 13 2.72 21.38 14.47
C ALA B 13 3.22 21.51 13.05
N THR B 14 3.17 20.40 12.29
CA THR B 14 3.61 20.43 10.92
C THR B 14 2.39 20.35 10.05
N GLU B 15 1.87 21.52 9.63
CA GLU B 15 0.70 21.55 8.80
C GLU B 15 1.13 21.62 7.37
N SER B 16 2.45 21.75 7.12
CA SER B 16 2.94 21.84 5.77
C SER B 16 4.14 20.95 5.65
N GLY B 17 4.46 20.54 4.41
CA GLY B 17 5.61 19.68 4.18
C GLY B 17 5.16 18.25 4.19
N LYS B 18 3.83 18.02 4.28
CA LYS B 18 3.33 16.66 4.30
C LYS B 18 3.61 16.01 2.98
N THR B 19 3.37 16.77 1.91
CA THR B 19 3.61 16.33 0.53
C THR B 19 2.83 15.07 0.27
N ALA B 20 1.58 15.23 -0.22
CA ALA B 20 0.75 14.09 -0.50
C ALA B 20 0.07 14.36 -1.80
N VAL B 21 -0.30 13.29 -2.54
CA VAL B 21 -0.97 13.47 -3.79
C VAL B 21 -2.00 12.40 -3.93
N VAL B 22 -3.15 12.79 -4.53
CA VAL B 22 -4.23 11.87 -4.74
C VAL B 22 -4.35 11.71 -6.22
N PHE B 23 -4.35 10.45 -6.69
CA PHE B 23 -4.44 10.20 -8.11
C PHE B 23 -5.23 8.95 -8.31
N SER B 24 -5.74 8.77 -9.55
CA SER B 24 -6.56 7.64 -9.86
C SER B 24 -5.94 6.89 -10.99
N LEU B 25 -6.26 5.58 -11.08
CA LEU B 25 -5.75 4.78 -12.15
C LEU B 25 -6.76 3.72 -12.46
N LYS B 26 -6.58 3.02 -13.59
CA LYS B 26 -7.48 1.99 -13.99
C LYS B 26 -7.36 0.84 -13.03
N ASN B 27 -8.50 0.18 -12.72
CA ASN B 27 -8.47 -0.93 -11.79
C ASN B 27 -7.94 -2.12 -12.54
N GLU B 28 -6.60 -2.23 -12.59
CA GLU B 28 -5.97 -3.32 -13.26
C GLU B 28 -4.72 -3.62 -12.49
N VAL B 29 -4.14 -4.82 -12.69
CA VAL B 29 -2.96 -5.20 -11.98
C VAL B 29 -1.78 -4.49 -12.59
N GLY B 30 -0.85 -4.05 -11.73
CA GLY B 30 0.34 -3.37 -12.20
C GLY B 30 0.11 -1.90 -12.21
N GLY B 31 -1.15 -1.45 -12.04
CA GLY B 31 -1.43 -0.02 -12.06
C GLY B 31 -0.86 0.59 -10.82
N LEU B 32 -1.00 -0.12 -9.69
CA LEU B 32 -0.51 0.37 -8.43
C LEU B 32 0.99 0.38 -8.39
N VAL B 33 1.66 -0.71 -8.84
CA VAL B 33 3.11 -0.77 -8.75
C VAL B 33 3.76 0.20 -9.69
N LYS B 34 3.15 0.46 -10.88
CA LYS B 34 3.77 1.39 -11.81
C LYS B 34 3.73 2.78 -11.25
N ALA B 35 2.72 3.09 -10.42
CA ALA B 35 2.64 4.40 -9.85
C ALA B 35 3.69 4.54 -8.78
N LEU B 36 3.88 3.48 -7.98
CA LEU B 36 4.83 3.52 -6.90
C LEU B 36 6.25 3.48 -7.39
N ARG B 37 6.53 2.75 -8.50
CA ARG B 37 7.89 2.65 -9.00
C ARG B 37 8.39 4.02 -9.37
N LEU B 38 7.47 4.95 -9.70
CA LEU B 38 7.87 6.30 -10.06
C LEU B 38 8.57 6.94 -8.89
N PHE B 39 8.10 6.65 -7.66
CA PHE B 39 8.70 7.23 -6.48
C PHE B 39 10.09 6.65 -6.31
N GLN B 40 10.27 5.36 -6.68
CA GLN B 40 11.55 4.72 -6.56
C GLN B 40 12.53 5.37 -7.50
N GLU B 41 12.05 5.77 -8.70
CA GLU B 41 12.92 6.38 -9.69
C GLU B 41 13.51 7.66 -9.16
N LYS B 42 12.70 8.44 -8.42
CA LYS B 42 13.19 9.71 -7.90
C LYS B 42 13.85 9.48 -6.56
N ARG B 43 13.87 8.22 -6.08
CA ARG B 43 14.48 7.91 -4.80
C ARG B 43 13.68 8.56 -3.70
N VAL B 44 12.34 8.41 -3.77
CA VAL B 44 11.47 8.98 -2.77
C VAL B 44 10.85 7.84 -2.04
N ASN B 45 11.00 7.82 -0.70
CA ASN B 45 10.44 6.74 0.08
C ASN B 45 9.02 7.08 0.42
N MET B 46 8.23 6.03 0.75
CA MET B 46 6.85 6.22 1.09
C MET B 46 6.75 6.07 2.57
N VAL B 47 5.87 6.87 3.23
CA VAL B 47 5.73 6.78 4.66
C VAL B 47 4.33 6.30 4.96
N HIS B 48 3.39 6.46 4.01
CA HIS B 48 2.05 6.02 4.26
C HIS B 48 1.45 5.71 2.91
N ILE B 49 0.70 4.59 2.82
CA ILE B 49 0.10 4.21 1.56
C ILE B 49 -1.18 3.51 1.87
N GLU B 50 -2.23 3.78 1.05
CA GLU B 50 -3.49 3.14 1.24
C GLU B 50 -4.20 3.18 -0.08
N SER B 51 -5.07 2.19 -0.34
CA SER B 51 -5.78 2.15 -1.59
C SER B 51 -7.24 1.97 -1.28
N ARG B 52 -8.11 2.68 -2.03
CA ARG B 52 -9.53 2.56 -1.82
C ARG B 52 -10.09 1.90 -3.04
N LYS B 53 -10.72 0.73 -2.86
CA LYS B 53 -11.27 0.00 -3.97
C LYS B 53 -12.77 0.19 -3.93
N SER B 54 -13.35 0.59 -5.08
CA SER B 54 -14.78 0.78 -5.16
C SER B 54 -15.41 -0.58 -5.15
N ARG B 55 -16.59 -0.71 -4.50
CA ARG B 55 -17.26 -1.98 -4.42
C ARG B 55 -17.65 -2.41 -5.81
N ARG B 56 -18.13 -1.47 -6.65
CA ARG B 56 -18.51 -1.83 -7.99
C ARG B 56 -18.89 -0.57 -8.71
N ARG B 57 -19.29 -0.71 -10.01
CA ARG B 57 -19.70 0.41 -10.82
C ARG B 57 -18.58 1.39 -10.97
N SER B 58 -17.34 0.89 -11.12
CA SER B 58 -16.23 1.79 -11.31
C SER B 58 -15.14 1.02 -11.98
N SER B 59 -14.46 1.65 -12.96
CA SER B 59 -13.39 1.00 -13.67
C SER B 59 -12.08 1.55 -13.16
N GLU B 60 -12.16 2.55 -12.28
CA GLU B 60 -10.96 3.17 -11.76
C GLU B 60 -11.02 3.14 -10.27
N VAL B 61 -9.84 3.23 -9.64
CA VAL B 61 -9.77 3.22 -8.19
C VAL B 61 -8.91 4.37 -7.77
N GLU B 62 -9.05 4.80 -6.49
CA GLU B 62 -8.27 5.91 -6.00
C GLU B 62 -7.24 5.38 -5.07
N ILE B 63 -5.97 5.82 -5.26
CA ILE B 63 -4.90 5.38 -4.40
C ILE B 63 -4.26 6.61 -3.83
N PHE B 64 -4.08 6.62 -2.49
CA PHE B 64 -3.51 7.77 -1.82
C PHE B 64 -2.09 7.44 -1.45
N VAL B 65 -1.15 8.37 -1.75
CA VAL B 65 0.23 8.13 -1.44
C VAL B 65 0.75 9.32 -0.69
N ASP B 66 1.41 9.07 0.47
CA ASP B 66 1.97 10.14 1.27
C ASP B 66 3.45 9.87 1.38
N CYS B 67 4.29 10.82 0.90
CA CYS B 67 5.72 10.63 0.96
C CYS B 67 6.34 11.88 1.51
N GLU B 68 7.58 11.76 2.02
CA GLU B 68 8.27 12.91 2.55
C GLU B 68 9.44 13.17 1.65
N CYS B 69 9.44 14.35 1.00
CA CYS B 69 10.50 14.68 0.09
C CYS B 69 10.41 16.16 -0.19
N GLY B 70 11.40 16.72 -0.92
CA GLY B 70 11.38 18.14 -1.22
C GLY B 70 10.19 18.42 -2.09
N LYS B 71 9.58 19.61 -1.92
CA LYS B 71 8.42 19.99 -2.68
C LYS B 71 8.77 20.08 -4.14
N THR B 72 9.97 20.62 -4.47
CA THR B 72 10.37 20.74 -5.85
C THR B 72 10.48 19.38 -6.46
N GLU B 73 11.10 18.43 -5.73
CA GLU B 73 11.28 17.09 -6.23
C GLU B 73 9.93 16.45 -6.38
N PHE B 74 9.07 16.71 -5.39
CA PHE B 74 7.73 16.16 -5.37
C PHE B 74 6.96 16.64 -6.57
N ASN B 75 7.03 17.96 -6.85
CA ASN B 75 6.28 18.52 -7.96
C ASN B 75 6.73 17.88 -9.25
N GLU B 76 8.04 17.68 -9.42
CA GLU B 76 8.55 17.08 -10.64
C GLU B 76 8.05 15.66 -10.74
N LEU B 77 7.97 14.95 -9.59
CA LEU B 77 7.53 13.58 -9.59
C LEU B 77 6.09 13.53 -10.01
N ILE B 78 5.30 14.48 -9.50
CA ILE B 78 3.89 14.55 -9.81
C ILE B 78 3.72 14.76 -11.29
N GLN B 79 4.60 15.58 -11.90
CA GLN B 79 4.51 15.86 -13.31
C GLN B 79 4.64 14.56 -14.08
N LEU B 80 5.52 13.66 -13.60
CA LEU B 80 5.72 12.40 -14.29
C LEU B 80 4.50 11.52 -14.09
N LEU B 81 3.91 11.56 -12.88
CA LEU B 81 2.74 10.76 -12.57
C LEU B 81 1.56 11.28 -13.36
N LYS B 82 1.59 12.59 -13.72
CA LYS B 82 0.50 13.20 -14.45
C LYS B 82 0.32 12.49 -15.77
N PHE B 83 1.42 11.99 -16.37
CA PHE B 83 1.32 11.32 -17.64
C PHE B 83 0.54 10.04 -17.46
N GLN B 84 0.72 9.36 -16.31
CA GLN B 84 0.02 8.11 -16.08
C GLN B 84 -1.45 8.36 -15.92
N THR B 85 -1.84 9.44 -15.22
CA THR B 85 -3.26 9.72 -15.06
C THR B 85 -3.44 11.19 -14.91
N THR B 86 -4.60 11.71 -15.36
CA THR B 86 -4.86 13.12 -15.24
C THR B 86 -5.28 13.37 -13.82
N ILE B 87 -4.79 14.47 -13.23
CA ILE B 87 -5.12 14.77 -11.86
C ILE B 87 -5.85 16.07 -11.86
N VAL B 88 -7.13 16.05 -11.42
CA VAL B 88 -7.93 17.25 -11.39
C VAL B 88 -7.56 18.04 -10.15
N THR B 89 -7.21 17.33 -9.06
CA THR B 89 -6.85 18.03 -7.84
C THR B 89 -5.78 17.21 -7.21
N LEU B 90 -4.75 17.90 -6.66
CA LEU B 90 -3.65 17.22 -6.04
C LEU B 90 -4.12 16.59 -4.75
N ASN B 91 -4.99 17.32 -4.02
CA ASN B 91 -5.51 16.82 -2.76
C ASN B 91 -6.99 17.11 -2.74
N PRO B 92 -7.73 16.35 -1.96
CA PRO B 92 -9.18 16.52 -1.86
C PRO B 92 -9.57 17.89 -1.36
N PRO B 93 -10.66 18.44 -1.84
CA PRO B 93 -11.12 19.76 -1.39
C PRO B 93 -11.42 19.82 0.08
N GLU B 94 -11.06 20.95 0.71
CA GLU B 94 -11.30 21.12 2.13
C GLU B 94 -12.74 21.51 2.33
N ASN B 95 -13.49 21.66 1.23
CA ASN B 95 -14.87 22.07 1.33
C ASN B 95 -15.76 20.85 1.40
N ILE B 96 -15.31 19.82 2.15
CA ILE B 96 -16.09 18.62 2.29
C ILE B 96 -16.39 18.45 3.74
N TRP B 97 -17.43 17.65 4.06
CA TRP B 97 -17.80 17.44 5.43
C TRP B 97 -18.28 16.03 5.53
N THR B 98 -17.90 15.34 6.63
CA THR B 98 -18.30 13.97 6.81
C THR B 98 -19.69 13.99 7.39
N GLU B 99 -20.61 13.20 6.79
CA GLU B 99 -21.97 13.17 7.26
C GLU B 99 -22.12 12.04 8.23
N GLU B 100 -21.47 12.16 9.42
CA GLU B 100 -21.57 11.13 10.42
C GLU B 100 -21.84 11.83 11.77
N PHE C . 9.96 2.92 2.86
CA PHE C . 9.69 1.78 1.93
C PHE C . 9.26 2.12 0.50
O PHE C . 9.01 3.32 0.20
CB PHE C . 8.59 0.88 2.54
CG PHE C . 7.25 1.56 2.71
CD1 PHE C . 6.31 1.51 1.70
CD2 PHE C . 6.95 2.24 3.87
CE1 PHE C . 5.09 2.12 1.85
CE2 PHE C . 5.73 2.86 4.02
CZ PHE C . 4.81 2.80 3.01
OXT PHE C . 9.20 1.17 -0.35
H1 PHE C . 10.31 2.55 3.77
H2 PHE C . 9.07 3.45 3.02
H3 PHE C . 10.66 3.55 2.43
HA PHE C . 10.61 1.22 1.87
HB2 PHE C . 8.90 0.54 3.55
HB3 PHE C . 8.42 -0.01 1.91
HD1 PHE C . 6.54 0.98 0.79
HD2 PHE C . 7.68 2.28 4.67
HE1 PHE C . 4.37 2.07 1.05
HE2 PHE C . 5.50 3.39 4.93
HZ PHE C . 3.85 3.28 3.13
N PHE D . -6.66 -3.79 -8.15
CA PHE D . -5.43 -3.01 -8.46
C PHE D . -4.07 -3.70 -8.22
O PHE D . -3.03 -3.10 -8.63
CB PHE D . -5.45 -1.70 -7.65
CG PHE D . -5.39 -1.89 -6.16
CD1 PHE D . -4.18 -1.93 -5.51
CD2 PHE D . -6.55 -2.04 -5.43
CE1 PHE D . -4.13 -2.10 -4.14
CE2 PHE D . -6.49 -2.21 -4.07
CZ PHE D . -5.28 -2.24 -3.43
OXT PHE D . -4.05 -4.81 -7.62
H1 PHE D . -6.65 -4.70 -8.68
H2 PHE D . -7.50 -3.24 -8.42
H3 PHE D . -6.69 -4.00 -7.13
HA PHE D . -5.49 -2.78 -9.52
HB2 PHE D . -6.38 -1.13 -7.87
HB3 PHE D . -4.58 -1.06 -7.93
HD1 PHE D . -3.26 -1.82 -6.07
HD2 PHE D . -7.51 -2.01 -5.93
HE1 PHE D . -3.17 -2.13 -3.64
HE2 PHE D . -7.41 -2.32 -3.50
HZ PHE D . -5.24 -2.38 -2.36
N GLY A 1 7.21 -24.16 28.37
CA GLY A 1 6.24 -23.18 28.92
C GLY A 1 5.08 -23.88 29.55
N PRO A 2 5.29 -24.35 30.76
CA PRO A 2 4.25 -25.05 31.50
C PRO A 2 3.12 -24.17 31.95
N GLY A 3 3.38 -22.85 32.01
CA GLY A 3 2.35 -21.93 32.43
C GLY A 3 2.41 -20.76 31.51
N ASN A 4 1.23 -20.18 31.19
CA ASN A 4 1.18 -19.04 30.31
C ASN A 4 1.04 -17.80 31.13
N LYS A 5 0.54 -17.96 32.39
CA LYS A 5 0.36 -16.83 33.28
C LYS A 5 -0.57 -15.83 32.63
N GLY A 6 -1.64 -16.32 31.98
CA GLY A 6 -2.56 -15.43 31.34
C GLY A 6 -3.73 -16.24 30.89
N SER A 7 -4.76 -16.35 31.76
CA SER A 7 -5.94 -17.12 31.42
C SER A 7 -6.95 -16.19 30.82
N SER A 8 -6.61 -14.88 30.74
CA SER A 8 -7.52 -13.91 30.18
C SER A 8 -7.22 -13.76 28.72
N LYS A 9 -6.25 -14.56 28.21
CA LYS A 9 -5.89 -14.49 26.82
C LYS A 9 -6.11 -15.84 26.23
N ARG A 10 -6.19 -15.89 24.87
CA ARG A 10 -6.40 -17.15 24.17
C ARG A 10 -7.75 -17.69 24.52
N GLU A 11 -8.78 -16.81 24.51
CA GLU A 11 -10.11 -17.25 24.83
C GLU A 11 -11.06 -16.29 24.17
N ALA A 12 -12.35 -16.70 24.06
CA ALA A 12 -13.36 -15.86 23.46
C ALA A 12 -13.11 -15.78 21.98
N ALA A 13 -12.82 -16.93 21.35
CA ALA A 13 -12.58 -16.95 19.93
C ALA A 13 -12.95 -18.31 19.43
N THR A 14 -13.47 -18.38 18.19
CA THR A 14 -13.85 -19.66 17.63
C THR A 14 -12.85 -20.02 16.59
N GLU A 15 -12.86 -19.29 15.45
CA GLU A 15 -11.93 -19.56 14.39
C GLU A 15 -11.95 -18.40 13.46
N SER A 16 -10.86 -18.22 12.69
CA SER A 16 -10.80 -17.12 11.76
C SER A 16 -9.79 -17.49 10.72
N GLY A 17 -10.03 -17.11 9.44
CA GLY A 17 -9.10 -17.44 8.41
C GLY A 17 -9.36 -16.51 7.27
N LYS A 18 -8.27 -16.06 6.59
CA LYS A 18 -8.40 -15.18 5.48
C LYS A 18 -7.14 -15.29 4.68
N THR A 19 -7.15 -14.73 3.46
CA THR A 19 -5.98 -14.79 2.61
C THR A 19 -5.24 -13.50 2.78
N ALA A 20 -4.35 -13.45 3.79
CA ALA A 20 -3.59 -12.26 4.04
C ALA A 20 -2.23 -12.72 4.45
N VAL A 21 -1.19 -11.91 4.12
CA VAL A 21 0.15 -12.28 4.47
C VAL A 21 0.89 -11.03 4.84
N VAL A 22 1.85 -11.17 5.77
CA VAL A 22 2.64 -10.04 6.20
C VAL A 22 3.97 -10.22 5.53
N PHE A 23 4.38 -9.23 4.72
CA PHE A 23 5.63 -9.33 4.02
C PHE A 23 6.55 -8.30 4.62
N SER A 24 7.77 -8.75 5.01
CA SER A 24 8.72 -7.87 5.62
C SER A 24 9.79 -7.55 4.61
N LEU A 25 10.29 -6.31 4.65
CA LEU A 25 11.32 -5.93 3.73
C LEU A 25 12.16 -4.88 4.41
N LYS A 26 13.28 -4.51 3.76
CA LYS A 26 14.18 -3.52 4.31
C LYS A 26 13.53 -2.18 4.16
N ASN A 27 13.92 -1.23 5.03
CA ASN A 27 13.36 0.09 4.96
C ASN A 27 14.10 0.82 3.87
N GLU A 28 14.00 0.27 2.65
CA GLU A 28 14.64 0.87 1.50
C GLU A 28 13.54 1.21 0.54
N VAL A 29 13.81 2.17 -0.37
CA VAL A 29 12.83 2.59 -1.32
C VAL A 29 12.81 1.60 -2.46
N GLY A 30 11.59 1.09 -2.80
CA GLY A 30 11.48 0.16 -3.89
C GLY A 30 11.31 -1.24 -3.35
N GLY A 31 11.41 -1.41 -2.03
CA GLY A 31 11.26 -2.74 -1.46
C GLY A 31 9.84 -3.21 -1.64
N LEU A 32 8.88 -2.27 -1.49
CA LEU A 32 7.49 -2.60 -1.56
C LEU A 32 7.08 -2.97 -2.97
N VAL A 33 7.60 -2.27 -4.00
CA VAL A 33 7.18 -2.56 -5.37
C VAL A 33 7.59 -3.96 -5.77
N LYS A 34 8.72 -4.48 -5.24
CA LYS A 34 9.15 -5.82 -5.61
C LYS A 34 8.18 -6.80 -5.03
N ALA A 35 7.63 -6.47 -3.86
CA ALA A 35 6.69 -7.37 -3.21
C ALA A 35 5.42 -7.42 -4.00
N LEU A 36 4.97 -6.26 -4.49
CA LEU A 36 3.72 -6.19 -5.23
C LEU A 36 3.85 -6.78 -6.61
N ARG A 37 5.03 -6.68 -7.24
CA ARG A 37 5.19 -7.19 -8.60
C ARG A 37 4.98 -8.68 -8.59
N LEU A 38 5.26 -9.31 -7.43
CA LEU A 38 5.12 -10.75 -7.31
C LEU A 38 3.67 -11.11 -7.51
N PHE A 39 2.76 -10.26 -6.97
CA PHE A 39 1.35 -10.52 -7.09
C PHE A 39 0.93 -10.29 -8.52
N GLN A 40 1.59 -9.33 -9.20
CA GLN A 40 1.26 -9.01 -10.58
C GLN A 40 1.58 -10.18 -11.47
N GLU A 41 2.69 -10.90 -11.18
CA GLU A 41 3.10 -12.02 -12.02
C GLU A 41 2.04 -13.08 -12.03
N LYS A 42 1.40 -13.35 -10.89
CA LYS A 42 0.38 -14.38 -10.84
C LYS A 42 -0.98 -13.78 -11.09
N ARG A 43 -1.02 -12.46 -11.43
CA ARG A 43 -2.27 -11.79 -11.73
C ARG A 43 -3.16 -11.82 -10.50
N VAL A 44 -2.59 -11.52 -9.31
CA VAL A 44 -3.38 -11.50 -8.12
C VAL A 44 -3.81 -10.08 -7.91
N ASN A 45 -5.15 -9.88 -7.79
CA ASN A 45 -5.68 -8.55 -7.62
C ASN A 45 -5.64 -8.21 -6.16
N MET A 46 -5.00 -7.07 -5.82
CA MET A 46 -4.92 -6.65 -4.44
C MET A 46 -6.21 -5.96 -4.11
N VAL A 47 -6.74 -6.16 -2.89
CA VAL A 47 -7.98 -5.52 -2.51
C VAL A 47 -7.71 -4.54 -1.41
N HIS A 48 -6.61 -4.73 -0.66
CA HIS A 48 -6.30 -3.81 0.41
C HIS A 48 -4.82 -3.90 0.66
N ILE A 49 -4.21 -2.74 0.98
CA ILE A 49 -2.79 -2.71 1.23
C ILE A 49 -2.56 -1.69 2.31
N GLU A 50 -1.65 -2.02 3.25
CA GLU A 50 -1.37 -1.08 4.32
C GLU A 50 0.04 -1.36 4.78
N SER A 51 0.82 -0.28 4.99
CA SER A 51 2.18 -0.45 5.44
C SER A 51 2.24 0.07 6.85
N ARG A 52 3.05 -0.60 7.72
CA ARG A 52 3.15 -0.18 9.08
C ARG A 52 4.61 0.03 9.36
N LYS A 53 4.96 1.22 9.92
CA LYS A 53 6.32 1.51 10.24
C LYS A 53 6.39 1.56 11.73
N SER A 54 7.27 0.74 12.33
CA SER A 54 7.37 0.67 13.77
C SER A 54 7.99 1.94 14.30
N ARG A 55 9.15 2.34 13.75
CA ARG A 55 9.81 3.52 14.22
C ARG A 55 10.45 4.18 13.03
N ARG A 56 10.81 5.48 13.18
CA ARG A 56 11.46 6.20 12.10
C ARG A 56 12.75 5.51 11.78
N ARG A 57 13.51 5.11 12.82
CA ARG A 57 14.76 4.43 12.59
C ARG A 57 14.49 2.97 12.76
N SER A 58 14.38 2.23 11.63
CA SER A 58 14.15 0.81 11.71
C SER A 58 14.79 0.20 10.51
N SER A 59 15.44 -0.97 10.71
CA SER A 59 16.11 -1.64 9.62
C SER A 59 15.09 -2.20 8.67
N GLU A 60 14.00 -2.79 9.21
CA GLU A 60 12.99 -3.39 8.37
C GLU A 60 11.65 -2.91 8.81
N VAL A 61 10.67 -3.01 7.88
CA VAL A 61 9.31 -2.61 8.19
C VAL A 61 8.41 -3.72 7.75
N GLU A 62 7.17 -3.77 8.30
CA GLU A 62 6.25 -4.82 7.94
C GLU A 62 5.16 -4.22 7.12
N ILE A 63 4.83 -4.88 5.99
CA ILE A 63 3.78 -4.39 5.13
C ILE A 63 2.76 -5.49 5.02
N PHE A 64 1.47 -5.13 5.26
CA PHE A 64 0.41 -6.12 5.22
C PHE A 64 -0.20 -6.08 3.85
N VAL A 65 -0.44 -7.29 3.28
CA VAL A 65 -1.02 -7.37 1.96
C VAL A 65 -2.22 -8.26 2.08
N ASP A 66 -3.41 -7.77 1.61
CA ASP A 66 -4.61 -8.55 1.67
C ASP A 66 -5.09 -8.71 0.27
N CYS A 67 -5.20 -9.97 -0.20
CA CYS A 67 -5.64 -10.22 -1.55
C CYS A 67 -6.71 -11.27 -1.50
N GLU A 68 -7.58 -11.29 -2.54
CA GLU A 68 -8.63 -12.28 -2.61
C GLU A 68 -8.28 -13.18 -3.74
N CYS A 69 -7.92 -14.43 -3.41
CA CYS A 69 -7.54 -15.38 -4.43
C CYS A 69 -7.73 -16.76 -3.86
N GLY A 70 -7.54 -17.79 -4.71
CA GLY A 70 -7.69 -19.16 -4.26
C GLY A 70 -6.54 -19.48 -3.36
N LYS A 71 -6.68 -20.55 -2.56
CA LYS A 71 -5.66 -20.95 -1.62
C LYS A 71 -4.41 -21.34 -2.38
N THR A 72 -4.58 -22.06 -3.52
CA THR A 72 -3.44 -22.49 -4.30
C THR A 72 -2.70 -21.28 -4.82
N GLU A 73 -3.44 -20.29 -5.36
CA GLU A 73 -2.83 -19.10 -5.90
C GLU A 73 -2.15 -18.35 -4.80
N PHE A 74 -2.83 -18.28 -3.66
CA PHE A 74 -2.30 -17.59 -2.50
C PHE A 74 -1.01 -18.24 -2.07
N ASN A 75 -1.00 -19.58 -1.98
CA ASN A 75 0.18 -20.30 -1.55
C ASN A 75 1.31 -20.05 -2.52
N GLU A 76 0.99 -20.07 -3.83
CA GLU A 76 2.00 -19.85 -4.85
C GLU A 76 2.60 -18.46 -4.69
N LEU A 77 1.76 -17.47 -4.35
CA LEU A 77 2.24 -16.11 -4.20
C LEU A 77 3.19 -16.06 -3.02
N ILE A 78 2.85 -16.78 -1.95
CA ILE A 78 3.66 -16.79 -0.76
C ILE A 78 4.99 -17.43 -1.09
N GLN A 79 5.01 -18.42 -2.00
CA GLN A 79 6.26 -19.08 -2.34
C GLN A 79 7.19 -18.08 -2.97
N LEU A 80 6.66 -17.16 -3.81
CA LEU A 80 7.51 -16.19 -4.47
C LEU A 80 7.99 -15.21 -3.45
N LEU A 81 7.09 -14.79 -2.55
CA LEU A 81 7.43 -13.86 -1.50
C LEU A 81 8.45 -14.46 -0.57
N LYS A 82 8.34 -15.78 -0.32
CA LYS A 82 9.23 -16.48 0.58
C LYS A 82 10.65 -16.34 0.10
N PHE A 83 10.87 -16.37 -1.23
CA PHE A 83 12.20 -16.26 -1.75
C PHE A 83 12.74 -14.88 -1.48
N GLN A 84 11.87 -13.84 -1.57
CA GLN A 84 12.32 -12.49 -1.35
C GLN A 84 12.66 -12.27 0.11
N THR A 85 11.87 -12.84 1.04
CA THR A 85 12.18 -12.63 2.45
C THR A 85 11.60 -13.80 3.21
N THR A 86 12.14 -14.05 4.42
CA THR A 86 11.65 -15.13 5.22
C THR A 86 10.42 -14.61 5.91
N ILE A 87 9.26 -15.24 5.64
CA ILE A 87 8.03 -14.79 6.25
C ILE A 87 7.71 -15.75 7.34
N VAL A 88 7.93 -15.32 8.61
CA VAL A 88 7.65 -16.17 9.74
C VAL A 88 6.24 -15.89 10.21
N THR A 89 5.73 -14.66 9.96
CA THR A 89 4.41 -14.31 10.40
C THR A 89 3.50 -14.48 9.22
N LEU A 90 2.54 -15.43 9.31
CA LEU A 90 1.63 -15.66 8.22
C LEU A 90 0.23 -15.58 8.75
N ASN A 91 -0.15 -14.37 9.23
CA ASN A 91 -1.48 -14.14 9.76
C ASN A 91 -1.86 -15.25 10.71
N PRO A 92 -1.21 -15.31 11.85
CA PRO A 92 -1.49 -16.35 12.84
C PRO A 92 -2.82 -16.16 13.51
N PRO A 93 -3.47 -17.23 13.89
CA PRO A 93 -4.76 -17.15 14.55
C PRO A 93 -4.65 -16.69 15.97
N GLU A 94 -5.66 -15.94 16.44
CA GLU A 94 -5.66 -15.44 17.80
C GLU A 94 -5.94 -16.60 18.73
N ASN A 95 -6.44 -17.73 18.18
CA ASN A 95 -6.74 -18.88 18.99
C ASN A 95 -5.45 -19.43 19.55
N ILE A 96 -4.37 -19.42 18.71
CA ILE A 96 -3.06 -19.93 19.12
C ILE A 96 -3.12 -21.44 19.12
N TRP A 97 -4.10 -22.03 19.83
CA TRP A 97 -4.20 -23.46 19.89
C TRP A 97 -5.66 -23.81 19.98
N THR A 98 -6.02 -25.06 19.60
CA THR A 98 -7.40 -25.48 19.65
C THR A 98 -7.46 -26.78 20.37
N GLU A 99 -6.74 -27.79 19.83
CA GLU A 99 -6.70 -29.11 20.43
C GLU A 99 -8.10 -29.66 20.46
N GLU A 100 -8.85 -29.49 19.36
CA GLU A 100 -10.21 -29.99 19.31
C GLU A 100 -10.16 -31.47 18.92
N GLY B 1 -22.37 -12.47 0.62
CA GLY B 1 -21.48 -12.42 1.80
C GLY B 1 -20.56 -11.23 1.73
N PRO B 2 -19.51 -11.39 0.96
CA PRO B 2 -18.53 -10.31 0.78
C PRO B 2 -19.03 -9.21 -0.10
N GLY B 3 -18.55 -7.98 0.15
CA GLY B 3 -18.98 -6.87 -0.65
C GLY B 3 -18.34 -5.65 -0.07
N ASN B 4 -18.74 -4.46 -0.58
CA ASN B 4 -18.17 -3.23 -0.10
C ASN B 4 -19.01 -2.79 1.07
N LYS B 5 -18.77 -3.40 2.25
CA LYS B 5 -19.52 -3.05 3.42
C LYS B 5 -18.54 -2.78 4.52
N GLY B 6 -18.90 -1.87 5.45
CA GLY B 6 -18.01 -1.56 6.55
C GLY B 6 -17.18 -0.37 6.16
N SER B 7 -17.27 0.04 4.88
CA SER B 7 -16.51 1.18 4.42
C SER B 7 -17.16 2.42 4.96
N SER B 8 -16.35 3.43 5.32
CA SER B 8 -16.90 4.66 5.84
C SER B 8 -16.77 5.70 4.79
N LYS B 9 -17.90 6.36 4.45
CA LYS B 9 -17.89 7.40 3.44
C LYS B 9 -17.23 8.63 4.00
N ARG B 10 -17.18 8.73 5.36
CA ARG B 10 -16.59 9.90 5.97
C ARG B 10 -15.10 9.69 6.01
N GLU B 11 -14.33 10.66 5.46
CA GLU B 11 -12.90 10.55 5.46
C GLU B 11 -12.36 11.95 5.48
N ALA B 12 -12.72 12.70 6.54
CA ALA B 12 -12.25 14.06 6.66
C ALA B 12 -12.26 14.39 8.12
N ALA B 13 -11.39 15.34 8.54
CA ALA B 13 -11.35 15.70 9.94
C ALA B 13 -10.56 16.98 10.05
N THR B 14 -9.27 16.92 9.69
CA THR B 14 -8.42 18.09 9.78
C THR B 14 -7.72 18.24 8.47
N GLU B 15 -7.14 19.43 8.22
CA GLU B 15 -6.44 19.66 6.99
C GLU B 15 -5.26 20.53 7.30
N SER B 16 -4.22 20.43 6.45
CA SER B 16 -3.03 21.23 6.64
C SER B 16 -2.23 21.09 5.38
N GLY B 17 -1.00 21.65 5.37
CA GLY B 17 -0.17 21.55 4.20
C GLY B 17 0.63 20.30 4.34
N LYS B 18 0.49 19.38 3.36
CA LYS B 18 1.22 18.16 3.42
C LYS B 18 1.52 17.74 2.01
N THR B 19 2.45 16.78 1.88
CA THR B 19 2.84 16.30 0.58
C THR B 19 2.14 15.00 0.34
N ALA B 20 0.92 15.08 -0.24
CA ALA B 20 0.17 13.90 -0.51
C ALA B 20 -0.48 14.09 -1.84
N VAL B 21 -0.68 12.99 -2.59
CA VAL B 21 -1.29 13.11 -3.89
C VAL B 21 -2.16 11.91 -4.09
N VAL B 22 -3.25 12.10 -4.86
CA VAL B 22 -4.16 11.03 -5.13
C VAL B 22 -3.88 10.62 -6.54
N PHE B 23 -3.52 9.34 -6.74
CA PHE B 23 -3.20 8.87 -8.05
C PHE B 23 -4.28 7.91 -8.45
N SER B 24 -4.85 8.12 -9.66
CA SER B 24 -5.92 7.27 -10.14
C SER B 24 -5.37 6.37 -11.19
N LEU B 25 -5.89 5.13 -11.24
CA LEU B 25 -5.43 4.20 -12.23
C LEU B 25 -6.56 3.27 -12.53
N LYS B 26 -6.38 2.42 -13.56
CA LYS B 26 -7.40 1.48 -13.95
C LYS B 26 -7.44 0.39 -12.94
N ASN B 27 -8.61 -0.28 -12.82
CA ASN B 27 -8.74 -1.34 -11.88
C ASN B 27 -8.13 -2.57 -12.51
N GLU B 28 -6.82 -2.47 -12.83
CA GLU B 28 -6.11 -3.57 -13.42
C GLU B 28 -5.00 -3.93 -12.47
N VAL B 29 -4.51 -5.17 -12.56
CA VAL B 29 -3.46 -5.60 -11.68
C VAL B 29 -2.15 -5.09 -12.20
N GLY B 30 -1.36 -4.44 -11.32
CA GLY B 30 -0.07 -3.93 -11.72
C GLY B 30 -0.15 -2.45 -11.93
N GLY B 31 -1.35 -1.86 -11.86
CA GLY B 31 -1.49 -0.44 -12.07
C GLY B 31 -0.81 0.30 -10.95
N LEU B 32 -0.94 -0.23 -9.71
CA LEU B 32 -0.39 0.40 -8.55
C LEU B 32 1.13 0.35 -8.55
N VAL B 33 1.75 -0.76 -8.98
CA VAL B 33 3.20 -0.85 -8.95
C VAL B 33 3.83 0.16 -9.87
N LYS B 34 3.16 0.52 -10.98
CA LYS B 34 3.74 1.49 -11.91
C LYS B 34 3.74 2.82 -11.23
N ALA B 35 2.74 3.07 -10.39
CA ALA B 35 2.64 4.35 -9.72
C ALA B 35 3.75 4.45 -8.71
N LEU B 36 4.01 3.36 -7.98
CA LEU B 36 5.01 3.37 -6.94
C LEU B 36 6.41 3.39 -7.51
N ARG B 37 6.64 2.77 -8.68
CA ARG B 37 7.98 2.72 -9.24
C ARG B 37 8.43 4.12 -9.56
N LEU B 38 7.46 5.02 -9.81
CA LEU B 38 7.78 6.39 -10.14
C LEU B 38 8.46 7.02 -8.95
N PHE B 39 7.99 6.68 -7.73
CA PHE B 39 8.56 7.24 -6.54
C PHE B 39 9.94 6.65 -6.34
N GLN B 40 10.13 5.38 -6.75
CA GLN B 40 11.41 4.71 -6.60
C GLN B 40 12.45 5.39 -7.45
N GLU B 41 12.07 5.85 -8.66
CA GLU B 41 13.01 6.46 -9.57
C GLU B 41 13.62 7.70 -8.95
N LYS B 42 12.80 8.49 -8.24
CA LYS B 42 13.32 9.70 -7.64
C LYS B 42 13.78 9.42 -6.23
N ARG B 43 13.75 8.14 -5.81
CA ARG B 43 14.19 7.75 -4.48
C ARG B 43 13.32 8.42 -3.44
N VAL B 44 11.99 8.41 -3.66
CA VAL B 44 11.09 9.01 -2.70
C VAL B 44 10.65 7.92 -1.77
N ASN B 45 10.86 8.13 -0.46
CA ASN B 45 10.50 7.13 0.51
C ASN B 45 9.04 7.31 0.86
N MET B 46 8.25 6.22 0.72
CA MET B 46 6.85 6.29 1.04
C MET B 46 6.72 6.10 2.53
N VAL B 47 5.80 6.84 3.18
CA VAL B 47 5.63 6.71 4.60
C VAL B 47 4.27 6.13 4.88
N HIS B 48 3.33 6.26 3.93
CA HIS B 48 2.01 5.73 4.14
C HIS B 48 1.39 5.50 2.81
N ILE B 49 0.60 4.42 2.69
CA ILE B 49 -0.03 4.10 1.43
C ILE B 49 -1.37 3.49 1.75
N GLU B 50 -2.40 3.87 0.98
CA GLU B 50 -3.72 3.31 1.22
C GLU B 50 -4.45 3.35 -0.08
N SER B 51 -5.15 2.25 -0.41
CA SER B 51 -5.91 2.19 -1.64
C SER B 51 -7.36 2.20 -1.27
N ARG B 52 -8.19 2.89 -2.08
CA ARG B 52 -9.60 2.96 -1.79
C ARG B 52 -10.33 2.48 -3.02
N LYS B 53 -11.25 1.52 -2.83
CA LYS B 53 -12.01 1.01 -3.93
C LYS B 53 -13.42 1.45 -3.71
N SER B 54 -13.99 2.18 -4.68
CA SER B 54 -15.34 2.71 -4.53
C SER B 54 -16.33 1.58 -4.59
N ARG B 55 -16.25 0.73 -5.63
CA ARG B 55 -17.20 -0.36 -5.76
C ARG B 55 -16.46 -1.51 -6.35
N ARG B 56 -17.03 -2.73 -6.22
CA ARG B 56 -16.42 -3.92 -6.76
C ARG B 56 -16.30 -3.75 -8.25
N ARG B 57 -17.37 -3.23 -8.89
CA ARG B 57 -17.34 -3.02 -10.31
C ARG B 57 -17.03 -1.57 -10.53
N SER B 58 -15.76 -1.26 -10.88
CA SER B 58 -15.39 0.11 -11.13
C SER B 58 -14.30 0.08 -12.15
N SER B 59 -14.34 1.03 -13.11
CA SER B 59 -13.35 1.09 -14.14
C SER B 59 -12.04 1.54 -13.55
N GLU B 60 -12.08 2.55 -12.65
CA GLU B 60 -10.86 3.06 -12.08
C GLU B 60 -11.01 3.13 -10.59
N VAL B 61 -9.85 3.15 -9.89
CA VAL B 61 -9.87 3.25 -8.44
C VAL B 61 -8.91 4.34 -8.08
N GLU B 62 -9.05 4.88 -6.84
CA GLU B 62 -8.19 5.95 -6.40
C GLU B 62 -7.29 5.41 -5.34
N ILE B 63 -5.98 5.71 -5.46
CA ILE B 63 -5.02 5.25 -4.49
C ILE B 63 -4.33 6.46 -3.94
N PHE B 64 -4.30 6.57 -2.59
CA PHE B 64 -3.70 7.71 -1.95
C PHE B 64 -2.27 7.37 -1.63
N VAL B 65 -1.35 8.33 -1.91
CA VAL B 65 0.04 8.11 -1.63
C VAL B 65 0.51 9.27 -0.81
N ASP B 66 1.13 8.97 0.37
CA ASP B 66 1.62 10.01 1.23
C ASP B 66 3.10 9.81 1.38
N CYS B 67 3.89 10.81 0.95
CA CYS B 67 5.33 10.68 1.04
C CYS B 67 5.87 11.92 1.67
N GLU B 68 7.07 11.81 2.28
CA GLU B 68 7.69 12.95 2.91
C GLU B 68 8.88 13.28 2.07
N CYS B 69 8.82 14.44 1.40
CA CYS B 69 9.91 14.85 0.54
C CYS B 69 9.79 16.33 0.35
N GLY B 70 10.81 16.93 -0.32
CA GLY B 70 10.80 18.36 -0.56
C GLY B 70 9.73 18.66 -1.57
N LYS B 71 9.33 19.94 -1.64
CA LYS B 71 8.28 20.36 -2.56
C LYS B 71 8.74 20.14 -3.98
N THR B 72 10.03 20.43 -4.27
CA THR B 72 10.55 20.25 -5.61
C THR B 72 10.50 18.79 -5.99
N GLU B 73 10.94 17.92 -5.07
CA GLU B 73 10.95 16.50 -5.33
C GLU B 73 9.54 16.01 -5.52
N PHE B 74 8.65 16.52 -4.65
CA PHE B 74 7.25 16.15 -4.70
C PHE B 74 6.68 16.55 -6.04
N ASN B 75 6.94 17.80 -6.47
CA ASN B 75 6.41 18.29 -7.73
C ASN B 75 6.92 17.43 -8.86
N GLU B 76 8.23 17.08 -8.82
CA GLU B 76 8.81 16.27 -9.87
C GLU B 76 8.13 14.92 -9.92
N LEU B 77 7.78 14.36 -8.75
CA LEU B 77 7.14 13.06 -8.71
C LEU B 77 5.79 13.16 -9.35
N ILE B 78 5.08 14.27 -9.08
CA ILE B 78 3.77 14.48 -9.62
C ILE B 78 3.86 14.60 -11.12
N GLN B 79 4.96 15.18 -11.64
CA GLN B 79 5.11 15.34 -13.07
C GLN B 79 5.16 13.97 -13.72
N LEU B 80 5.83 13.00 -13.07
CA LEU B 80 5.95 11.67 -13.65
C LEU B 80 4.60 11.00 -13.58
N LEU B 81 3.91 11.18 -12.44
CA LEU B 81 2.61 10.59 -12.26
C LEU B 81 1.62 11.18 -13.22
N LYS B 82 1.78 12.49 -13.52
CA LYS B 82 0.89 13.21 -14.41
C LYS B 82 0.89 12.55 -15.77
N PHE B 83 2.06 12.06 -16.22
CA PHE B 83 2.14 11.44 -17.52
C PHE B 83 1.37 10.15 -17.50
N GLN B 84 1.42 9.41 -16.37
CA GLN B 84 0.73 8.13 -16.28
C GLN B 84 -0.76 8.35 -16.27
N THR B 85 -1.26 9.38 -15.55
CA THR B 85 -2.69 9.61 -15.51
C THR B 85 -2.91 11.06 -15.24
N THR B 86 -4.11 11.57 -15.60
CA THR B 86 -4.43 12.95 -15.36
C THR B 86 -4.85 13.04 -13.93
N ILE B 87 -4.10 13.81 -13.11
CA ILE B 87 -4.44 13.92 -11.71
C ILE B 87 -5.09 15.26 -11.53
N VAL B 88 -6.44 15.24 -11.37
CA VAL B 88 -7.17 16.47 -11.18
C VAL B 88 -7.33 16.69 -9.70
N THR B 89 -7.25 15.60 -8.90
CA THR B 89 -7.42 15.72 -7.48
C THR B 89 -6.05 15.76 -6.87
N LEU B 90 -5.69 16.93 -6.27
CA LEU B 90 -4.40 17.06 -5.65
C LEU B 90 -4.62 17.55 -4.24
N ASN B 91 -5.24 16.69 -3.41
CA ASN B 91 -5.53 17.02 -2.02
C ASN B 91 -6.24 18.36 -1.94
N PRO B 92 -7.47 18.41 -2.41
CA PRO B 92 -8.25 19.64 -2.39
C PRO B 92 -8.62 20.06 -0.99
N PRO B 93 -8.76 21.34 -0.73
CA PRO B 93 -9.15 21.83 0.59
C PRO B 93 -10.50 21.32 1.01
N GLU B 94 -10.66 21.02 2.32
CA GLU B 94 -11.92 20.53 2.81
C GLU B 94 -12.94 21.63 2.75
N ASN B 95 -12.52 22.87 3.05
CA ASN B 95 -13.43 23.99 3.01
C ASN B 95 -13.88 24.24 1.59
N ILE B 96 -12.94 24.07 0.62
CA ILE B 96 -13.24 24.29 -0.78
C ILE B 96 -13.52 25.76 -0.95
N TRP B 97 -14.76 26.12 -1.32
CA TRP B 97 -15.10 27.51 -1.50
C TRP B 97 -16.43 27.72 -0.85
N THR B 98 -16.67 28.94 -0.32
CA THR B 98 -17.92 29.23 0.34
C THR B 98 -18.68 30.16 -0.55
N GLU B 99 -20.01 29.99 -0.63
CA GLU B 99 -20.82 30.84 -1.47
C GLU B 99 -21.33 31.98 -0.62
N GLU B 100 -21.17 31.87 0.72
CA GLU B 100 -21.64 32.92 1.59
C GLU B 100 -20.52 33.21 2.59
N PHE C . 9.76 2.54 3.00
CA PHE C . 9.54 1.47 1.99
C PHE C . 9.27 1.90 0.53
O PHE C . 8.95 3.10 0.30
CB PHE C . 8.33 0.62 2.44
CG PHE C . 7.04 1.37 2.54
CD1 PHE C . 6.18 1.43 1.46
CD2 PHE C . 6.70 2.00 3.72
CE1 PHE C . 4.99 2.12 1.57
CE2 PHE C . 5.51 2.69 3.81
CZ PHE C . 4.66 2.75 2.73
OXT PHE C . 9.40 1.02 -0.37
H1 PHE C . 8.85 2.95 3.28
H2 PHE C . 10.35 3.30 2.58
H3 PHE C . 10.24 2.14 3.83
HA PHE C . 10.43 0.87 1.99
HB2 PHE C . 8.54 0.17 3.44
HB3 PHE C . 8.17 -0.22 1.73
HD1 PHE C . 6.44 0.94 0.54
HD2 PHE C . 7.36 1.95 4.57
HE1 PHE C . 4.32 2.18 0.71
HE2 PHE C . 5.24 3.18 4.74
HZ PHE C . 3.73 3.30 2.81
N PHE D . -6.57 -3.34 -8.10
CA PHE D . -5.30 -2.64 -8.43
C PHE D . -3.98 -3.44 -8.31
O PHE D . -2.95 -2.99 -8.89
CB PHE D . -5.16 -1.39 -7.51
CG PHE D . -5.10 -1.71 -6.05
CD1 PHE D . -3.88 -1.91 -5.41
CD2 PHE D . -6.26 -1.79 -5.31
CE1 PHE D . -3.84 -2.20 -4.08
CE2 PHE D . -6.21 -2.08 -3.95
CZ PHE D . -5.00 -2.28 -3.35
OXT PHE D . -3.99 -4.51 -7.63
H1 PHE D . -6.71 -3.33 -7.07
H2 PHE D . -6.54 -4.31 -8.44
H3 PHE D . -7.36 -2.84 -8.55
HA PHE D . -5.39 -2.32 -9.45
HB2 PHE D . -6.03 -0.73 -7.67
HB3 PHE D . -4.24 -0.84 -7.76
HD1 PHE D . -2.97 -1.85 -5.98
HD2 PHE D . -7.22 -1.63 -5.78
HE1 PHE D . -2.89 -2.36 -3.59
HE2 PHE D . -7.12 -2.15 -3.39
HZ PHE D . -4.96 -2.51 -2.29
N GLY A 1 -3.85 -33.11 2.07
CA GLY A 1 -4.26 -33.57 3.43
C GLY A 1 -4.11 -35.05 3.55
N PRO A 2 -2.87 -35.48 3.72
CA PRO A 2 -2.56 -36.90 3.85
C PRO A 2 -3.04 -37.49 5.15
N GLY A 3 -3.23 -36.63 6.16
CA GLY A 3 -3.70 -37.11 7.44
C GLY A 3 -3.83 -35.91 8.32
N ASN A 4 -4.30 -36.14 9.57
CA ASN A 4 -4.46 -35.05 10.49
C ASN A 4 -4.42 -35.64 11.87
N LYS A 5 -3.87 -34.87 12.83
CA LYS A 5 -3.80 -35.36 14.19
C LYS A 5 -4.75 -34.54 15.00
N GLY A 6 -5.75 -35.22 15.62
CA GLY A 6 -6.71 -34.52 16.42
C GLY A 6 -7.70 -35.52 16.90
N SER A 7 -8.59 -35.10 17.83
CA SER A 7 -9.59 -35.99 18.34
C SER A 7 -10.89 -35.71 17.64
N SER A 8 -10.88 -34.71 16.74
CA SER A 8 -12.08 -34.37 16.02
C SER A 8 -11.71 -34.20 14.58
N LYS A 9 -12.67 -34.47 13.67
CA LYS A 9 -12.41 -34.33 12.26
C LYS A 9 -12.72 -32.91 11.89
N ARG A 10 -11.74 -32.23 11.26
CA ARG A 10 -11.94 -30.85 10.87
C ARG A 10 -11.40 -30.73 9.48
N GLU A 11 -12.15 -30.03 8.60
CA GLU A 11 -11.72 -29.87 7.23
C GLU A 11 -10.65 -28.81 7.21
N ALA A 12 -9.61 -29.02 6.37
CA ALA A 12 -8.53 -28.06 6.28
C ALA A 12 -8.92 -26.99 5.30
N ALA A 13 -10.10 -27.12 4.67
CA ALA A 13 -10.56 -26.14 3.71
C ALA A 13 -10.72 -24.82 4.39
N THR A 14 -11.25 -24.81 5.63
CA THR A 14 -11.47 -23.56 6.34
C THR A 14 -10.24 -23.21 7.12
N GLU A 15 -9.24 -24.11 7.15
CA GLU A 15 -8.02 -23.83 7.89
C GLU A 15 -7.29 -22.70 7.21
N SER A 16 -7.28 -22.71 5.87
CA SER A 16 -6.59 -21.65 5.14
C SER A 16 -7.27 -20.35 5.43
N GLY A 17 -8.62 -20.35 5.47
CA GLY A 17 -9.35 -19.15 5.76
C GLY A 17 -9.26 -18.21 4.59
N LYS A 18 -8.70 -17.00 4.84
CA LYS A 18 -8.57 -16.01 3.81
C LYS A 18 -7.22 -16.16 3.18
N THR A 19 -6.94 -15.32 2.16
CA THR A 19 -5.68 -15.40 1.47
C THR A 19 -4.96 -14.11 1.69
N ALA A 20 -4.55 -13.86 2.95
CA ALA A 20 -3.84 -12.65 3.26
C ALA A 20 -2.46 -13.07 3.70
N VAL A 21 -1.43 -12.26 3.36
CA VAL A 21 -0.09 -12.61 3.74
C VAL A 21 0.58 -11.36 4.22
N VAL A 22 1.42 -11.51 5.26
CA VAL A 22 2.13 -10.40 5.83
C VAL A 22 3.57 -10.64 5.55
N PHE A 23 4.26 -9.62 4.98
CA PHE A 23 5.64 -9.75 4.67
C PHE A 23 6.35 -8.55 5.23
N SER A 24 7.67 -8.67 5.43
CA SER A 24 8.42 -7.58 5.99
C SER A 24 9.65 -7.38 5.16
N LEU A 25 10.23 -6.17 5.24
CA LEU A 25 11.40 -5.88 4.48
C LEU A 25 12.11 -4.76 5.17
N LYS A 26 13.37 -4.52 4.78
CA LYS A 26 14.16 -3.47 5.34
C LYS A 26 13.58 -2.17 4.87
N ASN A 27 13.64 -1.11 5.72
CA ASN A 27 13.12 0.18 5.36
C ASN A 27 13.98 0.75 4.26
N GLU A 28 13.61 0.40 3.01
CA GLU A 28 14.32 0.87 1.86
C GLU A 28 13.30 0.96 0.75
N VAL A 29 13.59 1.78 -0.28
CA VAL A 29 12.65 1.93 -1.36
C VAL A 29 12.84 0.81 -2.35
N GLY A 30 11.72 0.38 -2.98
CA GLY A 30 11.78 -0.67 -3.96
C GLY A 30 11.38 -1.98 -3.34
N GLY A 31 11.39 -2.06 -2.00
CA GLY A 31 11.02 -3.30 -1.34
C GLY A 31 9.55 -3.54 -1.52
N LEU A 32 8.75 -2.47 -1.42
CA LEU A 32 7.31 -2.60 -1.51
C LEU A 32 6.89 -2.94 -2.91
N VAL A 33 7.46 -2.27 -3.94
CA VAL A 33 7.03 -2.51 -5.29
C VAL A 33 7.45 -3.90 -5.74
N LYS A 34 8.61 -4.40 -5.28
CA LYS A 34 9.04 -5.72 -5.72
C LYS A 34 8.13 -6.75 -5.11
N ALA A 35 7.59 -6.48 -3.90
CA ALA A 35 6.71 -7.42 -3.26
C ALA A 35 5.40 -7.46 -4.00
N LEU A 36 4.89 -6.27 -4.39
CA LEU A 36 3.62 -6.19 -5.06
C LEU A 36 3.69 -6.69 -6.47
N ARG A 37 4.86 -6.59 -7.13
CA ARG A 37 4.97 -7.03 -8.51
C ARG A 37 4.77 -8.52 -8.55
N LEU A 38 5.10 -9.20 -7.44
CA LEU A 38 4.96 -10.63 -7.36
C LEU A 38 3.49 -10.98 -7.50
N PHE A 39 2.60 -10.16 -6.90
CA PHE A 39 1.19 -10.41 -6.97
C PHE A 39 0.74 -10.27 -8.40
N GLN A 40 1.33 -9.29 -9.12
CA GLN A 40 0.96 -9.05 -10.51
C GLN A 40 1.34 -10.24 -11.35
N GLU A 41 2.52 -10.85 -11.07
CA GLU A 41 2.98 -11.99 -11.84
C GLU A 41 2.02 -13.13 -11.73
N LYS A 42 1.46 -13.34 -10.53
CA LYS A 42 0.54 -14.45 -10.34
C LYS A 42 -0.86 -14.02 -10.71
N ARG A 43 -1.03 -12.75 -11.15
CA ARG A 43 -2.33 -12.26 -11.56
C ARG A 43 -3.24 -12.21 -10.36
N VAL A 44 -2.74 -11.64 -9.25
CA VAL A 44 -3.54 -11.54 -8.05
C VAL A 44 -3.80 -10.09 -7.81
N ASN A 45 -5.10 -9.71 -7.72
CA ASN A 45 -5.44 -8.33 -7.50
C ASN A 45 -5.47 -8.10 -6.01
N MET A 46 -5.07 -6.89 -5.59
CA MET A 46 -5.05 -6.56 -4.19
C MET A 46 -6.33 -5.84 -3.89
N VAL A 47 -6.91 -6.10 -2.70
CA VAL A 47 -8.16 -5.44 -2.35
C VAL A 47 -7.87 -4.42 -1.27
N HIS A 48 -6.75 -4.60 -0.54
CA HIS A 48 -6.42 -3.65 0.49
C HIS A 48 -4.95 -3.74 0.72
N ILE A 49 -4.33 -2.60 1.07
CA ILE A 49 -2.91 -2.57 1.32
C ILE A 49 -2.66 -1.58 2.42
N GLU A 50 -1.76 -1.92 3.36
CA GLU A 50 -1.46 -1.02 4.44
C GLU A 50 -0.06 -1.32 4.88
N SER A 51 0.73 -0.25 5.13
CA SER A 51 2.10 -0.44 5.57
C SER A 51 2.21 0.14 6.94
N ARG A 52 3.02 -0.49 7.82
CA ARG A 52 3.18 0.01 9.15
C ARG A 52 4.64 0.16 9.41
N LYS A 53 5.05 1.36 9.88
CA LYS A 53 6.43 1.62 10.16
C LYS A 53 6.55 1.82 11.65
N SER A 54 7.53 1.12 12.27
CA SER A 54 7.72 1.25 13.70
C SER A 54 8.58 2.45 13.92
N ARG A 55 8.16 3.34 14.85
CA ARG A 55 8.91 4.53 15.14
C ARG A 55 10.23 4.16 15.77
N ARG A 56 10.24 3.15 16.66
CA ARG A 56 11.46 2.74 17.32
C ARG A 56 11.83 1.39 16.82
N ARG A 57 13.15 1.15 16.65
CA ARG A 57 13.65 -0.13 16.19
C ARG A 57 13.04 -0.43 14.85
N SER A 58 13.17 0.52 13.90
CA SER A 58 12.60 0.33 12.58
C SER A 58 13.60 -0.44 11.76
N SER A 59 14.03 -1.62 12.25
CA SER A 59 14.97 -2.44 11.53
C SER A 59 14.27 -2.99 10.32
N GLU A 60 12.99 -3.38 10.49
CA GLU A 60 12.23 -3.92 9.41
C GLU A 60 10.90 -3.25 9.40
N VAL A 61 10.29 -3.17 8.21
CA VAL A 61 9.02 -2.53 8.05
C VAL A 61 8.04 -3.60 7.70
N GLU A 62 6.88 -3.63 8.41
CA GLU A 62 5.89 -4.65 8.15
C GLU A 62 4.86 -4.07 7.23
N ILE A 63 4.53 -4.84 6.15
CA ILE A 63 3.54 -4.38 5.20
C ILE A 63 2.47 -5.44 5.13
N PHE A 64 1.20 -5.01 5.26
CA PHE A 64 0.07 -5.93 5.24
C PHE A 64 -0.59 -5.81 3.90
N VAL A 65 -0.79 -6.96 3.22
CA VAL A 65 -1.43 -6.94 1.93
C VAL A 65 -2.57 -7.91 1.97
N ASP A 66 -3.78 -7.44 1.57
CA ASP A 66 -4.94 -8.29 1.56
C ASP A 66 -5.30 -8.48 0.13
N CYS A 67 -5.54 -9.74 -0.28
CA CYS A 67 -5.87 -10.01 -1.65
C CYS A 67 -6.76 -11.22 -1.70
N GLU A 68 -7.45 -11.39 -2.85
CA GLU A 68 -8.32 -12.53 -3.00
C GLU A 68 -7.77 -13.33 -4.15
N CYS A 69 -7.48 -14.62 -3.88
CA CYS A 69 -6.93 -15.45 -4.92
C CYS A 69 -7.12 -16.88 -4.50
N GLY A 70 -6.81 -17.83 -5.42
CA GLY A 70 -6.96 -19.23 -5.10
C GLY A 70 -5.90 -19.59 -4.10
N LYS A 71 -6.13 -20.69 -3.35
CA LYS A 71 -5.20 -21.12 -2.35
C LYS A 71 -3.92 -21.58 -3.02
N THR A 72 -4.03 -22.27 -4.17
CA THR A 72 -2.85 -22.74 -4.87
C THR A 72 -2.06 -21.54 -5.33
N GLU A 73 -2.74 -20.52 -5.86
CA GLU A 73 -2.08 -19.34 -6.35
C GLU A 73 -1.43 -18.64 -5.19
N PHE A 74 -2.14 -18.61 -4.07
CA PHE A 74 -1.66 -17.98 -2.86
C PHE A 74 -0.38 -18.66 -2.42
N ASN A 75 -0.39 -20.00 -2.36
CA ASN A 75 0.77 -20.73 -1.94
C ASN A 75 1.92 -20.50 -2.90
N GLU A 76 1.63 -20.48 -4.22
CA GLU A 76 2.69 -20.27 -5.19
C GLU A 76 3.26 -18.89 -5.03
N LEU A 77 2.40 -17.89 -4.75
CA LEU A 77 2.84 -16.53 -4.60
C LEU A 77 3.75 -16.43 -3.41
N ILE A 78 3.37 -17.09 -2.30
CA ILE A 78 4.16 -17.03 -1.09
C ILE A 78 5.52 -17.61 -1.34
N GLN A 79 5.61 -18.65 -2.21
CA GLN A 79 6.89 -19.26 -2.50
C GLN A 79 7.82 -18.23 -3.10
N LEU A 80 7.28 -17.35 -3.98
CA LEU A 80 8.11 -16.35 -4.62
C LEU A 80 8.46 -15.30 -3.60
N LEU A 81 7.48 -14.96 -2.73
CA LEU A 81 7.70 -13.96 -1.71
C LEU A 81 8.75 -14.43 -0.74
N LYS A 82 8.80 -15.76 -0.46
CA LYS A 82 9.77 -16.31 0.48
C LYS A 82 11.18 -16.03 0.02
N PHE A 83 11.39 -15.81 -1.29
CA PHE A 83 12.73 -15.56 -1.77
C PHE A 83 13.26 -14.28 -1.15
N GLN A 84 12.47 -13.19 -1.17
CA GLN A 84 12.93 -11.92 -0.63
C GLN A 84 13.01 -11.97 0.88
N THR A 85 11.98 -12.56 1.54
CA THR A 85 11.97 -12.61 2.99
C THR A 85 11.49 -13.98 3.35
N THR A 86 12.02 -14.57 4.45
CA THR A 86 11.63 -15.92 4.83
C THR A 86 10.14 -15.98 5.14
N ILE A 87 9.54 -14.88 5.67
CA ILE A 87 8.11 -14.85 5.97
C ILE A 87 7.83 -15.91 7.03
N VAL A 88 8.39 -15.73 8.24
CA VAL A 88 8.16 -16.70 9.31
C VAL A 88 6.74 -16.56 9.80
N THR A 89 6.28 -15.31 10.04
CA THR A 89 4.95 -15.08 10.56
C THR A 89 3.91 -15.54 9.59
N LEU A 90 4.07 -15.18 8.29
CA LEU A 90 3.12 -15.53 7.25
C LEU A 90 1.87 -14.72 7.45
N ASN A 91 1.06 -15.04 8.48
CA ASN A 91 -0.15 -14.29 8.70
C ASN A 91 -0.53 -14.51 10.15
N PRO A 92 -0.68 -13.43 10.90
CA PRO A 92 -1.06 -13.51 12.29
C PRO A 92 -2.51 -13.81 12.46
N PRO A 93 -2.90 -14.33 13.60
CA PRO A 93 -4.30 -14.64 13.85
C PRO A 93 -5.15 -13.41 14.03
N GLU A 94 -6.44 -13.50 13.63
CA GLU A 94 -7.33 -12.37 13.74
C GLU A 94 -7.78 -12.25 15.17
N ASN A 95 -7.40 -13.22 16.03
CA ASN A 95 -7.80 -13.18 17.42
C ASN A 95 -6.67 -12.63 18.23
N ILE A 96 -5.66 -12.04 17.57
CA ILE A 96 -4.53 -11.49 18.29
C ILE A 96 -5.00 -10.23 18.98
N TRP A 97 -4.83 -10.19 20.32
CA TRP A 97 -5.22 -9.03 21.07
C TRP A 97 -4.27 -8.91 22.22
N THR A 98 -3.77 -7.69 22.47
CA THR A 98 -2.84 -7.48 23.55
C THR A 98 -3.35 -6.32 24.35
N GLU A 99 -3.02 -6.29 25.67
CA GLU A 99 -3.47 -5.21 26.51
C GLU A 99 -2.56 -4.03 26.31
N GLU A 100 -1.33 -4.29 25.81
CA GLU A 100 -0.40 -3.21 25.58
C GLU A 100 0.54 -3.62 24.44
N GLY B 1 21.50 14.68 -10.75
CA GLY B 1 21.60 15.72 -11.82
C GLY B 1 20.87 16.97 -11.42
N PRO B 2 21.51 17.72 -10.55
CA PRO B 2 20.93 18.97 -10.05
C PRO B 2 20.86 20.03 -11.10
N GLY B 3 21.72 19.94 -12.14
CA GLY B 3 21.71 20.91 -13.20
C GLY B 3 22.54 22.09 -12.77
N ASN B 4 23.15 22.01 -11.56
CA ASN B 4 23.96 23.09 -11.05
C ASN B 4 23.12 24.34 -10.96
N LYS B 5 21.83 24.16 -10.58
CA LYS B 5 20.94 25.29 -10.46
C LYS B 5 21.19 25.94 -9.13
N GLY B 6 20.90 27.25 -9.04
CA GLY B 6 21.10 27.95 -7.80
C GLY B 6 20.24 29.16 -7.83
N SER B 7 20.22 29.92 -6.70
CA SER B 7 19.40 31.10 -6.63
C SER B 7 20.02 32.14 -7.54
N SER B 8 19.17 32.87 -8.28
CA SER B 8 19.66 33.89 -9.17
C SER B 8 18.57 34.89 -9.34
N LYS B 9 18.93 36.10 -9.84
CA LYS B 9 17.95 37.15 -10.04
C LYS B 9 17.41 37.55 -8.69
N ARG B 10 16.07 37.63 -8.57
CA ARG B 10 15.46 38.00 -7.33
C ARG B 10 14.40 36.99 -7.04
N GLU B 11 14.23 36.64 -5.74
CA GLU B 11 13.24 35.68 -5.36
C GLU B 11 12.49 36.27 -4.20
N ALA B 12 11.16 36.07 -4.16
CA ALA B 12 10.38 36.60 -3.08
C ALA B 12 9.14 35.76 -2.97
N ALA B 13 9.30 34.46 -2.71
CA ALA B 13 8.16 33.59 -2.59
C ALA B 13 8.58 32.45 -1.72
N THR B 14 7.61 31.88 -0.98
CA THR B 14 7.90 30.75 -0.11
C THR B 14 6.87 29.70 -0.38
N GLU B 15 7.20 28.43 -0.04
CA GLU B 15 6.27 27.36 -0.27
C GLU B 15 6.29 26.50 0.96
N SER B 16 5.13 25.95 1.33
CA SER B 16 5.06 25.12 2.50
C SER B 16 3.86 24.23 2.34
N GLY B 17 3.83 23.10 3.07
CA GLY B 17 2.72 22.19 2.99
C GLY B 17 3.28 20.81 3.07
N LYS B 18 2.43 19.80 2.78
CA LYS B 18 2.88 18.43 2.83
C LYS B 18 3.09 18.00 1.41
N THR B 19 3.70 16.81 1.24
CA THR B 19 3.98 16.30 -0.08
C THR B 19 3.20 15.04 -0.26
N ALA B 20 1.87 15.17 -0.36
CA ALA B 20 1.02 14.02 -0.55
C ALA B 20 0.34 14.20 -1.87
N VAL B 21 0.16 13.10 -2.62
CA VAL B 21 -0.47 13.20 -3.91
C VAL B 21 -1.44 12.07 -4.04
N VAL B 22 -2.60 12.34 -4.66
CA VAL B 22 -3.61 11.36 -4.84
C VAL B 22 -3.69 11.09 -6.32
N PHE B 23 -3.61 9.80 -6.70
CA PHE B 23 -3.67 9.45 -8.10
C PHE B 23 -4.71 8.38 -8.23
N SER B 24 -5.22 8.21 -9.47
CA SER B 24 -6.24 7.23 -9.69
C SER B 24 -5.86 6.45 -10.92
N LEU B 25 -6.41 5.22 -11.03
CA LEU B 25 -6.13 4.40 -12.17
C LEU B 25 -7.26 3.43 -12.30
N LYS B 26 -7.31 2.74 -13.46
CA LYS B 26 -8.31 1.77 -13.71
C LYS B 26 -8.05 0.59 -12.81
N ASN B 27 -9.12 -0.08 -12.34
CA ASN B 27 -8.98 -1.22 -11.48
C ASN B 27 -8.36 -2.35 -12.27
N GLU B 28 -7.02 -2.35 -12.33
CA GLU B 28 -6.30 -3.36 -13.04
C GLU B 28 -5.03 -3.56 -12.28
N VAL B 29 -4.39 -4.74 -12.45
CA VAL B 29 -3.18 -5.01 -11.74
C VAL B 29 -2.03 -4.38 -12.48
N GLY B 30 -1.03 -3.89 -11.70
CA GLY B 30 0.14 -3.28 -12.29
C GLY B 30 -0.01 -1.79 -12.26
N GLY B 31 -1.25 -1.28 -12.09
CA GLY B 31 -1.45 0.14 -12.07
C GLY B 31 -0.86 0.72 -10.81
N LEU B 32 -1.03 -0.01 -9.69
CA LEU B 32 -0.54 0.47 -8.42
C LEU B 32 0.97 0.41 -8.38
N VAL B 33 1.59 -0.70 -8.85
CA VAL B 33 3.04 -0.81 -8.75
C VAL B 33 3.73 0.16 -9.67
N LYS B 34 3.15 0.46 -10.85
CA LYS B 34 3.81 1.38 -11.76
C LYS B 34 3.79 2.76 -11.16
N ALA B 35 2.76 3.09 -10.36
CA ALA B 35 2.69 4.39 -9.76
C ALA B 35 3.73 4.50 -8.68
N LEU B 36 3.91 3.42 -7.89
CA LEU B 36 4.85 3.45 -6.80
C LEU B 36 6.27 3.39 -7.29
N ARG B 37 6.54 2.77 -8.46
CA ARG B 37 7.90 2.67 -8.96
C ARG B 37 8.40 4.05 -9.28
N LEU B 38 7.46 4.96 -9.60
CA LEU B 38 7.81 6.32 -9.94
C LEU B 38 8.44 6.97 -8.74
N PHE B 39 7.92 6.67 -7.53
CA PHE B 39 8.46 7.24 -6.32
C PHE B 39 9.86 6.73 -6.11
N GLN B 40 10.10 5.45 -6.46
CA GLN B 40 11.42 4.86 -6.29
C GLN B 40 12.41 5.55 -7.20
N GLU B 41 11.99 5.90 -8.43
CA GLU B 41 12.88 6.53 -9.38
C GLU B 41 13.36 7.86 -8.85
N LYS B 42 12.46 8.61 -8.19
CA LYS B 42 12.83 9.91 -7.68
C LYS B 42 13.44 9.76 -6.30
N ARG B 43 13.56 8.50 -5.81
CA ARG B 43 14.16 8.26 -4.52
C ARG B 43 13.30 8.87 -3.45
N VAL B 44 11.98 8.59 -3.50
CA VAL B 44 11.08 9.13 -2.51
C VAL B 44 10.54 7.96 -1.74
N ASN B 45 10.71 7.99 -0.40
CA ASN B 45 10.24 6.92 0.43
C ASN B 45 8.81 7.22 0.80
N MET B 46 7.98 6.17 0.89
CA MET B 46 6.61 6.33 1.25
C MET B 46 6.49 6.12 2.73
N VAL B 47 5.63 6.91 3.40
CA VAL B 47 5.47 6.75 4.83
C VAL B 47 4.13 6.13 5.10
N HIS B 48 3.19 6.24 4.14
CA HIS B 48 1.89 5.66 4.34
C HIS B 48 1.29 5.43 2.98
N ILE B 49 0.49 4.35 2.86
CA ILE B 49 -0.13 4.04 1.60
C ILE B 49 -1.48 3.46 1.91
N GLU B 50 -2.51 3.85 1.13
CA GLU B 50 -3.83 3.33 1.36
C GLU B 50 -4.55 3.37 0.04
N SER B 51 -5.29 2.29 -0.29
CA SER B 51 -6.02 2.26 -1.54
C SER B 51 -7.47 2.17 -1.20
N ARG B 52 -8.33 2.84 -2.00
CA ARG B 52 -9.75 2.81 -1.73
C ARG B 52 -10.43 2.38 -3.00
N LYS B 53 -11.30 1.35 -2.87
CA LYS B 53 -12.01 0.84 -4.02
C LYS B 53 -13.47 1.16 -3.80
N SER B 54 -14.13 1.73 -4.82
CA SER B 54 -15.53 2.05 -4.68
C SER B 54 -16.30 0.81 -5.04
N ARG B 55 -17.29 0.45 -4.19
CA ARG B 55 -18.08 -0.73 -4.43
C ARG B 55 -18.93 -0.53 -5.66
N ARG B 56 -19.47 0.70 -5.84
CA ARG B 56 -20.33 0.97 -6.98
C ARG B 56 -19.60 1.93 -7.87
N ARG B 57 -19.74 1.73 -9.21
CA ARG B 57 -19.12 2.60 -10.18
C ARG B 57 -17.63 2.58 -9.96
N SER B 58 -17.04 1.37 -9.92
CA SER B 58 -15.62 1.24 -9.71
C SER B 58 -14.92 1.38 -11.03
N SER B 59 -15.18 2.51 -11.73
CA SER B 59 -14.56 2.75 -13.01
C SER B 59 -13.10 3.01 -12.77
N GLU B 60 -12.79 3.75 -11.69
CA GLU B 60 -11.43 4.07 -11.37
C GLU B 60 -11.24 3.80 -9.91
N VAL B 61 -9.99 3.51 -9.54
CA VAL B 61 -9.66 3.19 -8.17
C VAL B 61 -8.77 4.31 -7.69
N GLU B 62 -9.10 4.88 -6.51
CA GLU B 62 -8.32 5.98 -5.98
C GLU B 62 -7.33 5.40 -5.01
N ILE B 63 -6.05 5.81 -5.15
CA ILE B 63 -5.03 5.32 -4.26
C ILE B 63 -4.36 6.52 -3.64
N PHE B 64 -4.27 6.52 -2.29
CA PHE B 64 -3.69 7.63 -1.57
C PHE B 64 -2.30 7.24 -1.15
N VAL B 65 -1.31 8.10 -1.48
CA VAL B 65 0.07 7.82 -1.11
C VAL B 65 0.60 9.01 -0.38
N ASP B 66 1.17 8.75 0.82
CA ASP B 66 1.74 9.81 1.62
C ASP B 66 3.22 9.60 1.63
N CYS B 67 3.99 10.67 1.34
CA CYS B 67 5.43 10.52 1.31
C CYS B 67 6.03 11.82 1.73
N GLU B 68 7.33 11.77 2.09
CA GLU B 68 8.04 12.96 2.49
C GLU B 68 9.13 13.16 1.50
N CYS B 69 9.16 14.34 0.85
CA CYS B 69 10.19 14.60 -0.13
C CYS B 69 10.24 16.08 -0.34
N GLY B 70 11.23 16.56 -1.13
CA GLY B 70 11.36 17.97 -1.40
C GLY B 70 10.24 18.36 -2.31
N LYS B 71 9.90 19.67 -2.33
CA LYS B 71 8.83 20.15 -3.17
C LYS B 71 9.22 20.01 -4.61
N THR B 72 10.50 20.27 -4.95
CA THR B 72 10.94 20.15 -6.33
C THR B 72 10.83 18.71 -6.75
N GLU B 73 11.25 17.78 -5.86
CA GLU B 73 11.19 16.37 -6.18
C GLU B 73 9.76 15.96 -6.34
N PHE B 74 8.91 16.51 -5.46
CA PHE B 74 7.49 16.22 -5.48
C PHE B 74 6.91 16.64 -6.80
N ASN B 75 7.22 17.88 -7.24
CA ASN B 75 6.70 18.39 -8.49
C ASN B 75 7.20 17.55 -9.64
N GLU B 76 8.49 17.15 -9.61
CA GLU B 76 9.04 16.36 -10.69
C GLU B 76 8.37 15.01 -10.73
N LEU B 77 8.09 14.44 -9.54
CA LEU B 77 7.45 13.14 -9.47
C LEU B 77 6.08 13.22 -10.06
N ILE B 78 5.33 14.29 -9.72
CA ILE B 78 3.98 14.45 -10.21
C ILE B 78 4.00 14.54 -11.72
N GLN B 79 5.05 15.14 -12.30
CA GLN B 79 5.12 15.28 -13.74
C GLN B 79 5.15 13.89 -14.37
N LEU B 80 5.87 12.95 -13.74
CA LEU B 80 5.95 11.61 -14.29
C LEU B 80 4.64 10.91 -14.07
N LEU B 81 4.03 11.15 -12.89
CA LEU B 81 2.75 10.55 -12.57
C LEU B 81 1.68 11.03 -13.53
N LYS B 82 1.78 12.32 -13.97
CA LYS B 82 0.78 12.87 -14.87
C LYS B 82 0.74 12.11 -16.16
N PHE B 83 1.82 11.40 -16.53
CA PHE B 83 1.83 10.66 -17.77
C PHE B 83 0.77 9.59 -17.73
N GLN B 84 0.71 8.79 -16.62
CA GLN B 84 -0.25 7.71 -16.53
C GLN B 84 -1.65 8.25 -16.33
N THR B 85 -1.82 9.27 -15.47
CA THR B 85 -3.14 9.82 -15.21
C THR B 85 -2.97 11.30 -15.16
N THR B 86 -3.97 12.07 -15.66
CA THR B 86 -3.85 13.53 -15.65
C THR B 86 -3.70 14.07 -14.25
N ILE B 87 -4.31 13.41 -13.23
CA ILE B 87 -4.22 13.87 -11.85
C ILE B 87 -4.82 15.25 -11.75
N VAL B 88 -6.15 15.37 -11.99
CA VAL B 88 -6.80 16.65 -11.91
C VAL B 88 -6.91 17.08 -10.47
N THR B 89 -7.33 16.14 -9.59
CA THR B 89 -7.52 16.47 -8.18
C THR B 89 -6.21 16.81 -7.53
N LEU B 90 -5.16 16.00 -7.80
CA LEU B 90 -3.85 16.20 -7.21
C LEU B 90 -3.90 15.86 -5.75
N ASN B 91 -4.56 16.70 -4.92
CA ASN B 91 -4.62 16.41 -3.51
C ASN B 91 -5.80 17.16 -2.96
N PRO B 92 -6.79 16.43 -2.46
CA PRO B 92 -7.98 17.05 -1.87
C PRO B 92 -7.65 17.90 -0.67
N PRO B 93 -8.38 18.97 -0.44
CA PRO B 93 -8.12 19.84 0.69
C PRO B 93 -8.50 19.22 2.00
N GLU B 94 -7.68 19.45 3.04
CA GLU B 94 -7.96 18.89 4.34
C GLU B 94 -9.02 19.74 5.00
N ASN B 95 -9.31 20.91 4.41
CA ASN B 95 -10.31 21.80 4.98
C ASN B 95 -11.65 21.13 4.90
N ILE B 96 -11.91 20.38 3.81
CA ILE B 96 -13.19 19.74 3.66
C ILE B 96 -13.01 18.30 4.04
N TRP B 97 -13.75 17.85 5.07
CA TRP B 97 -13.64 16.49 5.51
C TRP B 97 -15.04 16.06 5.88
N THR B 98 -15.47 14.90 5.33
CA THR B 98 -16.79 14.41 5.61
C THR B 98 -16.67 12.95 5.94
N GLU B 99 -17.72 12.40 6.60
CA GLU B 99 -17.69 11.00 6.97
C GLU B 99 -18.40 10.23 5.88
N GLU B 100 -17.92 10.37 4.63
CA GLU B 100 -18.54 9.66 3.54
C GLU B 100 -17.70 8.42 3.24
N PHE C . 10.76 -0.29 3.09
CA PHE C . 9.35 -0.17 2.64
C PHE C . 9.13 -0.87 1.30
O PHE C . 8.68 -2.04 1.32
CB PHE C . 9.01 1.32 2.46
CG PHE C . 7.56 1.63 2.56
CD1 PHE C . 7.00 2.04 3.74
CD2 PHE C . 6.75 1.54 1.44
CE1 PHE C . 5.66 2.35 3.82
CE2 PHE C . 5.41 1.85 1.52
CZ PHE C . 4.87 2.24 2.71
OXT PHE C . 9.39 -0.25 0.23
H1 PHE C . 10.93 -1.26 3.44
H2 PHE C . 10.93 0.39 3.86
H3 PHE C . 11.40 -0.08 2.30
HA PHE C . 8.74 -0.62 3.39
HB2 PHE C . 9.37 1.67 1.48
HB3 PHE C . 9.52 1.91 3.26
HD1 PHE C . 7.62 2.12 4.63
HD2 PHE C . 7.17 1.21 0.49
HE1 PHE C . 5.23 2.66 4.77
HE2 PHE C . 4.78 1.76 0.64
HZ PHE C . 3.82 2.48 2.77
N PHE D . -6.69 -3.79 -7.90
CA PHE D . -5.44 -3.05 -8.30
C PHE D . -4.10 -3.77 -8.06
O PHE D . -4.10 -4.86 -7.41
CB PHE D . -5.39 -1.71 -7.54
CG PHE D . -5.36 -1.84 -6.05
CD1 PHE D . -4.16 -1.94 -5.38
CD2 PHE D . -6.53 -1.87 -5.33
CE1 PHE D . -4.13 -2.07 -4.00
CE2 PHE D . -6.50 -1.99 -3.96
CZ PHE D . -5.31 -2.09 -3.30
OXT PHE D . -3.05 -3.25 -8.53
H1 PHE D . -6.72 -3.87 -6.87
H2 PHE D . -6.68 -4.73 -8.33
H3 PHE D . -7.52 -3.26 -8.25
HA PHE D . -5.53 -2.87 -9.36
HB2 PHE D . -6.28 -1.09 -7.80
HB3 PHE D . -4.47 -1.14 -7.83
HD1 PHE D . -3.23 -1.93 -5.93
HD2 PHE D . -7.48 -1.78 -5.84
HE1 PHE D . -3.19 -2.15 -3.49
HE2 PHE D . -7.43 -2.00 -3.40
HZ PHE D . -5.28 -2.20 -2.22
N GLY A 1 -20.32 -23.58 -22.09
CA GLY A 1 -21.69 -23.04 -22.30
C GLY A 1 -22.72 -24.05 -21.94
N PRO A 2 -22.94 -24.21 -20.65
CA PRO A 2 -23.91 -25.16 -20.15
C PRO A 2 -25.32 -24.71 -20.34
N GLY A 3 -26.27 -25.66 -20.42
CA GLY A 3 -27.64 -25.31 -20.61
C GLY A 3 -28.44 -26.56 -20.50
N ASN A 4 -29.78 -26.44 -20.57
CA ASN A 4 -30.66 -27.57 -20.49
C ASN A 4 -30.71 -28.02 -19.05
N LYS A 5 -31.54 -29.06 -18.78
CA LYS A 5 -31.68 -29.58 -17.43
C LYS A 5 -32.25 -28.50 -16.55
N GLY A 6 -31.54 -28.18 -15.45
CA GLY A 6 -32.02 -27.16 -14.55
C GLY A 6 -31.00 -27.04 -13.46
N SER A 7 -31.29 -26.17 -12.46
CA SER A 7 -30.37 -25.98 -11.38
C SER A 7 -30.99 -26.59 -10.16
N SER A 8 -30.26 -27.50 -9.50
CA SER A 8 -30.76 -28.14 -8.32
C SER A 8 -29.74 -27.96 -7.24
N LYS A 9 -29.14 -26.76 -7.18
CA LYS A 9 -28.14 -26.49 -6.18
C LYS A 9 -28.23 -25.03 -5.83
N ARG A 10 -27.65 -24.66 -4.67
CA ARG A 10 -27.67 -23.29 -4.25
C ARG A 10 -26.27 -22.77 -4.35
N GLU A 11 -26.09 -21.62 -5.03
CA GLU A 11 -24.78 -21.05 -5.18
C GLU A 11 -24.57 -20.08 -4.05
N ALA A 12 -23.52 -20.32 -3.24
CA ALA A 12 -23.24 -19.44 -2.12
C ALA A 12 -22.58 -18.21 -2.67
N ALA A 13 -22.89 -17.04 -2.05
CA ALA A 13 -22.29 -15.80 -2.48
C ALA A 13 -20.80 -15.87 -2.27
N THR A 14 -20.38 -16.47 -1.14
CA THR A 14 -18.98 -16.58 -0.85
C THR A 14 -18.82 -17.80 0.00
N GLU A 15 -17.63 -18.43 -0.05
CA GLU A 15 -17.40 -19.61 0.73
C GLU A 15 -15.91 -19.86 0.76
N SER A 16 -15.20 -19.44 -0.31
CA SER A 16 -13.78 -19.64 -0.38
C SER A 16 -13.13 -18.88 0.75
N GLY A 17 -13.62 -17.66 1.02
CA GLY A 17 -13.07 -16.86 2.09
C GLY A 17 -12.13 -15.87 1.48
N LYS A 18 -11.22 -15.31 2.32
CA LYS A 18 -10.28 -14.33 1.86
C LYS A 18 -8.92 -14.79 2.27
N THR A 19 -7.87 -14.14 1.72
CA THR A 19 -6.53 -14.48 2.05
C THR A 19 -5.86 -13.20 2.41
N ALA A 20 -4.87 -13.28 3.29
CA ALA A 20 -4.17 -12.10 3.70
C ALA A 20 -2.81 -12.52 4.15
N VAL A 21 -1.81 -11.63 4.02
CA VAL A 21 -0.47 -11.97 4.41
C VAL A 21 0.22 -10.71 4.82
N VAL A 22 1.15 -10.85 5.80
CA VAL A 22 1.90 -9.71 6.27
C VAL A 22 3.31 -9.97 5.83
N PHE A 23 3.92 -9.00 5.14
CA PHE A 23 5.26 -9.20 4.65
C PHE A 23 6.19 -8.37 5.45
N SER A 24 7.38 -8.93 5.71
CA SER A 24 8.39 -8.24 6.45
C SER A 24 9.58 -8.15 5.56
N LEU A 25 10.23 -6.98 5.53
CA LEU A 25 11.38 -6.84 4.68
C LEU A 25 12.17 -5.65 5.15
N LYS A 26 13.38 -5.50 4.57
CA LYS A 26 14.26 -4.43 4.91
C LYS A 26 13.62 -3.14 4.47
N ASN A 27 13.80 -2.08 5.29
CA ASN A 27 13.24 -0.80 4.96
C ASN A 27 14.14 -0.16 3.95
N GLU A 28 13.81 -0.38 2.67
CA GLU A 28 14.57 0.17 1.59
C GLU A 28 13.58 0.67 0.58
N VAL A 29 14.00 1.65 -0.24
CA VAL A 29 13.11 2.22 -1.22
C VAL A 29 12.99 1.26 -2.37
N GLY A 30 11.74 0.90 -2.74
CA GLY A 30 11.53 0.02 -3.86
C GLY A 30 11.33 -1.38 -3.38
N GLY A 31 11.49 -1.64 -2.07
CA GLY A 31 11.32 -2.98 -1.57
C GLY A 31 9.87 -3.39 -1.73
N LEU A 32 8.97 -2.43 -1.50
CA LEU A 32 7.54 -2.68 -1.56
C LEU A 32 7.12 -3.04 -2.96
N VAL A 33 7.62 -2.33 -4.00
CA VAL A 33 7.17 -2.61 -5.36
C VAL A 33 7.61 -3.99 -5.80
N LYS A 34 8.76 -4.50 -5.30
CA LYS A 34 9.21 -5.81 -5.73
C LYS A 34 8.29 -6.84 -5.17
N ALA A 35 7.74 -6.57 -3.98
CA ALA A 35 6.85 -7.51 -3.36
C ALA A 35 5.55 -7.56 -4.12
N LEU A 36 5.05 -6.38 -4.53
CA LEU A 36 3.77 -6.29 -5.22
C LEU A 36 3.87 -6.79 -6.63
N ARG A 37 5.03 -6.61 -7.30
CA ARG A 37 5.16 -7.01 -8.69
C ARG A 37 4.94 -8.49 -8.83
N LEU A 38 5.22 -9.28 -7.77
CA LEU A 38 5.03 -10.71 -7.85
C LEU A 38 3.56 -11.01 -7.97
N PHE A 39 2.70 -10.19 -7.34
CA PHE A 39 1.27 -10.40 -7.40
C PHE A 39 0.83 -10.15 -8.83
N GLN A 40 1.48 -9.17 -9.50
CA GLN A 40 1.13 -8.83 -10.86
C GLN A 40 1.42 -10.00 -11.77
N GLU A 41 2.52 -10.72 -11.51
CA GLU A 41 2.91 -11.84 -12.34
C GLU A 41 1.84 -12.90 -12.32
N LYS A 42 1.23 -13.13 -11.14
CA LYS A 42 0.21 -14.15 -11.03
C LYS A 42 -1.14 -13.55 -11.34
N ARG A 43 -1.18 -12.25 -11.69
CA ARG A 43 -2.43 -11.57 -12.02
C ARG A 43 -3.35 -11.63 -10.82
N VAL A 44 -2.82 -11.31 -9.63
CA VAL A 44 -3.62 -11.32 -8.44
C VAL A 44 -3.89 -9.89 -8.09
N ASN A 45 -5.18 -9.51 -8.03
CA ASN A 45 -5.53 -8.15 -7.72
C ASN A 45 -5.57 -7.98 -6.23
N MET A 46 -5.13 -6.80 -5.77
CA MET A 46 -5.12 -6.51 -4.35
C MET A 46 -6.37 -5.74 -4.06
N VAL A 47 -6.97 -5.94 -2.87
CA VAL A 47 -8.18 -5.21 -2.55
C VAL A 47 -7.85 -4.17 -1.52
N HIS A 48 -6.75 -4.35 -0.77
CA HIS A 48 -6.38 -3.37 0.23
C HIS A 48 -4.92 -3.54 0.50
N ILE A 49 -4.24 -2.42 0.82
CA ILE A 49 -2.82 -2.47 1.10
C ILE A 49 -2.55 -1.46 2.18
N GLU A 50 -1.67 -1.82 3.13
CA GLU A 50 -1.34 -0.90 4.19
C GLU A 50 0.06 -1.22 4.62
N SER A 51 0.89 -0.18 4.85
CA SER A 51 2.26 -0.39 5.26
C SER A 51 2.44 0.24 6.61
N ARG A 52 3.26 -0.39 7.48
CA ARG A 52 3.49 0.14 8.79
C ARG A 52 4.96 0.43 8.89
N LYS A 53 5.30 1.70 9.24
CA LYS A 53 6.68 2.08 9.37
C LYS A 53 6.88 2.62 10.76
N SER A 54 7.96 2.17 11.44
CA SER A 54 8.22 2.64 12.78
C SER A 54 8.71 4.06 12.67
N ARG A 55 8.33 4.90 13.66
CA ARG A 55 8.73 6.28 13.63
C ARG A 55 10.22 6.40 13.84
N ARG A 56 10.86 5.39 14.47
CA ARG A 56 12.28 5.47 14.69
C ARG A 56 12.80 4.06 14.77
N ARG A 57 14.06 3.85 14.28
CA ARG A 57 14.69 2.55 14.32
C ARG A 57 13.87 1.60 13.48
N SER A 58 13.50 2.03 12.26
CA SER A 58 12.71 1.17 11.41
C SER A 58 13.66 0.53 10.42
N SER A 59 14.44 -0.46 10.90
CA SER A 59 15.36 -1.15 10.03
C SER A 59 14.56 -2.00 9.09
N GLU A 60 13.44 -2.55 9.59
CA GLU A 60 12.58 -3.37 8.80
C GLU A 60 11.20 -2.82 8.95
N VAL A 61 10.33 -3.10 7.95
CA VAL A 61 8.99 -2.60 8.00
C VAL A 61 8.05 -3.75 7.74
N GLU A 62 6.77 -3.58 8.17
CA GLU A 62 5.80 -4.61 7.98
C GLU A 62 4.79 -4.06 7.00
N ILE A 63 4.46 -4.85 5.97
CA ILE A 63 3.52 -4.39 4.98
C ILE A 63 2.43 -5.41 4.92
N PHE A 64 1.17 -4.93 5.04
CA PHE A 64 0.02 -5.80 5.04
C PHE A 64 -0.58 -5.77 3.67
N VAL A 65 -0.89 -6.97 3.11
CA VAL A 65 -1.48 -7.03 1.80
C VAL A 65 -2.72 -7.87 1.90
N ASP A 66 -3.85 -7.31 1.43
CA ASP A 66 -5.10 -8.02 1.46
C ASP A 66 -5.49 -8.25 0.03
N CYS A 67 -5.74 -9.53 -0.35
CA CYS A 67 -6.08 -9.81 -1.72
C CYS A 67 -6.96 -11.03 -1.73
N GLU A 68 -7.67 -11.24 -2.86
CA GLU A 68 -8.52 -12.38 -3.00
C GLU A 68 -7.85 -13.30 -3.97
N CYS A 69 -7.70 -14.57 -3.57
CA CYS A 69 -7.04 -15.53 -4.44
C CYS A 69 -7.32 -16.89 -3.87
N GLY A 70 -7.13 -17.95 -4.71
CA GLY A 70 -7.37 -19.29 -4.24
C GLY A 70 -6.29 -19.61 -3.23
N LYS A 71 -6.61 -20.50 -2.27
CA LYS A 71 -5.64 -20.84 -1.23
C LYS A 71 -4.43 -21.49 -1.84
N THR A 72 -4.63 -22.40 -2.81
CA THR A 72 -3.50 -23.08 -3.42
C THR A 72 -2.64 -22.09 -4.16
N GLU A 73 -3.26 -21.20 -4.95
CA GLU A 73 -2.53 -20.23 -5.73
C GLU A 73 -1.85 -19.27 -4.80
N PHE A 74 -2.57 -18.89 -3.74
CA PHE A 74 -2.07 -17.95 -2.76
C PHE A 74 -0.84 -18.52 -2.11
N ASN A 75 -0.90 -19.80 -1.69
CA ASN A 75 0.22 -20.43 -1.03
C ASN A 75 1.39 -20.48 -1.98
N GLU A 76 1.14 -20.83 -3.26
CA GLU A 76 2.21 -20.92 -4.23
C GLU A 76 2.83 -19.56 -4.43
N LEU A 77 2.00 -18.50 -4.45
CA LEU A 77 2.50 -17.16 -4.64
C LEU A 77 3.40 -16.78 -3.49
N ILE A 78 2.97 -17.11 -2.26
CA ILE A 78 3.73 -16.77 -1.08
C ILE A 78 5.05 -17.50 -1.10
N GLN A 79 5.10 -18.71 -1.71
CA GLN A 79 6.34 -19.47 -1.76
C GLN A 79 7.38 -18.67 -2.50
N LEU A 80 6.98 -17.99 -3.59
CA LEU A 80 7.92 -17.21 -4.37
C LEU A 80 8.34 -16.02 -3.55
N LEU A 81 7.40 -15.47 -2.79
CA LEU A 81 7.66 -14.32 -1.97
C LEU A 81 8.60 -14.68 -0.84
N LYS A 82 8.61 -15.96 -0.42
CA LYS A 82 9.47 -16.39 0.67
C LYS A 82 10.93 -16.26 0.28
N PHE A 83 11.22 -16.22 -1.04
CA PHE A 83 12.59 -16.11 -1.46
C PHE A 83 13.12 -14.75 -1.09
N GLN A 84 12.26 -13.70 -1.20
CA GLN A 84 12.72 -12.36 -0.87
C GLN A 84 12.93 -12.26 0.61
N THR A 85 12.01 -12.83 1.42
CA THR A 85 12.14 -12.79 2.85
C THR A 85 11.45 -14.03 3.34
N THR A 86 11.98 -14.68 4.40
CA THR A 86 11.39 -15.91 4.90
C THR A 86 10.00 -15.64 5.41
N ILE A 87 9.74 -14.41 5.93
CA ILE A 87 8.42 -14.07 6.44
C ILE A 87 8.17 -14.94 7.65
N VAL A 88 8.71 -14.51 8.82
CA VAL A 88 8.56 -15.26 10.04
C VAL A 88 7.10 -15.32 10.40
N THR A 89 6.40 -14.17 10.32
CA THR A 89 4.99 -14.16 10.68
C THR A 89 4.21 -14.09 9.41
N LEU A 90 3.36 -15.10 9.16
CA LEU A 90 2.55 -15.13 7.97
C LEU A 90 1.13 -15.01 8.40
N ASN A 91 0.57 -13.77 8.34
CA ASN A 91 -0.81 -13.55 8.72
C ASN A 91 -1.00 -13.91 10.18
N PRO A 92 -0.81 -12.94 11.05
CA PRO A 92 -0.95 -13.15 12.49
C PRO A 92 -2.33 -13.64 12.87
N PRO A 93 -2.42 -14.49 13.87
CA PRO A 93 -3.70 -15.02 14.31
C PRO A 93 -4.47 -14.05 15.15
N GLU A 94 -5.24 -13.18 14.47
CA GLU A 94 -6.03 -12.19 15.15
C GLU A 94 -7.26 -12.84 15.72
N ASN A 95 -7.46 -14.14 15.43
CA ASN A 95 -8.62 -14.83 15.92
C ASN A 95 -8.28 -15.43 17.26
N ILE A 96 -7.06 -15.17 17.76
CA ILE A 96 -6.64 -15.71 19.04
C ILE A 96 -6.43 -14.54 19.95
N TRP A 97 -7.14 -14.54 21.11
CA TRP A 97 -7.00 -13.46 22.05
C TRP A 97 -6.69 -14.07 23.37
N THR A 98 -5.87 -13.37 24.18
CA THR A 98 -5.49 -13.88 25.48
C THR A 98 -6.17 -13.01 26.49
N GLU A 99 -6.85 -13.64 27.47
CA GLU A 99 -7.55 -12.87 28.47
C GLU A 99 -6.59 -12.63 29.61
N GLU A 100 -5.59 -11.77 29.38
CA GLU A 100 -4.61 -11.45 30.40
C GLU A 100 -4.04 -12.75 30.99
N GLY B 1 39.02 10.64 -7.78
CA GLY B 1 38.37 10.81 -9.11
C GLY B 1 36.90 11.10 -8.92
N PRO B 2 36.15 10.03 -8.68
CA PRO B 2 34.72 10.14 -8.48
C PRO B 2 34.38 10.73 -7.14
N GLY B 3 33.19 11.35 -7.05
CA GLY B 3 32.78 11.95 -5.81
C GLY B 3 31.38 12.40 -6.00
N ASN B 4 30.75 12.89 -4.90
CA ASN B 4 29.37 13.36 -4.96
C ASN B 4 28.49 12.26 -5.48
N LYS B 5 28.76 11.01 -5.03
CA LYS B 5 27.95 9.88 -5.47
C LYS B 5 26.55 10.09 -4.98
N GLY B 6 26.41 10.61 -3.74
CA GLY B 6 25.11 10.88 -3.19
C GLY B 6 25.12 12.31 -2.75
N SER B 7 23.95 12.98 -2.82
CA SER B 7 23.89 14.36 -2.44
C SER B 7 22.80 14.50 -1.43
N SER B 8 23.02 15.39 -0.43
CA SER B 8 22.03 15.60 0.60
C SER B 8 21.82 17.08 0.68
N LYS B 9 21.04 17.64 -0.26
CA LYS B 9 20.79 19.06 -0.25
C LYS B 9 19.36 19.24 -0.67
N ARG B 10 18.62 20.08 0.09
CA ARG B 10 17.25 20.32 -0.23
C ARG B 10 16.91 21.70 0.26
N GLU B 11 15.91 22.34 -0.37
CA GLU B 11 15.52 23.67 0.04
C GLU B 11 14.12 23.85 -0.42
N ALA B 12 13.25 24.41 0.46
CA ALA B 12 11.88 24.63 0.09
C ALA B 12 11.51 25.99 0.60
N ALA B 13 11.03 26.87 -0.30
CA ALA B 13 10.65 28.20 0.10
C ALA B 13 9.18 28.17 0.44
N THR B 14 8.49 27.07 0.07
CA THR B 14 7.07 26.95 0.34
C THR B 14 6.92 25.77 1.23
N GLU B 15 6.21 25.95 2.37
CA GLU B 15 6.00 24.87 3.29
C GLU B 15 4.54 24.84 3.62
N SER B 16 3.98 23.64 3.82
CA SER B 16 2.59 23.51 4.15
C SER B 16 2.48 22.51 5.24
N GLY B 17 2.94 21.27 4.98
CA GLY B 17 2.88 20.24 5.99
C GLY B 17 2.95 18.92 5.28
N LYS B 18 4.18 18.37 5.16
CA LYS B 18 4.40 17.11 4.51
C LYS B 18 3.90 17.22 3.08
N THR B 19 3.82 16.07 2.38
CA THR B 19 3.33 16.07 1.03
C THR B 19 2.45 14.87 0.92
N ALA B 20 1.41 14.97 0.10
CA ALA B 20 0.50 13.87 -0.07
C ALA B 20 -0.13 14.04 -1.41
N VAL B 21 -0.55 12.92 -2.03
CA VAL B 21 -1.15 12.99 -3.32
C VAL B 21 -2.08 11.82 -3.46
N VAL B 22 -3.22 12.06 -4.15
CA VAL B 22 -4.18 11.02 -4.38
C VAL B 22 -4.07 10.69 -5.84
N PHE B 23 -3.85 9.41 -6.17
CA PHE B 23 -3.71 9.04 -7.55
C PHE B 23 -4.93 8.32 -7.99
N SER B 24 -5.35 8.58 -9.24
CA SER B 24 -6.50 7.94 -9.80
C SER B 24 -6.03 7.25 -11.03
N LEU B 25 -6.50 6.01 -11.25
CA LEU B 25 -6.07 5.29 -12.41
C LEU B 25 -7.04 4.17 -12.65
N LYS B 26 -6.88 3.51 -13.82
CA LYS B 26 -7.72 2.42 -14.21
C LYS B 26 -7.48 1.28 -13.27
N ASN B 27 -8.57 0.56 -12.92
CA ASN B 27 -8.45 -0.56 -12.02
C ASN B 27 -7.93 -1.72 -12.82
N GLU B 28 -6.60 -1.86 -12.83
CA GLU B 28 -5.96 -2.94 -13.54
C GLU B 28 -4.89 -3.46 -12.65
N VAL B 29 -4.51 -4.73 -12.84
CA VAL B 29 -3.51 -5.33 -12.00
C VAL B 29 -2.16 -4.84 -12.43
N GLY B 30 -1.38 -4.30 -11.47
CA GLY B 30 -0.04 -3.82 -11.78
C GLY B 30 -0.06 -2.34 -11.98
N GLY B 31 -1.25 -1.71 -11.99
CA GLY B 31 -1.31 -0.27 -12.20
C GLY B 31 -0.66 0.41 -11.04
N LEU B 32 -0.88 -0.13 -9.83
CA LEU B 32 -0.36 0.44 -8.61
C LEU B 32 1.16 0.41 -8.59
N VAL B 33 1.79 -0.71 -8.99
CA VAL B 33 3.24 -0.81 -8.92
C VAL B 33 3.89 0.17 -9.87
N LYS B 34 3.26 0.50 -11.02
CA LYS B 34 3.87 1.42 -11.95
C LYS B 34 3.88 2.78 -11.35
N ALA B 35 2.87 3.08 -10.54
CA ALA B 35 2.79 4.39 -9.92
C ALA B 35 3.88 4.50 -8.88
N LEU B 36 4.07 3.43 -8.07
CA LEU B 36 5.04 3.46 -7.00
C LEU B 36 6.46 3.39 -7.52
N ARG B 37 6.70 2.69 -8.64
CA ARG B 37 8.04 2.54 -9.16
C ARG B 37 8.63 3.89 -9.48
N LEU B 38 7.78 4.88 -9.81
CA LEU B 38 8.27 6.19 -10.14
C LEU B 38 8.88 6.83 -8.92
N PHE B 39 8.32 6.52 -7.73
CA PHE B 39 8.86 7.08 -6.49
C PHE B 39 10.22 6.49 -6.25
N GLN B 40 10.40 5.20 -6.64
CA GLN B 40 11.67 4.52 -6.46
C GLN B 40 12.73 5.21 -7.29
N GLU B 41 12.37 5.65 -8.51
CA GLU B 41 13.33 6.28 -9.39
C GLU B 41 13.88 7.52 -8.76
N LYS B 42 13.03 8.30 -8.06
CA LYS B 42 13.49 9.53 -7.45
C LYS B 42 13.99 9.24 -6.05
N ARG B 43 13.98 7.94 -5.64
CA ARG B 43 14.45 7.56 -4.32
C ARG B 43 13.63 8.26 -3.27
N VAL B 44 12.29 8.23 -3.44
CA VAL B 44 11.42 8.86 -2.48
C VAL B 44 10.79 7.75 -1.69
N ASN B 45 11.00 7.78 -0.35
CA ASN B 45 10.45 6.75 0.49
C ASN B 45 9.04 7.11 0.85
N MET B 46 8.17 6.09 0.93
CA MET B 46 6.79 6.30 1.29
C MET B 46 6.67 6.03 2.76
N VAL B 47 5.79 6.77 3.46
CA VAL B 47 5.63 6.55 4.88
C VAL B 47 4.32 5.86 5.12
N HIS B 48 3.37 5.99 4.17
CA HIS B 48 2.09 5.34 4.34
C HIS B 48 1.48 5.19 2.99
N ILE B 49 0.69 4.12 2.80
CA ILE B 49 0.05 3.89 1.53
C ILE B 49 -1.28 3.27 1.81
N GLU B 50 -2.32 3.68 1.05
CA GLU B 50 -3.63 3.13 1.24
C GLU B 50 -4.34 3.19 -0.08
N SER B 51 -5.06 2.10 -0.44
CA SER B 51 -5.76 2.08 -1.70
C SER B 51 -7.22 1.91 -1.40
N ARG B 52 -8.08 2.55 -2.22
CA ARG B 52 -9.50 2.46 -2.01
C ARG B 52 -10.09 1.84 -3.24
N LYS B 53 -10.84 0.73 -3.07
CA LYS B 53 -11.44 0.05 -4.19
C LYS B 53 -12.92 -0.01 -3.93
N SER B 54 -13.73 0.34 -4.96
CA SER B 54 -15.17 0.31 -4.80
C SER B 54 -15.58 -1.13 -4.80
N ARG B 55 -16.61 -1.47 -3.98
CA ARG B 55 -17.07 -2.83 -3.87
C ARG B 55 -17.69 -3.27 -5.17
N ARG B 56 -18.19 -2.31 -5.99
CA ARG B 56 -18.81 -2.68 -7.23
C ARG B 56 -18.66 -1.52 -8.18
N ARG B 57 -18.51 -1.83 -9.50
CA ARG B 57 -18.37 -0.81 -10.52
C ARG B 57 -17.12 -0.02 -10.24
N SER B 58 -16.00 -0.72 -9.97
CA SER B 58 -14.76 -0.03 -9.69
C SER B 58 -13.96 -0.03 -10.96
N SER B 59 -14.35 0.82 -11.93
CA SER B 59 -13.62 0.90 -13.19
C SER B 59 -12.31 1.56 -12.90
N GLU B 60 -12.32 2.53 -11.95
CA GLU B 60 -11.12 3.22 -11.59
C GLU B 60 -11.01 3.14 -10.10
N VAL B 61 -9.78 3.29 -9.58
CA VAL B 61 -9.58 3.22 -8.16
C VAL B 61 -8.79 4.41 -7.73
N GLU B 62 -8.88 4.74 -6.42
CA GLU B 62 -8.16 5.86 -5.90
C GLU B 62 -7.12 5.31 -4.97
N ILE B 63 -5.86 5.75 -5.13
CA ILE B 63 -4.80 5.25 -4.29
C ILE B 63 -4.17 6.45 -3.62
N PHE B 64 -4.06 6.39 -2.28
CA PHE B 64 -3.51 7.50 -1.52
C PHE B 64 -2.09 7.15 -1.20
N VAL B 65 -1.17 8.13 -1.42
CA VAL B 65 0.22 7.89 -1.13
C VAL B 65 0.70 9.00 -0.25
N ASP B 66 1.30 8.63 0.90
CA ASP B 66 1.81 9.61 1.83
C ASP B 66 3.30 9.44 1.84
N CYS B 67 4.05 10.52 1.57
CA CYS B 67 5.49 10.42 1.54
C CYS B 67 6.07 11.74 1.94
N GLU B 68 7.37 11.73 2.30
CA GLU B 68 8.03 12.95 2.69
C GLU B 68 8.98 13.29 1.58
N CYS B 69 8.91 14.54 1.08
CA CYS B 69 9.78 14.93 0.00
C CYS B 69 9.71 16.42 -0.10
N GLY B 70 10.69 17.04 -0.81
CA GLY B 70 10.69 18.47 -0.96
C GLY B 70 9.54 18.83 -1.86
N LYS B 71 8.98 20.04 -1.71
CA LYS B 71 7.85 20.44 -2.51
C LYS B 71 8.23 20.50 -3.97
N THR B 72 9.43 21.05 -4.28
CA THR B 72 9.84 21.15 -5.66
C THR B 72 10.02 19.77 -6.25
N GLU B 73 10.70 18.88 -5.51
CA GLU B 73 10.95 17.53 -6.01
C GLU B 73 9.65 16.80 -6.14
N PHE B 74 8.78 17.01 -5.14
CA PHE B 74 7.48 16.35 -5.11
C PHE B 74 6.69 16.76 -6.32
N ASN B 75 6.65 18.08 -6.62
CA ASN B 75 5.90 18.57 -7.75
C ASN B 75 6.46 17.98 -9.02
N GLU B 76 7.80 17.94 -9.14
CA GLU B 76 8.42 17.41 -10.34
C GLU B 76 8.08 15.95 -10.48
N LEU B 77 8.04 15.21 -9.37
CA LEU B 77 7.73 13.80 -9.41
C LEU B 77 6.32 13.61 -9.91
N ILE B 78 5.39 14.43 -9.40
CA ILE B 78 4.00 14.32 -9.78
C ILE B 78 3.86 14.63 -11.25
N GLN B 79 4.72 15.50 -11.81
CA GLN B 79 4.61 15.85 -13.21
C GLN B 79 4.81 14.60 -14.05
N LEU B 80 5.74 13.72 -13.64
CA LEU B 80 5.99 12.50 -14.38
C LEU B 80 4.80 11.60 -14.23
N LEU B 81 4.22 11.60 -13.02
CA LEU B 81 3.08 10.77 -12.72
C LEU B 81 1.88 11.22 -13.51
N LYS B 82 1.81 12.54 -13.88
CA LYS B 82 0.68 13.05 -14.62
C LYS B 82 0.61 12.42 -15.99
N PHE B 83 1.72 11.86 -16.50
CA PHE B 83 1.71 11.25 -17.80
C PHE B 83 0.86 10.00 -17.76
N GLN B 84 0.92 9.25 -16.64
CA GLN B 84 0.13 8.03 -16.53
C GLN B 84 -1.32 8.38 -16.43
N THR B 85 -1.65 9.42 -15.63
CA THR B 85 -3.03 9.84 -15.48
C THR B 85 -2.96 11.30 -15.17
N THR B 86 -3.92 12.09 -15.69
CA THR B 86 -3.89 13.52 -15.46
C THR B 86 -4.05 13.82 -13.99
N ILE B 87 -4.78 12.96 -13.25
CA ILE B 87 -4.97 13.16 -11.82
C ILE B 87 -5.79 14.41 -11.64
N VAL B 88 -7.12 14.29 -11.80
CA VAL B 88 -8.00 15.43 -11.66
C VAL B 88 -7.92 15.93 -10.25
N THR B 89 -7.98 15.02 -9.26
CA THR B 89 -7.92 15.43 -7.88
C THR B 89 -6.56 15.12 -7.38
N LEU B 90 -5.70 16.15 -7.26
CA LEU B 90 -4.36 15.95 -6.77
C LEU B 90 -4.43 15.66 -5.30
N ASN B 91 -5.31 16.40 -4.59
CA ASN B 91 -5.45 16.21 -3.16
C ASN B 91 -6.71 16.89 -2.69
N PRO B 92 -6.90 18.17 -2.99
CA PRO B 92 -8.09 18.90 -2.56
C PRO B 92 -9.38 18.30 -3.08
N PRO B 93 -10.43 18.29 -2.29
CA PRO B 93 -11.72 17.75 -2.71
C PRO B 93 -12.29 18.45 -3.90
N GLU B 94 -13.10 17.72 -4.71
CA GLU B 94 -13.69 18.30 -5.89
C GLU B 94 -14.81 19.22 -5.46
N ASN B 95 -15.18 19.19 -4.17
CA ASN B 95 -16.24 20.04 -3.68
C ASN B 95 -15.65 21.35 -3.26
N ILE B 96 -14.31 21.49 -3.37
CA ILE B 96 -13.66 22.71 -2.98
C ILE B 96 -13.05 23.29 -4.23
N TRP B 97 -13.41 24.54 -4.56
CA TRP B 97 -12.88 25.18 -5.73
C TRP B 97 -11.95 26.26 -5.28
N THR B 98 -10.78 26.38 -5.95
CA THR B 98 -9.82 27.39 -5.59
C THR B 98 -9.43 28.09 -6.84
N GLU B 99 -8.90 29.33 -6.71
CA GLU B 99 -8.49 30.08 -7.87
C GLU B 99 -7.00 29.90 -8.03
N GLU B 100 -6.57 28.63 -8.21
CA GLU B 100 -5.16 28.36 -8.37
C GLU B 100 -5.00 27.54 -9.66
N PHE C . 9.95 2.91 2.75
CA PHE C . 9.76 1.85 1.73
C PHE C . 9.38 2.30 0.31
O PHE C . 8.88 3.45 0.15
CB PHE C . 8.68 0.87 2.22
CG PHE C . 7.31 1.47 2.34
CD1 PHE C . 6.42 1.41 1.28
CD2 PHE C . 6.90 2.07 3.51
CE1 PHE C . 5.17 1.95 1.38
CE2 PHE C . 5.65 2.61 3.62
CZ PHE C . 4.78 2.56 2.56
OXT PHE C . 9.58 1.49 -0.65
H1 PHE C . 10.32 2.50 3.63
H2 PHE C . 9.04 3.38 2.95
H3 PHE C . 10.62 3.63 2.40
HA PHE C . 10.71 1.34 1.66
HB2 PHE C . 8.95 0.48 3.23
HB3 PHE C . 8.61 0.01 1.52
HD1 PHE C . 6.73 0.94 0.36
HD2 PHE C . 7.58 2.12 4.35
HE1 PHE C . 4.48 1.90 0.55
HE2 PHE C . 5.34 3.09 4.54
HZ PHE C . 3.79 2.98 2.64
N PHE D . -6.48 -3.80 -8.13
CA PHE D . -5.19 -3.13 -8.51
C PHE D . -3.89 -3.91 -8.27
O PHE D . -3.91 -4.88 -7.45
CB PHE D . -5.09 -1.79 -7.75
CG PHE D . -4.96 -1.92 -6.26
CD1 PHE D . -3.72 -2.00 -5.67
CD2 PHE D . -6.09 -1.96 -5.47
CE1 PHE D . -3.61 -2.12 -4.31
CE2 PHE D . -5.98 -2.09 -4.10
CZ PHE D . -4.74 -2.16 -3.53
OXT PHE D . -2.85 -3.56 -8.91
H1 PHE D . -6.52 -3.90 -7.10
H2 PHE D . -6.52 -4.74 -8.58
H3 PHE D . -7.28 -3.22 -8.46
HA PHE D . -5.26 -2.94 -9.57
HB2 PHE D . -5.98 -1.17 -7.96
HB3 PHE D . -4.19 -1.23 -8.10
HD1 PHE D . -2.83 -1.96 -6.28
HD2 PHE D . -7.06 -1.91 -5.93
HE1 PHE D . -2.63 -2.18 -3.84
HE2 PHE D . -6.87 -2.13 -3.49
HZ PHE D . -4.66 -2.26 -2.45
N GLY A 1 -13.38 -63.03 11.82
CA GLY A 1 -14.21 -62.29 10.82
C GLY A 1 -13.34 -61.54 9.87
N PRO A 2 -12.76 -62.27 8.93
CA PRO A 2 -11.90 -61.68 7.93
C PRO A 2 -12.65 -60.89 6.91
N GLY A 3 -11.99 -59.88 6.32
CA GLY A 3 -12.63 -59.06 5.31
C GLY A 3 -13.23 -57.87 5.99
N ASN A 4 -13.22 -57.86 7.35
CA ASN A 4 -13.77 -56.75 8.08
C ASN A 4 -12.68 -55.75 8.25
N LYS A 5 -12.70 -54.68 7.43
CA LYS A 5 -11.68 -53.66 7.52
C LYS A 5 -12.39 -52.34 7.59
N GLY A 6 -11.78 -51.36 8.28
CA GLY A 6 -12.39 -50.06 8.40
C GLY A 6 -11.32 -49.05 8.09
N SER A 7 -11.73 -47.89 7.57
CA SER A 7 -10.78 -46.85 7.24
C SER A 7 -11.28 -45.58 7.83
N SER A 8 -10.34 -44.68 8.19
CA SER A 8 -10.71 -43.42 8.77
C SER A 8 -10.00 -42.37 8.00
N LYS A 9 -10.59 -41.16 7.90
CA LYS A 9 -9.98 -40.09 7.16
C LYS A 9 -9.64 -39.01 8.14
N ARG A 10 -8.43 -38.43 7.99
CA ARG A 10 -8.00 -37.38 8.87
C ARG A 10 -8.64 -36.10 8.42
N GLU A 11 -8.79 -35.13 9.34
CA GLU A 11 -9.38 -33.87 8.99
C GLU A 11 -8.42 -32.81 9.44
N ALA A 12 -8.24 -31.76 8.61
CA ALA A 12 -7.33 -30.70 8.96
C ALA A 12 -8.14 -29.61 9.61
N ALA A 13 -8.85 -29.96 10.70
CA ALA A 13 -9.66 -29.00 11.41
C ALA A 13 -10.72 -28.48 10.47
N THR A 14 -10.87 -27.15 10.39
CA THR A 14 -11.86 -26.56 9.51
C THR A 14 -11.13 -25.61 8.62
N GLU A 15 -11.34 -25.71 7.30
CA GLU A 15 -10.67 -24.83 6.37
C GLU A 15 -11.52 -23.60 6.22
N SER A 16 -11.13 -22.53 6.94
CA SER A 16 -11.87 -21.29 6.85
C SER A 16 -10.92 -20.20 7.24
N GLY A 17 -10.99 -19.06 6.54
CA GLY A 17 -10.10 -17.97 6.85
C GLY A 17 -10.07 -17.06 5.67
N LYS A 18 -9.08 -16.14 5.66
CA LYS A 18 -8.96 -15.21 4.57
C LYS A 18 -7.56 -15.33 4.07
N THR A 19 -7.32 -14.84 2.84
CA THR A 19 -6.01 -14.92 2.25
C THR A 19 -5.33 -13.61 2.46
N ALA A 20 -4.45 -13.56 3.48
CA ALA A 20 -3.73 -12.34 3.77
C ALA A 20 -2.34 -12.76 4.12
N VAL A 21 -1.35 -11.88 3.85
CA VAL A 21 0.01 -12.22 4.17
C VAL A 21 0.74 -10.98 4.58
N VAL A 22 1.64 -11.14 5.57
CA VAL A 22 2.43 -10.04 6.05
C VAL A 22 3.78 -10.21 5.41
N PHE A 23 4.22 -9.17 4.68
CA PHE A 23 5.49 -9.26 3.99
C PHE A 23 6.38 -8.21 4.58
N SER A 24 7.62 -8.60 4.95
CA SER A 24 8.54 -7.68 5.56
C SER A 24 9.67 -7.40 4.62
N LEU A 25 10.22 -6.17 4.69
CA LEU A 25 11.30 -5.80 3.83
C LEU A 25 12.09 -4.73 4.54
N LYS A 26 13.22 -4.30 3.92
CA LYS A 26 14.05 -3.29 4.51
C LYS A 26 13.36 -1.97 4.42
N ASN A 27 13.73 -1.03 5.32
CA ASN A 27 13.12 0.26 5.30
C ASN A 27 13.79 1.07 4.22
N GLU A 28 13.68 0.58 2.97
CA GLU A 28 14.24 1.27 1.85
C GLU A 28 13.16 1.28 0.81
N VAL A 29 13.18 2.28 -0.09
CA VAL A 29 12.17 2.38 -1.10
C VAL A 29 12.56 1.51 -2.26
N GLY A 30 11.58 0.73 -2.77
CA GLY A 30 11.84 -0.13 -3.90
C GLY A 30 11.59 -1.55 -3.49
N GLY A 31 11.64 -1.86 -2.19
CA GLY A 31 11.41 -3.22 -1.74
C GLY A 31 9.97 -3.57 -1.92
N LEU A 32 9.08 -2.61 -1.65
CA LEU A 32 7.65 -2.82 -1.72
C LEU A 32 7.21 -3.12 -3.14
N VAL A 33 7.74 -2.40 -4.16
CA VAL A 33 7.29 -2.63 -5.52
C VAL A 33 7.64 -4.01 -5.99
N LYS A 34 8.78 -4.59 -5.52
CA LYS A 34 9.17 -5.91 -5.97
C LYS A 34 8.22 -6.90 -5.39
N ALA A 35 7.72 -6.63 -4.19
CA ALA A 35 6.80 -7.54 -3.55
C ALA A 35 5.50 -7.55 -4.30
N LEU A 36 5.02 -6.35 -4.70
CA LEU A 36 3.75 -6.24 -5.37
C LEU A 36 3.82 -6.75 -6.80
N ARG A 37 4.99 -6.61 -7.46
CA ARG A 37 5.10 -7.04 -8.85
C ARG A 37 4.88 -8.52 -8.95
N LEU A 38 5.21 -9.28 -7.87
CA LEU A 38 5.02 -10.72 -7.91
C LEU A 38 3.55 -11.03 -7.98
N PHE A 39 2.71 -10.20 -7.35
CA PHE A 39 1.29 -10.43 -7.37
C PHE A 39 0.80 -10.23 -8.78
N GLN A 40 1.40 -9.24 -9.50
CA GLN A 40 1.01 -8.96 -10.86
C GLN A 40 1.34 -10.14 -11.73
N GLU A 41 2.49 -10.81 -11.49
CA GLU A 41 2.91 -11.93 -12.29
C GLU A 41 1.89 -13.04 -12.20
N LYS A 42 1.33 -13.26 -10.99
CA LYS A 42 0.36 -14.32 -10.82
C LYS A 42 -1.02 -13.79 -11.13
N ARG A 43 -1.12 -12.51 -11.55
CA ARG A 43 -2.40 -11.91 -11.88
C ARG A 43 -3.27 -11.92 -10.66
N VAL A 44 -2.70 -11.56 -9.49
CA VAL A 44 -3.48 -11.53 -8.27
C VAL A 44 -3.83 -10.10 -8.03
N ASN A 45 -5.15 -9.79 -8.03
CA ASN A 45 -5.58 -8.44 -7.82
C ASN A 45 -5.56 -8.15 -6.34
N MET A 46 -4.97 -6.99 -5.98
CA MET A 46 -4.90 -6.61 -4.58
C MET A 46 -6.19 -5.91 -4.25
N VAL A 47 -6.75 -6.18 -3.05
CA VAL A 47 -7.99 -5.55 -2.67
C VAL A 47 -7.72 -4.58 -1.56
N HIS A 48 -6.60 -4.77 -0.82
CA HIS A 48 -6.29 -3.86 0.24
C HIS A 48 -4.81 -3.94 0.49
N ILE A 49 -4.19 -2.80 0.86
CA ILE A 49 -2.78 -2.76 1.11
C ILE A 49 -2.57 -1.77 2.21
N GLU A 50 -1.67 -2.09 3.16
CA GLU A 50 -1.42 -1.17 4.25
C GLU A 50 -0.01 -1.42 4.71
N SER A 51 0.75 -0.32 4.96
CA SER A 51 2.11 -0.46 5.44
C SER A 51 2.13 0.04 6.85
N ARG A 52 2.94 -0.61 7.71
CA ARG A 52 3.03 -0.20 9.09
C ARG A 52 4.48 -0.06 9.42
N LYS A 53 4.86 1.09 10.02
CA LYS A 53 6.23 1.31 10.38
C LYS A 53 6.26 2.29 11.50
N SER A 54 7.45 2.46 12.14
CA SER A 54 7.57 3.37 13.23
C SER A 54 8.12 4.65 12.68
N ARG A 55 8.13 5.72 13.51
CA ARG A 55 8.62 7.00 13.08
C ARG A 55 10.08 6.89 12.75
N ARG A 56 10.86 6.17 13.59
CA ARG A 56 12.26 6.05 13.33
C ARG A 56 12.75 4.80 14.01
N ARG A 57 14.03 4.45 13.75
CA ARG A 57 14.64 3.27 14.34
C ARG A 57 13.95 2.04 13.83
N SER A 58 13.67 2.01 12.50
CA SER A 58 13.02 0.85 11.92
C SER A 58 13.92 0.35 10.83
N SER A 59 14.65 -0.75 11.12
CA SER A 59 15.53 -1.33 10.13
C SER A 59 14.69 -1.95 9.06
N GLU A 60 13.57 -2.60 9.48
CA GLU A 60 12.69 -3.24 8.55
C GLU A 60 11.31 -2.79 8.88
N VAL A 61 10.39 -2.89 7.89
CA VAL A 61 9.03 -2.49 8.12
C VAL A 61 8.16 -3.63 7.68
N GLU A 62 6.90 -3.66 8.19
CA GLU A 62 5.99 -4.72 7.85
C GLU A 62 4.93 -4.14 6.98
N ILE A 63 4.64 -4.83 5.86
CA ILE A 63 3.62 -4.38 4.95
C ILE A 63 2.60 -5.47 4.86
N PHE A 64 1.32 -5.11 5.07
CA PHE A 64 0.27 -6.08 5.06
C PHE A 64 -0.35 -6.07 3.69
N VAL A 65 -0.55 -7.28 3.10
CA VAL A 65 -1.13 -7.37 1.80
C VAL A 65 -2.32 -8.29 1.89
N ASP A 66 -3.50 -7.80 1.44
CA ASP A 66 -4.70 -8.60 1.49
C ASP A 66 -5.15 -8.77 0.07
N CYS A 67 -5.23 -10.03 -0.40
CA CYS A 67 -5.63 -10.27 -1.76
C CYS A 67 -6.62 -11.40 -1.77
N GLU A 68 -7.40 -11.50 -2.86
CA GLU A 68 -8.36 -12.57 -2.98
C GLU A 68 -7.86 -13.44 -4.11
N CYS A 69 -7.72 -14.75 -3.85
CA CYS A 69 -7.24 -15.64 -4.86
C CYS A 69 -7.46 -17.03 -4.35
N GLY A 70 -7.20 -18.05 -5.21
CA GLY A 70 -7.37 -19.42 -4.81
C GLY A 70 -6.36 -19.71 -3.74
N LYS A 71 -6.69 -20.61 -2.80
CA LYS A 71 -5.80 -20.92 -1.71
C LYS A 71 -4.53 -21.52 -2.23
N THR A 72 -4.63 -22.43 -3.23
CA THR A 72 -3.44 -23.06 -3.77
C THR A 72 -2.58 -22.03 -4.46
N GLU A 73 -3.22 -21.14 -5.26
CA GLU A 73 -2.48 -20.14 -6.00
C GLU A 73 -1.85 -19.19 -5.02
N PHE A 74 -2.61 -18.83 -3.98
CA PHE A 74 -2.15 -17.91 -2.98
C PHE A 74 -0.92 -18.48 -2.30
N ASN A 75 -0.99 -19.77 -1.88
CA ASN A 75 0.12 -20.38 -1.19
C ASN A 75 1.33 -20.43 -2.09
N GLU A 76 1.13 -20.72 -3.39
CA GLU A 76 2.25 -20.78 -4.31
C GLU A 76 2.90 -19.42 -4.40
N LEU A 77 2.08 -18.34 -4.41
CA LEU A 77 2.60 -17.01 -4.50
C LEU A 77 3.39 -16.68 -3.27
N ILE A 78 2.86 -17.10 -2.10
CA ILE A 78 3.52 -16.84 -0.85
C ILE A 78 4.86 -17.51 -0.83
N GLN A 79 4.94 -18.73 -1.38
CA GLN A 79 6.20 -19.45 -1.42
C GLN A 79 7.21 -18.67 -2.20
N LEU A 80 6.77 -17.98 -3.28
CA LEU A 80 7.69 -17.21 -4.09
C LEU A 80 8.13 -16.01 -3.31
N LEU A 81 7.19 -15.40 -2.55
CA LEU A 81 7.49 -14.23 -1.76
C LEU A 81 8.41 -14.61 -0.63
N LYS A 82 8.33 -15.88 -0.18
CA LYS A 82 9.14 -16.38 0.91
C LYS A 82 10.61 -16.25 0.56
N PHE A 83 10.97 -16.46 -0.72
CA PHE A 83 12.34 -16.37 -1.12
C PHE A 83 12.84 -14.96 -0.91
N GLN A 84 11.98 -13.94 -1.17
CA GLN A 84 12.39 -12.57 -1.01
C GLN A 84 12.61 -12.24 0.45
N THR A 85 11.74 -12.74 1.35
CA THR A 85 11.92 -12.44 2.76
C THR A 85 11.32 -13.55 3.56
N THR A 86 11.84 -13.76 4.78
CA THR A 86 11.32 -14.79 5.63
C THR A 86 10.10 -14.23 6.29
N ILE A 87 8.94 -14.91 6.10
CA ILE A 87 7.71 -14.44 6.67
C ILE A 87 7.44 -15.30 7.86
N VAL A 88 7.50 -14.69 9.08
CA VAL A 88 7.28 -15.42 10.31
C VAL A 88 5.85 -15.90 10.33
N THR A 89 4.89 -15.01 10.00
CA THR A 89 3.51 -15.40 10.01
C THR A 89 2.86 -14.63 8.91
N LEU A 90 1.80 -15.21 8.32
CA LEU A 90 1.13 -14.56 7.23
C LEU A 90 0.01 -13.74 7.81
N ASN A 91 -0.32 -14.01 9.10
CA ASN A 91 -1.39 -13.32 9.78
C ASN A 91 -2.65 -13.36 8.94
N PRO A 92 -3.26 -14.54 8.86
CA PRO A 92 -4.49 -14.71 8.09
C PRO A 92 -5.61 -13.76 8.46
N PRO A 93 -5.88 -13.48 9.72
CA PRO A 93 -6.93 -12.57 10.09
C PRO A 93 -6.47 -11.14 10.15
N GLU A 94 -6.82 -10.35 9.10
CA GLU A 94 -6.41 -8.97 9.04
C GLU A 94 -7.21 -8.17 10.04
N ASN A 95 -8.26 -8.77 10.63
CA ASN A 95 -9.08 -8.07 11.59
C ASN A 95 -8.48 -8.19 12.95
N ILE A 96 -7.36 -8.93 13.07
CA ILE A 96 -6.72 -9.10 14.35
C ILE A 96 -5.35 -8.48 14.25
N TRP A 97 -5.06 -7.52 15.16
CA TRP A 97 -3.78 -6.87 15.17
C TRP A 97 -3.15 -7.17 16.49
N THR A 98 -1.81 -7.36 16.49
CA THR A 98 -1.11 -7.66 17.72
C THR A 98 0.02 -6.69 17.84
N GLU A 99 0.44 -6.41 19.10
CA GLU A 99 1.53 -5.49 19.32
C GLU A 99 2.62 -6.28 19.97
N GLU A 100 3.27 -7.17 19.18
CA GLU A 100 4.36 -7.99 19.69
C GLU A 100 3.86 -8.74 20.95
N GLY B 1 -36.03 33.97 0.25
CA GLY B 1 -34.92 33.20 -0.38
C GLY B 1 -34.22 34.05 -1.40
N PRO B 2 -33.42 34.97 -0.92
CA PRO B 2 -32.67 35.87 -1.77
C PRO B 2 -31.38 35.29 -2.24
N GLY B 3 -31.46 34.20 -3.04
CA GLY B 3 -30.27 33.57 -3.54
C GLY B 3 -29.78 32.63 -2.48
N ASN B 4 -28.54 32.11 -2.68
CA ASN B 4 -27.94 31.18 -1.74
C ASN B 4 -28.83 29.98 -1.60
N LYS B 5 -29.46 29.55 -2.71
CA LYS B 5 -30.35 28.40 -2.66
C LYS B 5 -29.54 27.19 -2.32
N GLY B 6 -28.32 27.08 -2.88
CA GLY B 6 -27.48 25.94 -2.61
C GLY B 6 -26.42 26.36 -1.64
N SER B 7 -26.66 27.49 -0.92
CA SER B 7 -25.70 27.99 0.04
C SER B 7 -24.50 28.49 -0.73
N SER B 8 -23.29 28.38 -0.14
CA SER B 8 -22.11 28.83 -0.82
C SER B 8 -21.00 27.91 -0.40
N LYS B 9 -20.25 27.38 -1.39
CA LYS B 9 -19.16 26.50 -1.09
C LYS B 9 -18.01 26.93 -1.96
N ARG B 10 -16.77 26.79 -1.44
CA ARG B 10 -15.61 27.18 -2.20
C ARG B 10 -14.52 26.21 -1.87
N GLU B 11 -13.89 25.64 -2.93
CA GLU B 11 -12.81 24.70 -2.74
C GLU B 11 -13.37 23.44 -2.14
N ALA B 12 -12.50 22.60 -1.55
CA ALA B 12 -12.94 21.38 -0.93
C ALA B 12 -11.94 21.05 0.12
N ALA B 13 -12.40 20.30 1.15
CA ALA B 13 -11.53 19.90 2.25
C ALA B 13 -11.43 21.06 3.21
N THR B 14 -11.47 20.75 4.53
CA THR B 14 -11.38 21.78 5.54
C THR B 14 -10.01 22.41 5.46
N GLU B 15 -8.98 21.57 5.31
CA GLU B 15 -7.63 22.07 5.24
C GLU B 15 -6.81 21.06 4.50
N SER B 16 -5.64 21.47 3.99
CA SER B 16 -4.79 20.56 3.27
C SER B 16 -3.39 21.06 3.43
N GLY B 17 -2.40 20.18 3.19
CA GLY B 17 -1.02 20.57 3.32
C GLY B 17 -0.20 19.32 3.20
N LYS B 18 1.08 19.42 3.64
CA LYS B 18 1.99 18.30 3.58
C LYS B 18 2.21 17.92 2.14
N THR B 19 2.85 16.75 1.93
CA THR B 19 3.11 16.30 0.59
C THR B 19 2.39 14.99 0.42
N ALA B 20 1.23 15.04 -0.27
CA ALA B 20 0.46 13.85 -0.49
C ALA B 20 -0.16 14.01 -1.84
N VAL B 21 -0.49 12.88 -2.50
CA VAL B 21 -1.10 12.98 -3.80
C VAL B 21 -2.00 11.80 -3.99
N VAL B 22 -3.09 12.02 -4.74
CA VAL B 22 -4.03 10.97 -5.01
C VAL B 22 -3.76 10.55 -6.42
N PHE B 23 -3.45 9.26 -6.62
CA PHE B 23 -3.14 8.77 -7.93
C PHE B 23 -4.21 7.79 -8.30
N SER B 24 -4.81 7.98 -9.51
CA SER B 24 -5.89 7.12 -9.94
C SER B 24 -5.40 6.26 -11.06
N LEU B 25 -5.95 5.03 -11.13
CA LEU B 25 -5.57 4.11 -12.17
C LEU B 25 -6.73 3.19 -12.40
N LYS B 26 -6.59 2.31 -13.41
CA LYS B 26 -7.64 1.37 -13.75
C LYS B 26 -7.71 0.33 -12.68
N ASN B 27 -8.89 -0.31 -12.54
CA ASN B 27 -9.05 -1.34 -11.54
C ASN B 27 -8.46 -2.60 -12.09
N GLU B 28 -7.14 -2.55 -12.37
CA GLU B 28 -6.44 -3.70 -12.86
C GLU B 28 -5.18 -3.79 -12.05
N VAL B 29 -4.63 -5.01 -11.90
CA VAL B 29 -3.45 -5.18 -11.10
C VAL B 29 -2.26 -4.90 -11.96
N GLY B 30 -1.30 -4.12 -11.41
CA GLY B 30 -0.10 -3.78 -12.13
C GLY B 30 -0.02 -2.30 -12.31
N GLY B 31 -1.17 -1.60 -12.23
CA GLY B 31 -1.17 -0.16 -12.41
C GLY B 31 -0.49 0.49 -11.23
N LEU B 32 -0.75 -0.06 -10.03
CA LEU B 32 -0.22 0.51 -8.81
C LEU B 32 1.29 0.41 -8.77
N VAL B 33 1.89 -0.73 -9.19
CA VAL B 33 3.33 -0.88 -9.10
C VAL B 33 4.03 0.12 -9.99
N LYS B 34 3.43 0.50 -11.13
CA LYS B 34 4.08 1.43 -12.03
C LYS B 34 4.09 2.78 -11.39
N ALA B 35 3.06 3.07 -10.60
CA ALA B 35 2.97 4.35 -9.95
C ALA B 35 4.03 4.44 -8.88
N LEU B 36 4.20 3.35 -8.11
CA LEU B 36 5.16 3.34 -7.01
C LEU B 36 6.57 3.30 -7.51
N ARG B 37 6.84 2.64 -8.67
CA ARG B 37 8.20 2.52 -9.16
C ARG B 37 8.74 3.89 -9.48
N LEU B 38 7.86 4.86 -9.82
CA LEU B 38 8.33 6.18 -10.14
C LEU B 38 8.89 6.83 -8.92
N PHE B 39 8.32 6.51 -7.73
CA PHE B 39 8.80 7.09 -6.50
C PHE B 39 10.19 6.55 -6.24
N GLN B 40 10.41 5.27 -6.60
CA GLN B 40 11.71 4.64 -6.41
C GLN B 40 12.74 5.33 -7.26
N GLU B 41 12.36 5.72 -8.50
CA GLU B 41 13.29 6.35 -9.41
C GLU B 41 13.79 7.65 -8.82
N LYS B 42 12.89 8.40 -8.17
CA LYS B 42 13.28 9.67 -7.59
C LYS B 42 13.81 9.45 -6.19
N ARG B 43 13.88 8.18 -5.75
CA ARG B 43 14.38 7.86 -4.42
C ARG B 43 13.51 8.50 -3.39
N VAL B 44 12.18 8.43 -3.59
CA VAL B 44 11.27 9.03 -2.64
C VAL B 44 10.75 7.91 -1.79
N ASN B 45 11.04 7.96 -0.47
CA ASN B 45 10.61 6.94 0.44
C ASN B 45 9.16 7.17 0.77
N MET B 46 8.35 6.09 0.70
CA MET B 46 6.95 6.20 1.02
C MET B 46 6.81 6.01 2.49
N VAL B 47 5.94 6.82 3.14
CA VAL B 47 5.76 6.69 4.57
C VAL B 47 4.40 6.11 4.84
N HIS B 48 3.46 6.25 3.89
CA HIS B 48 2.15 5.71 4.09
C HIS B 48 1.53 5.49 2.74
N ILE B 49 0.72 4.43 2.63
CA ILE B 49 0.07 4.12 1.38
C ILE B 49 -1.27 3.54 1.71
N GLU B 50 -2.32 3.93 0.95
CA GLU B 50 -3.64 3.41 1.21
C GLU B 50 -4.39 3.41 -0.08
N SER B 51 -5.12 2.31 -0.37
CA SER B 51 -5.89 2.23 -1.58
C SER B 51 -7.34 2.26 -1.18
N ARG B 52 -8.19 2.93 -1.98
CA ARG B 52 -9.59 3.00 -1.67
C ARG B 52 -10.35 2.62 -2.90
N LYS B 53 -11.31 1.68 -2.76
CA LYS B 53 -12.08 1.25 -3.89
C LYS B 53 -13.39 0.75 -3.37
N SER B 54 -14.35 0.50 -4.31
CA SER B 54 -15.65 0.01 -3.92
C SER B 54 -15.63 -1.47 -4.10
N ARG B 55 -16.68 -2.15 -3.59
CA ARG B 55 -16.77 -3.59 -3.69
C ARG B 55 -16.84 -3.98 -5.14
N ARG B 56 -17.64 -3.25 -5.94
CA ARG B 56 -17.76 -3.59 -7.34
C ARG B 56 -18.19 -2.36 -8.08
N ARG B 57 -18.22 -2.45 -9.43
CA ARG B 57 -18.62 -1.35 -10.29
C ARG B 57 -17.62 -0.23 -10.14
N SER B 58 -16.31 -0.58 -10.14
CA SER B 58 -15.30 0.43 -10.04
C SER B 58 -14.40 0.29 -11.23
N SER B 59 -14.57 1.19 -12.23
CA SER B 59 -13.75 1.13 -13.42
C SER B 59 -12.36 1.56 -13.04
N GLU B 60 -12.27 2.57 -12.15
CA GLU B 60 -10.99 3.06 -11.71
C GLU B 60 -11.03 3.13 -10.22
N VAL B 61 -9.84 3.13 -9.60
CA VAL B 61 -9.77 3.19 -8.15
C VAL B 61 -8.82 4.30 -7.81
N GLU B 62 -8.94 4.82 -6.57
CA GLU B 62 -8.09 5.89 -6.15
C GLU B 62 -7.13 5.35 -5.13
N ILE B 63 -5.82 5.66 -5.31
CA ILE B 63 -4.83 5.20 -4.40
C ILE B 63 -4.17 6.44 -3.84
N PHE B 64 -4.10 6.52 -2.49
CA PHE B 64 -3.53 7.68 -1.85
C PHE B 64 -2.10 7.36 -1.52
N VAL B 65 -1.19 8.31 -1.84
CA VAL B 65 0.21 8.09 -1.57
C VAL B 65 0.69 9.26 -0.76
N ASP B 66 1.32 8.97 0.41
CA ASP B 66 1.82 10.02 1.27
C ASP B 66 3.30 9.80 1.37
N CYS B 67 4.09 10.80 0.92
CA CYS B 67 5.53 10.66 0.97
C CYS B 67 6.11 11.93 1.49
N GLU B 68 7.37 11.86 1.99
CA GLU B 68 8.03 13.03 2.49
C GLU B 68 9.16 13.30 1.55
N CYS B 69 9.23 14.54 1.04
CA CYS B 69 10.27 14.87 0.10
C CYS B 69 10.24 16.36 -0.08
N GLY B 70 11.23 16.91 -0.81
CA GLY B 70 11.26 18.35 -1.03
C GLY B 70 10.07 18.70 -1.87
N LYS B 71 9.55 19.93 -1.68
CA LYS B 71 8.37 20.35 -2.41
C LYS B 71 8.66 20.37 -3.89
N THR B 72 9.84 20.88 -4.29
CA THR B 72 10.18 20.96 -5.70
C THR B 72 10.29 19.56 -6.25
N GLU B 73 10.98 18.66 -5.53
CA GLU B 73 11.17 17.31 -6.00
C GLU B 73 9.84 16.62 -6.08
N PHE B 74 9.00 16.86 -5.07
CA PHE B 74 7.70 16.24 -5.01
C PHE B 74 6.89 16.68 -6.21
N ASN B 75 6.85 17.99 -6.50
CA ASN B 75 6.08 18.49 -7.61
C ASN B 75 6.59 17.92 -8.91
N GLU B 76 7.92 17.77 -9.06
CA GLU B 76 8.47 17.24 -10.29
C GLU B 76 8.00 15.80 -10.44
N LEU B 77 7.94 15.05 -9.33
CA LEU B 77 7.53 13.67 -9.38
C LEU B 77 6.09 13.60 -9.78
N ILE B 78 5.27 14.51 -9.22
CA ILE B 78 3.86 14.54 -9.51
C ILE B 78 3.65 14.79 -10.97
N GLN B 79 4.47 15.68 -11.56
CA GLN B 79 4.35 15.99 -12.97
C GLN B 79 4.57 14.75 -13.79
N LEU B 80 5.51 13.88 -13.34
CA LEU B 80 5.79 12.67 -14.09
C LEU B 80 4.63 11.73 -13.94
N LEU B 81 4.04 11.68 -12.74
CA LEU B 81 2.92 10.82 -12.47
C LEU B 81 1.71 11.32 -13.25
N LYS B 82 1.67 12.64 -13.52
CA LYS B 82 0.56 13.24 -14.24
C LYS B 82 0.45 12.63 -15.61
N PHE B 83 1.58 12.29 -16.25
CA PHE B 83 1.53 11.72 -17.56
C PHE B 83 0.83 10.38 -17.51
N GLN B 84 1.05 9.60 -16.43
CA GLN B 84 0.43 8.30 -16.32
C GLN B 84 -1.06 8.45 -16.16
N THR B 85 -1.54 9.43 -15.35
CA THR B 85 -2.96 9.58 -15.17
C THR B 85 -3.24 11.01 -14.84
N THR B 86 -4.46 11.48 -15.17
CA THR B 86 -4.81 12.85 -14.89
C THR B 86 -5.22 12.88 -13.45
N ILE B 87 -4.54 13.71 -12.64
CA ILE B 87 -4.84 13.78 -11.24
C ILE B 87 -5.64 15.04 -11.05
N VAL B 88 -6.93 14.88 -10.64
CA VAL B 88 -7.80 16.02 -10.45
C VAL B 88 -7.28 16.86 -9.33
N THR B 89 -6.90 16.22 -8.19
CA THR B 89 -6.41 16.98 -7.07
C THR B 89 -5.47 16.11 -6.32
N LEU B 90 -4.57 16.76 -5.54
CA LEU B 90 -3.59 16.04 -4.79
C LEU B 90 -3.94 16.19 -3.33
N ASN B 91 -5.21 16.52 -3.05
CA ASN B 91 -5.63 16.72 -1.67
C ASN B 91 -5.54 15.42 -0.92
N PRO B 92 -5.20 15.50 0.36
CA PRO B 92 -5.09 14.34 1.22
C PRO B 92 -6.41 13.66 1.45
N PRO B 93 -6.40 12.41 1.87
CA PRO B 93 -7.64 11.67 2.11
C PRO B 93 -8.41 12.21 3.28
N GLU B 94 -9.76 12.15 3.17
CA GLU B 94 -10.61 12.66 4.22
C GLU B 94 -10.63 11.67 5.36
N ASN B 95 -10.17 10.43 5.10
CA ASN B 95 -10.15 9.42 6.14
C ASN B 95 -9.18 9.85 7.21
N ILE B 96 -8.03 10.42 6.79
CA ILE B 96 -7.01 10.87 7.72
C ILE B 96 -6.47 9.67 8.44
N TRP B 97 -6.96 9.41 9.68
CA TRP B 97 -6.49 8.27 10.43
C TRP B 97 -7.70 7.58 10.97
N THR B 98 -7.63 6.23 11.07
CA THR B 98 -8.75 5.46 11.57
C THR B 98 -8.98 5.84 13.00
N GLU B 99 -7.88 5.95 13.76
CA GLU B 99 -7.99 6.30 15.16
C GLU B 99 -6.63 6.74 15.62
N GLU B 100 -5.60 5.91 15.35
CA GLU B 100 -4.26 6.23 15.76
C GLU B 100 -4.25 6.52 17.28
N PHE C . 9.56 2.34 2.92
CA PHE C . 9.28 1.27 1.92
C PHE C . 9.02 1.71 0.47
O PHE C . 8.78 2.93 0.23
CB PHE C . 8.04 0.47 2.39
CG PHE C . 6.77 1.28 2.45
CD1 PHE C . 5.92 1.34 1.37
CD2 PHE C . 6.44 1.97 3.59
CE1 PHE C . 4.76 2.07 1.43
CE2 PHE C . 5.29 2.71 3.66
CZ PHE C . 4.45 2.75 2.57
OXT PHE C . 9.07 0.82 -0.44
H1 PHE C . 9.97 1.91 3.78
H2 PHE C . 8.68 2.83 3.16
H3 PHE C . 10.24 3.02 2.51
HA PHE C . 10.14 0.63 1.92
HB2 PHE C . 8.22 0.06 3.40
HB3 PHE C . 7.85 -0.38 1.69
HD1 PHE C . 6.17 0.80 0.47
HD2 PHE C . 7.10 1.93 4.46
HE1 PHE C . 4.10 2.11 0.58
HE2 PHE C . 5.04 3.25 4.56
HZ PHE C . 3.54 3.34 2.63
N PHE D . -6.36 -3.12 -8.00
CA PHE D . -5.09 -2.38 -8.27
C PHE D . -3.78 -3.17 -8.17
O PHE D . -2.74 -2.68 -8.71
CB PHE D . -4.99 -1.19 -7.30
CG PHE D . -4.92 -1.57 -5.85
CD1 PHE D . -3.70 -1.77 -5.23
CD2 PHE D . -6.07 -1.74 -5.12
CE1 PHE D . -3.64 -2.13 -3.91
CE2 PHE D . -6.01 -2.08 -3.79
CZ PHE D . -4.79 -2.28 -3.19
OXT PHE D . -3.78 -4.27 -7.54
H1 PHE D . -6.48 -3.23 -6.97
H2 PHE D . -6.33 -4.05 -8.46
H3 PHE D . -7.17 -2.57 -8.38
HA PHE D . -5.17 -2.02 -9.28
HB2 PHE D . -5.88 -0.52 -7.42
HB3 PHE D . -4.08 -0.60 -7.52
HD1 PHE D . -2.79 -1.65 -5.80
HD2 PHE D . -7.03 -1.58 -5.59
HE1 PHE D . -2.68 -2.28 -3.44
HE2 PHE D . -6.92 -2.21 -3.23
HZ PHE D . -4.75 -2.56 -2.15
N GLY A 1 15.75 -45.14 14.90
CA GLY A 1 15.47 -43.76 15.40
C GLY A 1 15.38 -43.74 16.90
N PRO A 2 15.19 -42.55 17.41
CA PRO A 2 15.08 -42.34 18.85
C PRO A 2 13.81 -42.87 19.43
N GLY A 3 12.78 -43.08 18.58
CA GLY A 3 11.53 -43.58 19.06
C GLY A 3 10.65 -43.78 17.87
N ASN A 4 9.42 -44.28 18.11
CA ASN A 4 8.49 -44.50 17.03
C ASN A 4 7.55 -43.34 16.99
N LYS A 5 7.12 -42.96 15.77
CA LYS A 5 6.21 -41.85 15.63
C LYS A 5 4.88 -42.42 15.23
N GLY A 6 3.78 -41.78 15.68
CA GLY A 6 2.46 -42.26 15.36
C GLY A 6 1.99 -41.52 14.15
N SER A 7 1.31 -42.24 13.24
CA SER A 7 0.81 -41.63 12.04
C SER A 7 -0.68 -41.43 12.20
N SER A 8 -1.18 -41.61 13.45
CA SER A 8 -2.58 -41.45 13.72
C SER A 8 -2.92 -39.99 13.59
N LYS A 9 -4.18 -39.70 13.20
CA LYS A 9 -4.61 -38.34 13.04
C LYS A 9 -6.05 -38.29 13.45
N ARG A 10 -6.57 -37.08 13.74
CA ARG A 10 -7.93 -36.93 14.15
C ARG A 10 -8.50 -35.77 13.39
N GLU A 11 -9.76 -35.94 12.90
CA GLU A 11 -10.45 -34.90 12.17
C GLU A 11 -9.92 -34.90 10.75
N ALA A 12 -8.69 -34.40 10.54
CA ALA A 12 -8.10 -34.36 9.22
C ALA A 12 -8.96 -33.49 8.33
N ALA A 13 -9.16 -32.22 8.74
CA ALA A 13 -9.97 -31.33 7.97
C ALA A 13 -9.41 -29.95 8.14
N THR A 14 -9.71 -29.05 7.17
CA THR A 14 -9.22 -27.70 7.23
C THR A 14 -10.40 -26.80 7.07
N GLU A 15 -10.23 -25.50 7.44
CA GLU A 15 -11.31 -24.55 7.33
C GLU A 15 -10.84 -23.45 6.44
N SER A 16 -11.79 -22.84 5.71
CA SER A 16 -11.46 -21.75 4.81
C SER A 16 -11.17 -20.53 5.64
N GLY A 17 -10.50 -19.53 5.04
CA GLY A 17 -10.19 -18.33 5.75
C GLY A 17 -9.83 -17.29 4.74
N LYS A 18 -9.37 -16.11 5.22
CA LYS A 18 -8.99 -15.05 4.34
C LYS A 18 -7.60 -15.32 3.86
N THR A 19 -7.24 -14.77 2.70
CA THR A 19 -5.93 -14.99 2.15
C THR A 19 -5.15 -13.72 2.29
N ALA A 20 -4.50 -13.54 3.46
CA ALA A 20 -3.71 -12.36 3.69
C ALA A 20 -2.37 -12.84 4.18
N VAL A 21 -1.29 -12.15 3.79
CA VAL A 21 0.02 -12.57 4.19
C VAL A 21 0.79 -11.35 4.61
N VAL A 22 1.62 -11.53 5.66
CA VAL A 22 2.44 -10.45 6.14
C VAL A 22 3.78 -10.63 5.52
N PHE A 23 4.25 -9.60 4.81
CA PHE A 23 5.52 -9.68 4.14
C PHE A 23 6.41 -8.61 4.72
N SER A 24 7.64 -8.99 5.10
CA SER A 24 8.56 -8.05 5.70
C SER A 24 9.64 -7.75 4.71
N LEU A 25 10.14 -6.51 4.73
CA LEU A 25 11.18 -6.14 3.82
C LEU A 25 12.03 -5.12 4.52
N LYS A 26 13.18 -4.80 3.89
CA LYS A 26 14.10 -3.84 4.46
C LYS A 26 13.49 -2.48 4.34
N ASN A 27 13.90 -1.56 5.22
CA ASN A 27 13.38 -0.22 5.17
C ASN A 27 14.12 0.52 4.09
N GLU A 28 14.02 -0.01 2.86
CA GLU A 28 14.66 0.61 1.72
C GLU A 28 13.56 0.96 0.77
N VAL A 29 13.79 1.99 -0.06
CA VAL A 29 12.77 2.41 -0.99
C VAL A 29 12.77 1.47 -2.16
N GLY A 30 11.56 1.15 -2.68
CA GLY A 30 11.44 0.27 -3.82
C GLY A 30 11.27 -1.15 -3.36
N GLY A 31 11.33 -1.40 -2.03
CA GLY A 31 11.17 -2.75 -1.54
C GLY A 31 9.75 -3.20 -1.72
N LEU A 32 8.80 -2.26 -1.53
CA LEU A 32 7.40 -2.57 -1.62
C LEU A 32 6.99 -2.94 -3.03
N VAL A 33 7.53 -2.25 -4.06
CA VAL A 33 7.12 -2.54 -5.43
C VAL A 33 7.54 -3.94 -5.82
N LYS A 34 8.66 -4.46 -5.28
CA LYS A 34 9.10 -5.78 -5.64
C LYS A 34 8.14 -6.78 -5.07
N ALA A 35 7.66 -6.50 -3.85
CA ALA A 35 6.73 -7.40 -3.20
C ALA A 35 5.43 -7.44 -3.96
N LEU A 36 4.95 -6.25 -4.40
CA LEU A 36 3.68 -6.17 -5.10
C LEU A 36 3.77 -6.72 -6.50
N ARG A 37 4.95 -6.64 -7.15
CA ARG A 37 5.07 -7.12 -8.53
C ARG A 37 4.84 -8.60 -8.54
N LEU A 38 5.15 -9.28 -7.41
CA LEU A 38 4.99 -10.70 -7.33
C LEU A 38 3.52 -11.03 -7.46
N PHE A 39 2.65 -10.19 -6.87
CA PHE A 39 1.22 -10.40 -6.94
C PHE A 39 0.78 -10.25 -8.38
N GLN A 40 1.40 -9.28 -9.09
CA GLN A 40 1.06 -9.03 -10.48
C GLN A 40 1.40 -10.24 -11.32
N GLU A 41 2.55 -10.88 -11.03
CA GLU A 41 2.98 -12.04 -11.80
C GLU A 41 1.97 -13.15 -11.69
N LYS A 42 1.42 -13.33 -10.47
CA LYS A 42 0.47 -14.40 -10.26
C LYS A 42 -0.92 -13.93 -10.62
N ARG A 43 -1.03 -12.66 -11.09
CA ARG A 43 -2.33 -12.11 -11.47
C ARG A 43 -3.23 -12.12 -10.27
N VAL A 44 -2.72 -11.68 -9.10
CA VAL A 44 -3.53 -11.64 -7.92
C VAL A 44 -3.90 -10.20 -7.70
N ASN A 45 -5.23 -9.92 -7.69
CA ASN A 45 -5.69 -8.58 -7.52
C ASN A 45 -5.65 -8.25 -6.04
N MET A 46 -5.23 -7.01 -5.73
CA MET A 46 -5.15 -6.58 -4.36
C MET A 46 -6.46 -5.91 -4.04
N VAL A 47 -7.00 -6.16 -2.81
CA VAL A 47 -8.25 -5.54 -2.45
C VAL A 47 -7.98 -4.56 -1.32
N HIS A 48 -6.86 -4.72 -0.61
CA HIS A 48 -6.55 -3.81 0.46
C HIS A 48 -5.06 -3.88 0.68
N ILE A 49 -4.45 -2.71 0.97
CA ILE A 49 -3.03 -2.67 1.19
C ILE A 49 -2.77 -1.62 2.23
N GLU A 50 -1.83 -1.90 3.15
CA GLU A 50 -1.49 -0.94 4.16
C GLU A 50 -0.11 -1.28 4.63
N SER A 51 0.65 -0.25 5.06
CA SER A 51 2.00 -0.49 5.52
C SER A 51 2.21 0.35 6.75
N ARG A 52 3.22 -0.02 7.56
CA ARG A 52 3.50 0.74 8.75
C ARG A 52 4.97 0.61 9.03
N LYS A 53 5.56 1.64 9.67
CA LYS A 53 6.96 1.60 10.00
C LYS A 53 7.14 0.74 11.22
N SER A 54 6.08 0.64 12.06
CA SER A 54 6.13 -0.17 13.26
C SER A 54 6.88 0.59 14.32
N ARG A 55 8.17 0.89 14.07
CA ARG A 55 8.97 1.60 15.05
C ARG A 55 9.61 2.76 14.34
N ARG A 56 10.07 3.77 15.12
CA ARG A 56 10.70 4.94 14.55
C ARG A 56 11.95 4.50 13.84
N ARG A 57 12.70 3.56 14.44
CA ARG A 57 13.92 3.09 13.83
C ARG A 57 13.83 1.60 13.78
N SER A 58 13.94 1.03 12.56
CA SER A 58 13.87 -0.40 12.42
C SER A 58 14.54 -0.75 11.13
N SER A 59 15.28 -1.88 11.12
CA SER A 59 15.96 -2.31 9.92
C SER A 59 14.94 -2.76 8.91
N GLU A 60 13.88 -3.45 9.39
CA GLU A 60 12.87 -3.95 8.49
C GLU A 60 11.54 -3.42 8.94
N VAL A 61 10.58 -3.38 7.99
CA VAL A 61 9.25 -2.91 8.31
C VAL A 61 8.30 -3.98 7.87
N GLU A 62 7.08 -3.99 8.44
CA GLU A 62 6.11 -5.01 8.10
C GLU A 62 5.05 -4.37 7.26
N ILE A 63 4.69 -5.03 6.13
CA ILE A 63 3.67 -4.51 5.26
C ILE A 63 2.63 -5.59 5.13
N PHE A 64 1.35 -5.23 5.34
CA PHE A 64 0.27 -6.19 5.30
C PHE A 64 -0.37 -6.10 3.94
N VAL A 65 -0.63 -7.28 3.33
CA VAL A 65 -1.26 -7.30 2.03
C VAL A 65 -2.45 -8.22 2.13
N ASP A 66 -3.64 -7.73 1.70
CA ASP A 66 -4.84 -8.54 1.74
C ASP A 66 -5.30 -8.70 0.32
N CYS A 67 -5.41 -9.97 -0.14
CA CYS A 67 -5.82 -10.21 -1.49
C CYS A 67 -6.82 -11.33 -1.48
N GLU A 68 -7.60 -11.45 -2.58
CA GLU A 68 -8.56 -12.53 -2.68
C GLU A 68 -8.10 -13.38 -3.82
N CYS A 69 -7.86 -14.67 -3.55
CA CYS A 69 -7.40 -15.56 -4.57
C CYS A 69 -7.52 -16.96 -4.04
N GLY A 70 -7.27 -17.97 -4.89
CA GLY A 70 -7.37 -19.35 -4.46
C GLY A 70 -6.24 -19.61 -3.52
N LYS A 71 -6.44 -20.55 -2.57
CA LYS A 71 -5.42 -20.86 -1.60
C LYS A 71 -4.20 -21.42 -2.28
N THR A 72 -4.40 -22.28 -3.31
CA THR A 72 -3.27 -22.87 -4.01
C THR A 72 -2.47 -21.80 -4.68
N GLU A 73 -3.16 -20.85 -5.36
CA GLU A 73 -2.48 -19.79 -6.07
C GLU A 73 -1.79 -18.90 -5.08
N PHE A 74 -2.47 -18.66 -3.96
CA PHE A 74 -1.93 -17.80 -2.92
C PHE A 74 -0.68 -18.43 -2.36
N ASN A 75 -0.71 -19.76 -2.12
CA ASN A 75 0.45 -20.45 -1.58
C ASN A 75 1.59 -20.34 -2.56
N GLU A 76 1.31 -20.44 -3.88
CA GLU A 76 2.35 -20.36 -4.88
C GLU A 76 2.99 -19.00 -4.79
N LEU A 77 2.18 -17.95 -4.53
CA LEU A 77 2.70 -16.60 -4.44
C LEU A 77 3.65 -16.52 -3.27
N ILE A 78 3.27 -17.13 -2.14
CA ILE A 78 4.10 -17.09 -0.95
C ILE A 78 5.43 -17.75 -1.25
N GLN A 79 5.43 -18.76 -2.14
CA GLN A 79 6.66 -19.45 -2.48
C GLN A 79 7.63 -18.46 -3.09
N LEU A 80 7.12 -17.51 -3.90
CA LEU A 80 7.99 -16.54 -4.54
C LEU A 80 8.35 -15.49 -3.53
N LEU A 81 7.38 -15.09 -2.69
CA LEU A 81 7.61 -14.05 -1.70
C LEU A 81 8.65 -14.50 -0.70
N LYS A 82 8.62 -15.78 -0.26
CA LYS A 82 9.58 -16.24 0.73
C LYS A 82 10.98 -16.22 0.17
N PHE A 83 11.13 -16.15 -1.16
CA PHE A 83 12.45 -16.10 -1.73
C PHE A 83 13.08 -14.78 -1.38
N GLN A 84 12.28 -13.69 -1.46
CA GLN A 84 12.80 -12.36 -1.17
C GLN A 84 13.08 -12.20 0.31
N THR A 85 12.21 -12.75 1.20
CA THR A 85 12.44 -12.60 2.62
C THR A 85 11.90 -13.82 3.29
N THR A 86 12.35 -14.09 4.53
CA THR A 86 11.85 -15.24 5.24
C THR A 86 10.58 -14.83 5.91
N ILE A 87 9.46 -15.50 5.55
CA ILE A 87 8.19 -15.18 6.14
C ILE A 87 7.87 -16.32 7.07
N VAL A 88 7.76 -16.03 8.39
CA VAL A 88 7.46 -17.07 9.33
C VAL A 88 6.15 -16.75 10.01
N THR A 89 5.86 -15.44 10.21
CA THR A 89 4.62 -15.08 10.86
C THR A 89 3.49 -15.45 9.96
N LEU A 90 3.61 -15.09 8.65
CA LEU A 90 2.59 -15.38 7.66
C LEU A 90 1.35 -14.56 7.94
N ASN A 91 0.70 -14.80 9.10
CA ASN A 91 -0.51 -14.09 9.42
C ASN A 91 -0.63 -14.12 10.92
N PRO A 92 -0.99 -12.99 11.51
CA PRO A 92 -1.15 -12.90 12.96
C PRO A 92 -2.18 -13.86 13.50
N PRO A 93 -1.97 -14.41 14.68
CA PRO A 93 -2.91 -15.34 15.27
C PRO A 93 -4.07 -14.65 15.93
N GLU A 94 -4.94 -14.06 15.10
CA GLU A 94 -6.10 -13.37 15.60
C GLU A 94 -7.13 -14.40 16.05
N ASN A 95 -6.89 -15.68 15.72
CA ASN A 95 -7.82 -16.73 16.08
C ASN A 95 -7.41 -17.31 17.40
N ILE A 96 -6.40 -16.70 18.04
CA ILE A 96 -5.95 -17.20 19.33
C ILE A 96 -7.00 -16.87 20.35
N TRP A 97 -7.25 -17.82 21.27
CA TRP A 97 -8.25 -17.61 22.30
C TRP A 97 -7.71 -18.23 23.55
N THR A 98 -7.69 -17.43 24.65
CA THR A 98 -7.17 -17.93 25.90
C THR A 98 -8.26 -18.69 26.59
N GLU A 99 -7.86 -19.62 27.50
CA GLU A 99 -8.83 -20.40 28.22
C GLU A 99 -9.05 -19.74 29.54
N GLU A 100 -9.54 -18.49 29.52
CA GLU A 100 -9.78 -17.77 30.75
C GLU A 100 -11.16 -18.19 31.29
N GLY B 1 21.72 18.30 3.06
CA GLY B 1 22.98 18.13 3.82
C GLY B 1 24.17 18.40 2.95
N PRO B 2 25.32 18.00 3.44
CA PRO B 2 26.58 18.17 2.73
C PRO B 2 26.60 17.56 1.35
N GLY B 3 25.89 16.42 1.20
CA GLY B 3 25.83 15.74 -0.07
C GLY B 3 25.17 16.62 -1.09
N ASN B 4 24.13 17.39 -0.67
CA ASN B 4 23.43 18.24 -1.59
C ASN B 4 24.07 19.61 -1.57
N LYS B 5 25.13 19.78 -0.75
CA LYS B 5 25.82 21.05 -0.65
C LYS B 5 24.84 22.11 -0.21
N GLY B 6 24.06 21.81 0.84
CA GLY B 6 23.09 22.78 1.32
C GLY B 6 22.83 22.47 2.75
N SER B 7 22.22 23.43 3.47
CA SER B 7 21.92 23.22 4.86
C SER B 7 20.77 24.12 5.20
N SER B 8 19.85 23.63 6.06
CA SER B 8 18.71 24.41 6.45
C SER B 8 19.04 25.07 7.76
N LYS B 9 20.01 26.02 7.73
CA LYS B 9 20.40 26.70 8.94
C LYS B 9 19.21 27.49 9.45
N ARG B 10 18.53 28.22 8.54
CA ARG B 10 17.39 29.01 8.94
C ARG B 10 16.51 29.16 7.74
N GLU B 11 15.20 28.90 7.90
CA GLU B 11 14.28 29.04 6.81
C GLU B 11 12.92 29.22 7.40
N ALA B 12 12.00 29.81 6.61
CA ALA B 12 10.64 30.03 7.08
C ALA B 12 10.00 28.68 7.29
N ALA B 13 10.28 27.73 6.38
CA ALA B 13 9.74 26.39 6.47
C ALA B 13 8.29 26.44 6.08
N THR B 14 7.59 25.29 6.24
CA THR B 14 6.19 25.23 5.90
C THR B 14 5.49 24.65 7.09
N GLU B 15 4.39 25.30 7.51
CA GLU B 15 3.65 24.80 8.66
C GLU B 15 2.32 24.33 8.16
N SER B 16 1.85 23.18 8.69
CA SER B 16 0.57 22.61 8.30
C SER B 16 0.58 22.33 6.83
N GLY B 17 1.69 21.75 6.31
CA GLY B 17 1.78 21.43 4.91
C GLY B 17 2.29 20.03 4.81
N LYS B 18 1.70 19.25 3.89
CA LYS B 18 2.12 17.88 3.71
C LYS B 18 2.24 17.64 2.24
N THR B 19 3.07 16.65 1.86
CA THR B 19 3.26 16.35 0.46
C THR B 19 2.54 15.06 0.19
N ALA B 20 1.27 15.16 -0.25
CA ALA B 20 0.51 13.98 -0.54
C ALA B 20 -0.14 14.22 -1.86
N VAL B 21 -0.33 13.15 -2.65
CA VAL B 21 -0.93 13.32 -3.94
C VAL B 21 -1.86 12.16 -4.18
N VAL B 22 -3.01 12.46 -4.81
CA VAL B 22 -3.97 11.44 -5.12
C VAL B 22 -3.73 11.04 -6.53
N PHE B 23 -3.47 9.73 -6.75
CA PHE B 23 -3.19 9.25 -8.07
C PHE B 23 -4.27 8.26 -8.41
N SER B 24 -4.86 8.41 -9.63
CA SER B 24 -5.92 7.52 -10.04
C SER B 24 -5.39 6.63 -11.11
N LEU B 25 -5.87 5.38 -11.15
CA LEU B 25 -5.42 4.46 -12.15
C LEU B 25 -6.57 3.54 -12.47
N LYS B 26 -6.40 2.75 -13.54
CA LYS B 26 -7.43 1.83 -13.96
C LYS B 26 -7.51 0.73 -12.97
N ASN B 27 -8.69 0.08 -12.87
CA ASN B 27 -8.86 -1.01 -11.94
C ASN B 27 -8.27 -2.24 -12.59
N GLU B 28 -6.96 -2.16 -12.90
CA GLU B 28 -6.26 -3.26 -13.48
C GLU B 28 -5.17 -3.62 -12.53
N VAL B 29 -4.75 -4.90 -12.54
CA VAL B 29 -3.72 -5.33 -11.62
C VAL B 29 -2.39 -4.87 -12.16
N GLY B 30 -1.49 -4.45 -11.23
CA GLY B 30 -0.17 -4.01 -11.64
C GLY B 30 -0.17 -2.53 -11.86
N GLY B 31 -1.35 -1.86 -11.78
CA GLY B 31 -1.40 -0.43 -12.00
C GLY B 31 -0.71 0.28 -10.87
N LEU B 32 -0.88 -0.24 -9.64
CA LEU B 32 -0.31 0.37 -8.46
C LEU B 32 1.20 0.34 -8.47
N VAL B 33 1.82 -0.78 -8.92
CA VAL B 33 3.27 -0.87 -8.89
C VAL B 33 3.89 0.15 -9.82
N LYS B 34 3.21 0.49 -10.94
CA LYS B 34 3.78 1.46 -11.86
C LYS B 34 3.79 2.80 -11.20
N ALA B 35 2.73 3.09 -10.43
CA ALA B 35 2.63 4.36 -9.76
C ALA B 35 3.71 4.47 -8.70
N LEU B 36 3.93 3.38 -7.94
CA LEU B 36 4.90 3.39 -6.87
C LEU B 36 6.32 3.38 -7.39
N ARG B 37 6.57 2.78 -8.57
CA ARG B 37 7.93 2.71 -9.09
C ARG B 37 8.41 4.10 -9.39
N LEU B 38 7.47 5.01 -9.69
CA LEU B 38 7.81 6.37 -9.99
C LEU B 38 8.43 7.00 -8.78
N PHE B 39 7.91 6.67 -7.59
CA PHE B 39 8.43 7.22 -6.36
C PHE B 39 9.83 6.69 -6.17
N GLN B 40 10.07 5.42 -6.54
CA GLN B 40 11.37 4.81 -6.39
C GLN B 40 12.37 5.52 -7.26
N GLU B 41 11.96 5.91 -8.49
CA GLU B 41 12.87 6.57 -9.42
C GLU B 41 13.32 7.89 -8.84
N LYS B 42 12.42 8.61 -8.17
CA LYS B 42 12.78 9.89 -7.61
C LYS B 42 13.36 9.70 -6.24
N ARG B 43 13.49 8.44 -5.79
CA ARG B 43 14.05 8.15 -4.48
C ARG B 43 13.20 8.80 -3.42
N VAL B 44 11.87 8.67 -3.54
CA VAL B 44 10.99 9.25 -2.57
C VAL B 44 10.51 8.13 -1.69
N ASN B 45 10.81 8.22 -0.38
CA ASN B 45 10.41 7.19 0.54
C ASN B 45 8.97 7.39 0.88
N MET B 46 8.22 6.27 0.96
CA MET B 46 6.82 6.33 1.29
C MET B 46 6.71 6.16 2.78
N VAL B 47 5.80 6.92 3.42
CA VAL B 47 5.63 6.82 4.85
C VAL B 47 4.27 6.24 5.14
N HIS B 48 3.33 6.36 4.18
CA HIS B 48 2.01 5.83 4.39
C HIS B 48 1.41 5.59 3.05
N ILE B 49 0.66 4.47 2.92
CA ILE B 49 0.05 4.14 1.65
C ILE B 49 -1.26 3.47 1.95
N GLU B 50 -2.30 3.79 1.16
CA GLU B 50 -3.58 3.18 1.36
C GLU B 50 -4.32 3.28 0.05
N SER B 51 -5.19 2.31 -0.23
CA SER B 51 -5.93 2.32 -1.46
C SER B 51 -7.35 1.93 -1.15
N ARG B 52 -8.29 2.27 -2.05
CA ARG B 52 -9.66 1.94 -1.85
C ARG B 52 -10.28 1.76 -3.20
N LYS B 53 -11.33 0.91 -3.28
CA LYS B 53 -12.02 0.68 -4.53
C LYS B 53 -12.96 1.82 -4.77
N SER B 54 -13.41 2.49 -3.67
CA SER B 54 -14.31 3.62 -3.76
C SER B 54 -15.71 3.09 -4.00
N ARG B 55 -15.92 2.39 -5.14
CA ARG B 55 -17.23 1.89 -5.46
C ARG B 55 -17.06 0.43 -5.80
N ARG B 56 -18.19 -0.33 -5.73
CA ARG B 56 -18.14 -1.75 -6.03
C ARG B 56 -17.73 -1.93 -7.46
N ARG B 57 -18.24 -1.06 -8.36
CA ARG B 57 -17.89 -1.17 -9.75
C ARG B 57 -17.41 0.18 -10.18
N SER B 58 -16.18 0.26 -10.71
CA SER B 58 -15.65 1.52 -11.15
C SER B 58 -14.55 1.21 -12.12
N SER B 59 -14.44 2.04 -13.19
CA SER B 59 -13.41 1.83 -14.18
C SER B 59 -12.08 2.17 -13.57
N GLU B 60 -12.04 3.22 -12.73
CA GLU B 60 -10.80 3.63 -12.13
C GLU B 60 -10.97 3.66 -10.64
N VAL B 61 -9.84 3.55 -9.92
CA VAL B 61 -9.88 3.57 -8.47
C VAL B 61 -8.91 4.64 -8.04
N GLU B 62 -9.11 5.17 -6.80
CA GLU B 62 -8.25 6.21 -6.31
C GLU B 62 -7.35 5.63 -5.27
N ILE B 63 -6.04 5.93 -5.38
CA ILE B 63 -5.09 5.43 -4.42
C ILE B 63 -4.38 6.64 -3.85
N PHE B 64 -4.32 6.71 -2.49
CA PHE B 64 -3.71 7.85 -1.84
C PHE B 64 -2.31 7.48 -1.46
N VAL B 65 -1.36 8.40 -1.72
CA VAL B 65 0.02 8.15 -1.38
C VAL B 65 0.51 9.34 -0.60
N ASP B 66 1.11 9.07 0.60
CA ASP B 66 1.61 10.13 1.43
C ASP B 66 3.09 9.91 1.57
N CYS B 67 3.90 10.90 1.13
CA CYS B 67 5.33 10.76 1.22
C CYS B 67 5.90 12.03 1.75
N GLU B 68 7.15 11.97 2.24
CA GLU B 68 7.81 13.15 2.74
C GLU B 68 8.96 13.41 1.82
N CYS B 69 8.98 14.62 1.23
CA CYS B 69 10.04 14.94 0.30
C CYS B 69 9.96 16.42 0.06
N GLY B 70 10.95 16.97 -0.68
CA GLY B 70 10.95 18.39 -0.98
C GLY B 70 9.84 18.64 -1.95
N LYS B 71 9.27 19.86 -1.90
CA LYS B 71 8.16 20.21 -2.77
C LYS B 71 8.61 20.17 -4.21
N THR B 72 9.84 20.64 -4.50
CA THR B 72 10.33 20.65 -5.86
C THR B 72 10.44 19.24 -6.37
N GLU B 73 11.01 18.33 -5.54
CA GLU B 73 11.18 16.95 -5.94
C GLU B 73 9.84 16.32 -6.11
N PHE B 74 8.93 16.66 -5.18
CA PHE B 74 7.59 16.10 -5.19
C PHE B 74 6.89 16.53 -6.47
N ASN B 75 7.04 17.82 -6.85
CA ASN B 75 6.40 18.32 -8.04
C ASN B 75 6.96 17.60 -9.25
N GLU B 76 8.27 17.31 -9.25
CA GLU B 76 8.88 16.62 -10.38
C GLU B 76 8.26 15.25 -10.49
N LEU B 77 7.96 14.61 -9.34
CA LEU B 77 7.38 13.29 -9.35
C LEU B 77 6.01 13.36 -9.99
N ILE B 78 5.23 14.41 -9.63
CA ILE B 78 3.89 14.56 -10.17
C ILE B 78 3.97 14.71 -11.67
N GLN B 79 5.08 15.31 -12.17
CA GLN B 79 5.23 15.49 -13.61
C GLN B 79 5.25 14.14 -14.28
N LEU B 80 5.90 13.14 -13.64
CA LEU B 80 5.97 11.82 -14.23
C LEU B 80 4.66 11.12 -14.02
N LEU B 81 4.05 11.29 -12.84
CA LEU B 81 2.79 10.65 -12.53
C LEU B 81 1.70 11.12 -13.45
N LYS B 82 1.66 12.43 -13.78
CA LYS B 82 0.60 12.94 -14.63
C LYS B 82 0.70 12.36 -16.02
N PHE B 83 1.87 11.80 -16.38
CA PHE B 83 2.02 11.22 -17.70
C PHE B 83 1.16 9.98 -17.76
N GLN B 84 1.16 9.18 -16.68
CA GLN B 84 0.39 7.94 -16.66
C GLN B 84 -1.09 8.23 -16.59
N THR B 85 -1.51 9.26 -15.82
CA THR B 85 -2.93 9.55 -15.73
C THR B 85 -3.07 11.02 -15.49
N THR B 86 -4.26 11.58 -15.78
CA THR B 86 -4.48 12.98 -15.59
C THR B 86 -4.85 13.18 -14.14
N ILE B 87 -4.03 13.96 -13.41
CA ILE B 87 -4.30 14.20 -12.02
C ILE B 87 -4.76 15.62 -11.92
N VAL B 88 -6.02 15.84 -11.48
CA VAL B 88 -6.53 17.19 -11.38
C VAL B 88 -6.88 17.47 -9.95
N THR B 89 -7.33 16.43 -9.20
CA THR B 89 -7.68 16.64 -7.80
C THR B 89 -6.42 16.97 -7.05
N LEU B 90 -5.35 16.16 -7.29
CA LEU B 90 -4.07 16.35 -6.65
C LEU B 90 -4.19 16.03 -5.18
N ASN B 91 -4.95 16.85 -4.42
CA ASN B 91 -5.09 16.61 -3.00
C ASN B 91 -6.35 17.32 -2.59
N PRO B 92 -7.32 16.57 -2.09
CA PRO B 92 -8.58 17.15 -1.64
C PRO B 92 -8.45 17.92 -0.36
N PRO B 93 -9.32 18.87 -0.13
CA PRO B 93 -9.27 19.67 1.09
C PRO B 93 -9.86 18.97 2.27
N GLU B 94 -9.05 18.12 2.91
CA GLU B 94 -9.50 17.37 4.06
C GLU B 94 -9.51 18.29 5.26
N ASN B 95 -8.95 19.50 5.10
CA ASN B 95 -8.90 20.45 6.20
C ASN B 95 -10.13 21.31 6.17
N ILE B 96 -11.06 21.00 5.25
CA ILE B 96 -12.27 21.77 5.15
C ILE B 96 -13.18 21.34 6.27
N TRP B 97 -13.96 22.30 6.82
CA TRP B 97 -14.86 21.99 7.89
C TRP B 97 -16.25 22.23 7.39
N THR B 98 -17.19 21.33 7.75
CA THR B 98 -18.55 21.47 7.31
C THR B 98 -19.42 21.36 8.52
N GLU B 99 -20.64 21.95 8.45
CA GLU B 99 -21.55 21.91 9.57
C GLU B 99 -21.97 20.48 9.79
N GLU B 100 -22.25 19.75 8.67
CA GLU B 100 -22.66 18.37 8.79
C GLU B 100 -21.89 17.58 7.72
N PHE C . 10.07 2.09 2.96
CA PHE C . 9.67 0.99 2.03
C PHE C . 9.39 1.37 0.56
O PHE C . 9.20 2.59 0.29
CB PHE C . 8.40 0.30 2.58
CG PHE C . 7.20 1.20 2.69
CD1 PHE C . 6.31 1.30 1.64
CD2 PHE C . 6.98 1.92 3.84
CE1 PHE C . 5.21 2.12 1.74
CE2 PHE C . 5.88 2.75 3.93
CZ PHE C . 5.00 2.85 2.89
OXT PHE C . 9.36 0.45 -0.30
H1 PHE C . 10.33 1.68 3.88
H2 PHE C . 9.27 2.75 3.08
H3 PHE C . 10.88 2.60 2.57
HA PHE C . 10.49 0.29 2.03
HB2 PHE C . 8.61 -0.10 3.59
HB3 PHE C . 8.12 -0.55 1.92
HD1 PHE C . 6.47 0.74 0.74
HD2 PHE C . 7.67 1.85 4.66
HE1 PHE C . 4.52 2.19 0.92
HE2 PHE C . 5.72 3.31 4.83
HZ PHE C . 4.14 3.49 2.97
N PHE D . -6.52 -2.99 -8.52
CA PHE D . -5.26 -2.21 -8.70
C PHE D . -3.92 -2.97 -8.59
O PHE D . -2.88 -2.40 -9.02
CB PHE D . -5.23 -1.07 -7.66
CG PHE D . -5.24 -1.53 -6.22
CD1 PHE D . -4.05 -1.75 -5.56
CD2 PHE D . -6.43 -1.74 -5.57
CE1 PHE D . -4.05 -2.17 -4.25
CE2 PHE D . -6.43 -2.17 -4.26
CZ PHE D . -5.24 -2.38 -3.60
OXT PHE D . -3.92 -4.12 -8.07
H1 PHE D . -7.34 -2.41 -8.78
H2 PHE D . -6.61 -3.28 -7.52
H3 PHE D . -6.49 -3.85 -9.13
HA PHE D . -5.32 -1.79 -9.69
HB2 PHE D . -6.12 -0.42 -7.79
HB3 PHE D . -4.32 -0.45 -7.80
HD1 PHE D . -3.11 -1.59 -6.06
HD2 PHE D . -7.37 -1.58 -6.08
HE1 PHE D . -3.12 -2.35 -3.74
HE2 PHE D . -7.37 -2.34 -3.75
HZ PHE D . -5.25 -2.72 -2.57
N GLY A 1 -34.05 -27.44 -9.51
CA GLY A 1 -35.28 -26.76 -9.05
C GLY A 1 -35.12 -26.29 -7.64
N PRO A 2 -35.27 -27.22 -6.71
CA PRO A 2 -35.16 -26.92 -5.29
C PRO A 2 -33.74 -26.63 -4.87
N GLY A 3 -32.76 -27.17 -5.63
CA GLY A 3 -31.38 -26.94 -5.30
C GLY A 3 -30.58 -27.49 -6.42
N ASN A 4 -29.28 -27.10 -6.49
CA ASN A 4 -28.44 -27.58 -7.55
C ASN A 4 -27.53 -28.62 -6.95
N LYS A 5 -27.97 -29.90 -6.98
CA LYS A 5 -27.18 -30.98 -6.44
C LYS A 5 -26.98 -30.76 -4.96
N GLY A 6 -25.76 -30.32 -4.57
CA GLY A 6 -25.49 -30.07 -3.16
C GLY A 6 -24.89 -31.31 -2.58
N SER A 7 -24.84 -32.41 -3.36
CA SER A 7 -24.26 -33.64 -2.86
C SER A 7 -22.97 -33.84 -3.58
N SER A 8 -21.86 -33.96 -2.82
CA SER A 8 -20.58 -34.16 -3.43
C SER A 8 -19.71 -34.79 -2.38
N LYS A 9 -18.75 -35.64 -2.82
CA LYS A 9 -17.87 -36.29 -1.87
C LYS A 9 -16.68 -35.39 -1.68
N ARG A 10 -16.78 -34.45 -0.73
CA ARG A 10 -15.69 -33.54 -0.47
C ARG A 10 -15.56 -33.41 1.02
N GLU A 11 -14.34 -33.12 1.49
CA GLU A 11 -14.11 -32.97 2.90
C GLU A 11 -14.51 -31.58 3.27
N ALA A 12 -15.04 -31.40 4.50
CA ALA A 12 -15.47 -30.11 4.94
C ALA A 12 -14.55 -29.68 6.06
N ALA A 13 -14.28 -28.36 6.14
CA ALA A 13 -13.41 -27.85 7.17
C ALA A 13 -14.06 -26.60 7.69
N THR A 14 -13.92 -26.35 9.01
CA THR A 14 -14.52 -25.19 9.60
C THR A 14 -13.55 -24.04 9.49
N GLU A 15 -12.25 -24.34 9.24
CA GLU A 15 -11.27 -23.28 9.13
C GLU A 15 -11.02 -23.05 7.67
N SER A 16 -11.77 -22.11 7.07
CA SER A 16 -11.59 -21.80 5.66
C SER A 16 -10.25 -21.15 5.50
N GLY A 17 -9.89 -20.26 6.45
CA GLY A 17 -8.61 -19.58 6.36
C GLY A 17 -8.81 -18.32 5.58
N LYS A 18 -7.75 -17.49 5.51
CA LYS A 18 -7.84 -16.26 4.77
C LYS A 18 -6.60 -16.19 3.92
N THR A 19 -6.69 -15.44 2.81
CA THR A 19 -5.56 -15.31 1.91
C THR A 19 -4.90 -14.00 2.20
N ALA A 20 -4.39 -13.86 3.44
CA ALA A 20 -3.73 -12.64 3.85
C ALA A 20 -2.33 -13.03 4.23
N VAL A 21 -1.35 -12.15 3.90
CA VAL A 21 0.01 -12.44 4.22
C VAL A 21 0.65 -11.15 4.66
N VAL A 22 1.50 -11.23 5.71
CA VAL A 22 2.17 -10.06 6.22
C VAL A 22 3.53 -10.04 5.58
N PHE A 23 3.89 -8.89 4.97
CA PHE A 23 5.16 -8.79 4.30
C PHE A 23 6.14 -8.10 5.19
N SER A 24 7.41 -8.53 5.07
CA SER A 24 8.49 -7.97 5.84
C SER A 24 9.56 -7.58 4.89
N LEU A 25 10.12 -6.38 5.08
CA LEU A 25 11.16 -5.94 4.19
C LEU A 25 11.89 -4.82 4.88
N LYS A 26 13.01 -4.40 4.27
CA LYS A 26 13.80 -3.32 4.82
C LYS A 26 13.08 -2.04 4.55
N ASN A 27 13.34 -1.02 5.38
CA ASN A 27 12.72 0.26 5.18
C ASN A 27 13.50 0.97 4.10
N GLU A 28 13.57 0.34 2.91
CA GLU A 28 14.27 0.92 1.80
C GLU A 28 13.25 1.20 0.74
N VAL A 29 13.58 2.10 -0.20
CA VAL A 29 12.66 2.45 -1.24
C VAL A 29 12.72 1.38 -2.29
N GLY A 30 11.54 0.85 -2.68
CA GLY A 30 11.49 -0.17 -3.71
C GLY A 30 11.21 -1.49 -3.05
N GLY A 31 11.30 -1.57 -1.71
CA GLY A 31 11.05 -2.82 -1.03
C GLY A 31 9.60 -3.17 -1.17
N LEU A 32 8.72 -2.15 -1.09
CA LEU A 32 7.30 -2.36 -1.17
C LEU A 32 6.90 -2.74 -2.58
N VAL A 33 7.42 -2.05 -3.62
CA VAL A 33 6.99 -2.35 -4.97
C VAL A 33 7.49 -3.69 -5.43
N LYS A 34 8.69 -4.13 -4.98
CA LYS A 34 9.21 -5.40 -5.43
C LYS A 34 8.35 -6.50 -4.87
N ALA A 35 7.74 -6.29 -3.70
CA ALA A 35 6.90 -7.29 -3.12
C ALA A 35 5.60 -7.37 -3.87
N LEU A 36 5.04 -6.18 -4.22
CA LEU A 36 3.75 -6.13 -4.90
C LEU A 36 3.85 -6.56 -6.35
N ARG A 37 5.01 -6.36 -7.00
CA ARG A 37 5.14 -6.69 -8.41
C ARG A 37 4.95 -8.18 -8.61
N LEU A 38 5.26 -8.99 -7.57
CA LEU A 38 5.12 -10.43 -7.70
C LEU A 38 3.65 -10.79 -7.81
N PHE A 39 2.76 -9.96 -7.24
CA PHE A 39 1.34 -10.25 -7.31
C PHE A 39 0.91 -10.18 -8.76
N GLN A 40 1.51 -9.23 -9.51
CA GLN A 40 1.17 -9.06 -10.91
C GLN A 40 1.58 -10.29 -11.68
N GLU A 41 2.70 -10.92 -11.29
CA GLU A 41 3.19 -12.10 -12.00
C GLU A 41 2.17 -13.20 -11.93
N LYS A 42 1.53 -13.36 -10.77
CA LYS A 42 0.55 -14.43 -10.61
C LYS A 42 -0.82 -13.92 -10.99
N ARG A 43 -0.93 -12.63 -11.36
CA ARG A 43 -2.21 -12.07 -11.75
C ARG A 43 -3.12 -12.07 -10.55
N VAL A 44 -2.60 -11.63 -9.39
CA VAL A 44 -3.40 -11.60 -8.20
C VAL A 44 -3.66 -10.15 -7.88
N ASN A 45 -4.94 -9.79 -7.70
CA ASN A 45 -5.28 -8.42 -7.42
C ASN A 45 -5.17 -8.22 -5.93
N MET A 46 -5.19 -6.94 -5.50
CA MET A 46 -5.11 -6.62 -4.11
C MET A 46 -6.37 -5.89 -3.75
N VAL A 47 -6.92 -6.14 -2.54
CA VAL A 47 -8.15 -5.49 -2.15
C VAL A 47 -7.85 -4.51 -1.04
N HIS A 48 -6.73 -4.69 -0.33
CA HIS A 48 -6.41 -3.79 0.74
C HIS A 48 -4.93 -3.83 0.96
N ILE A 49 -4.34 -2.66 1.28
CA ILE A 49 -2.93 -2.59 1.51
C ILE A 49 -2.70 -1.55 2.56
N GLU A 50 -1.80 -1.83 3.52
CA GLU A 50 -1.53 -0.87 4.56
C GLU A 50 -0.13 -1.13 5.03
N SER A 51 0.66 -0.04 5.22
CA SER A 51 2.02 -0.20 5.67
C SER A 51 2.08 0.34 7.06
N ARG A 52 2.94 -0.27 7.92
CA ARG A 52 3.06 0.16 9.28
C ARG A 52 4.53 0.31 9.58
N LYS A 53 4.85 1.24 10.51
CA LYS A 53 6.23 1.46 10.88
C LYS A 53 6.58 0.46 11.95
N SER A 54 7.87 0.44 12.34
CA SER A 54 8.33 -0.49 13.34
C SER A 54 7.78 -0.06 14.68
N ARG A 55 7.81 -1.00 15.66
CA ARG A 55 7.29 -0.73 16.98
C ARG A 55 8.08 0.39 17.60
N ARG A 56 9.43 0.32 17.50
CA ARG A 56 10.24 1.37 18.09
C ARG A 56 11.35 1.68 17.13
N ARG A 57 12.40 0.84 17.11
CA ARG A 57 13.51 1.07 16.22
C ARG A 57 13.80 -0.22 15.51
N SER A 58 13.80 -0.17 14.17
CA SER A 58 14.09 -1.35 13.41
C SER A 58 14.39 -0.89 12.01
N SER A 59 15.23 -1.67 11.29
CA SER A 59 15.58 -1.32 9.93
C SER A 59 14.56 -1.93 9.02
N GLU A 60 13.64 -2.74 9.57
CA GLU A 60 12.64 -3.39 8.77
C GLU A 60 11.30 -2.88 9.20
N VAL A 61 10.33 -2.96 8.25
CA VAL A 61 8.98 -2.51 8.51
C VAL A 61 8.07 -3.62 8.09
N GLU A 62 6.81 -3.60 8.59
CA GLU A 62 5.86 -4.62 8.24
C GLU A 62 4.80 -4.00 7.37
N ILE A 63 4.45 -4.69 6.28
CA ILE A 63 3.44 -4.19 5.38
C ILE A 63 2.38 -5.25 5.28
N PHE A 64 1.11 -4.87 5.50
CA PHE A 64 0.02 -5.81 5.47
C PHE A 64 -0.63 -5.71 4.13
N VAL A 65 -0.79 -6.88 3.45
CA VAL A 65 -1.41 -6.89 2.15
C VAL A 65 -2.52 -7.90 2.19
N ASP A 66 -3.73 -7.48 1.76
CA ASP A 66 -4.86 -8.37 1.75
C ASP A 66 -5.22 -8.58 0.31
N CYS A 67 -5.47 -9.84 -0.09
CA CYS A 67 -5.80 -10.12 -1.47
C CYS A 67 -6.73 -11.28 -1.51
N GLU A 68 -7.42 -11.44 -2.66
CA GLU A 68 -8.32 -12.54 -2.83
C GLU A 68 -7.79 -13.36 -3.96
N CYS A 69 -7.55 -14.65 -3.70
CA CYS A 69 -7.01 -15.50 -4.73
C CYS A 69 -7.22 -16.92 -4.31
N GLY A 70 -6.91 -17.88 -5.21
CA GLY A 70 -7.09 -19.28 -4.90
C GLY A 70 -6.03 -19.68 -3.91
N LYS A 71 -6.27 -20.80 -3.19
CA LYS A 71 -5.32 -21.27 -2.20
C LYS A 71 -4.04 -21.65 -2.87
N THR A 72 -4.13 -22.29 -4.06
CA THR A 72 -2.94 -22.71 -4.77
C THR A 72 -2.18 -21.50 -5.22
N GLU A 73 -2.90 -20.49 -5.74
CA GLU A 73 -2.27 -19.28 -6.23
C GLU A 73 -1.59 -18.58 -5.09
N PHE A 74 -2.29 -18.56 -3.95
CA PHE A 74 -1.76 -17.91 -2.76
C PHE A 74 -0.48 -18.59 -2.34
N ASN A 75 -0.50 -19.94 -2.26
CA ASN A 75 0.66 -20.67 -1.84
C ASN A 75 1.78 -20.49 -2.83
N GLU A 76 1.47 -20.51 -4.15
CA GLU A 76 2.51 -20.36 -5.15
C GLU A 76 3.13 -19.00 -5.05
N LEU A 77 2.31 -17.96 -4.80
CA LEU A 77 2.82 -16.61 -4.72
C LEU A 77 3.80 -16.50 -3.58
N ILE A 78 3.44 -17.07 -2.42
CA ILE A 78 4.30 -17.01 -1.26
C ILE A 78 5.57 -17.80 -1.53
N GLN A 79 5.48 -18.90 -2.29
CA GLN A 79 6.65 -19.70 -2.59
C GLN A 79 7.64 -18.87 -3.39
N LEU A 80 7.13 -18.05 -4.33
CA LEU A 80 8.01 -17.23 -5.15
C LEU A 80 8.59 -16.15 -4.29
N LEU A 81 7.76 -15.60 -3.38
CA LEU A 81 8.20 -14.55 -2.49
C LEU A 81 9.28 -15.10 -1.58
N LYS A 82 9.12 -16.38 -1.16
CA LYS A 82 10.03 -17.03 -0.25
C LYS A 82 11.46 -16.97 -0.75
N PHE A 83 11.67 -16.88 -2.08
CA PHE A 83 13.01 -16.86 -2.61
C PHE A 83 13.76 -15.69 -2.03
N GLN A 84 13.08 -14.54 -1.84
CA GLN A 84 13.73 -13.38 -1.27
C GLN A 84 13.06 -13.11 0.05
N THR A 85 12.50 -14.19 0.67
CA THR A 85 11.80 -14.08 1.94
C THR A 85 10.66 -13.13 1.75
N THR A 86 10.83 -11.87 2.22
CA THR A 86 9.82 -10.86 2.11
C THR A 86 8.68 -11.21 3.04
N ILE A 87 8.67 -12.45 3.58
CA ILE A 87 7.61 -12.85 4.47
C ILE A 87 8.25 -13.46 5.68
N VAL A 88 8.59 -12.64 6.70
CA VAL A 88 9.18 -13.17 7.91
C VAL A 88 8.11 -13.93 8.64
N THR A 89 6.90 -13.33 8.73
CA THR A 89 5.80 -13.97 9.41
C THR A 89 4.67 -14.03 8.43
N LEU A 90 4.13 -15.24 8.18
CA LEU A 90 3.06 -15.39 7.23
C LEU A 90 1.83 -14.68 7.75
N ASN A 91 1.51 -14.87 9.05
CA ASN A 91 0.34 -14.24 9.60
C ASN A 91 0.56 -14.13 11.10
N PRO A 92 -0.09 -13.17 11.71
CA PRO A 92 0.04 -12.96 13.14
C PRO A 92 -0.66 -14.01 13.95
N PRO A 93 -0.21 -14.27 15.15
CA PRO A 93 -0.80 -15.28 16.01
C PRO A 93 -2.03 -14.79 16.71
N GLU A 94 -3.20 -15.02 16.07
CA GLU A 94 -4.46 -14.60 16.63
C GLU A 94 -4.87 -15.61 17.68
N ASN A 95 -4.07 -16.68 17.87
CA ASN A 95 -4.40 -17.70 18.83
C ASN A 95 -3.64 -17.45 20.09
N ILE A 96 -3.52 -16.18 20.50
CA ILE A 96 -2.83 -15.86 21.71
C ILE A 96 -3.86 -15.54 22.76
N TRP A 97 -3.45 -15.63 24.05
CA TRP A 97 -4.37 -15.36 25.12
C TRP A 97 -3.74 -14.32 25.99
N THR A 98 -4.57 -13.47 26.62
CA THR A 98 -4.06 -12.43 27.48
C THR A 98 -4.81 -12.53 28.77
N GLU A 99 -4.30 -11.87 29.84
CA GLU A 99 -4.95 -11.91 31.12
C GLU A 99 -6.23 -11.10 31.07
N GLU A 100 -6.39 -10.27 30.02
CA GLU A 100 -7.59 -9.47 29.91
C GLU A 100 -8.70 -10.35 29.31
N GLY B 1 32.19 19.29 -14.11
CA GLY B 1 32.31 19.52 -15.57
C GLY B 1 32.00 20.96 -15.91
N PRO B 2 32.17 21.27 -17.17
CA PRO B 2 31.94 22.61 -17.67
C PRO B 2 30.48 23.00 -17.66
N GLY B 3 29.59 21.99 -17.67
CA GLY B 3 28.17 22.27 -17.68
C GLY B 3 27.71 22.38 -16.25
N ASN B 4 28.63 22.17 -15.30
CA ASN B 4 28.29 22.25 -13.90
C ASN B 4 28.84 23.55 -13.37
N LYS B 5 29.26 24.45 -14.29
CA LYS B 5 29.82 25.72 -13.89
C LYS B 5 28.75 26.49 -13.15
N GLY B 6 27.50 26.45 -13.67
CA GLY B 6 26.44 27.16 -13.02
C GLY B 6 25.81 26.21 -12.03
N SER B 7 25.70 26.65 -10.77
CA SER B 7 25.12 25.81 -9.76
C SER B 7 24.60 26.73 -8.70
N SER B 8 23.51 26.33 -8.01
CA SER B 8 22.95 27.15 -6.99
C SER B 8 22.26 26.24 -6.01
N LYS B 9 22.03 26.75 -4.78
CA LYS B 9 21.37 25.96 -3.78
C LYS B 9 20.51 26.90 -3.00
N ARG B 10 19.26 26.47 -2.69
CA ARG B 10 18.35 27.31 -1.95
C ARG B 10 17.87 26.51 -0.78
N GLU B 11 17.59 27.21 0.35
CA GLU B 11 17.11 26.53 1.52
C GLU B 11 15.62 26.64 1.53
N ALA B 12 14.94 25.49 1.71
CA ALA B 12 13.51 25.49 1.72
C ALA B 12 13.08 24.39 2.64
N ALA B 13 11.81 24.47 3.12
CA ALA B 13 11.32 23.47 4.02
C ALA B 13 9.93 23.14 3.57
N THR B 14 9.48 21.89 3.84
CA THR B 14 8.15 21.48 3.43
C THR B 14 7.21 21.90 4.51
N GLU B 15 6.87 23.21 4.55
CA GLU B 15 5.95 23.71 5.54
C GLU B 15 4.98 24.61 4.86
N SER B 16 5.04 24.70 3.51
CA SER B 16 4.15 25.56 2.78
C SER B 16 2.97 24.74 2.32
N GLY B 17 2.98 23.43 2.62
CA GLY B 17 1.90 22.59 2.20
C GLY B 17 2.28 21.19 2.54
N LYS B 18 1.51 20.21 2.02
CA LYS B 18 1.80 18.83 2.29
C LYS B 18 2.19 18.20 0.99
N THR B 19 3.00 17.12 1.07
CA THR B 19 3.44 16.44 -0.12
C THR B 19 2.62 15.19 -0.26
N ALA B 20 1.30 15.37 -0.44
CA ALA B 20 0.41 14.25 -0.58
C ALA B 20 -0.20 14.35 -1.94
N VAL B 21 -0.40 13.19 -2.60
CA VAL B 21 -0.99 13.20 -3.91
C VAL B 21 -1.92 12.02 -3.98
N VAL B 22 -3.11 12.22 -4.60
CA VAL B 22 -4.08 11.17 -4.72
C VAL B 22 -3.89 10.57 -6.07
N PHE B 23 -3.71 9.23 -6.13
CA PHE B 23 -3.49 8.58 -7.39
C PHE B 23 -4.77 8.00 -7.91
N SER B 24 -4.89 8.00 -9.24
CA SER B 24 -6.06 7.48 -9.91
C SER B 24 -5.58 6.52 -10.94
N LEU B 25 -6.22 5.34 -11.01
CA LEU B 25 -5.81 4.37 -11.97
C LEU B 25 -6.94 3.40 -12.13
N LYS B 26 -6.82 2.53 -13.16
CA LYS B 26 -7.83 1.54 -13.42
C LYS B 26 -7.72 0.47 -12.37
N ASN B 27 -8.83 -0.24 -12.12
CA ASN B 27 -8.81 -1.30 -11.15
C ASN B 27 -8.23 -2.50 -11.83
N GLU B 28 -6.98 -2.35 -12.32
CA GLU B 28 -6.30 -3.44 -12.98
C GLU B 28 -5.11 -3.78 -12.14
N VAL B 29 -4.57 -5.00 -12.31
CA VAL B 29 -3.43 -5.42 -11.53
C VAL B 29 -2.20 -4.81 -12.14
N GLY B 30 -1.37 -4.17 -11.28
CA GLY B 30 -0.14 -3.57 -11.76
C GLY B 30 -0.32 -2.09 -11.84
N GLY B 31 -1.57 -1.59 -11.72
CA GLY B 31 -1.81 -0.17 -11.78
C GLY B 31 -1.18 0.49 -10.59
N LEU B 32 -1.30 -0.17 -9.43
CA LEU B 32 -0.76 0.37 -8.20
C LEU B 32 0.76 0.36 -8.21
N VAL B 33 1.38 -0.77 -8.64
CA VAL B 33 2.83 -0.85 -8.58
C VAL B 33 3.47 0.07 -9.59
N LYS B 34 2.84 0.29 -10.77
CA LYS B 34 3.46 1.15 -11.75
C LYS B 34 3.48 2.57 -11.24
N ALA B 35 2.51 2.93 -10.37
CA ALA B 35 2.48 4.27 -9.84
C ALA B 35 3.57 4.41 -8.80
N LEU B 36 3.73 3.38 -7.95
CA LEU B 36 4.70 3.43 -6.87
C LEU B 36 6.12 3.29 -7.37
N ARG B 37 6.34 2.58 -8.50
CA ARG B 37 7.70 2.37 -8.99
C ARG B 37 8.33 3.69 -9.34
N LEU B 38 7.50 4.69 -9.70
CA LEU B 38 8.02 5.98 -10.09
C LEU B 38 8.65 6.66 -8.89
N PHE B 39 8.14 6.35 -7.67
CA PHE B 39 8.68 6.96 -6.47
C PHE B 39 10.12 6.52 -6.32
N GLN B 40 10.40 5.25 -6.68
CA GLN B 40 11.73 4.71 -6.57
C GLN B 40 12.66 5.45 -7.51
N GLU B 41 12.16 5.85 -8.70
CA GLU B 41 12.99 6.53 -9.67
C GLU B 41 13.49 7.83 -9.09
N LYS B 42 12.65 8.55 -8.33
CA LYS B 42 13.05 9.81 -7.77
C LYS B 42 13.65 9.59 -6.40
N ARG B 43 13.69 8.32 -5.93
CA ARG B 43 14.26 8.02 -4.63
C ARG B 43 13.42 8.67 -3.56
N VAL B 44 12.08 8.54 -3.69
CA VAL B 44 11.20 9.13 -2.72
C VAL B 44 10.59 7.99 -1.93
N ASN B 45 10.69 8.05 -0.60
CA ASN B 45 10.15 7.00 0.23
C ASN B 45 8.69 7.30 0.47
N MET B 46 7.96 6.30 0.99
CA MET B 46 6.56 6.47 1.28
C MET B 46 6.41 6.26 2.75
N VAL B 47 5.50 7.04 3.40
CA VAL B 47 5.32 6.89 4.82
C VAL B 47 3.95 6.31 5.09
N HIS B 48 3.02 6.44 4.12
CA HIS B 48 1.71 5.89 4.33
C HIS B 48 1.11 5.62 2.99
N ILE B 49 0.34 4.51 2.89
CA ILE B 49 -0.29 4.15 1.65
C ILE B 49 -1.59 3.50 2.00
N GLU B 50 -2.67 3.85 1.24
CA GLU B 50 -3.95 3.26 1.50
C GLU B 50 -4.71 3.28 0.21
N SER B 51 -5.40 2.17 -0.11
CA SER B 51 -6.15 2.11 -1.34
C SER B 51 -7.60 2.08 -0.96
N ARG B 52 -8.46 2.70 -1.80
CA ARG B 52 -9.87 2.73 -1.51
C ARG B 52 -10.60 2.33 -2.76
N LYS B 53 -11.79 1.72 -2.59
CA LYS B 53 -12.58 1.28 -3.71
C LYS B 53 -13.39 2.45 -4.18
N SER B 54 -14.11 2.26 -5.31
CA SER B 54 -14.91 3.33 -5.86
C SER B 54 -16.10 3.54 -4.97
N ARG B 55 -16.76 4.71 -5.13
CA ARG B 55 -17.92 5.05 -4.32
C ARG B 55 -19.01 4.04 -4.56
N ARG B 56 -19.28 3.71 -5.83
CA ARG B 56 -20.32 2.76 -6.13
C ARG B 56 -19.83 1.85 -7.22
N ARG B 57 -19.88 2.34 -8.49
CA ARG B 57 -19.43 1.52 -9.59
C ARG B 57 -18.52 2.38 -10.42
N SER B 58 -17.29 1.88 -10.66
CA SER B 58 -16.35 2.61 -11.46
C SER B 58 -15.27 1.64 -11.84
N SER B 59 -14.63 1.87 -13.00
CA SER B 59 -13.58 1.00 -13.46
C SER B 59 -12.28 1.51 -12.89
N GLU B 60 -12.33 2.67 -12.22
CA GLU B 60 -11.14 3.25 -11.66
C GLU B 60 -11.27 3.30 -10.17
N VAL B 61 -10.12 3.29 -9.47
CA VAL B 61 -10.12 3.34 -8.03
C VAL B 61 -9.17 4.44 -7.62
N GLU B 62 -9.29 4.92 -6.37
CA GLU B 62 -8.43 5.98 -5.91
C GLU B 62 -7.50 5.40 -4.89
N ILE B 63 -6.20 5.74 -4.99
CA ILE B 63 -5.23 5.24 -4.06
C ILE B 63 -4.55 6.44 -3.46
N PHE B 64 -4.51 6.51 -2.11
CA PHE B 64 -3.92 7.64 -1.43
C PHE B 64 -2.52 7.26 -1.04
N VAL B 65 -1.54 8.12 -1.41
CA VAL B 65 -0.17 7.86 -1.09
C VAL B 65 0.37 9.07 -0.38
N ASP B 66 0.99 8.87 0.80
CA ASP B 66 1.56 9.97 1.54
C ASP B 66 3.04 9.75 1.54
N CYS B 67 3.82 10.82 1.27
CA CYS B 67 5.24 10.69 1.22
C CYS B 67 5.86 11.98 1.69
N GLU B 68 7.15 11.91 2.06
CA GLU B 68 7.86 13.09 2.51
C GLU B 68 8.97 13.31 1.53
N CYS B 69 9.01 14.50 0.91
CA CYS B 69 10.02 14.79 -0.05
C CYS B 69 10.06 16.27 -0.25
N GLY B 70 11.06 16.76 -1.02
CA GLY B 70 11.19 18.18 -1.27
C GLY B 70 10.10 18.58 -2.22
N LYS B 71 9.79 19.90 -2.25
CA LYS B 71 8.75 20.41 -3.11
C LYS B 71 9.13 20.17 -4.55
N THR B 72 10.41 20.39 -4.89
CA THR B 72 10.86 20.20 -6.26
C THR B 72 10.73 18.75 -6.63
N GLU B 73 11.16 17.85 -5.71
CA GLU B 73 11.10 16.43 -5.98
C GLU B 73 9.68 16.01 -6.16
N PHE B 74 8.81 16.56 -5.30
CA PHE B 74 7.39 16.24 -5.35
C PHE B 74 6.84 16.65 -6.70
N ASN B 75 7.13 17.90 -7.12
CA ASN B 75 6.61 18.40 -8.37
C ASN B 75 7.16 17.59 -9.52
N GLU B 76 8.47 17.24 -9.48
CA GLU B 76 9.07 16.50 -10.57
C GLU B 76 8.44 15.13 -10.66
N LEU B 77 8.17 14.50 -9.50
CA LEU B 77 7.59 13.17 -9.50
C LEU B 77 6.24 13.21 -10.17
N ILE B 78 5.42 14.22 -9.82
CA ILE B 78 4.09 14.32 -10.38
C ILE B 78 4.19 14.61 -11.87
N GLN B 79 5.22 15.37 -12.30
CA GLN B 79 5.36 15.69 -13.71
C GLN B 79 5.60 14.41 -14.48
N LEU B 80 6.40 13.48 -13.90
CA LEU B 80 6.69 12.24 -14.60
C LEU B 80 5.45 11.39 -14.61
N LEU B 81 4.70 11.42 -13.49
CA LEU B 81 3.48 10.67 -13.38
C LEU B 81 2.47 11.19 -14.39
N LYS B 82 2.48 12.53 -14.60
CA LYS B 82 1.54 13.19 -15.49
C LYS B 82 1.60 12.61 -16.88
N PHE B 83 2.74 12.01 -17.30
CA PHE B 83 2.84 11.46 -18.62
C PHE B 83 1.78 10.40 -18.81
N GLN B 84 1.50 9.60 -17.76
CA GLN B 84 0.48 8.58 -17.87
C GLN B 84 -0.63 8.97 -16.92
N THR B 85 -0.76 10.29 -16.66
CA THR B 85 -1.75 10.81 -15.74
C THR B 85 -1.52 10.18 -14.40
N THR B 86 -2.35 9.16 -14.05
CA THR B 86 -2.23 8.47 -12.79
C THR B 86 -2.67 9.41 -11.69
N ILE B 87 -2.84 10.72 -12.00
CA ILE B 87 -3.24 11.66 -10.99
C ILE B 87 -4.38 12.46 -11.56
N VAL B 88 -5.63 11.98 -11.40
CA VAL B 88 -6.77 12.71 -11.90
C VAL B 88 -6.95 13.93 -11.02
N THR B 89 -6.83 13.73 -9.70
CA THR B 89 -6.98 14.82 -8.77
C THR B 89 -5.73 14.84 -7.94
N LEU B 90 -5.03 16.00 -7.90
CA LEU B 90 -3.80 16.09 -7.13
C LEU B 90 -4.12 15.96 -5.67
N ASN B 91 -5.17 16.67 -5.20
CA ASN B 91 -5.54 16.61 -3.81
C ASN B 91 -6.82 17.40 -3.60
N PRO B 92 -6.85 18.67 -4.03
CA PRO B 92 -8.05 19.50 -3.86
C PRO B 92 -9.25 18.94 -4.56
N PRO B 93 -10.43 19.10 -4.00
CA PRO B 93 -11.65 18.60 -4.59
C PRO B 93 -12.08 19.38 -5.80
N GLU B 94 -12.95 18.77 -6.64
CA GLU B 94 -13.43 19.43 -7.82
C GLU B 94 -14.49 20.43 -7.46
N ASN B 95 -14.80 20.56 -6.14
CA ASN B 95 -15.82 21.48 -5.72
C ASN B 95 -15.18 22.82 -5.44
N ILE B 96 -13.84 22.92 -5.59
CA ILE B 96 -13.16 24.17 -5.35
C ILE B 96 -13.64 25.18 -6.35
N TRP B 97 -13.75 24.78 -7.63
CA TRP B 97 -14.19 25.69 -8.66
C TRP B 97 -14.98 24.91 -9.66
N THR B 98 -15.86 25.61 -10.41
CA THR B 98 -16.67 24.97 -11.41
C THR B 98 -16.58 25.79 -12.66
N GLU B 99 -17.09 25.23 -13.78
CA GLU B 99 -17.04 25.94 -15.04
C GLU B 99 -17.98 27.13 -14.98
N GLU B 100 -18.89 27.16 -14.00
CA GLU B 100 -19.81 28.26 -13.89
C GLU B 100 -19.12 29.38 -13.11
N PHE C . 9.63 2.98 3.15
CA PHE C . 9.42 1.87 2.18
C PHE C . 9.11 2.25 0.72
O PHE C . 9.11 1.34 -0.14
CB PHE C . 8.27 0.98 2.69
CG PHE C . 6.95 1.68 2.84
CD1 PHE C . 6.06 1.74 1.78
CD2 PHE C . 6.61 2.28 4.03
CE1 PHE C . 4.86 2.38 1.92
CE2 PHE C . 5.41 2.93 4.16
CZ PHE C . 4.53 2.98 3.11
OXT PHE C . 8.87 3.46 0.45
H1 PHE C . 9.91 2.60 4.08
H2 PHE C . 8.74 3.52 3.26
H3 PHE C . 10.38 3.62 2.80
HA PHE C . 10.34 1.31 2.18
HB2 PHE C . 8.53 0.56 3.69
HB3 PHE C . 8.10 0.14 1.98
HD1 PHE C . 6.31 1.26 0.85
HD2 PHE C . 7.30 2.25 4.86
HE1 PHE C . 4.17 2.41 1.09
HE2 PHE C . 5.16 3.40 5.10
HZ PHE C . 3.58 3.49 3.22
N PHE D . -6.82 -3.67 -7.75
CA PHE D . -5.57 -2.94 -8.13
C PHE D . -4.24 -3.69 -7.98
O PHE D . -3.20 -3.15 -8.44
CB PHE D . -5.47 -1.64 -7.29
CG PHE D . -5.41 -1.88 -5.81
CD1 PHE D . -4.20 -2.03 -5.16
CD2 PHE D . -6.58 -1.92 -5.06
CE1 PHE D . -4.15 -2.24 -3.80
CE2 PHE D . -6.53 -2.13 -3.70
CZ PHE D . -5.32 -2.29 -3.07
OXT PHE D . -4.25 -4.82 -7.41
H1 PHE D . -6.80 -3.88 -6.73
H2 PHE D . -6.87 -4.56 -8.29
H3 PHE D . -7.65 -3.08 -7.97
HA PHE D . -5.69 -2.67 -9.17
HB2 PHE D . -6.35 -1.00 -7.48
HB3 PHE D . -4.56 -1.08 -7.56
HD1 PHE D . -3.29 -1.99 -5.73
HD2 PHE D . -7.53 -1.80 -5.54
HE1 PHE D . -3.20 -2.37 -3.31
HE2 PHE D . -7.45 -2.17 -3.13
HZ PHE D . -5.28 -2.46 -2.01
N GLY A 1 -10.98 -2.80 32.44
CA GLY A 1 -10.25 -3.56 33.49
C GLY A 1 -9.25 -4.49 32.88
N PRO A 2 -8.15 -3.93 32.44
CA PRO A 2 -7.08 -4.69 31.83
C PRO A 2 -6.19 -5.38 32.83
N GLY A 3 -6.76 -6.31 33.60
CA GLY A 3 -5.99 -7.02 34.59
C GLY A 3 -5.46 -8.28 33.97
N ASN A 4 -5.81 -8.51 32.69
CA ASN A 4 -5.34 -9.69 32.00
C ASN A 4 -4.17 -9.28 31.16
N LYS A 5 -3.09 -10.09 31.21
CA LYS A 5 -1.92 -9.77 30.44
C LYS A 5 -1.68 -10.92 29.52
N GLY A 6 -1.14 -10.62 28.31
CA GLY A 6 -0.88 -11.66 27.35
C GLY A 6 -0.24 -11.01 26.18
N SER A 7 0.10 -11.82 25.15
CA SER A 7 0.72 -11.29 23.97
C SER A 7 0.38 -12.21 22.85
N SER A 8 0.28 -11.67 21.62
CA SER A 8 -0.03 -12.50 20.48
C SER A 8 1.26 -13.00 19.91
N LYS A 9 1.59 -14.26 20.24
CA LYS A 9 2.81 -14.85 19.74
C LYS A 9 2.50 -16.25 19.32
N ARG A 10 3.24 -16.76 18.32
CA ARG A 10 3.05 -18.11 17.82
C ARG A 10 1.71 -18.19 17.15
N GLU A 11 1.39 -17.20 16.29
CA GLU A 11 0.13 -17.20 15.59
C GLU A 11 0.45 -17.46 14.15
N ALA A 12 0.18 -18.69 13.69
CA ALA A 12 0.43 -19.04 12.32
C ALA A 12 -0.43 -20.21 12.00
N ALA A 13 -0.76 -20.41 10.71
CA ALA A 13 -1.57 -21.52 10.33
C ALA A 13 -1.20 -21.86 8.91
N THR A 14 -1.38 -23.15 8.54
CA THR A 14 -1.06 -23.58 7.20
C THR A 14 -2.28 -23.44 6.35
N GLU A 15 -3.45 -23.23 6.99
CA GLU A 15 -4.67 -23.08 6.26
C GLU A 15 -5.38 -21.89 6.83
N SER A 16 -6.08 -21.12 5.96
CA SER A 16 -6.80 -19.97 6.43
C SER A 16 -7.97 -19.81 5.52
N GLY A 17 -9.07 -19.23 6.05
CA GLY A 17 -10.26 -19.04 5.27
C GLY A 17 -10.14 -17.75 4.51
N LYS A 18 -9.06 -16.98 4.78
CA LYS A 18 -8.87 -15.73 4.09
C LYS A 18 -7.49 -15.76 3.50
N THR A 19 -7.30 -15.03 2.40
CA THR A 19 -6.01 -15.00 1.75
C THR A 19 -5.37 -13.68 2.04
N ALA A 20 -4.57 -13.63 3.12
CA ALA A 20 -3.90 -12.41 3.49
C ALA A 20 -2.56 -12.83 4.03
N VAL A 21 -1.54 -11.97 3.89
CA VAL A 21 -0.24 -12.34 4.38
C VAL A 21 0.41 -11.11 4.93
N VAL A 22 1.19 -11.31 6.02
CA VAL A 22 1.89 -10.22 6.65
C VAL A 22 3.34 -10.57 6.52
N PHE A 23 4.16 -9.63 6.00
CA PHE A 23 5.55 -9.92 5.83
C PHE A 23 6.33 -8.67 6.04
N SER A 24 7.64 -8.83 6.30
CA SER A 24 8.51 -7.70 6.56
C SER A 24 9.46 -7.57 5.42
N LEU A 25 9.87 -6.31 5.15
CA LEU A 25 10.80 -6.07 4.09
C LEU A 25 11.68 -4.95 4.56
N LYS A 26 12.79 -4.69 3.81
CA LYS A 26 13.71 -3.65 4.19
C LYS A 26 13.06 -2.32 3.97
N ASN A 27 13.41 -1.34 4.83
CA ASN A 27 12.85 -0.02 4.68
C ASN A 27 13.65 0.68 3.63
N GLU A 28 13.65 0.12 2.41
CA GLU A 28 14.37 0.71 1.32
C GLU A 28 13.35 1.03 0.26
N VAL A 29 13.65 2.01 -0.61
CA VAL A 29 12.72 2.37 -1.64
C VAL A 29 12.72 1.28 -2.68
N GLY A 30 11.51 0.91 -3.16
CA GLY A 30 11.41 -0.12 -4.16
C GLY A 30 11.15 -1.43 -3.48
N GLY A 31 11.22 -1.46 -2.13
CA GLY A 31 10.98 -2.70 -1.41
C GLY A 31 9.53 -3.08 -1.58
N LEU A 32 8.63 -2.08 -1.54
CA LEU A 32 7.23 -2.33 -1.65
C LEU A 32 6.87 -2.78 -3.06
N VAL A 33 7.41 -2.11 -4.10
CA VAL A 33 7.04 -2.47 -5.46
C VAL A 33 7.59 -3.82 -5.83
N LYS A 34 8.80 -4.19 -5.33
CA LYS A 34 9.35 -5.49 -5.69
C LYS A 34 8.54 -6.56 -5.02
N ALA A 35 7.98 -6.28 -3.84
CA ALA A 35 7.18 -7.27 -3.16
C ALA A 35 5.87 -7.44 -3.87
N LEU A 36 5.25 -6.31 -4.27
CA LEU A 36 3.96 -6.35 -4.93
C LEU A 36 4.07 -6.85 -6.35
N ARG A 37 5.24 -6.66 -7.02
CA ARG A 37 5.39 -7.10 -8.40
C ARG A 37 5.24 -8.59 -8.45
N LEU A 38 5.52 -9.27 -7.32
CA LEU A 38 5.42 -10.70 -7.26
C LEU A 38 3.99 -11.10 -7.53
N PHE A 39 3.04 -10.30 -7.01
CA PHE A 39 1.64 -10.60 -7.20
C PHE A 39 1.29 -10.35 -8.65
N GLN A 40 1.92 -9.34 -9.28
CA GLN A 40 1.66 -9.00 -10.66
C GLN A 40 2.07 -10.14 -11.56
N GLU A 41 3.17 -10.82 -11.23
CA GLU A 41 3.67 -11.90 -12.07
C GLU A 41 2.64 -12.98 -12.20
N LYS A 42 1.92 -13.30 -11.10
CA LYS A 42 0.92 -14.34 -11.17
C LYS A 42 -0.42 -13.74 -11.50
N ARG A 43 -0.45 -12.42 -11.83
CA ARG A 43 -1.68 -11.75 -12.19
C ARG A 43 -2.64 -11.78 -11.02
N VAL A 44 -2.13 -11.49 -9.80
CA VAL A 44 -2.98 -11.47 -8.65
C VAL A 44 -3.14 -10.03 -8.26
N ASN A 45 -4.39 -9.54 -8.24
CA ASN A 45 -4.61 -8.16 -7.87
C ASN A 45 -4.73 -8.09 -6.38
N MET A 46 -4.69 -6.85 -5.84
CA MET A 46 -4.79 -6.66 -4.42
C MET A 46 -6.07 -5.93 -4.17
N VAL A 47 -6.71 -6.17 -3.00
CA VAL A 47 -7.96 -5.51 -2.70
C VAL A 47 -7.73 -4.51 -1.60
N HIS A 48 -6.64 -4.67 -0.82
CA HIS A 48 -6.37 -3.75 0.23
C HIS A 48 -4.91 -3.81 0.54
N ILE A 49 -4.31 -2.66 0.90
CA ILE A 49 -2.91 -2.62 1.21
C ILE A 49 -2.72 -1.56 2.26
N GLU A 50 -1.84 -1.85 3.24
CA GLU A 50 -1.59 -0.89 4.28
C GLU A 50 -0.17 -1.10 4.72
N SER A 51 0.58 0.00 4.90
CA SER A 51 1.96 -0.11 5.32
C SER A 51 2.08 0.60 6.63
N ARG A 52 2.92 0.05 7.54
CA ARG A 52 3.12 0.68 8.81
C ARG A 52 4.59 0.78 9.02
N LYS A 53 5.03 1.88 9.68
CA LYS A 53 6.44 2.07 9.92
C LYS A 53 6.78 1.42 11.22
N SER A 54 8.09 1.24 11.44
CA SER A 54 8.55 0.61 12.65
C SER A 54 8.46 1.61 13.77
N ARG A 55 8.55 1.14 15.03
CA ARG A 55 8.48 2.02 16.16
C ARG A 55 9.80 2.74 16.29
N ARG A 56 10.89 2.00 16.56
CA ARG A 56 12.18 2.65 16.70
C ARG A 56 13.24 1.58 16.67
N ARG A 57 14.38 1.91 16.00
CA ARG A 57 15.50 0.99 15.92
C ARG A 57 15.12 -0.22 15.10
N SER A 58 14.87 -0.02 13.80
CA SER A 58 14.52 -1.14 12.95
C SER A 58 14.86 -0.74 11.55
N SER A 59 15.39 -1.70 10.76
CA SER A 59 15.74 -1.43 9.39
C SER A 59 14.69 -2.02 8.50
N GLU A 60 13.69 -2.69 9.12
CA GLU A 60 12.64 -3.32 8.35
C GLU A 60 11.32 -2.77 8.80
N VAL A 61 10.33 -2.83 7.87
CA VAL A 61 9.00 -2.36 8.16
C VAL A 61 8.05 -3.44 7.77
N GLU A 62 6.81 -3.40 8.30
CA GLU A 62 5.83 -4.42 7.99
C GLU A 62 4.81 -3.82 7.07
N ILE A 63 4.46 -4.59 6.01
CA ILE A 63 3.47 -4.12 5.07
C ILE A 63 2.43 -5.19 4.95
N PHE A 64 1.14 -4.78 5.09
CA PHE A 64 0.05 -5.73 5.04
C PHE A 64 -0.50 -5.73 3.64
N VAL A 65 -0.63 -6.93 3.04
CA VAL A 65 -1.14 -7.04 1.70
C VAL A 65 -2.33 -7.98 1.74
N ASP A 66 -3.48 -7.51 1.21
CA ASP A 66 -4.67 -8.32 1.19
C ASP A 66 -5.02 -8.52 -0.26
N CYS A 67 -5.31 -9.78 -0.65
CA CYS A 67 -5.63 -10.05 -2.03
C CYS A 67 -6.62 -11.17 -2.07
N GLU A 68 -7.30 -11.33 -3.22
CA GLU A 68 -8.26 -12.39 -3.38
C GLU A 68 -7.76 -13.26 -4.49
N CYS A 69 -7.52 -14.54 -4.17
CA CYS A 69 -7.03 -15.46 -5.16
C CYS A 69 -7.25 -16.83 -4.62
N GLY A 70 -6.99 -17.87 -5.46
CA GLY A 70 -7.15 -19.23 -5.02
C GLY A 70 -6.10 -19.52 -3.99
N LYS A 71 -6.35 -20.51 -3.12
CA LYS A 71 -5.40 -20.86 -2.08
C LYS A 71 -4.13 -21.37 -2.69
N THR A 72 -4.24 -22.13 -3.80
CA THR A 72 -3.07 -22.67 -4.45
C THR A 72 -2.24 -21.50 -4.96
N GLU A 73 -2.91 -20.50 -5.55
CA GLU A 73 -2.22 -19.34 -6.09
C GLU A 73 -1.61 -18.59 -4.96
N PHE A 74 -2.36 -18.51 -3.84
CA PHE A 74 -1.91 -17.80 -2.66
C PHE A 74 -0.63 -18.41 -2.16
N ASN A 75 -0.58 -19.76 -2.04
CA ASN A 75 0.61 -20.42 -1.55
C ASN A 75 1.75 -20.14 -2.48
N GLU A 76 1.50 -20.18 -3.80
CA GLU A 76 2.53 -19.91 -4.77
C GLU A 76 3.00 -18.49 -4.65
N LEU A 77 2.07 -17.55 -4.38
CA LEU A 77 2.44 -16.15 -4.28
C LEU A 77 3.32 -15.96 -3.07
N ILE A 78 2.96 -16.63 -1.97
CA ILE A 78 3.69 -16.47 -0.73
C ILE A 78 5.06 -17.08 -0.84
N GLN A 79 5.25 -18.11 -1.70
CA GLN A 79 6.57 -18.71 -1.79
C GLN A 79 7.47 -17.77 -2.55
N LEU A 80 6.89 -16.88 -3.38
CA LEU A 80 7.69 -15.94 -4.12
C LEU A 80 8.18 -14.91 -3.16
N LEU A 81 7.29 -14.51 -2.23
CA LEU A 81 7.61 -13.53 -1.23
C LEU A 81 8.58 -14.12 -0.24
N LYS A 82 8.55 -15.47 -0.09
CA LYS A 82 9.43 -16.15 0.85
C LYS A 82 10.85 -15.88 0.47
N PHE A 83 11.16 -15.84 -0.85
CA PHE A 83 12.50 -15.60 -1.28
C PHE A 83 12.90 -14.19 -0.91
N GLN A 84 11.96 -13.23 -1.03
CA GLN A 84 12.26 -11.85 -0.73
C GLN A 84 12.46 -11.69 0.76
N THR A 85 11.62 -12.36 1.58
CA THR A 85 11.76 -12.25 3.02
C THR A 85 11.19 -13.50 3.61
N THR A 86 11.71 -13.93 4.78
CA THR A 86 11.20 -15.12 5.40
C THR A 86 9.88 -14.75 6.04
N ILE A 87 8.85 -15.58 5.79
CA ILE A 87 7.54 -15.29 6.34
C ILE A 87 7.20 -16.42 7.27
N VAL A 88 7.00 -16.08 8.56
CA VAL A 88 6.68 -17.08 9.54
C VAL A 88 5.31 -16.77 10.08
N THR A 89 4.76 -15.57 9.73
CA THR A 89 3.46 -15.20 10.24
C THR A 89 2.51 -15.23 9.09
N LEU A 90 1.44 -16.02 9.23
CA LEU A 90 0.43 -16.09 8.22
C LEU A 90 -0.85 -15.95 8.97
N ASN A 91 -1.71 -15.00 8.54
CA ASN A 91 -2.96 -14.74 9.23
C ASN A 91 -3.70 -16.05 9.47
N PRO A 92 -4.24 -16.19 10.67
CA PRO A 92 -4.99 -17.38 11.05
C PRO A 92 -6.40 -17.34 10.56
N PRO A 93 -7.06 -18.48 10.52
CA PRO A 93 -8.44 -18.55 10.07
C PRO A 93 -9.41 -17.93 11.03
N GLU A 94 -10.53 -17.41 10.50
CA GLU A 94 -11.54 -16.77 11.32
C GLU A 94 -12.14 -17.80 12.24
N ASN A 95 -12.32 -19.04 11.74
CA ASN A 95 -12.91 -20.10 12.54
C ASN A 95 -12.00 -20.40 13.70
N ILE A 96 -10.67 -20.40 13.44
CA ILE A 96 -9.68 -20.69 14.48
C ILE A 96 -9.70 -22.16 14.76
N TRP A 97 -8.53 -22.81 14.63
CA TRP A 97 -8.45 -24.23 14.88
C TRP A 97 -8.28 -24.43 16.35
N THR A 98 -9.03 -25.39 16.93
CA THR A 98 -8.93 -25.64 18.35
C THR A 98 -8.75 -27.12 18.52
N GLU A 99 -8.19 -27.52 19.69
CA GLU A 99 -7.98 -28.92 19.95
C GLU A 99 -9.15 -29.39 20.77
N GLU A 100 -10.36 -29.31 20.18
CA GLU A 100 -11.56 -29.74 20.85
C GLU A 100 -11.63 -29.06 22.24
N GLY B 1 17.42 29.62 -25.61
CA GLY B 1 18.09 29.83 -26.92
C GLY B 1 19.58 29.83 -26.76
N PRO B 2 20.10 30.97 -26.36
CA PRO B 2 21.53 31.14 -26.15
C PRO B 2 22.05 30.39 -24.96
N GLY B 3 21.15 30.10 -23.99
CA GLY B 3 21.56 29.38 -22.82
C GLY B 3 20.36 29.24 -21.95
N ASN B 4 20.52 28.57 -20.80
CA ASN B 4 19.41 28.39 -19.91
C ASN B 4 19.96 28.43 -18.51
N LYS B 5 19.62 29.50 -17.75
CA LYS B 5 20.10 29.64 -16.39
C LYS B 5 19.54 28.50 -15.59
N GLY B 6 18.24 28.18 -15.80
CA GLY B 6 17.63 27.11 -15.07
C GLY B 6 16.16 27.39 -15.04
N SER B 7 15.59 27.74 -16.21
CA SER B 7 14.18 28.04 -16.32
C SER B 7 13.91 29.30 -15.54
N SER B 8 12.64 29.50 -15.14
CA SER B 8 12.29 30.68 -14.38
C SER B 8 11.46 30.22 -13.22
N LYS B 9 11.58 30.91 -12.07
CA LYS B 9 10.82 30.53 -10.91
C LYS B 9 10.18 31.77 -10.38
N ARG B 10 8.97 31.63 -9.80
CA ARG B 10 8.27 32.77 -9.26
C ARG B 10 8.33 32.63 -7.77
N GLU B 11 9.05 33.58 -7.11
CA GLU B 11 9.19 33.57 -5.66
C GLU B 11 10.00 32.35 -5.28
N ALA B 12 10.21 32.16 -3.95
CA ALA B 12 10.96 31.01 -3.49
C ALA B 12 10.17 29.77 -3.81
N ALA B 13 8.84 29.84 -3.63
CA ALA B 13 8.00 28.70 -3.91
C ALA B 13 6.63 29.24 -4.18
N THR B 14 5.83 28.51 -4.98
CA THR B 14 4.50 28.95 -5.28
C THR B 14 3.52 28.09 -4.54
N GLU B 15 4.00 26.95 -3.97
CA GLU B 15 3.12 26.07 -3.26
C GLU B 15 3.83 25.67 -1.99
N SER B 16 3.04 25.41 -0.93
CA SER B 16 3.62 25.01 0.33
C SER B 16 2.57 24.20 1.03
N GLY B 17 3.00 23.11 1.70
CA GLY B 17 2.04 22.28 2.40
C GLY B 17 2.67 20.95 2.60
N LYS B 18 1.82 19.92 2.82
CA LYS B 18 2.31 18.59 3.02
C LYS B 18 2.50 17.97 1.67
N THR B 19 3.37 16.94 1.59
CA THR B 19 3.62 16.31 0.33
C THR B 19 2.81 15.05 0.27
N ALA B 20 1.57 15.17 -0.24
CA ALA B 20 0.70 14.04 -0.36
C ALA B 20 -0.06 14.23 -1.63
N VAL B 21 -0.43 13.12 -2.31
CA VAL B 21 -1.14 13.25 -3.56
C VAL B 21 -2.15 12.15 -3.64
N VAL B 22 -3.32 12.48 -4.25
CA VAL B 22 -4.36 11.51 -4.42
C VAL B 22 -4.55 11.39 -5.89
N PHE B 23 -4.54 10.17 -6.44
CA PHE B 23 -4.70 10.01 -7.85
C PHE B 23 -5.45 8.74 -8.13
N SER B 24 -6.01 8.63 -9.35
CA SER B 24 -6.78 7.49 -9.72
C SER B 24 -6.03 6.72 -10.76
N LEU B 25 -6.24 5.39 -10.77
CA LEU B 25 -5.58 4.56 -11.73
C LEU B 25 -6.56 3.48 -12.10
N LYS B 26 -6.23 2.70 -13.16
CA LYS B 26 -7.11 1.65 -13.59
C LYS B 26 -7.08 0.54 -12.60
N ASN B 27 -8.23 -0.15 -12.43
CA ASN B 27 -8.29 -1.24 -11.49
C ASN B 27 -7.73 -2.45 -12.18
N GLU B 28 -6.46 -2.34 -12.59
CA GLU B 28 -5.80 -3.45 -13.25
C GLU B 28 -4.64 -3.82 -12.39
N VAL B 29 -4.18 -5.08 -12.51
CA VAL B 29 -3.06 -5.52 -11.71
C VAL B 29 -1.82 -4.88 -12.27
N GLY B 30 -0.93 -4.39 -11.37
CA GLY B 30 0.30 -3.77 -11.80
C GLY B 30 0.08 -2.29 -11.88
N GLY B 31 -1.17 -1.82 -11.73
CA GLY B 31 -1.44 -0.40 -11.79
C GLY B 31 -0.80 0.27 -10.62
N LEU B 32 -0.86 -0.39 -9.45
CA LEU B 32 -0.29 0.17 -8.24
C LEU B 32 1.21 0.20 -8.31
N VAL B 33 1.86 -0.90 -8.78
CA VAL B 33 3.31 -0.92 -8.79
C VAL B 33 3.86 0.02 -9.83
N LYS B 34 3.17 0.21 -10.99
CA LYS B 34 3.70 1.10 -12.00
C LYS B 34 3.60 2.52 -11.51
N ALA B 35 2.58 2.82 -10.67
CA ALA B 35 2.44 4.16 -10.15
C ALA B 35 3.52 4.40 -9.12
N LEU B 36 3.75 3.40 -8.25
CA LEU B 36 4.72 3.53 -7.18
C LEU B 36 6.13 3.48 -7.71
N ARG B 37 6.38 2.78 -8.83
CA ARG B 37 7.73 2.66 -9.36
C ARG B 37 8.22 4.03 -9.73
N LEU B 38 7.29 4.95 -10.01
CA LEU B 38 7.63 6.29 -10.40
C LEU B 38 8.38 6.94 -9.26
N PHE B 39 7.96 6.64 -8.01
CA PHE B 39 8.61 7.21 -6.85
C PHE B 39 9.98 6.60 -6.72
N GLN B 40 10.11 5.30 -7.07
CA GLN B 40 11.37 4.59 -6.97
C GLN B 40 12.39 5.21 -7.89
N GLU B 41 11.95 5.66 -9.09
CA GLU B 41 12.88 6.22 -10.07
C GLU B 41 13.58 7.43 -9.49
N LYS B 42 12.85 8.27 -8.74
CA LYS B 42 13.47 9.45 -8.18
C LYS B 42 13.98 9.15 -6.79
N ARG B 43 13.94 7.86 -6.39
CA ARG B 43 14.43 7.45 -5.08
C ARG B 43 13.64 8.13 -4.00
N VAL B 44 12.30 8.14 -4.15
CA VAL B 44 11.46 8.75 -3.13
C VAL B 44 10.77 7.63 -2.42
N ASN B 45 10.99 7.52 -1.09
CA ASN B 45 10.38 6.47 -0.33
C ASN B 45 9.01 6.94 0.08
N MET B 46 8.19 5.99 0.58
CA MET B 46 6.85 6.31 1.01
C MET B 46 6.79 6.08 2.48
N VAL B 47 5.90 6.86 3.17
CA VAL B 47 5.78 6.71 4.60
C VAL B 47 4.44 6.11 4.91
N HIS B 48 3.47 6.22 3.99
CA HIS B 48 2.16 5.67 4.22
C HIS B 48 1.51 5.46 2.91
N ILE B 49 0.70 4.38 2.81
CA ILE B 49 0.02 4.09 1.57
C ILE B 49 -1.28 3.43 1.94
N GLU B 50 -2.37 3.79 1.22
CA GLU B 50 -3.65 3.21 1.49
C GLU B 50 -4.39 3.17 0.19
N SER B 51 -5.07 2.04 -0.09
CA SER B 51 -5.82 1.93 -1.33
C SER B 51 -7.24 1.70 -0.97
N ARG B 52 -8.17 2.27 -1.76
CA ARG B 52 -9.57 2.09 -1.49
C ARG B 52 -10.20 1.68 -2.79
N LYS B 53 -11.22 0.80 -2.71
CA LYS B 53 -11.89 0.33 -3.89
C LYS B 53 -13.01 1.27 -4.20
N SER B 54 -13.54 1.16 -5.43
CA SER B 54 -14.62 2.02 -5.84
C SER B 54 -15.88 1.51 -5.22
N ARG B 55 -16.94 2.35 -5.24
CA ARG B 55 -18.20 1.94 -4.66
C ARG B 55 -18.88 1.00 -5.61
N ARG B 56 -19.25 1.47 -6.83
CA ARG B 56 -19.90 0.60 -7.76
C ARG B 56 -19.89 1.26 -9.11
N ARG B 57 -19.67 0.45 -10.17
CA ARG B 57 -19.67 0.96 -11.54
C ARG B 57 -18.49 1.88 -11.74
N SER B 58 -17.26 1.32 -11.68
CA SER B 58 -16.10 2.12 -11.90
C SER B 58 -15.00 1.21 -12.34
N SER B 59 -14.17 1.67 -13.29
CA SER B 59 -13.07 0.86 -13.77
C SER B 59 -11.80 1.38 -13.16
N GLU B 60 -11.91 2.45 -12.35
CA GLU B 60 -10.75 3.04 -11.74
C GLU B 60 -10.93 3.04 -10.25
N VAL B 61 -9.79 3.04 -9.54
CA VAL B 61 -9.81 3.05 -8.09
C VAL B 61 -8.88 4.15 -7.64
N GLU B 62 -9.06 4.61 -6.38
CA GLU B 62 -8.22 5.67 -5.88
C GLU B 62 -7.24 5.10 -4.91
N ILE B 63 -5.96 5.50 -5.04
CA ILE B 63 -4.94 5.01 -4.15
C ILE B 63 -4.26 6.22 -3.57
N PHE B 64 -4.13 6.27 -2.23
CA PHE B 64 -3.52 7.39 -1.57
C PHE B 64 -2.08 7.06 -1.31
N VAL B 65 -1.18 8.00 -1.69
CA VAL B 65 0.23 7.79 -1.49
C VAL B 65 0.76 8.95 -0.69
N ASP B 66 1.46 8.65 0.42
CA ASP B 66 2.02 9.69 1.25
C ASP B 66 3.51 9.47 1.25
N CYS B 67 4.28 10.55 1.02
CA CYS B 67 5.72 10.41 0.98
C CYS B 67 6.33 11.67 1.50
N GLU B 68 7.62 11.59 1.88
CA GLU B 68 8.31 12.75 2.38
C GLU B 68 9.43 13.02 1.43
N CYS B 69 9.41 14.23 0.83
CA CYS B 69 10.44 14.58 -0.12
C CYS B 69 10.38 16.07 -0.28
N GLY B 70 11.35 16.64 -1.03
CA GLY B 70 11.36 18.06 -1.25
C GLY B 70 10.19 18.39 -2.14
N LYS B 71 9.72 19.66 -2.06
CA LYS B 71 8.58 20.07 -2.85
C LYS B 71 8.93 19.99 -4.32
N THR B 72 10.18 20.34 -4.69
CA THR B 72 10.59 20.30 -6.08
C THR B 72 10.51 18.86 -6.54
N GLU B 73 10.99 17.92 -5.69
CA GLU B 73 10.99 16.52 -6.04
C GLU B 73 9.56 16.06 -6.14
N PHE B 74 8.73 16.56 -5.22
CA PHE B 74 7.34 16.21 -5.17
C PHE B 74 6.67 16.59 -6.47
N ASN B 75 6.90 17.83 -6.94
CA ASN B 75 6.28 18.29 -8.18
C ASN B 75 6.74 17.41 -9.31
N GLU B 76 8.05 17.07 -9.33
CA GLU B 76 8.60 16.24 -10.38
C GLU B 76 7.97 14.86 -10.31
N LEU B 77 7.73 14.34 -9.08
CA LEU B 77 7.17 13.02 -8.94
C LEU B 77 5.76 13.02 -9.45
N ILE B 78 5.02 14.09 -9.15
CA ILE B 78 3.63 14.19 -9.54
C ILE B 78 3.52 14.33 -11.03
N GLN B 79 4.52 14.94 -11.72
CA GLN B 79 4.40 15.10 -13.15
C GLN B 79 4.60 13.76 -13.81
N LEU B 80 5.29 12.82 -13.12
CA LEU B 80 5.51 11.50 -13.69
C LEU B 80 4.19 10.77 -13.61
N LEU B 81 3.49 10.96 -12.48
CA LEU B 81 2.21 10.34 -12.27
C LEU B 81 1.19 10.95 -13.18
N LYS B 82 1.41 12.22 -13.58
CA LYS B 82 0.49 12.93 -14.44
C LYS B 82 0.36 12.19 -15.74
N PHE B 83 1.48 11.63 -16.26
CA PHE B 83 1.43 10.91 -17.49
C PHE B 83 0.61 9.65 -17.31
N GLN B 84 0.73 8.99 -16.14
CA GLN B 84 -0.01 7.77 -15.90
C GLN B 84 -1.48 8.08 -15.77
N THR B 85 -1.82 9.18 -15.07
CA THR B 85 -3.21 9.54 -14.90
C THR B 85 -3.27 11.02 -14.67
N THR B 86 -4.38 11.66 -15.08
CA THR B 86 -4.49 13.09 -14.89
C THR B 86 -4.80 13.31 -13.44
N ILE B 87 -4.07 14.26 -12.81
CA ILE B 87 -4.29 14.53 -11.41
C ILE B 87 -4.75 15.95 -11.30
N VAL B 88 -5.97 16.14 -10.77
CA VAL B 88 -6.51 17.47 -10.62
C VAL B 88 -6.74 17.71 -9.15
N THR B 89 -6.58 16.65 -8.31
CA THR B 89 -6.81 16.81 -6.89
C THR B 89 -5.49 16.67 -6.20
N LEU B 90 -5.08 17.72 -5.46
CA LEU B 90 -3.85 17.69 -4.74
C LEU B 90 -4.15 18.29 -3.40
N ASN B 91 -4.52 17.44 -2.42
CA ASN B 91 -4.86 17.95 -1.10
C ASN B 91 -4.41 16.94 -0.08
N PRO B 92 -4.21 17.41 1.14
CA PRO B 92 -3.82 16.55 2.25
C PRO B 92 -4.87 15.52 2.57
N PRO B 93 -4.48 14.43 3.19
CA PRO B 93 -5.42 13.36 3.53
C PRO B 93 -6.39 13.73 4.60
N GLU B 94 -7.57 13.10 4.57
CA GLU B 94 -8.60 13.36 5.56
C GLU B 94 -8.23 12.65 6.84
N ASN B 95 -7.07 11.96 6.85
CA ASN B 95 -6.64 11.24 8.02
C ASN B 95 -6.17 12.22 9.07
N ILE B 96 -6.01 13.51 8.70
CA ILE B 96 -5.57 14.49 9.66
C ILE B 96 -6.76 14.93 10.47
N TRP B 97 -7.99 14.51 10.06
CA TRP B 97 -9.17 14.89 10.77
C TRP B 97 -9.57 13.71 11.61
N THR B 98 -9.88 13.98 12.90
CA THR B 98 -10.27 12.91 13.78
C THR B 98 -11.75 12.70 13.61
N GLU B 99 -12.26 11.53 14.06
CA GLU B 99 -13.67 11.23 13.94
C GLU B 99 -14.43 12.19 14.81
N GLU B 100 -13.91 12.46 16.03
CA GLU B 100 -14.58 13.37 16.93
C GLU B 100 -13.52 14.29 17.54
N PHE C . 9.68 2.75 2.74
CA PHE C . 9.44 1.63 1.78
C PHE C . 9.14 2.01 0.32
O PHE C . 8.94 3.23 0.04
CB PHE C . 8.25 0.78 2.30
CG PHE C . 6.96 1.54 2.43
CD1 PHE C . 6.07 1.61 1.37
CD2 PHE C . 6.63 2.16 3.61
CE1 PHE C . 4.88 2.28 1.49
CE2 PHE C . 5.44 2.84 3.73
CZ PHE C . 4.57 2.89 2.67
OXT PHE C . 9.12 1.08 -0.53
H1 PHE C . 10.00 2.37 3.66
H2 PHE C . 8.81 3.30 2.87
H3 PHE C . 10.43 3.38 2.36
HA PHE C . 10.34 1.03 1.79
HB2 PHE C . 8.50 0.38 3.30
HB3 PHE C . 8.07 -0.07 1.61
HD1 PHE C . 6.33 1.11 0.43
HD2 PHE C . 7.31 2.11 4.45
HE1 PHE C . 4.21 2.33 0.66
HE2 PHE C . 5.18 3.33 4.67
HZ PHE C . 3.64 3.43 2.76
N PHE D . -6.42 -3.57 -7.97
CA PHE D . -5.17 -2.82 -8.31
C PHE D . -3.84 -3.59 -8.20
O PHE D . -3.86 -4.75 -7.71
CB PHE D . -5.07 -1.57 -7.42
CG PHE D . -5.03 -1.85 -5.94
CD1 PHE D . -3.82 -2.05 -5.31
CD2 PHE D . -6.19 -1.90 -5.21
CE1 PHE D . -3.78 -2.30 -3.96
CE2 PHE D . -6.15 -2.16 -3.86
CZ PHE D . -4.94 -2.36 -3.23
OXT PHE D . -2.79 -3.01 -8.59
H1 PHE D . -6.45 -4.46 -8.50
H2 PHE D . -7.25 -2.98 -8.21
H3 PHE D . -6.43 -3.77 -6.95
HA PHE D . -5.29 -2.52 -9.34
HB2 PHE D . -5.95 -0.91 -7.60
HB3 PHE D . -4.15 -0.99 -7.66
HD1 PHE D . -2.90 -2.01 -5.86
HD2 PHE D . -7.14 -1.76 -5.69
HE1 PHE D . -2.83 -2.46 -3.47
HE2 PHE D . -7.07 -2.21 -3.28
HZ PHE D . -4.91 -2.56 -2.18
N GLY A 1 -9.60 -44.46 1.21
CA GLY A 1 -10.18 -43.53 0.20
C GLY A 1 -10.43 -44.26 -1.09
N PRO A 2 -11.03 -43.52 -2.01
CA PRO A 2 -11.36 -44.04 -3.33
C PRO A 2 -10.14 -44.27 -4.19
N GLY A 3 -9.03 -43.58 -3.88
CA GLY A 3 -7.83 -43.75 -4.66
C GLY A 3 -6.79 -42.87 -4.05
N ASN A 4 -5.58 -42.87 -4.66
CA ASN A 4 -4.50 -42.07 -4.15
C ASN A 4 -4.70 -40.66 -4.66
N LYS A 5 -4.25 -39.66 -3.88
CA LYS A 5 -4.40 -38.28 -4.29
C LYS A 5 -3.43 -38.03 -5.41
N GLY A 6 -3.84 -37.18 -6.38
CA GLY A 6 -2.99 -36.88 -7.50
C GLY A 6 -2.16 -35.69 -7.15
N SER A 7 -1.39 -35.18 -8.15
CA SER A 7 -0.55 -34.03 -7.93
C SER A 7 -1.43 -32.84 -7.59
N SER A 8 -2.56 -32.71 -8.29
CA SER A 8 -3.46 -31.60 -8.03
C SER A 8 -4.85 -32.15 -8.10
N LYS A 9 -5.74 -31.65 -7.22
CA LYS A 9 -7.10 -32.12 -7.19
C LYS A 9 -7.97 -30.91 -7.37
N ARG A 10 -8.96 -31.00 -8.28
CA ARG A 10 -9.84 -29.88 -8.55
C ARG A 10 -10.65 -29.58 -7.32
N GLU A 11 -11.08 -30.63 -6.59
CA GLU A 11 -11.85 -30.42 -5.40
C GLU A 11 -10.90 -30.18 -4.27
N ALA A 12 -11.06 -29.04 -3.57
CA ALA A 12 -10.19 -28.73 -2.48
C ALA A 12 -10.97 -27.87 -1.54
N ALA A 13 -10.56 -27.85 -0.24
CA ALA A 13 -11.26 -27.04 0.73
C ALA A 13 -10.92 -25.61 0.47
N THR A 14 -11.95 -24.72 0.54
CA THR A 14 -11.74 -23.32 0.30
C THR A 14 -11.91 -22.60 1.60
N GLU A 15 -12.04 -23.35 2.72
CA GLU A 15 -12.20 -22.73 4.01
C GLU A 15 -10.84 -22.41 4.54
N SER A 16 -10.63 -21.14 4.92
CA SER A 16 -9.36 -20.73 5.44
C SER A 16 -9.58 -19.41 6.13
N GLY A 17 -8.53 -18.87 6.78
CA GLY A 17 -8.65 -17.61 7.48
C GLY A 17 -8.32 -16.53 6.50
N LYS A 18 -9.10 -16.44 5.40
CA LYS A 18 -8.89 -15.44 4.38
C LYS A 18 -7.58 -15.74 3.70
N THR A 19 -7.19 -14.86 2.75
CA THR A 19 -5.96 -15.04 2.03
C THR A 19 -5.16 -13.79 2.22
N ALA A 20 -4.55 -13.65 3.41
CA ALA A 20 -3.76 -12.47 3.69
C ALA A 20 -2.39 -12.95 4.05
N VAL A 21 -1.37 -12.11 3.79
CA VAL A 21 -0.02 -12.51 4.10
C VAL A 21 0.69 -11.32 4.67
N VAL A 22 1.53 -11.57 5.68
CA VAL A 22 2.27 -10.51 6.31
C VAL A 22 3.71 -10.80 6.03
N PHE A 23 4.45 -9.80 5.52
CA PHE A 23 5.84 -10.01 5.20
C PHE A 23 6.59 -8.75 5.56
N SER A 24 7.92 -8.89 5.72
CA SER A 24 8.75 -7.77 6.10
C SER A 24 9.77 -7.51 5.04
N LEU A 25 10.22 -6.24 4.96
CA LEU A 25 11.21 -5.88 3.99
C LEU A 25 12.02 -4.75 4.59
N LYS A 26 13.11 -4.36 3.90
CA LYS A 26 13.97 -3.30 4.38
C LYS A 26 13.25 -1.99 4.21
N ASN A 27 13.63 -0.99 5.03
CA ASN A 27 13.01 0.32 4.96
C ASN A 27 13.63 1.08 3.81
N GLU A 28 13.65 0.45 2.62
CA GLU A 28 14.21 1.10 1.46
C GLU A 28 13.13 1.16 0.43
N VAL A 29 13.22 2.15 -0.47
CA VAL A 29 12.22 2.32 -1.49
C VAL A 29 12.50 1.35 -2.60
N GLY A 30 11.48 0.56 -2.97
CA GLY A 30 11.64 -0.40 -4.04
C GLY A 30 11.26 -1.75 -3.54
N GLY A 31 11.35 -1.98 -2.22
CA GLY A 31 11.02 -3.28 -1.68
C GLY A 31 9.56 -3.56 -1.88
N LEU A 32 8.71 -2.53 -1.71
CA LEU A 32 7.29 -2.69 -1.82
C LEU A 32 6.88 -3.02 -3.25
N VAL A 33 7.47 -2.35 -4.26
CA VAL A 33 7.06 -2.62 -5.64
C VAL A 33 7.48 -4.00 -6.04
N LYS A 34 8.64 -4.48 -5.53
CA LYS A 34 9.10 -5.81 -5.90
C LYS A 34 8.17 -6.80 -5.31
N ALA A 35 7.79 -6.55 -4.05
CA ALA A 35 6.89 -7.45 -3.36
C ALA A 35 5.56 -7.52 -4.08
N LEU A 36 5.03 -6.35 -4.51
CA LEU A 36 3.75 -6.32 -5.17
C LEU A 36 3.82 -6.86 -6.57
N ARG A 37 4.99 -6.76 -7.25
CA ARG A 37 5.10 -7.23 -8.61
C ARG A 37 4.91 -8.73 -8.62
N LEU A 38 5.24 -9.38 -7.49
CA LEU A 38 5.11 -10.81 -7.40
C LEU A 38 3.68 -11.19 -7.59
N PHE A 39 2.75 -10.37 -7.03
CA PHE A 39 1.34 -10.64 -7.16
C PHE A 39 0.92 -10.41 -8.59
N GLN A 40 1.56 -9.42 -9.25
CA GLN A 40 1.25 -9.10 -10.63
C GLN A 40 1.61 -10.26 -11.53
N GLU A 41 2.73 -10.96 -11.23
CA GLU A 41 3.18 -12.04 -12.08
C GLU A 41 2.14 -13.13 -12.13
N LYS A 42 1.50 -13.43 -10.99
CA LYS A 42 0.51 -14.50 -10.98
C LYS A 42 -0.85 -13.92 -11.24
N ARG A 43 -0.95 -12.58 -11.41
CA ARG A 43 -2.22 -11.94 -11.69
C ARG A 43 -3.11 -12.06 -10.48
N VAL A 44 -2.58 -11.69 -9.29
CA VAL A 44 -3.36 -11.74 -8.09
C VAL A 44 -3.81 -10.34 -7.81
N ASN A 45 -5.14 -10.14 -7.68
CA ASN A 45 -5.65 -8.82 -7.46
C ASN A 45 -5.58 -8.50 -5.99
N MET A 46 -5.10 -7.28 -5.68
CA MET A 46 -4.99 -6.85 -4.30
C MET A 46 -6.26 -6.12 -3.98
N VAL A 47 -6.79 -6.31 -2.75
CA VAL A 47 -8.02 -5.64 -2.38
C VAL A 47 -7.73 -4.64 -1.29
N HIS A 48 -6.60 -4.81 -0.57
CA HIS A 48 -6.28 -3.88 0.48
C HIS A 48 -4.79 -3.91 0.68
N ILE A 49 -4.21 -2.74 1.01
CA ILE A 49 -2.79 -2.67 1.22
C ILE A 49 -2.53 -1.56 2.19
N GLU A 50 -1.59 -1.78 3.14
CA GLU A 50 -1.26 -0.76 4.09
C GLU A 50 0.10 -1.08 4.62
N SER A 51 0.88 -0.04 4.97
CA SER A 51 2.22 -0.23 5.49
C SER A 51 2.20 0.16 6.93
N ARG A 52 3.01 -0.55 7.77
CA ARG A 52 3.05 -0.24 9.17
C ARG A 52 4.50 -0.06 9.55
N LYS A 53 4.73 0.73 10.61
CA LYS A 53 6.07 0.99 11.07
C LYS A 53 6.05 0.86 12.57
N SER A 54 7.22 0.51 13.17
CA SER A 54 7.30 0.32 14.59
C SER A 54 7.13 1.65 15.29
N ARG A 55 7.71 2.73 14.74
CA ARG A 55 7.58 4.01 15.38
C ARG A 55 7.97 5.06 14.39
N ARG A 56 9.25 5.07 13.98
CA ARG A 56 9.70 6.05 13.02
C ARG A 56 10.89 5.49 12.30
N ARG A 57 11.93 5.13 13.07
CA ARG A 57 13.12 4.57 12.46
C ARG A 57 13.13 3.11 12.76
N SER A 58 13.32 2.28 11.71
CA SER A 58 13.35 0.86 11.89
C SER A 58 14.12 0.29 10.74
N SER A 59 14.87 -0.80 10.98
CA SER A 59 15.66 -1.41 9.95
C SER A 59 14.73 -2.05 8.95
N GLU A 60 13.63 -2.67 9.45
CA GLU A 60 12.69 -3.31 8.57
C GLU A 60 11.31 -2.88 8.95
N VAL A 61 10.39 -2.91 7.97
CA VAL A 61 9.02 -2.52 8.23
C VAL A 61 8.14 -3.64 7.78
N GLU A 62 6.89 -3.67 8.30
CA GLU A 62 5.97 -4.72 7.94
C GLU A 62 4.92 -4.11 7.06
N ILE A 63 4.60 -4.80 5.95
CA ILE A 63 3.59 -4.30 5.05
C ILE A 63 2.53 -5.37 4.96
N PHE A 64 1.26 -4.97 5.20
CA PHE A 64 0.17 -5.91 5.19
C PHE A 64 -0.48 -5.84 3.84
N VAL A 65 -0.62 -7.01 3.18
CA VAL A 65 -1.23 -7.05 1.87
C VAL A 65 -2.35 -8.05 1.93
N ASP A 66 -3.57 -7.62 1.51
CA ASP A 66 -4.71 -8.50 1.52
C ASP A 66 -5.12 -8.69 0.09
N CYS A 67 -5.16 -9.95 -0.38
CA CYS A 67 -5.52 -10.21 -1.75
C CYS A 67 -6.55 -11.29 -1.78
N GLU A 68 -7.30 -11.36 -2.90
CA GLU A 68 -8.31 -12.37 -3.05
C GLU A 68 -7.89 -13.20 -4.22
N CYS A 69 -7.72 -14.52 -4.00
CA CYS A 69 -7.29 -15.39 -5.06
C CYS A 69 -7.43 -16.79 -4.56
N GLY A 70 -7.19 -17.77 -5.45
CA GLY A 70 -7.29 -19.16 -5.06
C GLY A 70 -6.21 -19.43 -4.06
N LYS A 71 -6.47 -20.39 -3.14
CA LYS A 71 -5.51 -20.71 -2.11
C LYS A 71 -4.24 -21.23 -2.72
N THR A 72 -4.34 -22.07 -3.77
CA THR A 72 -3.16 -22.62 -4.39
C THR A 72 -2.35 -21.50 -5.00
N GLU A 73 -3.02 -20.57 -5.69
CA GLU A 73 -2.34 -19.47 -6.34
C GLU A 73 -1.73 -18.59 -5.30
N PHE A 74 -2.48 -18.38 -4.20
CA PHE A 74 -2.02 -17.53 -3.14
C PHE A 74 -0.80 -18.14 -2.50
N ASN A 75 -0.80 -19.48 -2.29
CA ASN A 75 0.32 -20.15 -1.69
C ASN A 75 1.54 -19.98 -2.56
N GLU A 76 1.35 -20.03 -3.90
CA GLU A 76 2.46 -19.87 -4.82
C GLU A 76 3.04 -18.49 -4.64
N LEU A 77 2.17 -17.49 -4.39
CA LEU A 77 2.62 -16.12 -4.20
C LEU A 77 3.52 -16.06 -3.00
N ILE A 78 3.12 -16.77 -1.94
CA ILE A 78 3.90 -16.77 -0.70
C ILE A 78 5.24 -17.38 -0.97
N GLN A 79 5.30 -18.41 -1.84
CA GLN A 79 6.56 -19.06 -2.13
C GLN A 79 7.50 -18.07 -2.77
N LEU A 80 6.98 -17.19 -3.65
CA LEU A 80 7.81 -16.22 -4.31
C LEU A 80 8.23 -15.17 -3.32
N LEU A 81 7.29 -14.77 -2.45
CA LEU A 81 7.56 -13.76 -1.44
C LEU A 81 8.57 -14.29 -0.46
N LYS A 82 8.55 -15.61 -0.19
CA LYS A 82 9.44 -16.24 0.76
C LYS A 82 10.87 -15.99 0.34
N PHE A 83 11.14 -15.99 -0.98
CA PHE A 83 12.48 -15.76 -1.46
C PHE A 83 12.95 -14.40 -1.02
N GLN A 84 12.08 -13.37 -1.18
CA GLN A 84 12.46 -12.02 -0.82
C GLN A 84 12.63 -11.90 0.67
N THR A 85 11.76 -12.53 1.47
CA THR A 85 11.90 -12.42 2.92
C THR A 85 11.35 -13.67 3.53
N THR A 86 11.91 -14.06 4.70
CA THR A 86 11.45 -15.26 5.36
C THR A 86 10.24 -14.88 6.17
N ILE A 87 9.13 -15.61 5.95
CA ILE A 87 7.91 -15.32 6.67
C ILE A 87 7.69 -16.47 7.60
N VAL A 88 7.61 -16.18 8.92
CA VAL A 88 7.41 -17.22 9.89
C VAL A 88 5.97 -17.19 10.34
N THR A 89 5.46 -15.99 10.67
CA THR A 89 4.09 -15.85 11.14
C THR A 89 3.14 -16.25 10.05
N LEU A 90 3.09 -15.43 8.97
CA LEU A 90 2.22 -15.70 7.85
C LEU A 90 0.78 -15.67 8.30
N ASN A 91 0.20 -14.44 8.32
CA ASN A 91 -1.20 -14.26 8.69
C ASN A 91 -1.43 -14.74 10.11
N PRO A 92 -1.17 -13.87 11.07
CA PRO A 92 -1.37 -14.22 12.47
C PRO A 92 -2.82 -14.34 12.84
N PRO A 93 -3.15 -15.21 13.77
CA PRO A 93 -4.53 -15.39 14.19
C PRO A 93 -5.03 -14.27 15.04
N GLU A 94 -6.36 -14.07 15.07
CA GLU A 94 -6.95 -13.01 15.85
C GLU A 94 -6.96 -13.43 17.30
N ASN A 95 -6.65 -14.72 17.57
CA ASN A 95 -6.65 -15.22 18.92
C ASN A 95 -5.23 -15.27 19.42
N ILE A 96 -4.32 -14.56 18.72
CA ILE A 96 -2.93 -14.55 19.13
C ILE A 96 -2.83 -13.80 20.43
N TRP A 97 -1.96 -14.28 21.34
CA TRP A 97 -1.78 -13.63 22.61
C TRP A 97 -0.31 -13.65 22.90
N THR A 98 0.24 -12.49 23.32
CA THR A 98 1.64 -12.42 23.62
C THR A 98 1.77 -11.75 24.96
N GLU A 99 2.90 -11.99 25.65
CA GLU A 99 3.12 -11.38 26.92
C GLU A 99 3.97 -10.16 26.69
N GLU A 100 3.41 -9.18 25.94
CA GLU A 100 4.14 -7.97 25.65
C GLU A 100 3.98 -7.03 26.85
N GLY B 1 12.23 32.98 -11.95
CA GLY B 1 10.98 33.77 -11.84
C GLY B 1 9.88 32.91 -11.27
N PRO B 2 9.90 32.78 -9.95
CA PRO B 2 8.92 31.99 -9.25
C PRO B 2 7.66 32.75 -8.97
N GLY B 3 6.91 33.08 -10.04
CA GLY B 3 5.68 33.82 -9.89
C GLY B 3 4.57 32.85 -9.70
N ASN B 4 4.59 32.13 -8.56
CA ASN B 4 3.55 31.16 -8.29
C ASN B 4 2.50 31.88 -7.50
N LYS B 5 1.38 32.24 -8.18
CA LYS B 5 0.31 32.92 -7.50
C LYS B 5 -0.68 31.89 -7.06
N GLY B 6 -0.56 31.44 -5.78
CA GLY B 6 -1.47 30.44 -5.28
C GLY B 6 -2.61 31.13 -4.60
N SER B 7 -2.58 32.48 -4.59
CA SER B 7 -3.64 33.25 -3.96
C SER B 7 -4.92 33.02 -4.71
N SER B 8 -4.83 32.91 -6.05
CA SER B 8 -6.01 32.72 -6.88
C SER B 8 -6.68 31.42 -6.51
N LYS B 9 -5.89 30.37 -6.20
CA LYS B 9 -6.48 29.08 -5.87
C LYS B 9 -6.81 29.03 -4.41
N ARG B 10 -6.50 30.11 -3.65
CA ARG B 10 -6.79 30.11 -2.24
C ARG B 10 -8.12 30.78 -2.06
N GLU B 11 -9.10 30.06 -1.47
CA GLU B 11 -10.40 30.65 -1.27
C GLU B 11 -11.05 29.95 -0.10
N ALA B 12 -11.16 28.61 -0.18
CA ALA B 12 -11.78 27.87 0.89
C ALA B 12 -11.27 26.47 0.81
N ALA B 13 -11.58 25.66 1.86
CA ALA B 13 -11.16 24.28 1.92
C ALA B 13 -9.68 24.24 2.21
N THR B 14 -9.26 24.96 3.27
CA THR B 14 -7.87 24.98 3.63
C THR B 14 -7.57 23.73 4.42
N GLU B 15 -6.29 23.34 4.48
CA GLU B 15 -5.92 22.16 5.20
C GLU B 15 -4.45 22.26 5.51
N SER B 16 -3.94 21.35 6.36
CA SER B 16 -2.54 21.38 6.71
C SER B 16 -1.75 21.07 5.47
N GLY B 17 -0.62 21.79 5.28
CA GLY B 17 0.19 21.56 4.11
C GLY B 17 0.96 20.29 4.31
N LYS B 18 1.07 19.50 3.22
CA LYS B 18 1.79 18.26 3.31
C LYS B 18 2.06 17.83 1.90
N THR B 19 3.04 16.93 1.72
CA THR B 19 3.38 16.46 0.41
C THR B 19 2.62 15.19 0.18
N ALA B 20 1.38 15.34 -0.34
CA ALA B 20 0.56 14.18 -0.58
C ALA B 20 -0.01 14.32 -1.95
N VAL B 21 -0.29 13.18 -2.62
CA VAL B 21 -0.83 13.25 -3.94
C VAL B 21 -1.86 12.16 -4.08
N VAL B 22 -2.98 12.51 -4.75
CA VAL B 22 -4.05 11.57 -4.96
C VAL B 22 -4.12 11.36 -6.44
N PHE B 23 -4.13 10.08 -6.87
CA PHE B 23 -4.16 9.80 -8.27
C PHE B 23 -5.03 8.59 -8.48
N SER B 24 -5.51 8.41 -9.73
CA SER B 24 -6.41 7.32 -10.04
C SER B 24 -5.77 6.46 -11.09
N LEU B 25 -6.16 5.17 -11.10
CA LEU B 25 -5.65 4.25 -12.07
C LEU B 25 -6.72 3.22 -12.32
N LYS B 26 -6.49 2.34 -13.31
CA LYS B 26 -7.46 1.33 -13.66
C LYS B 26 -7.44 0.27 -12.59
N ASN B 27 -8.58 -0.45 -12.46
CA ASN B 27 -8.68 -1.48 -11.45
C ASN B 27 -8.00 -2.73 -11.98
N GLU B 28 -6.73 -2.58 -12.42
CA GLU B 28 -6.00 -3.69 -12.94
C GLU B 28 -4.76 -3.83 -12.10
N VAL B 29 -4.22 -5.04 -12.02
CA VAL B 29 -3.04 -5.28 -11.22
C VAL B 29 -1.84 -4.85 -12.02
N GLY B 30 -0.99 -4.00 -11.39
CA GLY B 30 0.20 -3.55 -12.06
C GLY B 30 0.20 -2.05 -12.08
N GLY B 31 -0.99 -1.41 -12.01
CA GLY B 31 -1.06 0.03 -12.04
C GLY B 31 -0.39 0.60 -10.83
N LEU B 32 -0.59 -0.05 -9.66
CA LEU B 32 -0.04 0.44 -8.42
C LEU B 32 1.47 0.38 -8.41
N VAL B 33 2.07 -0.73 -8.92
CA VAL B 33 3.53 -0.84 -8.88
C VAL B 33 4.15 0.15 -9.82
N LYS B 34 3.48 0.46 -10.96
CA LYS B 34 4.04 1.40 -11.90
C LYS B 34 4.02 2.75 -11.27
N ALA B 35 2.91 3.05 -10.60
CA ALA B 35 2.77 4.33 -9.94
C ALA B 35 3.81 4.49 -8.86
N LEU B 36 4.04 3.43 -8.07
CA LEU B 36 5.00 3.50 -6.98
C LEU B 36 6.42 3.49 -7.49
N ARG B 37 6.69 2.87 -8.66
CA ARG B 37 8.06 2.80 -9.17
C ARG B 37 8.50 4.18 -9.50
N LEU B 38 7.54 5.08 -9.81
CA LEU B 38 7.87 6.44 -10.17
C LEU B 38 8.56 7.08 -8.99
N PHE B 39 8.08 6.78 -7.77
CA PHE B 39 8.66 7.36 -6.58
C PHE B 39 10.04 6.76 -6.38
N GLN B 40 10.20 5.48 -6.76
CA GLN B 40 11.48 4.81 -6.62
C GLN B 40 12.52 5.45 -7.50
N GLU B 41 12.12 5.88 -8.71
CA GLU B 41 13.06 6.47 -9.66
C GLU B 41 13.69 7.70 -9.07
N LYS B 42 12.90 8.53 -8.38
CA LYS B 42 13.44 9.76 -7.82
C LYS B 42 13.92 9.51 -6.41
N ARG B 43 13.73 8.27 -5.90
CA ARG B 43 14.17 7.93 -4.56
C ARG B 43 13.34 8.70 -3.56
N VAL B 44 12.01 8.62 -3.70
CA VAL B 44 11.13 9.29 -2.78
C VAL B 44 10.62 8.24 -1.85
N ASN B 45 10.81 8.45 -0.53
CA ASN B 45 10.41 7.46 0.44
C ASN B 45 8.94 7.65 0.74
N MET B 46 8.19 6.52 0.78
CA MET B 46 6.78 6.58 1.06
C MET B 46 6.65 6.36 2.54
N VAL B 47 5.71 7.09 3.19
CA VAL B 47 5.53 6.94 4.62
C VAL B 47 4.19 6.32 4.89
N HIS B 48 3.25 6.42 3.92
CA HIS B 48 1.95 5.84 4.13
C HIS B 48 1.35 5.56 2.78
N ILE B 49 0.58 4.46 2.70
CA ILE B 49 -0.03 4.09 1.44
C ILE B 49 -1.30 3.35 1.75
N GLU B 50 -2.38 3.62 0.99
CA GLU B 50 -3.62 2.94 1.20
C GLU B 50 -4.40 3.05 -0.07
N SER B 51 -5.22 2.01 -0.38
CA SER B 51 -6.02 2.02 -1.58
C SER B 51 -7.45 2.15 -1.17
N ARG B 52 -8.25 2.87 -2.01
CA ARG B 52 -9.64 3.06 -1.69
C ARG B 52 -10.44 2.64 -2.88
N LYS B 53 -11.70 2.23 -2.64
CA LYS B 53 -12.57 1.80 -3.70
C LYS B 53 -13.91 2.44 -3.46
N SER B 54 -14.69 2.64 -4.55
CA SER B 54 -15.98 3.28 -4.42
C SER B 54 -16.94 2.37 -3.69
N ARG B 55 -16.88 1.05 -3.96
CA ARG B 55 -17.78 0.15 -3.30
C ARG B 55 -17.24 -1.24 -3.48
N ARG B 56 -17.21 -1.73 -4.74
CA ARG B 56 -16.73 -3.06 -5.00
C ARG B 56 -16.25 -3.10 -6.41
N ARG B 57 -17.15 -2.79 -7.37
CA ARG B 57 -16.77 -2.82 -8.76
C ARG B 57 -16.65 -1.39 -9.21
N SER B 58 -15.51 -1.05 -9.85
CA SER B 58 -15.32 0.29 -10.32
C SER B 58 -14.33 0.21 -11.44
N SER B 59 -14.48 1.08 -12.45
CA SER B 59 -13.56 1.08 -13.58
C SER B 59 -12.22 1.56 -13.11
N GLU B 60 -12.21 2.57 -12.22
CA GLU B 60 -10.96 3.10 -11.73
C GLU B 60 -11.04 3.20 -10.24
N VAL B 61 -9.88 3.14 -9.58
CA VAL B 61 -9.83 3.24 -8.14
C VAL B 61 -8.87 4.33 -7.78
N GLU B 62 -8.99 4.85 -6.55
CA GLU B 62 -8.13 5.92 -6.11
C GLU B 62 -7.18 5.35 -5.10
N ILE B 63 -5.90 5.68 -5.23
CA ILE B 63 -4.91 5.20 -4.30
C ILE B 63 -4.25 6.40 -3.70
N PHE B 64 -4.23 6.47 -2.35
CA PHE B 64 -3.66 7.60 -1.66
C PHE B 64 -2.25 7.25 -1.29
N VAL B 65 -1.29 8.12 -1.67
CA VAL B 65 0.10 7.86 -1.35
C VAL B 65 0.62 9.08 -0.64
N ASP B 66 1.22 8.87 0.56
CA ASP B 66 1.76 9.96 1.33
C ASP B 66 3.25 9.76 1.37
N CYS B 67 4.02 10.76 0.89
CA CYS B 67 5.45 10.63 0.88
C CYS B 67 6.05 11.86 1.47
N GLU B 68 7.32 11.75 1.94
CA GLU B 68 8.01 12.87 2.49
C GLU B 68 9.19 13.11 1.62
N CYS B 69 9.29 14.33 1.05
CA CYS B 69 10.39 14.63 0.16
C CYS B 69 10.34 16.11 -0.09
N GLY B 70 11.37 16.63 -0.80
CA GLY B 70 11.40 18.05 -1.09
C GLY B 70 10.25 18.35 -2.01
N LYS B 71 9.74 19.59 -1.95
CA LYS B 71 8.60 19.98 -2.76
C LYS B 71 8.96 19.90 -4.22
N THR B 72 10.18 20.32 -4.60
CA THR B 72 10.58 20.29 -5.99
C THR B 72 10.61 18.85 -6.46
N GLU B 73 11.19 17.96 -5.65
CA GLU B 73 11.30 16.57 -6.01
C GLU B 73 9.92 15.96 -6.08
N PHE B 74 9.08 16.35 -5.12
CA PHE B 74 7.73 15.83 -5.06
C PHE B 74 6.96 16.27 -6.29
N ASN B 75 7.12 17.55 -6.69
CA ASN B 75 6.43 18.07 -7.85
C ASN B 75 6.85 17.30 -9.08
N GLU B 76 8.16 16.94 -9.16
CA GLU B 76 8.65 16.18 -10.29
C GLU B 76 7.95 14.85 -10.34
N LEU B 77 7.69 14.27 -9.15
CA LEU B 77 7.03 12.97 -9.08
C LEU B 77 5.65 13.09 -9.66
N ILE B 78 4.97 14.21 -9.34
CA ILE B 78 3.63 14.42 -9.82
C ILE B 78 3.65 14.53 -11.33
N GLN B 79 4.71 15.14 -11.88
CA GLN B 79 4.80 15.30 -13.33
C GLN B 79 4.86 13.94 -13.97
N LEU B 80 5.59 12.98 -13.35
CA LEU B 80 5.72 11.66 -13.92
C LEU B 80 4.40 10.95 -13.77
N LEU B 81 3.75 11.12 -12.61
CA LEU B 81 2.48 10.49 -12.33
C LEU B 81 1.43 11.04 -13.27
N LYS B 82 1.55 12.33 -13.63
CA LYS B 82 0.58 12.97 -14.50
C LYS B 82 0.50 12.23 -15.82
N PHE B 83 1.65 11.72 -16.31
CA PHE B 83 1.66 11.00 -17.56
C PHE B 83 0.76 9.79 -17.45
N GLN B 84 0.88 9.03 -16.33
CA GLN B 84 0.08 7.84 -16.16
C GLN B 84 -1.38 8.19 -16.01
N THR B 85 -1.71 9.27 -15.26
CA THR B 85 -3.11 9.61 -15.09
C THR B 85 -3.19 11.11 -14.89
N THR B 86 -4.31 11.70 -15.33
CA THR B 86 -4.48 13.13 -15.18
C THR B 86 -5.00 13.38 -13.80
N ILE B 87 -4.30 14.25 -13.05
CA ILE B 87 -4.71 14.54 -11.69
C ILE B 87 -5.22 15.96 -11.70
N VAL B 88 -6.50 16.13 -11.31
CA VAL B 88 -7.10 17.44 -11.31
C VAL B 88 -7.11 17.97 -9.90
N THR B 89 -7.39 17.09 -8.90
CA THR B 89 -7.44 17.54 -7.53
C THR B 89 -6.06 17.88 -7.08
N LEU B 90 -5.28 16.86 -6.64
CA LEU B 90 -3.94 17.07 -6.15
C LEU B 90 -4.02 17.84 -4.84
N ASN B 91 -3.20 17.42 -3.86
CA ASN B 91 -3.18 18.11 -2.58
C ASN B 91 -1.77 18.53 -2.27
N PRO B 92 -1.29 19.54 -2.95
CA PRO B 92 0.05 20.05 -2.76
C PRO B 92 0.17 20.93 -1.55
N PRO B 93 1.37 21.10 -1.02
CA PRO B 93 1.59 21.94 0.14
C PRO B 93 1.75 23.39 -0.20
N GLU B 94 0.63 24.04 -0.55
CA GLU B 94 0.65 25.43 -0.91
C GLU B 94 0.72 26.27 0.33
N ASN B 95 0.51 25.65 1.51
CA ASN B 95 0.54 26.39 2.75
C ASN B 95 1.87 26.22 3.41
N ILE B 96 2.86 25.62 2.70
CA ILE B 96 4.17 25.44 3.28
C ILE B 96 5.11 26.36 2.57
N TRP B 97 5.70 27.30 3.33
CA TRP B 97 6.63 28.24 2.74
C TRP B 97 7.83 28.26 3.63
N THR B 98 9.02 28.50 3.04
CA THR B 98 10.23 28.53 3.83
C THR B 98 10.84 29.89 3.65
N GLU B 99 11.37 30.45 4.75
CA GLU B 99 11.99 31.76 4.69
C GLU B 99 13.28 31.65 3.92
N GLU B 100 14.02 30.53 4.13
CA GLU B 100 15.27 30.34 3.44
C GLU B 100 15.24 28.93 2.83
N PHE C . 9.91 2.00 3.22
CA PHE C . 9.48 1.09 2.11
C PHE C . 9.25 1.71 0.73
O PHE C . 9.26 2.97 0.62
CB PHE C . 8.17 0.39 2.53
CG PHE C . 6.97 1.28 2.56
CD1 PHE C . 6.11 1.34 1.47
CD2 PHE C . 6.69 2.05 3.66
CE1 PHE C . 5.01 2.17 1.49
CE2 PHE C . 5.58 2.87 3.68
CZ PHE C . 4.75 2.93 2.60
OXT PHE C . 9.09 0.92 -0.25
H1 PHE C . 9.32 2.88 3.19
H2 PHE C . 10.91 2.26 3.10
H3 PHE C . 9.78 1.53 4.14
HA PHE C . 10.27 0.36 2.02
HB2 PHE C . 8.29 -0.04 3.55
HB3 PHE C . 7.95 -0.44 1.83
HD1 PHE C . 6.32 0.75 0.59
HD2 PHE C . 7.35 2.02 4.52
HE1 PHE C . 4.36 2.21 0.64
HE2 PHE C . 5.38 3.48 4.56
HZ PHE C . 3.88 3.57 2.61
N PHE D . -6.62 -2.78 -8.37
CA PHE D . -5.25 -2.20 -8.48
C PHE D . -4.06 -3.15 -8.32
O PHE D . -2.90 -2.70 -8.61
CB PHE D . -5.10 -1.09 -7.41
CG PHE D . -5.03 -1.58 -6.00
CD1 PHE D . -3.80 -1.79 -5.39
CD2 PHE D . -6.18 -1.85 -5.28
CE1 PHE D . -3.74 -2.25 -4.09
CE2 PHE D . -6.11 -2.31 -3.99
CZ PHE D . -4.89 -2.50 -3.39
OXT PHE D . -4.27 -4.33 -7.93
H1 PHE D . -6.66 -3.44 -7.56
H2 PHE D . -6.84 -3.31 -9.23
H3 PHE D . -7.31 -2.02 -8.23
HA PHE D . -5.20 -1.76 -9.46
HB2 PHE D . -5.97 -0.40 -7.47
HB3 PHE D . -4.17 -0.51 -7.60
HD1 PHE D . -2.89 -1.59 -5.93
HD2 PHE D . -7.14 -1.69 -5.75
HE1 PHE D . -2.77 -2.40 -3.63
HE2 PHE D . -7.02 -2.51 -3.44
HZ PHE D . -4.84 -2.86 -2.37
N GLY A 1 -22.32 10.14 6.38
CA GLY A 1 -23.74 10.23 5.95
C GLY A 1 -24.55 9.13 6.60
N PRO A 2 -24.41 7.94 6.06
CA PRO A 2 -25.12 6.78 6.57
C PRO A 2 -24.53 6.28 7.87
N GLY A 3 -25.38 5.61 8.69
CA GLY A 3 -24.92 5.10 9.95
C GLY A 3 -24.87 3.62 9.85
N ASN A 4 -23.82 3.00 10.43
CA ASN A 4 -23.70 1.56 10.38
C ASN A 4 -24.10 1.04 11.72
N LYS A 5 -24.89 -0.06 11.73
CA LYS A 5 -25.34 -0.63 12.97
C LYS A 5 -24.67 -1.97 13.09
N GLY A 6 -24.03 -2.23 14.25
CA GLY A 6 -23.37 -3.48 14.45
C GLY A 6 -23.04 -3.56 15.90
N SER A 7 -22.52 -4.73 16.33
CA SER A 7 -22.18 -4.91 17.73
C SER A 7 -20.90 -4.17 18.00
N SER A 8 -20.74 -3.68 19.25
CA SER A 8 -19.54 -2.96 19.62
C SER A 8 -18.39 -3.93 19.65
N LYS A 9 -18.64 -5.15 20.17
CA LYS A 9 -17.59 -6.13 20.24
C LYS A 9 -17.81 -7.09 19.10
N ARG A 10 -16.76 -7.25 18.24
CA ARG A 10 -16.87 -8.14 17.12
C ARG A 10 -16.62 -9.53 17.64
N GLU A 11 -17.39 -10.51 17.11
CA GLU A 11 -17.22 -11.88 17.55
C GLU A 11 -17.11 -12.71 16.31
N ALA A 12 -16.27 -13.77 16.38
CA ALA A 12 -16.10 -14.64 15.24
C ALA A 12 -17.09 -15.76 15.38
N ALA A 13 -18.38 -15.46 15.14
CA ALA A 13 -19.41 -16.47 15.23
C ALA A 13 -19.17 -17.51 14.18
N THR A 14 -18.75 -17.08 12.98
CA THR A 14 -18.50 -18.00 11.91
C THR A 14 -17.14 -17.70 11.35
N GLU A 15 -16.54 -18.67 10.64
CA GLU A 15 -15.23 -18.48 10.07
C GLU A 15 -15.43 -18.10 8.63
N SER A 16 -14.51 -17.26 8.11
CA SER A 16 -14.60 -16.83 6.73
C SER A 16 -13.30 -17.19 6.09
N GLY A 17 -13.35 -17.67 4.83
CA GLY A 17 -12.14 -18.05 4.14
C GLY A 17 -11.59 -16.83 3.49
N LYS A 18 -10.43 -16.36 4.00
CA LYS A 18 -9.80 -15.18 3.45
C LYS A 18 -8.35 -15.52 3.27
N THR A 19 -7.69 -14.77 2.37
CA THR A 19 -6.29 -14.99 2.09
C THR A 19 -5.61 -13.69 2.35
N ALA A 20 -4.73 -13.66 3.37
CA ALA A 20 -4.02 -12.46 3.70
C ALA A 20 -2.70 -12.89 4.25
N VAL A 21 -1.66 -12.03 4.11
CA VAL A 21 -0.37 -12.38 4.62
C VAL A 21 0.29 -11.13 5.08
N VAL A 22 1.08 -11.25 6.17
CA VAL A 22 1.78 -10.13 6.73
C VAL A 22 3.23 -10.44 6.59
N PHE A 23 4.02 -9.52 6.03
CA PHE A 23 5.42 -9.78 5.85
C PHE A 23 6.17 -8.49 6.03
N SER A 24 7.50 -8.61 6.29
CA SER A 24 8.31 -7.45 6.53
C SER A 24 9.44 -7.46 5.54
N LEU A 25 9.95 -6.26 5.22
CA LEU A 25 11.04 -6.16 4.28
C LEU A 25 11.93 -5.05 4.77
N LYS A 26 13.14 -4.94 4.17
CA LYS A 26 14.07 -3.93 4.60
C LYS A 26 13.60 -2.61 4.07
N ASN A 27 14.01 -1.52 4.76
CA ASN A 27 13.61 -0.21 4.37
C ASN A 27 14.56 0.24 3.30
N GLU A 28 14.11 0.13 2.04
CA GLU A 28 14.93 0.53 0.93
C GLU A 28 14.00 1.11 -0.10
N VAL A 29 14.54 1.95 -0.99
CA VAL A 29 13.73 2.57 -1.99
C VAL A 29 13.47 1.57 -3.09
N GLY A 30 12.16 1.27 -3.32
CA GLY A 30 11.78 0.36 -4.37
C GLY A 30 11.64 -1.03 -3.81
N GLY A 31 11.70 -1.21 -2.48
CA GLY A 31 11.58 -2.54 -1.92
C GLY A 31 10.16 -3.01 -2.07
N LEU A 32 9.20 -2.09 -1.86
CA LEU A 32 7.80 -2.42 -1.92
C LEU A 32 7.38 -2.85 -3.32
N VAL A 33 7.86 -2.18 -4.37
CA VAL A 33 7.45 -2.54 -5.72
C VAL A 33 7.90 -3.93 -6.08
N LYS A 34 9.05 -4.39 -5.55
CA LYS A 34 9.53 -5.72 -5.88
C LYS A 34 8.64 -6.71 -5.21
N ALA A 35 8.21 -6.40 -3.98
CA ALA A 35 7.35 -7.30 -3.24
C ALA A 35 6.03 -7.43 -3.96
N LEU A 36 5.49 -6.29 -4.43
CA LEU A 36 4.21 -6.30 -5.10
C LEU A 36 4.31 -6.87 -6.49
N ARG A 37 5.44 -6.67 -7.20
CA ARG A 37 5.57 -7.18 -8.57
C ARG A 37 5.28 -8.67 -8.59
N LEU A 38 5.47 -9.32 -7.43
CA LEU A 38 5.27 -10.74 -7.33
C LEU A 38 3.82 -11.09 -7.64
N PHE A 39 2.85 -10.24 -7.23
CA PHE A 39 1.45 -10.56 -7.49
C PHE A 39 1.19 -10.44 -8.98
N GLN A 40 1.91 -9.53 -9.65
CA GLN A 40 1.73 -9.30 -11.06
C GLN A 40 2.12 -10.53 -11.84
N GLU A 41 3.17 -11.26 -11.38
CA GLU A 41 3.64 -12.42 -12.10
C GLU A 41 2.58 -13.48 -12.13
N LYS A 42 1.86 -13.63 -11.01
CA LYS A 42 0.85 -14.66 -10.92
C LYS A 42 -0.49 -14.12 -11.31
N ARG A 43 -0.56 -12.82 -11.67
CA ARG A 43 -1.81 -12.20 -12.09
C ARG A 43 -2.81 -12.27 -10.96
N VAL A 44 -2.39 -11.90 -9.73
CA VAL A 44 -3.30 -11.93 -8.61
C VAL A 44 -3.55 -10.50 -8.22
N ASN A 45 -4.81 -10.05 -8.30
CA ASN A 45 -5.11 -8.68 -7.95
C ASN A 45 -5.28 -8.59 -6.47
N MET A 46 -4.83 -7.45 -5.88
CA MET A 46 -4.96 -7.25 -4.47
C MET A 46 -6.14 -6.35 -4.27
N VAL A 47 -6.75 -6.39 -3.08
CA VAL A 47 -7.91 -5.57 -2.84
C VAL A 47 -7.60 -4.54 -1.79
N HIS A 48 -6.51 -4.73 -1.01
CA HIS A 48 -6.18 -3.76 0.00
C HIS A 48 -4.72 -3.86 0.28
N ILE A 49 -4.09 -2.70 0.60
CA ILE A 49 -2.69 -2.68 0.90
C ILE A 49 -2.50 -1.62 1.97
N GLU A 50 -1.62 -1.91 2.95
CA GLU A 50 -1.38 -0.96 4.01
C GLU A 50 0.03 -1.15 4.46
N SER A 51 0.76 -0.03 4.70
CA SER A 51 2.13 -0.13 5.14
C SER A 51 2.18 0.36 6.56
N ARG A 52 3.12 -0.18 7.36
CA ARG A 52 3.26 0.22 8.73
C ARG A 52 4.72 0.51 8.96
N LYS A 53 5.04 1.77 9.33
CA LYS A 53 6.41 2.16 9.59
C LYS A 53 6.91 1.39 10.78
N SER A 54 6.06 1.27 11.83
CA SER A 54 6.43 0.56 13.04
C SER A 54 7.28 1.48 13.87
N ARG A 55 8.05 0.91 14.81
CA ARG A 55 8.89 1.71 15.66
C ARG A 55 9.99 0.83 16.18
N ARG A 56 9.65 -0.43 16.55
CA ARG A 56 10.63 -1.35 17.07
C ARG A 56 11.65 -1.63 15.99
N ARG A 57 11.18 -1.77 14.74
CA ARG A 57 12.08 -2.05 13.65
C ARG A 57 12.17 -0.79 12.83
N SER A 58 13.41 -0.27 12.65
CA SER A 58 13.60 0.94 11.87
C SER A 58 14.29 0.57 10.60
N SER A 59 14.99 -0.58 10.58
CA SER A 59 15.70 -0.99 9.38
C SER A 59 14.77 -1.78 8.53
N GLU A 60 13.63 -2.22 9.11
CA GLU A 60 12.67 -2.99 8.38
C GLU A 60 11.32 -2.42 8.67
N VAL A 61 10.40 -2.60 7.70
CA VAL A 61 9.06 -2.10 7.88
C VAL A 61 8.13 -3.24 7.57
N GLU A 62 6.87 -3.14 8.05
CA GLU A 62 5.92 -4.19 7.83
C GLU A 62 4.91 -3.70 6.84
N ILE A 63 4.66 -4.51 5.78
CA ILE A 63 3.69 -4.11 4.78
C ILE A 63 2.66 -5.20 4.73
N PHE A 64 1.37 -4.80 4.84
CA PHE A 64 0.28 -5.75 4.83
C PHE A 64 -0.32 -5.77 3.45
N VAL A 65 -0.52 -7.00 2.91
CA VAL A 65 -1.09 -7.12 1.59
C VAL A 65 -2.28 -8.06 1.70
N ASP A 66 -3.44 -7.62 1.17
CA ASP A 66 -4.64 -8.43 1.21
C ASP A 66 -5.07 -8.63 -0.21
N CYS A 67 -5.34 -9.91 -0.58
CA CYS A 67 -5.75 -10.18 -1.94
C CYS A 67 -6.70 -11.33 -1.90
N GLU A 68 -7.48 -11.50 -3.01
CA GLU A 68 -8.42 -12.58 -3.09
C GLU A 68 -7.99 -13.43 -4.24
N CYS A 69 -7.72 -14.72 -3.96
CA CYS A 69 -7.28 -15.61 -5.00
C CYS A 69 -7.40 -17.00 -4.47
N GLY A 70 -7.15 -18.01 -5.33
CA GLY A 70 -7.23 -19.38 -4.90
C GLY A 70 -6.13 -19.63 -3.91
N LYS A 71 -6.32 -20.63 -3.04
CA LYS A 71 -5.34 -20.94 -2.03
C LYS A 71 -4.05 -21.37 -2.67
N THR A 72 -4.12 -22.15 -3.77
CA THR A 72 -2.91 -22.61 -4.43
C THR A 72 -2.17 -21.40 -4.96
N GLU A 73 -2.91 -20.46 -5.59
CA GLU A 73 -2.30 -19.27 -6.14
C GLU A 73 -1.72 -18.45 -5.02
N PHE A 74 -2.48 -18.38 -3.91
CA PHE A 74 -2.06 -17.65 -2.75
C PHE A 74 -0.75 -18.20 -2.25
N ASN A 75 -0.66 -19.54 -2.11
CA ASN A 75 0.53 -20.17 -1.61
C ASN A 75 1.69 -19.85 -2.53
N GLU A 76 1.44 -19.81 -3.86
CA GLU A 76 2.51 -19.51 -4.80
C GLU A 76 3.01 -18.10 -4.54
N LEU A 77 2.11 -17.17 -4.18
CA LEU A 77 2.50 -15.80 -3.94
C LEU A 77 3.33 -15.76 -2.69
N ILE A 78 2.92 -16.53 -1.68
CA ILE A 78 3.62 -16.54 -0.42
C ILE A 78 4.99 -17.12 -0.62
N GLN A 79 5.11 -18.18 -1.44
CA GLN A 79 6.40 -18.80 -1.69
C GLN A 79 7.31 -17.79 -2.34
N LEU A 80 6.76 -16.95 -3.23
CA LEU A 80 7.57 -15.97 -3.93
C LEU A 80 7.98 -14.90 -2.96
N LEU A 81 7.04 -14.48 -2.09
CA LEU A 81 7.32 -13.46 -1.11
C LEU A 81 8.28 -14.00 -0.08
N LYS A 82 8.27 -15.33 0.13
CA LYS A 82 9.12 -15.97 1.10
C LYS A 82 10.57 -15.69 0.74
N PHE A 83 10.88 -15.67 -0.57
CA PHE A 83 12.22 -15.41 -1.01
C PHE A 83 12.63 -14.03 -0.53
N GLN A 84 11.73 -13.03 -0.69
CA GLN A 84 12.04 -11.68 -0.30
C GLN A 84 12.23 -11.60 1.20
N THR A 85 11.38 -12.31 1.98
CA THR A 85 11.52 -12.26 3.43
C THR A 85 10.93 -13.51 3.99
N THR A 86 11.45 -13.98 5.14
CA THR A 86 10.92 -15.17 5.75
C THR A 86 9.61 -14.82 6.37
N ILE A 87 8.55 -15.59 6.02
CA ILE A 87 7.24 -15.31 6.56
C ILE A 87 6.86 -16.48 7.43
N VAL A 88 6.62 -16.21 8.73
CA VAL A 88 6.25 -17.26 9.64
C VAL A 88 4.89 -16.93 10.20
N THR A 89 4.38 -15.72 9.93
CA THR A 89 3.10 -15.33 10.45
C THR A 89 2.14 -15.26 9.31
N LEU A 90 1.04 -16.05 9.40
CA LEU A 90 0.05 -16.06 8.37
C LEU A 90 -1.28 -16.04 9.06
N ASN A 91 -2.00 -14.89 9.03
CA ASN A 91 -3.28 -14.82 9.70
C ASN A 91 -4.24 -14.04 8.85
N PRO A 92 -5.52 -14.33 9.02
CA PRO A 92 -6.58 -13.65 8.28
C PRO A 92 -6.68 -12.19 8.66
N PRO A 93 -7.29 -11.39 7.81
CA PRO A 93 -7.45 -9.97 8.08
C PRO A 93 -8.49 -9.67 9.11
N GLU A 94 -8.41 -8.47 9.72
CA GLU A 94 -9.38 -8.09 10.73
C GLU A 94 -10.64 -7.63 10.04
N ASN A 95 -10.63 -7.67 8.69
CA ASN A 95 -11.78 -7.24 7.92
C ASN A 95 -12.54 -8.45 7.46
N ILE A 96 -12.35 -9.59 8.15
CA ILE A 96 -13.04 -10.81 7.77
C ILE A 96 -14.52 -10.58 7.89
N TRP A 97 -15.29 -11.10 6.91
CA TRP A 97 -16.72 -10.96 6.94
C TRP A 97 -17.29 -12.19 6.33
N THR A 98 -18.44 -12.66 6.88
CA THR A 98 -19.07 -13.85 6.36
C THR A 98 -20.40 -13.43 5.81
N GLU A 99 -20.70 -13.85 4.57
CA GLU A 99 -21.95 -13.50 3.97
C GLU A 99 -22.93 -14.61 4.22
N GLU A 100 -23.41 -14.71 5.48
CA GLU A 100 -24.37 -15.73 5.81
C GLU A 100 -25.40 -15.10 6.76
N GLY B 1 32.56 16.62 -5.81
CA GLY B 1 31.64 16.78 -4.64
C GLY B 1 31.49 18.23 -4.29
N PRO B 2 30.75 18.45 -3.22
CA PRO B 2 30.49 19.80 -2.71
C PRO B 2 31.74 20.52 -2.32
N GLY B 3 31.80 21.84 -2.59
CA GLY B 3 32.96 22.62 -2.25
C GLY B 3 32.54 23.58 -1.19
N ASN B 4 33.39 23.72 -0.14
CA ASN B 4 33.08 24.63 0.93
C ASN B 4 33.68 25.96 0.60
N LYS B 5 32.85 26.90 0.11
CA LYS B 5 33.34 28.20 -0.24
C LYS B 5 32.54 29.18 0.56
N GLY B 6 33.22 29.95 1.44
CA GLY B 6 32.52 30.92 2.25
C GLY B 6 31.96 30.20 3.44
N SER B 7 30.88 29.43 3.21
CA SER B 7 30.25 28.70 4.28
C SER B 7 29.47 27.59 3.65
N SER B 8 29.09 26.58 4.46
CA SER B 8 28.34 25.46 3.93
C SER B 8 26.87 25.78 4.10
N LYS B 9 26.55 26.93 4.72
CA LYS B 9 25.16 27.29 4.93
C LYS B 9 24.75 28.19 3.79
N ARG B 10 24.76 27.64 2.56
CA ARG B 10 24.37 28.42 1.40
C ARG B 10 22.91 28.76 1.52
N GLU B 11 22.11 27.78 1.99
CA GLU B 11 20.70 28.01 2.14
C GLU B 11 20.29 27.34 3.42
N ALA B 12 19.17 27.82 4.02
CA ALA B 12 18.70 27.24 5.26
C ALA B 12 18.33 25.80 5.00
N ALA B 13 17.68 25.54 3.84
CA ALA B 13 17.29 24.20 3.47
C ALA B 13 16.26 23.71 4.46
N THR B 14 15.24 24.55 4.74
CA THR B 14 14.21 24.15 5.67
C THR B 14 12.90 24.21 4.93
N GLU B 15 11.99 23.28 5.27
CA GLU B 15 10.70 23.25 4.61
C GLU B 15 9.69 22.91 5.65
N SER B 16 8.45 23.43 5.51
CA SER B 16 7.42 23.13 6.46
C SER B 16 6.18 22.82 5.67
N GLY B 17 5.43 21.80 6.11
CA GLY B 17 4.22 21.42 5.41
C GLY B 17 4.26 19.94 5.19
N LYS B 18 3.30 19.44 4.41
CA LYS B 18 3.24 18.02 4.13
C LYS B 18 3.08 17.87 2.66
N THR B 19 3.49 16.71 2.12
CA THR B 19 3.40 16.45 0.72
C THR B 19 2.62 15.18 0.56
N ALA B 20 1.44 15.27 -0.06
CA ALA B 20 0.62 14.10 -0.26
C ALA B 20 -0.16 14.34 -1.52
N VAL B 21 -0.54 13.24 -2.21
CA VAL B 21 -1.28 13.40 -3.43
C VAL B 21 -2.23 12.24 -3.54
N VAL B 22 -3.43 12.52 -4.10
CA VAL B 22 -4.43 11.51 -4.27
C VAL B 22 -4.63 11.37 -5.75
N PHE B 23 -4.57 10.13 -6.26
CA PHE B 23 -4.73 9.94 -7.68
C PHE B 23 -5.45 8.64 -7.90
N SER B 24 -6.03 8.50 -9.10
CA SER B 24 -6.78 7.32 -9.43
C SER B 24 -6.19 6.69 -10.65
N LEU B 25 -6.35 5.36 -10.77
CA LEU B 25 -5.82 4.66 -11.90
C LEU B 25 -6.81 3.59 -12.26
N LYS B 26 -6.63 2.97 -13.45
CA LYS B 26 -7.55 1.95 -13.87
C LYS B 26 -7.28 0.71 -13.08
N ASN B 27 -8.32 -0.13 -12.92
CA ASN B 27 -8.18 -1.35 -12.17
C ASN B 27 -7.60 -2.37 -13.10
N GLU B 28 -6.28 -2.58 -12.97
CA GLU B 28 -5.61 -3.54 -13.81
C GLU B 28 -4.57 -4.19 -12.97
N VAL B 29 -4.10 -5.38 -13.38
CA VAL B 29 -3.11 -6.07 -12.60
C VAL B 29 -1.77 -5.45 -12.88
N GLY B 30 -1.12 -4.92 -11.82
CA GLY B 30 0.19 -4.34 -11.96
C GLY B 30 0.08 -2.86 -12.20
N GLY B 31 -1.12 -2.27 -12.08
CA GLY B 31 -1.25 -0.84 -12.31
C GLY B 31 -0.60 -0.09 -11.19
N LEU B 32 -0.79 -0.60 -9.96
CA LEU B 32 -0.24 0.05 -8.78
C LEU B 32 1.27 0.06 -8.80
N VAL B 33 1.92 -1.04 -9.21
CA VAL B 33 3.38 -1.07 -9.17
C VAL B 33 3.96 -0.06 -10.13
N LYS B 34 3.29 0.23 -11.27
CA LYS B 34 3.83 1.19 -12.21
C LYS B 34 3.73 2.56 -11.60
N ALA B 35 2.64 2.80 -10.87
CA ALA B 35 2.46 4.10 -10.25
C ALA B 35 3.52 4.30 -9.20
N LEU B 36 3.79 3.25 -8.41
CA LEU B 36 4.77 3.35 -7.35
C LEU B 36 6.18 3.36 -7.89
N ARG B 37 6.46 2.65 -8.99
CA ARG B 37 7.83 2.60 -9.53
C ARG B 37 8.33 4.00 -9.76
N LEU B 38 7.39 4.95 -9.95
CA LEU B 38 7.72 6.32 -10.22
C LEU B 38 8.50 6.91 -9.05
N PHE B 39 8.16 6.54 -7.78
CA PHE B 39 8.88 7.09 -6.65
C PHE B 39 10.28 6.55 -6.63
N GLN B 40 10.46 5.30 -7.12
CA GLN B 40 11.75 4.67 -7.13
C GLN B 40 12.69 5.41 -8.04
N GLU B 41 12.17 5.95 -9.17
CA GLU B 41 13.03 6.61 -10.13
C GLU B 41 13.63 7.84 -9.52
N LYS B 42 12.84 8.56 -8.70
CA LYS B 42 13.31 9.79 -8.10
C LYS B 42 13.90 9.50 -6.74
N ARG B 43 13.90 8.22 -6.31
CA ARG B 43 14.45 7.86 -5.02
C ARG B 43 13.72 8.58 -3.91
N VAL B 44 12.37 8.57 -3.97
CA VAL B 44 11.59 9.23 -2.93
C VAL B 44 10.92 8.14 -2.14
N ASN B 45 11.24 8.04 -0.83
CA ASN B 45 10.64 7.01 -0.03
C ASN B 45 9.28 7.48 0.42
N MET B 46 8.32 6.54 0.50
CA MET B 46 6.99 6.89 0.94
C MET B 46 6.88 6.45 2.36
N VAL B 47 5.96 7.08 3.13
CA VAL B 47 5.82 6.75 4.52
C VAL B 47 4.49 6.10 4.76
N HIS B 48 3.54 6.22 3.81
CA HIS B 48 2.25 5.60 4.02
C HIS B 48 1.62 5.40 2.68
N ILE B 49 0.85 4.29 2.56
CA ILE B 49 0.17 4.00 1.32
C ILE B 49 -1.14 3.35 1.69
N GLU B 50 -2.22 3.71 0.96
CA GLU B 50 -3.50 3.13 1.25
C GLU B 50 -4.27 3.09 -0.04
N SER B 51 -4.97 1.97 -0.31
CA SER B 51 -5.74 1.86 -1.53
C SER B 51 -7.19 1.88 -1.15
N ARG B 52 -8.05 2.42 -2.04
CA ARG B 52 -9.46 2.47 -1.78
C ARG B 52 -10.16 1.91 -2.98
N LYS B 53 -10.94 0.82 -2.78
CA LYS B 53 -11.67 0.20 -3.87
C LYS B 53 -12.71 1.17 -4.38
N SER B 54 -13.40 1.87 -3.45
CA SER B 54 -14.42 2.82 -3.81
C SER B 54 -15.67 2.06 -4.14
N ARG B 55 -16.60 2.71 -4.87
CA ARG B 55 -17.83 2.05 -5.22
C ARG B 55 -18.38 2.72 -6.45
N ARG B 56 -18.29 4.07 -6.49
CA ARG B 56 -18.80 4.82 -7.62
C ARG B 56 -18.01 4.43 -8.84
N ARG B 57 -16.68 4.26 -8.68
CA ARG B 57 -15.85 3.90 -9.80
C ARG B 57 -15.47 2.46 -9.61
N SER B 58 -15.78 1.60 -10.61
CA SER B 58 -15.45 0.20 -10.50
C SER B 58 -14.36 -0.12 -11.49
N SER B 59 -14.22 0.74 -12.54
CA SER B 59 -13.21 0.50 -13.55
C SER B 59 -11.94 1.18 -13.10
N GLU B 60 -12.05 2.07 -12.11
CA GLU B 60 -10.90 2.77 -11.61
C GLU B 60 -10.94 2.71 -10.11
N VAL B 61 -9.75 2.77 -9.49
CA VAL B 61 -9.66 2.74 -8.05
C VAL B 61 -8.81 3.90 -7.64
N GLU B 62 -8.94 4.32 -6.36
CA GLU B 62 -8.20 5.44 -5.88
C GLU B 62 -7.13 4.93 -4.95
N ILE B 63 -5.87 5.37 -5.18
CA ILE B 63 -4.78 4.94 -4.34
C ILE B 63 -4.16 6.18 -3.75
N PHE B 64 -4.01 6.20 -2.41
CA PHE B 64 -3.45 7.34 -1.72
C PHE B 64 -2.00 7.04 -1.43
N VAL B 65 -1.12 8.01 -1.75
CA VAL B 65 0.29 7.83 -1.51
C VAL B 65 0.77 9.01 -0.72
N ASP B 66 1.46 8.74 0.42
CA ASP B 66 1.96 9.81 1.25
C ASP B 66 3.46 9.63 1.33
N CYS B 67 4.22 10.71 1.08
CA CYS B 67 5.65 10.60 1.12
C CYS B 67 6.21 11.90 1.61
N GLU B 68 7.48 11.87 2.07
CA GLU B 68 8.11 13.07 2.56
C GLU B 68 9.28 13.33 1.67
N CYS B 69 9.29 14.50 1.02
CA CYS B 69 10.36 14.83 0.13
C CYS B 69 10.28 16.30 -0.14
N GLY B 70 11.28 16.84 -0.87
CA GLY B 70 11.30 18.25 -1.18
C GLY B 70 10.14 18.53 -2.10
N LYS B 71 9.66 19.79 -2.11
CA LYS B 71 8.53 20.16 -2.93
C LYS B 71 8.88 19.97 -4.38
N THR B 72 10.12 20.33 -4.79
CA THR B 72 10.52 20.17 -6.18
C THR B 72 10.47 18.71 -6.53
N GLU B 73 11.00 17.85 -5.65
CA GLU B 73 11.02 16.42 -5.90
C GLU B 73 9.61 15.92 -5.96
N PHE B 74 8.78 16.45 -5.05
CA PHE B 74 7.39 16.06 -4.97
C PHE B 74 6.72 16.39 -6.28
N ASN B 75 6.93 17.62 -6.79
CA ASN B 75 6.31 18.04 -8.02
C ASN B 75 6.74 17.13 -9.14
N GLU B 76 8.02 16.70 -9.14
CA GLU B 76 8.51 15.83 -10.18
C GLU B 76 7.75 14.52 -10.13
N LEU B 77 7.42 14.04 -8.92
CA LEU B 77 6.72 12.78 -8.77
C LEU B 77 5.33 12.95 -9.30
N ILE B 78 4.72 14.11 -8.99
CA ILE B 78 3.36 14.37 -9.42
C ILE B 78 3.33 14.45 -10.92
N GLN B 79 4.34 15.10 -11.53
CA GLN B 79 4.37 15.23 -12.97
C GLN B 79 4.46 13.86 -13.60
N LEU B 80 5.20 12.95 -12.96
CA LEU B 80 5.36 11.61 -13.50
C LEU B 80 4.06 10.87 -13.35
N LEU B 81 3.41 11.03 -12.19
CA LEU B 81 2.15 10.37 -11.92
C LEU B 81 1.08 10.96 -12.80
N LYS B 82 1.25 12.23 -13.21
CA LYS B 82 0.28 12.91 -14.05
C LYS B 82 0.15 12.16 -15.34
N PHE B 83 1.26 11.61 -15.86
CA PHE B 83 1.23 10.87 -17.09
C PHE B 83 0.30 9.69 -16.92
N GLN B 84 0.43 8.97 -15.78
CA GLN B 84 -0.39 7.79 -15.53
C GLN B 84 -1.85 8.19 -15.42
N THR B 85 -2.15 9.31 -14.73
CA THR B 85 -3.53 9.73 -14.59
C THR B 85 -3.54 11.21 -14.35
N THR B 86 -4.62 11.89 -14.79
CA THR B 86 -4.72 13.31 -14.62
C THR B 86 -5.02 13.56 -13.16
N ILE B 87 -4.20 14.41 -12.51
CA ILE B 87 -4.41 14.69 -11.11
C ILE B 87 -4.78 16.14 -11.01
N VAL B 88 -5.98 16.42 -10.47
CA VAL B 88 -6.43 17.78 -10.33
C VAL B 88 -6.67 18.04 -8.86
N THR B 89 -6.61 16.98 -8.02
CA THR B 89 -6.84 17.15 -6.61
C THR B 89 -5.54 16.94 -5.90
N LEU B 90 -5.11 17.96 -5.15
CA LEU B 90 -3.87 17.87 -4.42
C LEU B 90 -4.17 18.38 -3.03
N ASN B 91 -4.23 17.47 -2.03
CA ASN B 91 -4.55 17.88 -0.68
C ASN B 91 -3.63 17.16 0.26
N PRO B 92 -3.37 17.79 1.39
CA PRO B 92 -2.53 17.21 2.43
C PRO B 92 -3.24 16.14 3.22
N PRO B 93 -2.53 15.36 3.98
CA PRO B 93 -3.13 14.29 4.77
C PRO B 93 -3.94 14.81 5.92
N GLU B 94 -4.96 14.02 6.34
CA GLU B 94 -5.80 14.40 7.44
C GLU B 94 -5.04 14.28 8.73
N ASN B 95 -3.82 13.70 8.68
CA ASN B 95 -3.04 13.53 9.88
C ASN B 95 -2.14 14.72 10.04
N ILE B 96 -2.31 15.75 9.17
CA ILE B 96 -1.49 16.95 9.26
C ILE B 96 -1.85 17.68 10.54
N TRP B 97 -3.10 17.52 11.01
CA TRP B 97 -3.52 18.19 12.21
C TRP B 97 -3.81 17.12 13.23
N THR B 98 -3.39 17.36 14.49
CA THR B 98 -3.62 16.39 15.53
C THR B 98 -4.18 17.13 16.71
N GLU B 99 -4.79 16.39 17.66
CA GLU B 99 -5.36 17.02 18.83
C GLU B 99 -4.27 17.18 19.85
N GLU B 100 -3.09 16.60 19.58
CA GLU B 100 -1.98 16.69 20.50
C GLU B 100 -2.44 16.24 21.91
N PHE C . 11.04 0.91 1.97
CA PHE C . 9.72 1.51 1.62
C PHE C . 9.66 3.04 1.69
O PHE C . 9.92 3.60 2.79
CB PHE C . 8.66 0.92 2.56
CG PHE C . 7.30 1.56 2.46
CD1 PHE C . 6.47 1.26 1.41
CD2 PHE C . 6.88 2.44 3.42
CE1 PHE C . 5.23 1.84 1.33
CE2 PHE C . 5.64 3.03 3.33
CZ PHE C . 4.81 2.72 2.28
OXT PHE C . 9.36 3.68 0.64
H1 PHE C . 11.46 1.43 2.78
H2 PHE C . 11.68 0.97 1.15
H3 PHE C . 10.90 -0.08 2.24
HA PHE C . 9.53 1.21 0.59
HB2 PHE C . 9.00 1.03 3.61
HB3 PHE C . 8.52 -0.16 2.34
HD1 PHE C . 6.78 0.56 0.65
HD2 PHE C . 7.54 2.69 4.25
HE1 PHE C . 4.57 1.59 0.51
HE2 PHE C . 5.32 3.72 4.09
HZ PHE C . 3.84 3.18 2.23
N PHE D . -4.36 -1.29 -10.59
CA PHE D . -4.05 -1.88 -9.26
C PHE D . -3.35 -3.25 -9.23
O PHE D . -2.10 -3.27 -9.42
CB PHE D . -5.38 -2.01 -8.48
CG PHE D . -5.25 -2.08 -6.98
CD1 PHE D . -6.38 -2.19 -6.20
CD2 PHE D . -4.01 -2.05 -6.34
CE1 PHE D . -6.30 -2.26 -4.83
CE2 PHE D . -3.94 -2.13 -4.97
CZ PHE D . -5.07 -2.23 -4.22
OXT PHE D . -4.03 -4.28 -9.03
H1 PHE D . -4.24 -2.02 -11.33
H2 PHE D . -3.70 -0.51 -10.78
H3 PHE D . -5.34 -0.93 -10.60
HA PHE D . -3.41 -1.17 -8.77
HB2 PHE D . -5.91 -2.93 -8.80
HB3 PHE D . -6.01 -1.14 -8.70
HD1 PHE D . -7.35 -2.22 -6.68
HD2 PHE D . -3.11 -1.97 -6.91
HE1 PHE D . -7.20 -2.35 -4.24
HE2 PHE D . -2.97 -2.10 -4.48
HZ PHE D . -5.01 -2.30 -3.15
#